data_8DBH
#
_entry.id   8DBH
#
_cell.length_a   1.00
_cell.length_b   1.00
_cell.length_c   1.00
_cell.angle_alpha   90.00
_cell.angle_beta   90.00
_cell.angle_gamma   90.00
#
_symmetry.space_group_name_H-M   'P 1'
#
loop_
_entity.id
_entity.type
_entity.pdbx_description
1 polymer 'Ribose-phosphate pyrophosphokinase 1'
2 non-polymer "ADENOSINE-5'-TRIPHOSPHATE"
3 non-polymer 'PHOSPHATE ION'
4 non-polymer 'MAGNESIUM ION'
5 water water
#
_entity_poly.entity_id   1
_entity_poly.type   'polypeptide(L)'
_entity_poly.pdbx_seq_one_letter_code
;SPNIKIFSGSSHQDLSQKIADRLGLELGKVVTKKFSNQETCVEIGESVRGEDVYIVQSGCGEINDNLMELLIMINACKIA
SASRVTAVIPCFPYARQDKKDKSRAPISAKLVANMLSVAGADHIITMDLHASQIQGFFDIPVDNLYAEPAVLKWIRENIS
EWRNCTIVSPDAGGAKRVTSIADRLNVDFALIHKERKKANEVDRMVLVGDVKDRVAILVDDMADTCGTICHAADKLLSAG
ATRVYAILTHGIFSGPAISRINNACFEAVVVTNTIPQEDKMKHCSKIQVIDISMILAEAIRRTHNGESVSYLFSHVPL
;
_entity_poly.pdbx_strand_id   A,B,C,D,E,F,G,H,I,J,K,L
#
# COMPACT_ATOMS: atom_id res chain seq x y z
N PRO A 2 -2.83 -7.00 -2.83
CA PRO A 2 -3.93 -7.95 -2.80
C PRO A 2 -4.88 -7.78 -3.98
N ASN A 3 -4.98 -8.80 -4.81
CA ASN A 3 -5.78 -8.78 -6.03
C ASN A 3 -7.08 -9.55 -5.83
N ILE A 4 -8.03 -9.29 -6.71
CA ILE A 4 -9.29 -10.02 -6.70
C ILE A 4 -9.08 -11.39 -7.33
N LYS A 5 -9.54 -12.43 -6.65
CA LYS A 5 -9.63 -13.77 -7.19
C LYS A 5 -11.07 -14.22 -7.09
N ILE A 6 -11.67 -14.58 -8.22
CA ILE A 6 -13.05 -15.04 -8.27
C ILE A 6 -13.03 -16.54 -8.48
N PHE A 7 -13.67 -17.28 -7.59
CA PHE A 7 -13.80 -18.72 -7.73
C PHE A 7 -15.27 -19.10 -7.84
N SER A 8 -15.55 -20.08 -8.66
CA SER A 8 -16.90 -20.55 -8.90
C SER A 8 -17.12 -21.88 -8.21
N GLY A 9 -18.21 -21.98 -7.46
CA GLY A 9 -18.73 -23.28 -7.12
C GLY A 9 -19.47 -23.89 -8.29
N SER A 10 -19.89 -25.14 -8.12
CA SER A 10 -20.56 -25.82 -9.21
C SER A 10 -22.01 -25.42 -9.39
N SER A 11 -22.58 -24.68 -8.43
CA SER A 11 -24.02 -24.37 -8.50
C SER A 11 -24.36 -23.48 -9.68
N HIS A 12 -23.66 -22.35 -9.83
CA HIS A 12 -24.05 -21.37 -10.84
C HIS A 12 -22.78 -20.88 -11.54
N GLN A 13 -22.33 -21.64 -12.55
CA GLN A 13 -21.06 -21.31 -13.20
C GLN A 13 -21.23 -20.20 -14.22
N ASP A 14 -22.41 -20.11 -14.86
CA ASP A 14 -22.65 -19.03 -15.80
C ASP A 14 -22.62 -17.67 -15.12
N LEU A 15 -23.24 -17.56 -13.94
CA LEU A 15 -23.20 -16.30 -13.20
C LEU A 15 -21.78 -15.93 -12.81
N SER A 16 -21.00 -16.91 -12.34
CA SER A 16 -19.62 -16.64 -11.97
C SER A 16 -18.83 -16.15 -13.17
N GLN A 17 -19.04 -16.77 -14.34
CA GLN A 17 -18.34 -16.32 -15.53
C GLN A 17 -18.75 -14.90 -15.92
N LYS A 18 -20.04 -14.59 -15.84
CA LYS A 18 -20.48 -13.23 -16.16
C LYS A 18 -19.84 -12.21 -15.23
N ILE A 19 -19.79 -12.53 -13.93
CA ILE A 19 -19.16 -11.64 -12.97
C ILE A 19 -17.68 -11.47 -13.29
N ALA A 20 -17.01 -12.58 -13.60
CA ALA A 20 -15.58 -12.51 -13.91
C ALA A 20 -15.31 -11.66 -15.14
N ASP A 21 -16.12 -11.80 -16.19
CA ASP A 21 -15.97 -10.95 -17.36
C ASP A 21 -16.19 -9.48 -17.03
N ARG A 22 -17.21 -9.18 -16.23
CA ARG A 22 -17.43 -7.79 -15.87
C ARG A 22 -16.29 -7.23 -15.04
N LEU A 23 -15.62 -8.07 -14.28
CA LEU A 23 -14.45 -7.63 -13.53
C LEU A 23 -13.18 -7.62 -14.36
N GLY A 24 -13.22 -8.12 -15.59
CA GLY A 24 -12.02 -8.22 -16.39
C GLY A 24 -11.06 -9.27 -15.94
N LEU A 25 -11.55 -10.34 -15.31
CA LEU A 25 -10.72 -11.38 -14.72
C LEU A 25 -11.09 -12.73 -15.29
N GLU A 26 -10.18 -13.68 -15.15
CA GLU A 26 -10.50 -15.07 -15.41
C GLU A 26 -10.85 -15.76 -14.10
N LEU A 27 -11.74 -16.74 -14.20
CA LEU A 27 -12.11 -17.50 -13.01
C LEU A 27 -10.90 -18.25 -12.46
N GLY A 28 -10.76 -18.25 -11.15
CA GLY A 28 -9.63 -18.93 -10.54
C GLY A 28 -9.68 -20.42 -10.78
N LYS A 29 -8.50 -21.02 -10.91
CA LYS A 29 -8.41 -22.45 -11.14
C LYS A 29 -8.78 -23.21 -9.87
N VAL A 30 -9.87 -23.95 -9.92
CA VAL A 30 -10.30 -24.79 -8.82
C VAL A 30 -10.94 -26.05 -9.39
N VAL A 31 -10.68 -27.17 -8.75
CA VAL A 31 -11.34 -28.44 -9.06
C VAL A 31 -12.36 -28.69 -7.97
N THR A 32 -13.62 -28.86 -8.36
CA THR A 32 -14.71 -29.10 -7.43
C THR A 32 -15.51 -30.28 -7.97
N LYS A 33 -15.21 -31.47 -7.47
CA LYS A 33 -15.87 -32.69 -7.94
C LYS A 33 -16.32 -33.49 -6.73
N LYS A 34 -16.71 -34.72 -6.95
CA LYS A 34 -17.10 -35.60 -5.87
C LYS A 34 -16.22 -36.85 -5.86
N PHE A 35 -15.79 -37.25 -4.68
CA PHE A 35 -15.20 -38.56 -4.51
C PHE A 35 -16.23 -39.64 -4.81
N SER A 36 -15.76 -40.88 -4.88
CA SER A 36 -16.65 -42.00 -5.21
C SER A 36 -17.78 -42.12 -4.20
N ASN A 37 -17.50 -41.96 -2.92
CA ASN A 37 -18.52 -42.04 -1.88
C ASN A 37 -19.34 -40.76 -1.75
N GLN A 38 -19.23 -39.85 -2.72
CA GLN A 38 -20.02 -38.63 -2.85
C GLN A 38 -19.61 -37.54 -1.89
N GLU A 39 -18.44 -37.63 -1.27
CA GLU A 39 -17.93 -36.50 -0.51
C GLU A 39 -17.36 -35.46 -1.46
N THR A 40 -17.57 -34.19 -1.13
CA THR A 40 -17.03 -33.12 -1.96
C THR A 40 -15.51 -33.16 -1.96
N CYS A 41 -14.92 -33.01 -3.15
CA CYS A 41 -13.49 -32.88 -3.34
C CYS A 41 -13.21 -31.50 -3.90
N VAL A 42 -12.34 -30.75 -3.23
CA VAL A 42 -11.97 -29.41 -3.64
C VAL A 42 -10.46 -29.31 -3.67
N GLU A 43 -9.93 -28.76 -4.75
CA GLU A 43 -8.50 -28.49 -4.87
C GLU A 43 -8.31 -27.12 -5.50
N ILE A 44 -7.69 -26.20 -4.77
CA ILE A 44 -7.41 -24.87 -5.31
C ILE A 44 -6.19 -24.99 -6.20
N GLY A 45 -6.36 -24.71 -7.48
CA GLY A 45 -5.34 -24.91 -8.50
C GLY A 45 -4.36 -23.78 -8.68
N GLU A 46 -4.43 -22.75 -7.84
CA GLU A 46 -3.50 -21.64 -7.89
C GLU A 46 -3.32 -21.09 -6.49
N SER A 47 -2.20 -20.40 -6.29
CA SER A 47 -1.96 -19.77 -5.00
C SER A 47 -2.92 -18.61 -4.78
N VAL A 48 -3.54 -18.58 -3.60
CA VAL A 48 -4.38 -17.46 -3.19
C VAL A 48 -3.76 -16.70 -2.03
N ARG A 49 -2.46 -16.88 -1.79
CA ARG A 49 -1.81 -16.30 -0.64
C ARG A 49 -1.80 -14.78 -0.74
N GLY A 50 -2.34 -14.11 0.27
CA GLY A 50 -2.41 -12.68 0.28
C GLY A 50 -3.40 -12.07 -0.69
N GLU A 51 -4.39 -12.83 -1.15
CA GLU A 51 -5.32 -12.32 -2.14
C GLU A 51 -6.69 -12.07 -1.52
N ASP A 52 -7.48 -11.27 -2.21
CA ASP A 52 -8.87 -11.01 -1.84
C ASP A 52 -9.74 -11.98 -2.64
N VAL A 53 -10.21 -13.03 -1.97
CA VAL A 53 -10.86 -14.16 -2.63
C VAL A 53 -12.37 -14.00 -2.54
N TYR A 54 -13.04 -14.18 -3.66
CA TYR A 54 -14.50 -14.16 -3.71
C TYR A 54 -14.98 -15.50 -4.29
N ILE A 55 -15.80 -16.21 -3.54
CA ILE A 55 -16.31 -17.51 -3.94
C ILE A 55 -17.80 -17.35 -4.22
N VAL A 56 -18.20 -17.64 -5.45
CA VAL A 56 -19.58 -17.46 -5.88
C VAL A 56 -20.29 -18.80 -5.83
N GLN A 57 -21.36 -18.88 -5.06
CA GLN A 57 -22.14 -20.10 -4.89
C GLN A 57 -23.52 -19.71 -4.40
N SER A 58 -24.55 -20.11 -5.12
CA SER A 58 -25.91 -19.79 -4.73
C SER A 58 -26.57 -20.99 -4.05
N GLY A 59 -27.58 -20.70 -3.24
CA GLY A 59 -28.37 -21.73 -2.58
C GLY A 59 -29.44 -22.27 -3.48
N CYS A 60 -29.04 -23.10 -4.45
CA CYS A 60 -29.93 -23.59 -5.49
C CYS A 60 -29.55 -25.02 -5.83
N GLY A 61 -30.41 -25.67 -6.58
CA GLY A 61 -30.15 -27.04 -7.00
C GLY A 61 -30.04 -27.95 -5.80
N GLU A 62 -28.99 -28.77 -5.78
CA GLU A 62 -28.69 -29.64 -4.65
C GLU A 62 -28.10 -28.78 -3.52
N ILE A 63 -28.99 -28.29 -2.66
CA ILE A 63 -28.64 -27.20 -1.77
C ILE A 63 -27.57 -27.62 -0.76
N ASN A 64 -27.74 -28.80 -0.17
CA ASN A 64 -26.77 -29.21 0.85
C ASN A 64 -25.41 -29.51 0.25
N ASP A 65 -25.38 -30.10 -0.95
CA ASP A 65 -24.12 -30.30 -1.64
C ASP A 65 -23.43 -28.98 -1.96
N ASN A 66 -24.19 -28.00 -2.47
CA ASN A 66 -23.61 -26.71 -2.80
C ASN A 66 -23.12 -25.98 -1.56
N LEU A 67 -23.88 -26.05 -0.47
CA LEU A 67 -23.47 -25.40 0.77
C LEU A 67 -22.19 -26.02 1.32
N MET A 68 -22.10 -27.35 1.30
CA MET A 68 -20.88 -28.00 1.75
C MET A 68 -19.71 -27.66 0.85
N GLU A 69 -19.92 -27.64 -0.47
CA GLU A 69 -18.89 -27.18 -1.39
C GLU A 69 -18.40 -25.79 -1.03
N LEU A 70 -19.32 -24.87 -0.76
CA LEU A 70 -18.94 -23.51 -0.42
C LEU A 70 -18.11 -23.48 0.87
N LEU A 71 -18.56 -24.21 1.89
CA LEU A 71 -17.83 -24.21 3.15
C LEU A 71 -16.44 -24.79 2.98
N ILE A 72 -16.33 -25.88 2.22
CA ILE A 72 -15.04 -26.52 1.99
C ILE A 72 -14.11 -25.60 1.22
N MET A 73 -14.63 -24.91 0.20
CA MET A 73 -13.81 -23.98 -0.57
C MET A 73 -13.35 -22.81 0.29
N ILE A 74 -14.23 -22.28 1.13
CA ILE A 74 -13.84 -21.21 2.05
C ILE A 74 -12.73 -21.69 2.97
N ASN A 75 -12.87 -22.90 3.51
CA ASN A 75 -11.84 -23.42 4.41
C ASN A 75 -10.52 -23.59 3.68
N ALA A 76 -10.57 -24.12 2.46
CA ALA A 76 -9.34 -24.33 1.69
C ALA A 76 -8.63 -23.01 1.41
N CYS A 77 -9.39 -21.98 1.05
CA CYS A 77 -8.78 -20.69 0.80
C CYS A 77 -8.24 -20.06 2.08
N LYS A 78 -8.94 -20.25 3.20
CA LYS A 78 -8.51 -19.64 4.44
C LYS A 78 -7.23 -20.27 4.97
N ILE A 79 -7.14 -21.60 4.93
CA ILE A 79 -5.89 -22.22 5.39
C ILE A 79 -4.79 -22.13 4.34
N ALA A 80 -5.11 -21.69 3.12
CA ALA A 80 -4.10 -21.36 2.13
C ALA A 80 -3.61 -19.93 2.23
N SER A 81 -3.96 -19.23 3.32
CA SER A 81 -3.41 -17.92 3.66
C SER A 81 -3.91 -16.82 2.72
N ALA A 82 -5.16 -16.92 2.31
CA ALA A 82 -5.79 -15.80 1.62
C ALA A 82 -5.94 -14.63 2.59
N SER A 83 -5.70 -13.42 2.09
CA SER A 83 -5.80 -12.26 2.96
C SER A 83 -7.22 -12.04 3.44
N ARG A 84 -8.20 -12.30 2.58
CA ARG A 84 -9.60 -12.11 2.91
C ARG A 84 -10.42 -13.05 2.04
N VAL A 85 -11.45 -13.64 2.62
CA VAL A 85 -12.33 -14.56 1.91
C VAL A 85 -13.76 -14.05 2.02
N THR A 86 -14.41 -13.86 0.88
CA THR A 86 -15.77 -13.37 0.82
C THR A 86 -16.65 -14.42 0.14
N ALA A 87 -17.79 -14.70 0.74
CA ALA A 87 -18.78 -15.59 0.15
C ALA A 87 -19.81 -14.75 -0.60
N VAL A 88 -19.91 -14.97 -1.90
CA VAL A 88 -20.90 -14.29 -2.73
C VAL A 88 -22.02 -15.29 -2.94
N ILE A 89 -23.12 -15.11 -2.22
CA ILE A 89 -24.20 -16.08 -2.18
C ILE A 89 -25.46 -15.40 -2.70
N PRO A 90 -25.70 -15.41 -4.02
CA PRO A 90 -26.83 -14.64 -4.57
C PRO A 90 -28.18 -15.02 -3.96
N CYS A 91 -28.43 -16.30 -3.75
CA CYS A 91 -29.63 -16.77 -3.05
C CYS A 91 -29.19 -17.50 -1.80
N PHE A 92 -29.54 -16.96 -0.64
CA PHE A 92 -29.03 -17.48 0.62
C PHE A 92 -29.78 -18.74 1.02
N PRO A 93 -29.11 -19.86 1.22
CA PRO A 93 -29.81 -21.10 1.58
C PRO A 93 -30.37 -21.05 3.00
N TYR A 94 -31.48 -21.75 3.19
CA TYR A 94 -32.20 -21.86 4.45
C TYR A 94 -32.67 -20.51 4.97
N ALA A 95 -32.78 -19.51 4.09
CA ALA A 95 -33.18 -18.18 4.52
C ALA A 95 -34.61 -18.17 5.08
N ARG A 96 -35.48 -19.05 4.60
CA ARG A 96 -36.84 -19.09 5.08
C ARG A 96 -36.98 -19.73 6.45
N GLN A 97 -35.96 -20.41 6.94
CA GLN A 97 -35.94 -20.91 8.31
C GLN A 97 -35.19 -19.94 9.22
N ASP A 98 -35.74 -18.74 9.34
CA ASP A 98 -35.13 -17.66 10.09
C ASP A 98 -35.73 -17.48 11.48
N LYS A 99 -36.60 -18.37 11.92
CA LYS A 99 -37.23 -18.26 13.23
C LYS A 99 -37.91 -19.58 13.60
N LYS A 100 -38.26 -19.71 14.87
CA LYS A 100 -38.90 -20.92 15.37
C LYS A 100 -40.43 -20.82 15.35
N ASP A 101 -40.99 -19.77 15.96
CA ASP A 101 -42.42 -19.48 15.90
C ASP A 101 -43.30 -20.61 16.43
N LYS A 102 -43.22 -20.88 17.73
CA LYS A 102 -44.09 -21.84 18.42
C LYS A 102 -43.88 -23.26 17.91
N SER A 103 -42.68 -23.54 17.45
CA SER A 103 -42.36 -24.88 16.97
C SER A 103 -40.99 -25.26 17.49
N ARG A 104 -40.82 -26.56 17.80
CA ARG A 104 -39.50 -27.08 18.18
C ARG A 104 -38.70 -27.34 16.92
N ALA A 105 -38.36 -26.26 16.26
CA ALA A 105 -37.70 -26.25 14.97
C ALA A 105 -36.32 -25.64 15.09
N PRO A 106 -35.41 -25.96 14.17
CA PRO A 106 -34.13 -25.25 14.14
C PRO A 106 -34.31 -23.86 13.56
N ILE A 107 -33.38 -22.97 13.90
CA ILE A 107 -33.19 -21.74 13.12
C ILE A 107 -32.05 -22.03 12.15
N SER A 108 -32.41 -22.61 11.01
CA SER A 108 -31.40 -23.13 10.10
C SER A 108 -30.58 -22.00 9.47
N ALA A 109 -31.18 -20.84 9.24
CA ALA A 109 -30.44 -19.71 8.70
C ALA A 109 -29.32 -19.29 9.64
N LYS A 110 -29.58 -19.28 10.94
CA LYS A 110 -28.54 -18.96 11.90
C LYS A 110 -27.46 -20.02 11.90
N LEU A 111 -27.84 -21.29 11.77
CA LEU A 111 -26.85 -22.36 11.70
C LEU A 111 -25.94 -22.20 10.48
N VAL A 112 -26.54 -21.85 9.35
CA VAL A 112 -25.76 -21.63 8.13
C VAL A 112 -24.81 -20.46 8.32
N ALA A 113 -25.30 -19.37 8.94
CA ALA A 113 -24.43 -18.23 9.21
C ALA A 113 -23.26 -18.62 10.10
N ASN A 114 -23.52 -19.39 11.16
CA ASN A 114 -22.46 -19.84 12.04
C ASN A 114 -21.46 -20.72 11.30
N MET A 115 -21.95 -21.60 10.43
CA MET A 115 -21.06 -22.48 9.68
C MET A 115 -20.18 -21.67 8.73
N LEU A 116 -20.76 -20.67 8.07
CA LEU A 116 -19.98 -19.81 7.18
C LEU A 116 -18.90 -19.06 7.96
N SER A 117 -19.25 -18.57 9.15
CA SER A 117 -18.26 -17.86 9.97
C SER A 117 -17.15 -18.80 10.42
N VAL A 118 -17.50 -20.01 10.84
CA VAL A 118 -16.50 -20.93 11.37
C VAL A 118 -15.64 -21.51 10.25
N ALA A 119 -16.16 -21.56 9.02
CA ALA A 119 -15.34 -21.98 7.90
C ALA A 119 -14.27 -20.95 7.57
N GLY A 120 -14.52 -19.69 7.93
CA GLY A 120 -13.51 -18.66 7.77
C GLY A 120 -13.91 -17.50 6.89
N ALA A 121 -15.20 -17.37 6.60
CA ALA A 121 -15.66 -16.24 5.81
C ALA A 121 -15.48 -14.94 6.57
N ASP A 122 -14.91 -13.94 5.92
CA ASP A 122 -14.75 -12.63 6.50
C ASP A 122 -15.86 -11.67 6.10
N HIS A 123 -16.61 -11.99 5.07
CA HIS A 123 -17.56 -11.07 4.48
C HIS A 123 -18.55 -11.86 3.65
N ILE A 124 -19.80 -11.40 3.61
CA ILE A 124 -20.86 -12.02 2.85
C ILE A 124 -21.47 -10.99 1.91
N ILE A 125 -21.62 -11.35 0.65
CA ILE A 125 -22.39 -10.58 -0.32
C ILE A 125 -23.56 -11.45 -0.76
N THR A 126 -24.77 -10.93 -0.64
CA THR A 126 -25.97 -11.66 -1.03
C THR A 126 -26.97 -10.67 -1.62
N MET A 127 -28.04 -11.20 -2.19
CA MET A 127 -29.06 -10.40 -2.85
C MET A 127 -30.43 -10.75 -2.30
N ASP A 128 -31.17 -9.74 -1.86
CA ASP A 128 -32.55 -9.86 -1.38
C ASP A 128 -32.72 -11.03 -0.41
N LEU A 129 -32.10 -10.87 0.76
CA LEU A 129 -32.32 -11.82 1.84
C LEU A 129 -33.81 -11.92 2.15
N HIS A 130 -34.27 -13.14 2.39
CA HIS A 130 -35.68 -13.35 2.69
C HIS A 130 -36.16 -12.46 3.84
N ALA A 131 -35.37 -12.38 4.91
CA ALA A 131 -35.57 -11.42 5.98
C ALA A 131 -34.24 -10.73 6.25
N SER A 132 -34.26 -9.40 6.30
CA SER A 132 -33.01 -8.68 6.50
C SER A 132 -32.45 -8.89 7.90
N GLN A 133 -33.27 -9.40 8.83
CA GLN A 133 -32.76 -9.78 10.14
C GLN A 133 -31.68 -10.85 10.04
N ILE A 134 -31.61 -11.58 8.92
CA ILE A 134 -30.55 -12.57 8.74
C ILE A 134 -29.18 -11.90 8.80
N GLN A 135 -29.11 -10.61 8.45
CA GLN A 135 -27.87 -9.87 8.60
C GLN A 135 -27.36 -9.93 10.04
N GLY A 136 -28.28 -9.87 11.02
CA GLY A 136 -27.89 -9.96 12.41
C GLY A 136 -27.47 -11.34 12.85
N PHE A 137 -27.73 -12.36 12.04
CA PHE A 137 -27.25 -13.70 12.37
C PHE A 137 -25.74 -13.80 12.24
N PHE A 138 -25.11 -12.84 11.60
CA PHE A 138 -23.66 -12.84 11.43
C PHE A 138 -23.01 -11.85 12.39
N ASP A 139 -21.73 -12.09 12.64
CA ASP A 139 -20.89 -11.07 13.25
C ASP A 139 -19.95 -10.40 12.25
N ILE A 140 -19.75 -11.01 11.08
CA ILE A 140 -18.99 -10.42 10.00
C ILE A 140 -19.90 -9.49 9.20
N PRO A 141 -19.37 -8.52 8.46
CA PRO A 141 -20.25 -7.66 7.64
C PRO A 141 -20.97 -8.46 6.57
N VAL A 142 -22.22 -8.07 6.32
CA VAL A 142 -23.04 -8.68 5.27
C VAL A 142 -23.58 -7.55 4.40
N ASP A 143 -23.31 -7.60 3.12
CA ASP A 143 -23.89 -6.66 2.16
C ASP A 143 -25.05 -7.35 1.46
N ASN A 144 -26.25 -6.89 1.76
CA ASN A 144 -27.48 -7.43 1.17
C ASN A 144 -27.87 -6.50 0.02
N LEU A 145 -27.57 -6.91 -1.20
CA LEU A 145 -27.90 -6.12 -2.37
C LEU A 145 -29.38 -6.26 -2.71
N TYR A 146 -29.85 -5.35 -3.56
CA TYR A 146 -31.24 -5.31 -3.96
C TYR A 146 -31.34 -5.42 -5.47
N ALA A 147 -32.25 -6.27 -5.93
CA ALA A 147 -32.54 -6.37 -7.35
C ALA A 147 -33.45 -5.25 -7.84
N GLU A 148 -33.95 -4.41 -6.93
CA GLU A 148 -34.94 -3.39 -7.28
C GLU A 148 -34.51 -2.45 -8.40
N PRO A 149 -33.28 -1.93 -8.44
CA PRO A 149 -32.90 -1.09 -9.59
C PRO A 149 -33.05 -1.80 -10.93
N ALA A 150 -32.60 -3.06 -11.01
CA ALA A 150 -32.75 -3.83 -12.23
C ALA A 150 -34.20 -4.12 -12.54
N VAL A 151 -35.02 -4.35 -11.51
CA VAL A 151 -36.44 -4.60 -11.71
C VAL A 151 -37.12 -3.35 -12.28
N LEU A 152 -36.79 -2.19 -11.73
CA LEU A 152 -37.36 -0.93 -12.22
C LEU A 152 -36.96 -0.70 -13.67
N LYS A 153 -35.69 -0.97 -13.99
CA LYS A 153 -35.24 -0.86 -15.37
C LYS A 153 -36.05 -1.77 -16.29
N TRP A 154 -36.22 -3.03 -15.87
CA TRP A 154 -36.99 -3.97 -16.70
C TRP A 154 -38.42 -3.50 -16.89
N ILE A 155 -39.05 -3.02 -15.82
CA ILE A 155 -40.44 -2.58 -15.89
C ILE A 155 -40.58 -1.44 -16.88
N ARG A 156 -39.67 -0.46 -16.79
CA ARG A 156 -39.77 0.68 -17.70
C ARG A 156 -39.53 0.28 -19.14
N GLU A 157 -38.57 -0.61 -19.40
CA GLU A 157 -38.27 -0.94 -20.79
C GLU A 157 -39.10 -2.09 -21.35
N ASN A 158 -39.96 -2.72 -20.56
CA ASN A 158 -40.72 -3.85 -21.07
C ASN A 158 -42.23 -3.71 -20.95
N ILE A 159 -42.74 -2.91 -20.03
CA ILE A 159 -44.16 -2.73 -19.84
C ILE A 159 -44.49 -1.33 -20.33
N SER A 160 -45.18 -1.24 -21.47
CA SER A 160 -45.45 0.05 -22.08
C SER A 160 -46.37 0.91 -21.23
N GLU A 161 -47.26 0.28 -20.48
CA GLU A 161 -48.23 1.00 -19.66
C GLU A 161 -47.76 1.18 -18.22
N TRP A 162 -46.45 1.19 -17.98
CA TRP A 162 -45.94 1.10 -16.61
C TRP A 162 -46.32 2.32 -15.79
N ARG A 163 -46.62 3.45 -16.42
CA ARG A 163 -47.01 4.63 -15.66
C ARG A 163 -48.41 4.52 -15.09
N ASN A 164 -49.25 3.65 -15.65
CA ASN A 164 -50.59 3.42 -15.14
C ASN A 164 -50.75 2.06 -14.48
N CYS A 165 -49.66 1.38 -14.17
CA CYS A 165 -49.74 0.04 -13.61
C CYS A 165 -49.97 0.10 -12.11
N THR A 166 -50.30 -1.05 -11.54
CA THR A 166 -50.42 -1.23 -10.10
C THR A 166 -49.43 -2.29 -9.64
N ILE A 167 -48.58 -1.95 -8.69
CA ILE A 167 -47.65 -2.90 -8.09
C ILE A 167 -48.38 -3.62 -6.96
N VAL A 168 -48.38 -4.95 -6.99
CA VAL A 168 -49.20 -5.75 -6.10
C VAL A 168 -48.31 -6.66 -5.26
N SER A 169 -48.54 -6.64 -3.96
CA SER A 169 -47.92 -7.63 -3.09
C SER A 169 -48.77 -8.89 -3.06
N PRO A 170 -48.17 -10.08 -3.21
CA PRO A 170 -48.95 -11.31 -3.06
C PRO A 170 -49.45 -11.56 -1.65
N ASP A 171 -48.80 -10.98 -0.65
CA ASP A 171 -49.18 -11.19 0.75
C ASP A 171 -48.89 -9.92 1.53
N ALA A 172 -49.29 -9.93 2.81
CA ALA A 172 -49.03 -8.77 3.66
C ALA A 172 -47.54 -8.63 3.97
N GLY A 173 -46.80 -9.74 3.89
CA GLY A 173 -45.39 -9.70 4.26
C GLY A 173 -44.53 -8.88 3.33
N GLY A 174 -44.81 -8.94 2.03
CA GLY A 174 -43.98 -8.25 1.05
C GLY A 174 -44.36 -6.82 0.75
N ALA A 175 -45.37 -6.29 1.44
CA ALA A 175 -45.90 -4.97 1.10
C ALA A 175 -44.82 -3.90 1.05
N LYS A 176 -43.94 -3.89 2.05
CA LYS A 176 -42.83 -2.96 2.07
C LYS A 176 -42.15 -2.91 0.72
N ARG A 177 -41.71 -4.06 0.23
CA ARG A 177 -41.02 -4.12 -1.05
C ARG A 177 -41.84 -3.44 -2.14
N VAL A 178 -43.12 -3.81 -2.27
CA VAL A 178 -43.88 -3.26 -3.39
C VAL A 178 -44.05 -1.76 -3.20
N THR A 179 -44.21 -1.30 -1.96
CA THR A 179 -44.34 0.13 -1.74
C THR A 179 -43.09 0.84 -2.22
N SER A 180 -41.92 0.29 -1.90
CA SER A 180 -40.68 0.86 -2.40
C SER A 180 -40.75 1.01 -3.90
N ILE A 181 -41.11 -0.06 -4.61
CA ILE A 181 -41.19 0.01 -6.06
C ILE A 181 -42.24 1.03 -6.48
N ALA A 182 -43.39 1.00 -5.81
CA ALA A 182 -44.45 1.94 -6.16
C ALA A 182 -43.98 3.37 -5.97
N ASP A 183 -43.11 3.60 -4.98
CA ASP A 183 -42.59 4.94 -4.77
C ASP A 183 -41.65 5.34 -5.90
N ARG A 184 -40.84 4.41 -6.39
CA ARG A 184 -39.85 4.75 -7.40
C ARG A 184 -40.45 4.90 -8.80
N LEU A 185 -41.64 4.34 -9.03
CA LEU A 185 -42.32 4.45 -10.31
C LEU A 185 -43.44 5.47 -10.31
N ASN A 186 -43.90 5.93 -9.14
CA ASN A 186 -45.06 6.81 -9.00
C ASN A 186 -46.30 6.16 -9.61
N VAL A 187 -46.65 5.01 -9.02
CA VAL A 187 -47.83 4.25 -9.43
C VAL A 187 -48.55 3.77 -8.17
N ASP A 188 -49.74 3.21 -8.37
CA ASP A 188 -50.50 2.68 -7.25
C ASP A 188 -49.92 1.35 -6.78
N PHE A 189 -50.20 1.02 -5.53
CA PHE A 189 -49.79 -0.26 -4.97
C PHE A 189 -50.98 -0.90 -4.27
N ALA A 190 -51.16 -2.20 -4.51
CA ALA A 190 -52.25 -2.99 -3.98
C ALA A 190 -51.71 -4.13 -3.13
N LEU A 191 -52.51 -4.55 -2.16
CA LEU A 191 -52.20 -5.71 -1.35
C LEU A 191 -53.24 -6.80 -1.56
N ILE A 192 -52.81 -8.03 -1.35
CA ILE A 192 -53.67 -9.21 -1.45
C ILE A 192 -53.36 -10.09 -0.26
N HIS A 193 -54.38 -10.52 0.48
CA HIS A 193 -54.14 -11.50 1.53
C HIS A 193 -55.32 -12.46 1.64
N LYS A 194 -55.05 -13.66 2.12
CA LYS A 194 -56.06 -14.70 2.23
C LYS A 194 -56.77 -14.60 3.58
N GLU A 195 -58.06 -14.89 3.56
CA GLU A 195 -58.89 -14.81 4.75
C GLU A 195 -58.86 -16.11 5.55
N ASP A 203 -59.34 -20.00 1.90
CA ASP A 203 -58.93 -20.26 0.53
C ASP A 203 -59.26 -19.07 -0.36
N ARG A 204 -59.98 -18.10 0.19
CA ARG A 204 -60.32 -16.89 -0.55
C ARG A 204 -59.27 -15.81 -0.29
N MET A 205 -59.09 -14.93 -1.28
CA MET A 205 -58.17 -13.81 -1.18
C MET A 205 -58.95 -12.51 -1.31
N VAL A 206 -58.50 -11.49 -0.58
CA VAL A 206 -59.08 -10.16 -0.62
C VAL A 206 -58.02 -9.19 -1.12
N LEU A 207 -58.43 -8.32 -2.04
CA LEU A 207 -57.58 -7.36 -2.72
C LEU A 207 -58.04 -5.94 -2.41
N VAL A 208 -57.08 -5.10 -2.05
CA VAL A 208 -57.34 -3.69 -1.81
C VAL A 208 -56.61 -2.88 -2.87
N GLY A 209 -57.32 -1.97 -3.52
CA GLY A 209 -56.72 -1.17 -4.56
C GLY A 209 -57.31 -1.44 -5.92
N ASP A 210 -57.67 -0.37 -6.64
CA ASP A 210 -58.25 -0.52 -7.96
C ASP A 210 -57.23 -1.09 -8.94
N VAL A 211 -57.61 -2.16 -9.64
CA VAL A 211 -56.78 -2.79 -10.65
C VAL A 211 -57.48 -2.96 -11.98
N LYS A 212 -58.72 -2.47 -12.11
CA LYS A 212 -59.47 -2.65 -13.35
C LYS A 212 -58.86 -1.83 -14.47
N ASP A 213 -58.76 -2.43 -15.65
CA ASP A 213 -58.24 -1.83 -16.88
C ASP A 213 -56.78 -1.40 -16.74
N ARG A 214 -56.09 -1.85 -15.71
CA ARG A 214 -54.70 -1.49 -15.46
C ARG A 214 -53.84 -2.74 -15.44
N VAL A 215 -52.59 -2.59 -15.85
CA VAL A 215 -51.64 -3.70 -15.77
C VAL A 215 -51.23 -3.87 -14.31
N ALA A 216 -51.26 -5.10 -13.83
CA ALA A 216 -50.84 -5.40 -12.47
C ALA A 216 -49.50 -6.13 -12.50
N ILE A 217 -48.64 -5.80 -11.54
CA ILE A 217 -47.31 -6.39 -11.45
C ILE A 217 -47.14 -6.92 -10.03
N LEU A 218 -47.30 -8.23 -9.86
CA LEU A 218 -46.95 -8.87 -8.59
C LEU A 218 -45.44 -8.80 -8.39
N VAL A 219 -44.99 -8.48 -7.19
CA VAL A 219 -43.57 -8.41 -6.91
C VAL A 219 -43.25 -9.24 -5.68
N ASP A 220 -42.14 -9.99 -5.74
CA ASP A 220 -41.76 -10.84 -4.62
C ASP A 220 -40.29 -11.21 -4.66
N ASP A 221 -39.82 -11.68 -3.49
CA ASP A 221 -38.43 -12.09 -3.37
C ASP A 221 -38.20 -13.45 -4.02
N MET A 222 -39.16 -14.36 -3.93
CA MET A 222 -38.90 -15.68 -4.48
C MET A 222 -40.20 -16.36 -4.88
N ALA A 223 -40.07 -17.29 -5.81
CA ALA A 223 -41.14 -18.17 -6.23
C ALA A 223 -40.63 -19.60 -6.13
N ASP A 224 -41.11 -20.33 -5.12
CA ASP A 224 -40.69 -21.72 -4.96
C ASP A 224 -41.65 -22.67 -5.65
N THR A 225 -42.87 -22.76 -5.14
CA THR A 225 -43.89 -23.60 -5.75
C THR A 225 -44.90 -22.79 -6.53
N CYS A 226 -44.86 -21.47 -6.38
CA CYS A 226 -45.67 -20.51 -7.11
C CYS A 226 -47.16 -20.63 -6.82
N GLY A 227 -47.54 -21.29 -5.73
CA GLY A 227 -48.93 -21.27 -5.33
C GLY A 227 -49.39 -19.87 -4.97
N THR A 228 -48.55 -19.14 -4.23
CA THR A 228 -48.90 -17.79 -3.81
C THR A 228 -49.15 -16.88 -5.00
N ILE A 229 -48.21 -16.82 -5.94
CA ILE A 229 -48.36 -15.89 -7.04
C ILE A 229 -49.44 -16.35 -8.00
N CYS A 230 -49.65 -17.65 -8.16
CA CYS A 230 -50.72 -18.11 -9.05
C CYS A 230 -52.10 -17.77 -8.47
N HIS A 231 -52.28 -17.96 -7.16
CA HIS A 231 -53.53 -17.56 -6.54
C HIS A 231 -53.74 -16.05 -6.65
N ALA A 232 -52.68 -15.28 -6.41
CA ALA A 232 -52.78 -13.83 -6.52
C ALA A 232 -53.14 -13.42 -7.94
N ALA A 233 -52.55 -14.07 -8.95
CA ALA A 233 -52.85 -13.72 -10.32
C ALA A 233 -54.29 -14.05 -10.69
N ASP A 234 -54.79 -15.19 -10.20
CA ASP A 234 -56.19 -15.53 -10.42
C ASP A 234 -57.09 -14.45 -9.83
N LYS A 235 -56.78 -14.01 -8.61
CA LYS A 235 -57.58 -12.95 -7.99
C LYS A 235 -57.49 -11.64 -8.78
N LEU A 236 -56.30 -11.32 -9.27
CA LEU A 236 -56.14 -10.07 -10.03
C LEU A 236 -56.94 -10.10 -11.32
N LEU A 237 -56.96 -11.23 -12.01
CA LEU A 237 -57.82 -11.34 -13.19
C LEU A 237 -59.29 -11.29 -12.82
N SER A 238 -59.66 -11.83 -11.65
CA SER A 238 -61.03 -11.72 -11.19
C SER A 238 -61.43 -10.25 -11.02
N ALA A 239 -60.52 -9.43 -10.52
CA ALA A 239 -60.79 -8.03 -10.25
C ALA A 239 -60.59 -7.13 -11.46
N GLY A 240 -60.64 -7.67 -12.67
CA GLY A 240 -60.68 -6.83 -13.86
C GLY A 240 -59.36 -6.32 -14.36
N ALA A 241 -58.24 -6.88 -13.90
CA ALA A 241 -56.94 -6.45 -14.40
C ALA A 241 -56.79 -6.81 -15.87
N THR A 242 -56.01 -6.01 -16.59
CA THR A 242 -55.83 -6.25 -18.01
C THR A 242 -54.80 -7.34 -18.27
N ARG A 243 -53.58 -7.14 -17.76
CA ARG A 243 -52.55 -8.17 -17.79
C ARG A 243 -51.92 -8.24 -16.41
N VAL A 244 -51.43 -9.42 -16.06
CA VAL A 244 -50.76 -9.64 -14.78
C VAL A 244 -49.36 -10.13 -15.06
N TYR A 245 -48.38 -9.43 -14.50
CA TYR A 245 -46.98 -9.82 -14.51
C TYR A 245 -46.58 -10.29 -13.13
N ALA A 246 -45.54 -11.10 -13.05
CA ALA A 246 -44.92 -11.45 -11.78
C ALA A 246 -43.43 -11.21 -11.91
N ILE A 247 -42.84 -10.52 -10.94
CA ILE A 247 -41.42 -10.23 -10.92
C ILE A 247 -40.87 -10.69 -9.58
N LEU A 248 -39.91 -11.60 -9.63
CA LEU A 248 -39.30 -12.18 -8.44
C LEU A 248 -37.80 -12.13 -8.57
N THR A 249 -37.14 -11.86 -7.45
CA THR A 249 -35.68 -11.85 -7.53
C THR A 249 -35.11 -13.27 -7.57
N HIS A 250 -35.75 -14.23 -6.89
CA HIS A 250 -35.24 -15.60 -6.86
C HIS A 250 -36.25 -16.56 -7.47
N GLY A 251 -35.92 -17.09 -8.65
CA GLY A 251 -36.75 -18.08 -9.32
C GLY A 251 -36.41 -19.52 -8.98
N ILE A 252 -36.79 -20.00 -7.81
CA ILE A 252 -36.45 -21.37 -7.42
C ILE A 252 -37.22 -22.39 -8.26
N PHE A 253 -38.54 -22.19 -8.39
CA PHE A 253 -39.39 -22.98 -9.29
C PHE A 253 -39.31 -24.48 -9.02
N SER A 254 -39.43 -24.86 -7.75
CA SER A 254 -39.38 -26.28 -7.42
C SER A 254 -40.77 -26.88 -7.42
N GLY A 255 -40.83 -28.20 -7.42
CA GLY A 255 -42.07 -28.92 -7.38
C GLY A 255 -42.94 -28.69 -8.60
N PRO A 256 -44.21 -28.33 -8.36
CA PRO A 256 -45.16 -28.12 -9.45
C PRO A 256 -45.17 -26.70 -10.02
N ALA A 257 -44.15 -25.89 -9.75
CA ALA A 257 -44.20 -24.48 -10.10
C ALA A 257 -44.34 -24.29 -11.61
N ILE A 258 -43.61 -25.08 -12.40
CA ILE A 258 -43.62 -24.88 -13.84
C ILE A 258 -44.99 -25.19 -14.42
N SER A 259 -45.62 -26.27 -13.97
CA SER A 259 -46.96 -26.60 -14.46
C SER A 259 -47.96 -25.52 -14.07
N ARG A 260 -47.89 -25.04 -12.83
CA ARG A 260 -48.83 -24.00 -12.38
C ARG A 260 -48.65 -22.72 -13.18
N ILE A 261 -47.40 -22.32 -13.42
CA ILE A 261 -47.15 -21.12 -14.21
C ILE A 261 -47.66 -21.31 -15.64
N ASN A 262 -47.42 -22.48 -16.22
CA ASN A 262 -47.93 -22.76 -17.56
C ASN A 262 -49.45 -22.68 -17.60
N ASN A 263 -50.12 -23.09 -16.54
CA ASN A 263 -51.57 -23.00 -16.49
C ASN A 263 -52.08 -21.66 -15.96
N ALA A 264 -51.19 -20.76 -15.58
CA ALA A 264 -51.61 -19.48 -15.04
C ALA A 264 -51.75 -18.44 -16.15
N CYS A 265 -52.26 -17.27 -15.77
CA CYS A 265 -52.59 -16.21 -16.72
C CYS A 265 -51.50 -15.18 -16.86
N PHE A 266 -50.32 -15.41 -16.27
CA PHE A 266 -49.25 -14.43 -16.34
C PHE A 266 -48.88 -14.10 -17.78
N GLU A 267 -48.71 -12.82 -18.06
CA GLU A 267 -48.08 -12.43 -19.32
C GLU A 267 -46.62 -12.84 -19.33
N ALA A 268 -45.93 -12.66 -18.21
CA ALA A 268 -44.54 -13.04 -18.08
C ALA A 268 -44.24 -13.30 -16.61
N VAL A 269 -43.27 -14.14 -16.35
CA VAL A 269 -42.74 -14.35 -15.01
C VAL A 269 -41.27 -14.00 -15.09
N VAL A 270 -40.93 -12.80 -14.64
CA VAL A 270 -39.58 -12.29 -14.68
C VAL A 270 -38.89 -12.64 -13.37
N VAL A 271 -37.71 -13.23 -13.47
CA VAL A 271 -36.90 -13.54 -12.29
C VAL A 271 -35.48 -13.07 -12.56
N THR A 272 -34.76 -12.79 -11.48
CA THR A 272 -33.34 -12.50 -11.73
C THR A 272 -32.56 -13.81 -11.93
N ASN A 273 -31.32 -13.68 -12.39
CA ASN A 273 -30.48 -14.86 -12.50
C ASN A 273 -29.59 -15.08 -11.28
N THR A 274 -30.16 -14.98 -10.08
CA THR A 274 -29.43 -15.43 -8.90
C THR A 274 -29.37 -16.94 -8.85
N ILE A 275 -30.26 -17.60 -9.58
CA ILE A 275 -30.37 -19.06 -9.67
C ILE A 275 -30.38 -19.36 -11.16
N PRO A 276 -29.65 -20.37 -11.63
CA PRO A 276 -29.67 -20.68 -13.07
C PRO A 276 -31.07 -21.04 -13.52
N GLN A 277 -31.44 -20.58 -14.71
CA GLN A 277 -32.80 -20.70 -15.20
C GLN A 277 -32.95 -21.41 -16.53
N GLU A 278 -31.85 -21.85 -17.15
CA GLU A 278 -31.92 -22.36 -18.51
C GLU A 278 -32.86 -23.57 -18.61
N ASP A 279 -32.79 -24.49 -17.65
CA ASP A 279 -33.63 -25.66 -17.69
C ASP A 279 -35.11 -25.30 -17.57
N LYS A 280 -35.44 -24.37 -16.66
CA LYS A 280 -36.83 -23.97 -16.48
C LYS A 280 -37.36 -23.24 -17.71
N MET A 281 -36.53 -22.41 -18.36
CA MET A 281 -36.95 -21.72 -19.56
C MET A 281 -37.31 -22.69 -20.69
N LYS A 282 -36.68 -23.86 -20.70
CA LYS A 282 -37.00 -24.86 -21.72
C LYS A 282 -38.46 -25.30 -21.60
N HIS A 283 -38.94 -25.52 -20.38
CA HIS A 283 -40.28 -26.03 -20.15
C HIS A 283 -41.30 -24.96 -19.85
N CYS A 284 -40.90 -23.69 -19.80
CA CYS A 284 -41.85 -22.62 -19.47
C CYS A 284 -41.53 -21.42 -20.35
N SER A 285 -42.44 -21.12 -21.27
CA SER A 285 -42.18 -20.06 -22.26
C SER A 285 -42.18 -18.68 -21.63
N LYS A 286 -42.98 -18.46 -20.60
CA LYS A 286 -43.20 -17.10 -20.09
C LYS A 286 -42.22 -16.70 -19.01
N ILE A 287 -41.23 -17.53 -18.70
CA ILE A 287 -40.17 -17.11 -17.79
C ILE A 287 -39.18 -16.23 -18.54
N GLN A 288 -38.82 -15.10 -17.94
CA GLN A 288 -37.81 -14.21 -18.48
C GLN A 288 -36.79 -13.90 -17.40
N VAL A 289 -35.56 -13.63 -17.80
CA VAL A 289 -34.44 -13.52 -16.87
C VAL A 289 -33.88 -12.11 -16.95
N ILE A 290 -33.74 -11.48 -15.79
CA ILE A 290 -32.99 -10.24 -15.64
C ILE A 290 -31.57 -10.60 -15.21
N ASP A 291 -30.58 -10.07 -15.91
CA ASP A 291 -29.20 -10.22 -15.46
C ASP A 291 -28.94 -9.28 -14.29
N ILE A 292 -28.44 -9.82 -13.19
CA ILE A 292 -27.97 -9.01 -12.08
C ILE A 292 -26.48 -9.17 -11.84
N SER A 293 -25.77 -9.78 -12.80
CA SER A 293 -24.33 -9.94 -12.67
C SER A 293 -23.61 -8.62 -12.61
N MET A 294 -24.15 -7.55 -13.20
CA MET A 294 -23.51 -6.26 -13.09
C MET A 294 -23.56 -5.74 -11.66
N ILE A 295 -24.68 -5.95 -10.96
CA ILE A 295 -24.78 -5.51 -9.58
C ILE A 295 -23.79 -6.28 -8.70
N LEU A 296 -23.72 -7.60 -8.88
CA LEU A 296 -22.80 -8.41 -8.09
C LEU A 296 -21.35 -8.05 -8.38
N ALA A 297 -21.01 -7.86 -9.65
CA ALA A 297 -19.65 -7.49 -10.02
C ALA A 297 -19.27 -6.13 -9.44
N GLU A 298 -20.19 -5.16 -9.52
CA GLU A 298 -19.91 -3.85 -8.95
C GLU A 298 -19.78 -3.92 -7.45
N ALA A 299 -20.59 -4.75 -6.79
CA ALA A 299 -20.46 -4.90 -5.35
C ALA A 299 -19.11 -5.50 -4.98
N ILE A 300 -18.67 -6.52 -5.72
CA ILE A 300 -17.37 -7.11 -5.46
C ILE A 300 -16.27 -6.08 -5.63
N ARG A 301 -16.34 -5.33 -6.73
CA ARG A 301 -15.29 -4.37 -7.04
C ARG A 301 -15.27 -3.22 -6.04
N ARG A 302 -16.44 -2.82 -5.54
CA ARG A 302 -16.51 -1.74 -4.57
C ARG A 302 -16.06 -2.20 -3.18
N THR A 303 -16.38 -3.43 -2.78
CA THR A 303 -15.84 -3.94 -1.52
C THR A 303 -14.33 -4.07 -1.61
N HIS A 304 -13.82 -4.49 -2.76
CA HIS A 304 -12.36 -4.60 -2.91
C HIS A 304 -11.69 -3.24 -2.85
N ASN A 305 -12.24 -2.24 -3.52
CA ASN A 305 -11.60 -0.93 -3.60
C ASN A 305 -11.99 -0.01 -2.46
N GLY A 306 -12.83 -0.46 -1.53
CA GLY A 306 -13.26 0.41 -0.47
C GLY A 306 -14.20 1.51 -0.89
N GLU A 307 -14.90 1.37 -2.01
CA GLU A 307 -15.91 2.34 -2.37
C GLU A 307 -17.26 1.98 -1.76
N SER A 308 -18.21 2.89 -1.86
CA SER A 308 -19.52 2.69 -1.26
C SER A 308 -20.29 1.60 -2.01
N VAL A 309 -20.80 0.63 -1.26
CA VAL A 309 -21.64 -0.40 -1.86
C VAL A 309 -23.10 0.05 -1.89
N SER A 310 -23.53 0.80 -0.86
CA SER A 310 -24.92 1.21 -0.76
C SER A 310 -25.33 2.13 -1.91
N TYR A 311 -24.35 2.68 -2.61
CA TYR A 311 -24.58 3.45 -3.84
C TYR A 311 -25.40 2.62 -4.82
N LEU A 312 -25.21 1.30 -4.81
CA LEU A 312 -25.90 0.39 -5.70
C LEU A 312 -27.37 0.17 -5.32
N PHE A 313 -27.79 0.57 -4.12
CA PHE A 313 -29.18 0.36 -3.74
C PHE A 313 -30.13 1.10 -4.66
N SER A 314 -29.67 2.18 -5.28
CA SER A 314 -30.53 3.02 -6.11
C SER A 314 -29.99 3.27 -7.51
N HIS A 315 -28.81 2.77 -7.85
CA HIS A 315 -28.17 3.09 -9.13
C HIS A 315 -27.84 1.81 -9.88
N VAL A 316 -28.29 1.73 -11.14
CA VAL A 316 -27.90 0.62 -12.01
C VAL A 316 -26.52 0.94 -12.60
N PRO A 317 -25.52 0.08 -12.41
CA PRO A 317 -24.18 0.32 -12.96
C PRO A 317 -24.01 -0.19 -14.38
N PRO B 2 -29.65 -27.58 43.32
CA PRO B 2 -29.78 -26.24 42.74
C PRO B 2 -31.19 -25.68 42.87
N ASN B 3 -31.32 -24.59 43.61
CA ASN B 3 -32.60 -23.98 43.89
C ASN B 3 -32.80 -22.73 43.03
N ILE B 4 -34.06 -22.31 42.94
CA ILE B 4 -34.39 -21.08 42.23
C ILE B 4 -34.05 -19.88 43.10
N LYS B 5 -33.33 -18.92 42.52
CA LYS B 5 -33.11 -17.62 43.14
C LYS B 5 -33.61 -16.57 42.17
N ILE B 6 -34.54 -15.74 42.62
CA ILE B 6 -35.11 -14.67 41.80
C ILE B 6 -34.52 -13.36 42.29
N PHE B 7 -33.91 -12.61 41.39
CA PHE B 7 -33.38 -11.29 41.70
C PHE B 7 -34.08 -10.24 40.85
N SER B 8 -34.32 -9.09 41.45
CA SER B 8 -35.00 -8.00 40.77
C SER B 8 -34.00 -6.90 40.43
N GLY B 9 -34.05 -6.45 39.19
CA GLY B 9 -33.48 -5.17 38.86
C GLY B 9 -34.39 -4.05 39.30
N SER B 10 -33.90 -2.82 39.17
CA SER B 10 -34.68 -1.68 39.61
C SER B 10 -35.79 -1.30 38.65
N SER B 11 -35.81 -1.86 37.43
CA SER B 11 -36.78 -1.42 36.44
C SER B 11 -38.22 -1.75 36.84
N HIS B 12 -38.48 -3.01 37.17
CA HIS B 12 -39.85 -3.45 37.41
C HIS B 12 -39.88 -4.32 38.66
N GLN B 13 -39.95 -3.68 39.82
CA GLN B 13 -39.86 -4.42 41.08
C GLN B 13 -41.19 -5.09 41.44
N ASP B 14 -42.31 -4.46 41.06
CA ASP B 14 -43.61 -5.06 41.32
C ASP B 14 -43.77 -6.38 40.58
N LEU B 15 -43.37 -6.42 39.32
CA LEU B 15 -43.44 -7.66 38.55
C LEU B 15 -42.57 -8.75 39.17
N SER B 16 -41.36 -8.39 39.59
CA SER B 16 -40.48 -9.36 40.22
C SER B 16 -41.09 -9.90 41.50
N GLN B 17 -41.72 -9.03 42.29
CA GLN B 17 -42.37 -9.49 43.51
C GLN B 17 -43.53 -10.42 43.20
N LYS B 18 -44.34 -10.08 42.19
CA LYS B 18 -45.45 -10.96 41.83
C LYS B 18 -44.96 -12.33 41.40
N ILE B 19 -43.88 -12.36 40.60
CA ILE B 19 -43.31 -13.62 40.16
C ILE B 19 -42.80 -14.42 41.36
N ALA B 20 -42.12 -13.74 42.29
CA ALA B 20 -41.57 -14.40 43.46
C ALA B 20 -42.68 -14.99 44.33
N ASP B 21 -43.77 -14.27 44.53
CA ASP B 21 -44.91 -14.82 45.27
C ASP B 21 -45.50 -16.02 44.57
N ARG B 22 -45.66 -15.96 43.25
CA ARG B 22 -46.20 -17.11 42.55
C ARG B 22 -45.28 -18.31 42.63
N LEU B 23 -43.98 -18.08 42.75
CA LEU B 23 -43.04 -19.18 42.93
C LEU B 23 -42.92 -19.63 44.38
N GLY B 24 -43.55 -18.92 45.31
CA GLY B 24 -43.40 -19.24 46.72
C GLY B 24 -42.04 -18.90 47.29
N LEU B 25 -41.37 -17.89 46.74
CA LEU B 25 -40.02 -17.54 47.12
C LEU B 25 -39.96 -16.08 47.55
N GLU B 26 -38.90 -15.74 48.28
CA GLU B 26 -38.59 -14.35 48.53
C GLU B 26 -37.56 -13.87 47.53
N LEU B 27 -37.64 -12.58 47.18
CA LEU B 27 -36.66 -12.01 46.27
C LEU B 27 -35.27 -12.07 46.89
N GLY B 28 -34.28 -12.42 46.05
CA GLY B 28 -32.92 -12.52 46.56
C GLY B 28 -32.40 -11.17 47.01
N LYS B 29 -31.55 -11.21 48.04
CA LYS B 29 -30.98 -9.98 48.56
C LYS B 29 -29.95 -9.43 47.59
N VAL B 30 -30.23 -8.26 47.03
CA VAL B 30 -29.30 -7.58 46.15
C VAL B 30 -29.43 -6.08 46.37
N VAL B 31 -28.31 -5.38 46.36
CA VAL B 31 -28.28 -3.93 46.38
C VAL B 31 -27.97 -3.45 44.97
N THR B 32 -28.85 -2.62 44.42
CA THR B 32 -28.70 -2.08 43.07
C THR B 32 -28.93 -0.58 43.15
N LYS B 33 -27.86 0.18 43.27
CA LYS B 33 -27.94 1.63 43.41
C LYS B 33 -26.99 2.27 42.42
N LYS B 34 -26.76 3.55 42.57
CA LYS B 34 -25.80 4.26 41.74
C LYS B 34 -24.73 4.90 42.60
N PHE B 35 -23.48 4.78 42.16
CA PHE B 35 -22.40 5.57 42.73
C PHE B 35 -22.66 7.05 42.46
N SER B 36 -21.86 7.90 43.09
CA SER B 36 -22.03 9.34 42.94
C SER B 36 -21.90 9.79 41.49
N ASN B 37 -20.94 9.24 40.76
CA ASN B 37 -20.75 9.57 39.35
C ASN B 37 -21.73 8.85 38.43
N GLN B 38 -22.77 8.23 38.99
CA GLN B 38 -23.88 7.60 38.28
C GLN B 38 -23.53 6.27 37.65
N GLU B 39 -22.41 5.65 38.05
CA GLU B 39 -22.15 4.29 37.63
C GLU B 39 -22.99 3.33 38.46
N THR B 40 -23.49 2.28 37.82
CA THR B 40 -24.28 1.28 38.53
C THR B 40 -23.43 0.58 39.58
N CYS B 41 -23.99 0.44 40.78
CA CYS B 41 -23.39 -0.32 41.86
C CYS B 41 -24.29 -1.52 42.17
N VAL B 42 -23.72 -2.71 42.12
CA VAL B 42 -24.44 -3.95 42.38
C VAL B 42 -23.68 -4.75 43.43
N GLU B 43 -24.41 -5.25 44.41
CA GLU B 43 -23.83 -6.14 45.42
C GLU B 43 -24.82 -7.26 45.69
N ILE B 44 -24.43 -8.49 45.42
CA ILE B 44 -25.27 -9.64 45.70
C ILE B 44 -25.15 -9.95 47.19
N GLY B 45 -26.27 -9.82 47.90
CA GLY B 45 -26.32 -9.93 49.34
C GLY B 45 -26.43 -11.33 49.89
N GLU B 46 -26.39 -12.34 49.05
CA GLU B 46 -26.46 -13.72 49.50
C GLU B 46 -25.66 -14.58 48.53
N SER B 47 -25.25 -15.74 49.00
CA SER B 47 -24.52 -16.66 48.14
C SER B 47 -25.46 -17.24 47.08
N VAL B 48 -25.01 -17.23 45.83
CA VAL B 48 -25.71 -17.85 44.73
C VAL B 48 -24.95 -19.05 44.19
N ARG B 49 -23.99 -19.56 44.94
CA ARG B 49 -23.12 -20.62 44.45
C ARG B 49 -23.92 -21.89 44.21
N GLY B 50 -23.84 -22.41 43.00
CA GLY B 50 -24.57 -23.61 42.64
C GLY B 50 -26.07 -23.44 42.51
N GLU B 51 -26.55 -22.23 42.32
CA GLU B 51 -27.99 -22.00 42.26
C GLU B 51 -28.43 -21.68 40.83
N ASP B 52 -29.73 -21.83 40.61
CA ASP B 52 -30.35 -21.47 39.34
C ASP B 52 -30.90 -20.06 39.51
N VAL B 53 -30.20 -19.09 38.94
CA VAL B 53 -30.47 -17.67 39.19
C VAL B 53 -31.31 -17.11 38.06
N TYR B 54 -32.37 -16.39 38.42
CA TYR B 54 -33.21 -15.68 37.46
C TYR B 54 -33.21 -14.20 37.82
N ILE B 55 -32.80 -13.36 36.88
CA ILE B 55 -32.74 -11.93 37.08
C ILE B 55 -33.82 -11.28 36.23
N VAL B 56 -34.75 -10.59 36.86
CA VAL B 56 -35.88 -9.99 36.18
C VAL B 56 -35.59 -8.51 35.95
N GLN B 57 -35.61 -8.09 34.69
CA GLN B 57 -35.33 -6.72 34.30
C GLN B 57 -35.95 -6.49 32.93
N SER B 58 -36.82 -5.49 32.81
CA SER B 58 -37.44 -5.20 31.54
C SER B 58 -36.76 -4.00 30.87
N GLY B 59 -36.89 -3.94 29.55
CA GLY B 59 -36.38 -2.83 28.78
C GLY B 59 -37.33 -1.65 28.78
N CYS B 60 -37.38 -0.94 29.90
CA CYS B 60 -38.34 0.12 30.12
C CYS B 60 -37.68 1.23 30.92
N GLY B 61 -38.36 2.36 31.00
CA GLY B 61 -37.83 3.49 31.76
C GLY B 61 -36.51 3.95 31.19
N GLU B 62 -35.53 4.14 32.07
CA GLU B 62 -34.18 4.49 31.67
C GLU B 62 -33.49 3.25 31.11
N ILE B 63 -33.62 3.07 29.80
CA ILE B 63 -33.35 1.78 29.18
C ILE B 63 -31.88 1.42 29.30
N ASN B 64 -30.98 2.37 29.03
CA ASN B 64 -29.57 2.04 29.06
C ASN B 64 -29.08 1.76 30.48
N ASP B 65 -29.60 2.50 31.46
CA ASP B 65 -29.29 2.23 32.86
C ASP B 65 -29.77 0.84 33.26
N ASN B 66 -31.00 0.47 32.89
CA ASN B 66 -31.53 -0.84 33.25
C ASN B 66 -30.76 -1.95 32.56
N LEU B 67 -30.39 -1.76 31.30
CA LEU B 67 -29.64 -2.76 30.58
C LEU B 67 -28.27 -2.98 31.20
N MET B 68 -27.59 -1.88 31.56
CA MET B 68 -26.30 -2.01 32.22
C MET B 68 -26.44 -2.67 33.59
N GLU B 69 -27.48 -2.31 34.34
CA GLU B 69 -27.76 -3.00 35.60
C GLU B 69 -27.91 -4.50 35.40
N LEU B 70 -28.67 -4.89 34.38
CA LEU B 70 -28.88 -6.30 34.11
C LEU B 70 -27.56 -7.00 33.78
N LEU B 71 -26.76 -6.39 32.90
CA LEU B 71 -25.49 -7.00 32.54
C LEU B 71 -24.57 -7.14 33.73
N ILE B 72 -24.50 -6.10 34.57
CA ILE B 72 -23.65 -6.13 35.74
C ILE B 72 -24.11 -7.19 36.73
N MET B 73 -25.43 -7.32 36.92
CA MET B 73 -25.96 -8.34 37.82
C MET B 73 -25.67 -9.74 37.30
N ILE B 74 -25.83 -9.94 35.98
CA ILE B 74 -25.50 -11.24 35.40
C ILE B 74 -24.03 -11.56 35.62
N ASN B 75 -23.16 -10.58 35.40
CA ASN B 75 -21.74 -10.81 35.59
C ASN B 75 -21.42 -11.15 37.04
N ALA B 76 -22.03 -10.42 37.97
CA ALA B 76 -21.79 -10.66 39.39
C ALA B 76 -22.22 -12.06 39.78
N CYS B 77 -23.39 -12.50 39.30
CA CYS B 77 -23.84 -13.85 39.62
C CYS B 77 -22.97 -14.91 38.96
N LYS B 78 -22.50 -14.65 37.74
CA LYS B 78 -21.70 -15.64 37.03
C LYS B 78 -20.33 -15.82 37.68
N ILE B 79 -19.67 -14.74 38.07
CA ILE B 79 -18.38 -14.90 38.73
C ILE B 79 -18.55 -15.29 40.19
N ALA B 80 -19.77 -15.24 40.73
CA ALA B 80 -20.05 -15.79 42.04
C ALA B 80 -20.40 -17.28 42.00
N SER B 81 -20.18 -17.94 40.86
CA SER B 81 -20.28 -19.39 40.72
C SER B 81 -21.71 -19.88 40.79
N ALA B 82 -22.65 -19.11 40.25
CA ALA B 82 -24.00 -19.61 40.06
C ALA B 82 -23.97 -20.74 39.04
N SER B 83 -24.76 -21.78 39.28
CA SER B 83 -24.79 -22.91 38.37
C SER B 83 -25.33 -22.50 37.00
N ARG B 84 -26.34 -21.64 36.99
CA ARG B 84 -26.97 -21.20 35.76
C ARG B 84 -27.57 -19.82 36.00
N VAL B 85 -27.45 -18.94 35.02
CA VAL B 85 -27.97 -17.59 35.11
C VAL B 85 -28.92 -17.37 33.94
N THR B 86 -30.15 -16.96 34.25
CA THR B 86 -31.17 -16.71 33.25
C THR B 86 -31.62 -15.25 33.35
N ALA B 87 -31.69 -14.59 32.21
CA ALA B 87 -32.22 -13.24 32.14
C ALA B 87 -33.69 -13.30 31.76
N VAL B 88 -34.54 -12.79 32.65
CA VAL B 88 -35.97 -12.71 32.41
C VAL B 88 -36.25 -11.28 32.00
N ILE B 89 -36.44 -11.06 30.71
CA ILE B 89 -36.54 -9.72 30.15
C ILE B 89 -37.92 -9.58 29.50
N PRO B 90 -38.94 -9.18 30.26
CA PRO B 90 -40.30 -9.18 29.70
C PRO B 90 -40.44 -8.35 28.44
N CYS B 91 -39.82 -7.17 28.39
CA CYS B 91 -39.78 -6.34 27.18
C CYS B 91 -38.32 -6.20 26.76
N PHE B 92 -37.99 -6.73 25.60
CA PHE B 92 -36.59 -6.80 25.18
C PHE B 92 -36.13 -5.45 24.66
N PRO B 93 -35.07 -4.87 25.21
CA PRO B 93 -34.62 -3.55 24.74
C PRO B 93 -33.98 -3.62 23.37
N TYR B 94 -34.12 -2.53 22.63
CA TYR B 94 -33.60 -2.38 21.27
C TYR B 94 -34.15 -3.41 20.30
N ALA B 95 -35.30 -4.02 20.63
CA ALA B 95 -35.86 -5.05 19.77
C ALA B 95 -36.25 -4.50 18.41
N ARG B 96 -36.63 -3.23 18.33
CA ARG B 96 -37.03 -2.64 17.07
C ARG B 96 -35.87 -2.31 16.15
N GLN B 97 -34.64 -2.34 16.66
CA GLN B 97 -33.45 -2.21 15.82
C GLN B 97 -32.89 -3.59 15.50
N ASP B 98 -33.68 -4.36 14.78
CA ASP B 98 -33.34 -5.74 14.45
C ASP B 98 -32.81 -5.91 13.03
N LYS B 99 -32.56 -4.82 12.31
CA LYS B 99 -32.06 -4.89 10.94
C LYS B 99 -31.55 -3.52 10.51
N LYS B 100 -30.81 -3.51 9.40
CA LYS B 100 -30.22 -2.28 8.87
C LYS B 100 -31.13 -1.62 7.83
N ASP B 101 -31.51 -2.37 6.79
CA ASP B 101 -32.48 -1.92 5.80
C ASP B 101 -32.05 -0.65 5.06
N LYS B 102 -30.99 -0.74 4.26
CA LYS B 102 -30.53 0.35 3.39
C LYS B 102 -30.09 1.56 4.19
N SER B 103 -29.61 1.32 5.40
CA SER B 103 -29.12 2.41 6.23
C SER B 103 -27.83 1.97 6.89
N ARG B 104 -26.91 2.93 7.07
CA ARG B 104 -25.68 2.66 7.82
C ARG B 104 -25.98 2.76 9.30
N ALA B 105 -26.76 1.82 9.77
CA ALA B 105 -27.29 1.77 11.11
C ALA B 105 -26.74 0.55 11.85
N PRO B 106 -26.72 0.58 13.18
CA PRO B 106 -26.38 -0.62 13.92
C PRO B 106 -27.54 -1.60 13.91
N ILE B 107 -27.23 -2.86 14.13
CA ILE B 107 -28.25 -3.85 14.53
C ILE B 107 -28.15 -3.94 16.05
N SER B 108 -28.86 -3.03 16.72
CA SER B 108 -28.68 -2.88 18.16
C SER B 108 -29.20 -4.10 18.92
N ALA B 109 -30.24 -4.75 18.42
CA ALA B 109 -30.75 -5.95 19.07
C ALA B 109 -29.69 -7.04 19.09
N LYS B 110 -28.96 -7.21 18.00
CA LYS B 110 -27.88 -8.19 17.98
C LYS B 110 -26.77 -7.80 18.95
N LEU B 111 -26.46 -6.51 19.04
CA LEU B 111 -25.45 -6.07 20.00
C LEU B 111 -25.87 -6.38 21.42
N VAL B 112 -27.15 -6.15 21.74
CA VAL B 112 -27.66 -6.45 23.07
C VAL B 112 -27.57 -7.94 23.35
N ALA B 113 -27.94 -8.76 22.35
CA ALA B 113 -27.83 -10.21 22.51
C ALA B 113 -26.38 -10.63 22.78
N ASN B 114 -25.44 -10.07 22.03
CA ASN B 114 -24.03 -10.38 22.24
C ASN B 114 -23.57 -9.96 23.63
N MET B 115 -24.02 -8.79 24.08
CA MET B 115 -23.62 -8.32 25.41
C MET B 115 -24.18 -9.21 26.50
N LEU B 116 -25.42 -9.66 26.34
CA LEU B 116 -26.02 -10.57 27.31
C LEU B 116 -25.26 -11.90 27.35
N SER B 117 -24.87 -12.40 26.18
CA SER B 117 -24.10 -13.64 26.13
C SER B 117 -22.73 -13.48 26.79
N VAL B 118 -22.06 -12.36 26.51
CA VAL B 118 -20.71 -12.18 27.03
C VAL B 118 -20.73 -11.86 28.51
N ALA B 119 -21.83 -11.31 29.02
CA ALA B 119 -21.95 -11.10 30.45
C ALA B 119 -22.08 -12.43 31.20
N GLY B 120 -22.58 -13.45 30.51
CA GLY B 120 -22.63 -14.78 31.09
C GLY B 120 -24.01 -15.39 31.18
N ALA B 121 -24.98 -14.82 30.47
CA ALA B 121 -26.31 -15.39 30.47
C ALA B 121 -26.31 -16.74 29.79
N ASP B 122 -26.93 -17.72 30.43
CA ASP B 122 -27.08 -19.05 29.85
C ASP B 122 -28.40 -19.25 29.15
N HIS B 123 -29.39 -18.39 29.43
CA HIS B 123 -30.76 -18.59 28.99
C HIS B 123 -31.48 -17.26 29.06
N ILE B 124 -32.41 -17.06 28.13
CA ILE B 124 -33.22 -15.85 28.07
C ILE B 124 -34.68 -16.24 28.08
N ILE B 125 -35.46 -15.59 28.94
CA ILE B 125 -36.92 -15.67 28.91
C ILE B 125 -37.44 -14.27 28.61
N THR B 126 -38.27 -14.16 27.58
CA THR B 126 -38.85 -12.88 27.19
C THR B 126 -40.27 -13.12 26.70
N MET B 127 -40.99 -12.03 26.49
CA MET B 127 -42.38 -12.08 26.07
C MET B 127 -42.59 -11.24 24.82
N ASP B 128 -43.18 -11.84 23.79
CA ASP B 128 -43.56 -11.17 22.54
C ASP B 128 -42.42 -10.30 21.99
N LEU B 129 -41.35 -10.98 21.58
CA LEU B 129 -40.28 -10.30 20.87
C LEU B 129 -40.83 -9.57 19.65
N HIS B 130 -40.33 -8.36 19.43
CA HIS B 130 -40.79 -7.57 18.30
C HIS B 130 -40.69 -8.35 16.99
N ALA B 131 -39.58 -9.02 16.78
CA ALA B 131 -39.41 -9.96 15.68
C ALA B 131 -38.83 -11.24 16.25
N SER B 132 -39.43 -12.37 15.92
CA SER B 132 -38.97 -13.63 16.49
C SER B 132 -37.60 -14.03 15.94
N GLN B 133 -37.17 -13.40 14.84
CA GLN B 133 -35.81 -13.59 14.37
C GLN B 133 -34.77 -13.18 15.40
N ILE B 134 -35.15 -12.35 16.38
CA ILE B 134 -34.21 -11.98 17.44
C ILE B 134 -33.75 -13.21 18.20
N GLN B 135 -34.57 -14.28 18.21
CA GLN B 135 -34.14 -15.54 18.80
C GLN B 135 -32.85 -16.04 18.16
N GLY B 136 -32.71 -15.85 16.85
CA GLY B 136 -31.50 -16.26 16.15
C GLY B 136 -30.30 -15.38 16.43
N PHE B 137 -30.51 -14.21 17.03
CA PHE B 137 -29.38 -13.38 17.42
C PHE B 137 -28.59 -13.99 18.56
N PHE B 138 -29.15 -14.97 19.24
CA PHE B 138 -28.48 -15.64 20.34
C PHE B 138 -27.93 -16.99 19.92
N ASP B 139 -26.95 -17.47 20.66
CA ASP B 139 -26.56 -18.86 20.60
C ASP B 139 -27.06 -19.67 21.80
N ILE B 140 -27.45 -19.00 22.88
CA ILE B 140 -28.06 -19.64 24.03
C ILE B 140 -29.55 -19.81 23.76
N PRO B 141 -30.25 -20.74 24.43
CA PRO B 141 -31.69 -20.87 24.22
C PRO B 141 -32.44 -19.62 24.64
N VAL B 142 -33.47 -19.29 23.88
CA VAL B 142 -34.35 -18.16 24.18
C VAL B 142 -35.78 -18.68 24.17
N ASP B 143 -36.49 -18.49 25.27
CA ASP B 143 -37.92 -18.81 25.33
C ASP B 143 -38.70 -17.52 25.17
N ASN B 144 -39.38 -17.39 24.04
CA ASN B 144 -40.20 -16.22 23.73
C ASN B 144 -41.64 -16.58 24.05
N LEU B 145 -42.12 -16.11 25.21
CA LEU B 145 -43.48 -16.38 25.62
C LEU B 145 -44.45 -15.48 24.88
N TYR B 146 -45.72 -15.85 24.95
CA TYR B 146 -46.78 -15.12 24.27
C TYR B 146 -47.83 -14.66 25.28
N ALA B 147 -48.23 -13.40 25.15
CA ALA B 147 -49.32 -12.88 25.97
C ALA B 147 -50.68 -13.29 25.44
N GLU B 148 -50.73 -13.95 24.29
CA GLU B 148 -52.00 -14.27 23.64
C GLU B 148 -52.99 -15.04 24.51
N PRO B 149 -52.59 -16.07 25.27
CA PRO B 149 -53.58 -16.72 26.16
C PRO B 149 -54.24 -15.75 27.13
N ALA B 150 -53.44 -14.89 27.76
CA ALA B 150 -54.00 -13.90 28.68
C ALA B 150 -54.86 -12.88 27.96
N VAL B 151 -54.49 -12.52 26.73
CA VAL B 151 -55.29 -11.59 25.95
C VAL B 151 -56.64 -12.19 25.61
N LEU B 152 -56.65 -13.46 25.20
CA LEU B 152 -57.90 -14.15 24.90
C LEU B 152 -58.79 -14.24 26.13
N LYS B 153 -58.19 -14.54 27.28
CA LYS B 153 -58.93 -14.56 28.52
C LYS B 153 -59.56 -13.20 28.80
N TRP B 154 -58.77 -12.12 28.67
CA TRP B 154 -59.30 -10.79 28.91
C TRP B 154 -60.45 -10.46 27.97
N ILE B 155 -60.28 -10.80 26.68
CA ILE B 155 -61.30 -10.49 25.69
C ILE B 155 -62.61 -11.18 26.05
N ARG B 156 -62.53 -12.47 26.39
CA ARG B 156 -63.75 -13.20 26.71
C ARG B 156 -64.42 -12.66 27.96
N GLU B 157 -63.64 -12.32 29.00
CA GLU B 157 -64.27 -11.89 30.24
C GLU B 157 -64.55 -10.39 30.30
N ASN B 158 -64.19 -9.60 29.30
CA ASN B 158 -64.40 -8.16 29.38
C ASN B 158 -65.21 -7.58 28.24
N ILE B 159 -65.24 -8.23 27.07
CA ILE B 159 -65.98 -7.73 25.93
C ILE B 159 -67.17 -8.67 25.74
N SER B 160 -68.37 -8.17 26.05
CA SER B 160 -69.56 -9.01 26.01
C SER B 160 -69.89 -9.46 24.60
N GLU B 161 -69.56 -8.67 23.60
CA GLU B 161 -69.86 -8.98 22.21
C GLU B 161 -68.71 -9.67 21.49
N TRP B 162 -67.83 -10.37 22.23
CA TRP B 162 -66.58 -10.82 21.64
C TRP B 162 -66.80 -11.85 20.54
N ARG B 163 -67.95 -12.53 20.54
CA ARG B 163 -68.21 -13.52 19.49
C ARG B 163 -68.53 -12.87 18.15
N ASN B 164 -68.96 -11.61 18.16
CA ASN B 164 -69.24 -10.88 16.93
C ASN B 164 -68.22 -9.78 16.66
N CYS B 165 -67.08 -9.79 17.33
CA CYS B 165 -66.10 -8.73 17.17
C CYS B 165 -65.21 -8.99 15.95
N THR B 166 -64.46 -7.97 15.56
CA THR B 166 -63.45 -8.08 14.53
C THR B 166 -62.09 -7.75 15.12
N ILE B 167 -61.13 -8.65 14.97
CA ILE B 167 -59.76 -8.41 15.38
C ILE B 167 -59.04 -7.69 14.25
N VAL B 168 -58.42 -6.56 14.55
CA VAL B 168 -57.87 -5.67 13.53
C VAL B 168 -56.37 -5.51 13.77
N SER B 169 -55.61 -5.67 12.70
CA SER B 169 -54.20 -5.32 12.73
C SER B 169 -54.04 -3.85 12.39
N PRO B 170 -53.24 -3.09 13.15
CA PRO B 170 -52.98 -1.70 12.79
C PRO B 170 -52.17 -1.56 11.52
N ASP B 171 -51.40 -2.57 11.13
CA ASP B 171 -50.56 -2.50 9.95
C ASP B 171 -50.46 -3.89 9.33
N ALA B 172 -49.81 -3.97 8.17
CA ALA B 172 -49.64 -5.25 7.51
C ALA B 172 -48.68 -6.15 8.28
N GLY B 173 -47.79 -5.55 9.07
CA GLY B 173 -46.79 -6.34 9.77
C GLY B 173 -47.35 -7.26 10.84
N GLY B 174 -48.36 -6.80 11.57
CA GLY B 174 -48.90 -7.57 12.67
C GLY B 174 -50.01 -8.53 12.32
N ALA B 175 -50.35 -8.66 11.04
CA ALA B 175 -51.51 -9.45 10.62
C ALA B 175 -51.45 -10.86 11.17
N LYS B 176 -50.29 -11.50 11.07
CA LYS B 176 -50.13 -12.85 11.63
C LYS B 176 -50.71 -12.92 13.03
N ARG B 177 -50.24 -12.05 13.91
CA ARG B 177 -50.71 -12.05 15.29
C ARG B 177 -52.24 -12.01 15.33
N VAL B 178 -52.84 -11.05 14.64
CA VAL B 178 -54.29 -10.92 14.77
C VAL B 178 -54.98 -12.16 14.21
N THR B 179 -54.44 -12.73 13.13
CA THR B 179 -55.05 -13.93 12.59
C THR B 179 -55.03 -15.03 13.63
N SER B 180 -53.91 -15.20 14.32
CA SER B 180 -53.85 -16.17 15.40
C SER B 180 -54.99 -15.95 16.38
N ILE B 181 -55.16 -14.70 16.84
CA ILE B 181 -56.22 -14.42 17.78
C ILE B 181 -57.57 -14.69 17.14
N ALA B 182 -57.74 -14.26 15.89
CA ALA B 182 -59.01 -14.48 15.21
C ALA B 182 -59.30 -15.97 15.08
N ASP B 183 -58.26 -16.79 14.95
CA ASP B 183 -58.49 -18.22 14.88
C ASP B 183 -58.93 -18.78 16.22
N ARG B 184 -58.38 -18.26 17.32
CA ARG B 184 -58.69 -18.82 18.63
C ARG B 184 -60.04 -18.36 19.15
N LEU B 185 -60.59 -17.27 18.61
CA LEU B 185 -61.89 -16.76 19.02
C LEU B 185 -62.99 -17.08 18.04
N ASN B 186 -62.66 -17.50 16.81
CA ASN B 186 -63.62 -17.72 15.74
C ASN B 186 -64.41 -16.44 15.44
N VAL B 187 -63.66 -15.42 15.04
CA VAL B 187 -64.20 -14.12 14.67
C VAL B 187 -63.50 -13.64 13.40
N ASP B 188 -64.02 -12.55 12.85
CA ASP B 188 -63.42 -11.97 11.66
C ASP B 188 -62.14 -11.22 12.01
N PHE B 189 -61.27 -11.06 11.02
CA PHE B 189 -60.05 -10.29 11.18
C PHE B 189 -59.92 -9.33 10.02
N ALA B 190 -59.56 -8.09 10.34
CA ALA B 190 -59.40 -7.00 9.40
C ALA B 190 -57.98 -6.48 9.41
N LEU B 191 -57.56 -5.93 8.28
CA LEU B 191 -56.27 -5.27 8.16
C LEU B 191 -56.47 -3.80 7.84
N ILE B 192 -55.48 -3.00 8.24
CA ILE B 192 -55.46 -1.57 7.97
C ILE B 192 -54.05 -1.22 7.54
N HIS B 193 -53.90 -0.51 6.42
CA HIS B 193 -52.57 -0.02 6.07
C HIS B 193 -52.69 1.33 5.38
N LYS B 194 -51.64 2.12 5.50
CA LYS B 194 -51.61 3.47 4.94
C LYS B 194 -51.12 3.45 3.50
N GLU B 195 -51.70 4.31 2.69
CA GLU B 195 -51.39 4.40 1.27
C GLU B 195 -50.20 5.30 1.02
N ASP B 203 -51.08 9.63 4.05
CA ASP B 203 -51.68 9.94 5.34
C ASP B 203 -53.05 9.27 5.49
N ARG B 204 -53.53 8.68 4.40
CA ARG B 204 -54.79 7.97 4.43
C ARG B 204 -54.57 6.49 4.74
N MET B 205 -55.56 5.87 5.36
CA MET B 205 -55.54 4.46 5.69
C MET B 205 -56.67 3.75 4.96
N VAL B 206 -56.41 2.51 4.55
CA VAL B 206 -57.40 1.67 3.89
C VAL B 206 -57.62 0.44 4.76
N LEU B 207 -58.90 0.09 4.94
CA LEU B 207 -59.37 -0.98 5.80
C LEU B 207 -60.09 -2.04 4.96
N VAL B 208 -59.73 -3.29 5.19
CA VAL B 208 -60.38 -4.41 4.53
C VAL B 208 -61.09 -5.23 5.60
N GLY B 209 -62.36 -5.53 5.38
CA GLY B 209 -63.13 -6.27 6.35
C GLY B 209 -64.26 -5.47 6.94
N ASP B 210 -65.46 -6.05 6.98
CA ASP B 210 -66.61 -5.37 7.53
C ASP B 210 -66.45 -5.17 9.03
N VAL B 211 -66.63 -3.92 9.47
CA VAL B 211 -66.55 -3.58 10.89
C VAL B 211 -67.78 -2.82 11.37
N LYS B 212 -68.77 -2.60 10.50
CA LYS B 212 -69.94 -1.83 10.90
C LYS B 212 -70.78 -2.58 11.92
N ASP B 213 -71.24 -1.87 12.95
CA ASP B 213 -72.09 -2.36 14.03
C ASP B 213 -71.40 -3.46 14.83
N ARG B 214 -70.10 -3.63 14.68
CA ARG B 214 -69.34 -4.65 15.38
C ARG B 214 -68.26 -4.01 16.22
N VAL B 215 -67.92 -4.65 17.33
CA VAL B 215 -66.82 -4.18 18.17
C VAL B 215 -65.51 -4.55 17.48
N ALA B 216 -64.61 -3.59 17.38
CA ALA B 216 -63.30 -3.82 16.78
C ALA B 216 -62.24 -3.84 17.87
N ILE B 217 -61.27 -4.73 17.73
CA ILE B 217 -60.19 -4.90 18.70
C ILE B 217 -58.88 -4.82 17.94
N LEU B 218 -58.21 -3.66 17.99
CA LEU B 218 -56.85 -3.57 17.49
C LEU B 218 -55.92 -4.39 18.37
N VAL B 219 -55.01 -5.13 17.76
CA VAL B 219 -54.06 -5.94 18.53
C VAL B 219 -52.64 -5.65 18.07
N ASP B 220 -51.72 -5.52 19.03
CA ASP B 220 -50.34 -5.23 18.70
C ASP B 220 -49.37 -5.61 19.81
N ASP B 221 -48.10 -5.69 19.42
CA ASP B 221 -47.06 -6.02 20.37
C ASP B 221 -46.72 -4.85 21.27
N MET B 222 -46.75 -3.63 20.74
CA MET B 222 -46.36 -2.51 21.58
C MET B 222 -47.01 -1.23 21.12
N ALA B 223 -47.13 -0.30 22.06
CA ALA B 223 -47.58 1.06 21.80
C ALA B 223 -46.55 2.02 22.38
N ASP B 224 -45.76 2.64 21.52
CA ASP B 224 -44.76 3.59 21.98
C ASP B 224 -45.30 5.01 21.99
N THR B 225 -45.58 5.56 20.82
CA THR B 225 -46.14 6.89 20.73
C THR B 225 -47.62 6.85 20.41
N CYS B 226 -48.13 5.68 20.06
CA CYS B 226 -49.54 5.41 19.81
C CYS B 226 -50.10 6.17 18.62
N GLY B 227 -49.24 6.68 17.74
CA GLY B 227 -49.73 7.24 16.49
C GLY B 227 -50.41 6.20 15.63
N THR B 228 -49.80 5.03 15.54
CA THR B 228 -50.34 3.95 14.72
C THR B 228 -51.74 3.56 15.18
N ILE B 229 -51.89 3.24 16.47
CA ILE B 229 -53.19 2.75 16.93
C ILE B 229 -54.22 3.88 16.95
N CYS B 230 -53.81 5.11 17.20
CA CYS B 230 -54.78 6.20 17.17
C CYS B 230 -55.30 6.46 15.77
N HIS B 231 -54.42 6.43 14.77
CA HIS B 231 -54.87 6.57 13.39
C HIS B 231 -55.78 5.40 13.00
N ALA B 232 -55.39 4.18 13.40
CA ALA B 232 -56.23 3.02 13.10
C ALA B 232 -57.60 3.15 13.76
N ALA B 233 -57.65 3.62 14.99
CA ALA B 233 -58.94 3.77 15.68
C ALA B 233 -59.81 4.83 15.02
N ASP B 234 -59.20 5.93 14.58
CA ASP B 234 -59.96 6.93 13.84
C ASP B 234 -60.57 6.32 12.58
N LYS B 235 -59.78 5.54 11.85
CA LYS B 235 -60.30 4.89 10.65
C LYS B 235 -61.41 3.91 10.98
N LEU B 236 -61.26 3.16 12.08
CA LEU B 236 -62.28 2.18 12.45
C LEU B 236 -63.59 2.86 12.80
N LEU B 237 -63.53 3.99 13.51
CA LEU B 237 -64.75 4.73 13.76
C LEU B 237 -65.33 5.32 12.49
N SER B 238 -64.47 5.72 11.53
CA SER B 238 -64.97 6.18 10.25
C SER B 238 -65.77 5.09 9.54
N ALA B 239 -65.33 3.84 9.65
CA ALA B 239 -65.96 2.73 8.97
C ALA B 239 -67.11 2.12 9.77
N GLY B 240 -67.71 2.86 10.69
CA GLY B 240 -68.95 2.43 11.31
C GLY B 240 -68.82 1.46 12.46
N ALA B 241 -67.63 1.30 13.01
CA ALA B 241 -67.46 0.41 14.17
C ALA B 241 -68.21 0.96 15.37
N THR B 242 -68.67 0.06 16.24
CA THR B 242 -69.43 0.48 17.40
C THR B 242 -68.51 0.96 18.51
N ARG B 243 -67.59 0.11 18.96
CA ARG B 243 -66.56 0.49 19.90
C ARG B 243 -65.23 -0.04 19.40
N VAL B 244 -64.15 0.66 19.73
CA VAL B 244 -62.81 0.23 19.35
C VAL B 244 -61.99 0.04 20.61
N TYR B 245 -61.41 -1.15 20.75
CA TYR B 245 -60.47 -1.48 21.80
C TYR B 245 -59.07 -1.56 21.19
N ALA B 246 -58.06 -1.40 22.03
CA ALA B 246 -56.68 -1.66 21.64
C ALA B 246 -56.06 -2.56 22.70
N ILE B 247 -55.42 -3.63 22.28
CA ILE B 247 -54.76 -4.56 23.19
C ILE B 247 -53.32 -4.72 22.74
N LEU B 248 -52.39 -4.40 23.61
CA LEU B 248 -50.97 -4.45 23.32
C LEU B 248 -50.25 -5.20 24.44
N THR B 249 -49.26 -5.97 24.04
CA THR B 249 -48.52 -6.67 25.10
C THR B 249 -47.55 -5.73 25.82
N HIS B 250 -46.98 -4.75 25.12
CA HIS B 250 -46.02 -3.83 25.73
C HIS B 250 -46.54 -2.40 25.68
N GLY B 251 -46.90 -1.85 26.83
CA GLY B 251 -47.33 -0.47 26.94
C GLY B 251 -46.23 0.52 27.25
N ILE B 252 -45.40 0.86 26.27
CA ILE B 252 -44.29 1.79 26.53
C ILE B 252 -44.81 3.19 26.79
N PHE B 253 -45.70 3.69 25.94
CA PHE B 253 -46.41 4.96 26.16
C PHE B 253 -45.46 6.14 26.33
N SER B 254 -44.47 6.26 25.46
CA SER B 254 -43.54 7.36 25.56
C SER B 254 -44.01 8.54 24.73
N GLY B 255 -43.40 9.69 24.98
CA GLY B 255 -43.71 10.90 24.25
C GLY B 255 -45.14 11.38 24.45
N PRO B 256 -45.84 11.62 23.34
CA PRO B 256 -47.22 12.13 23.41
C PRO B 256 -48.29 11.06 23.50
N ALA B 257 -47.92 9.82 23.83
CA ALA B 257 -48.87 8.72 23.75
C ALA B 257 -50.07 8.94 24.66
N ILE B 258 -49.84 9.44 25.88
CA ILE B 258 -50.93 9.58 26.83
C ILE B 258 -51.94 10.62 26.36
N SER B 259 -51.45 11.75 25.85
CA SER B 259 -52.35 12.78 25.34
C SER B 259 -53.16 12.26 24.15
N ARG B 260 -52.50 11.54 23.23
CA ARG B 260 -53.21 11.02 22.05
C ARG B 260 -54.26 10.01 22.46
N ILE B 261 -53.94 9.13 23.41
CA ILE B 261 -54.92 8.15 23.87
C ILE B 261 -56.09 8.86 24.54
N ASN B 262 -55.79 9.86 25.36
CA ASN B 262 -56.86 10.64 26.01
C ASN B 262 -57.76 11.31 24.99
N ASN B 263 -57.19 11.75 23.86
CA ASN B 263 -58.00 12.37 22.82
C ASN B 263 -58.56 11.35 21.83
N ALA B 264 -58.24 10.08 21.98
CA ALA B 264 -58.72 9.07 21.04
C ALA B 264 -60.06 8.49 21.50
N CYS B 265 -60.64 7.66 20.64
CA CYS B 265 -61.97 7.13 20.83
C CYS B 265 -61.97 5.75 21.48
N PHE B 266 -60.82 5.25 21.92
CA PHE B 266 -60.74 3.92 22.50
C PHE B 266 -61.69 3.78 23.67
N GLU B 267 -62.40 2.66 23.71
CA GLU B 267 -63.10 2.29 24.93
C GLU B 267 -62.12 1.94 26.04
N ALA B 268 -61.07 1.22 25.69
CA ALA B 268 -60.02 0.85 26.64
C ALA B 268 -58.73 0.61 25.87
N VAL B 269 -57.62 0.80 26.54
CA VAL B 269 -56.31 0.45 26.01
C VAL B 269 -55.72 -0.56 27.00
N VAL B 270 -55.81 -1.82 26.65
CA VAL B 270 -55.34 -2.89 27.51
C VAL B 270 -53.90 -3.21 27.14
N VAL B 271 -53.03 -3.26 28.15
CA VAL B 271 -51.64 -3.62 27.95
C VAL B 271 -51.27 -4.65 29.00
N THR B 272 -50.28 -5.47 28.69
CA THR B 272 -49.81 -6.34 29.77
C THR B 272 -48.89 -5.56 30.72
N ASN B 273 -48.58 -6.17 31.86
CA ASN B 273 -47.63 -5.54 32.77
C ASN B 273 -46.21 -6.05 32.58
N THR B 274 -45.74 -6.12 31.33
CA THR B 274 -44.32 -6.33 31.10
C THR B 274 -43.52 -5.09 31.43
N ILE B 275 -44.20 -3.94 31.46
CA ILE B 275 -43.62 -2.63 31.76
C ILE B 275 -44.50 -2.06 32.86
N PRO B 276 -43.93 -1.44 33.91
CA PRO B 276 -44.78 -0.87 34.96
C PRO B 276 -45.69 0.22 34.39
N GLN B 277 -46.93 0.25 34.87
CA GLN B 277 -47.95 1.11 34.29
C GLN B 277 -48.60 2.07 35.27
N GLU B 278 -48.21 2.05 36.55
CA GLU B 278 -48.94 2.81 37.56
C GLU B 278 -48.94 4.30 37.24
N ASP B 279 -47.81 4.84 36.82
CA ASP B 279 -47.73 6.27 36.52
C ASP B 279 -48.62 6.64 35.34
N LYS B 280 -48.63 5.82 34.30
CA LYS B 280 -49.46 6.10 33.14
C LYS B 280 -50.94 5.99 33.47
N MET B 281 -51.33 5.04 34.32
CA MET B 281 -52.73 4.90 34.71
C MET B 281 -53.22 6.14 35.45
N LYS B 282 -52.32 6.84 36.15
CA LYS B 282 -52.72 8.06 36.84
C LYS B 282 -53.22 9.10 35.87
N HIS B 283 -52.54 9.26 34.73
CA HIS B 283 -52.88 10.30 33.77
C HIS B 283 -53.74 9.80 32.62
N CYS B 284 -54.11 8.52 32.59
CA CYS B 284 -54.90 8.00 31.49
C CYS B 284 -55.91 7.00 32.06
N SER B 285 -57.19 7.38 32.02
CA SER B 285 -58.23 6.58 32.65
C SER B 285 -58.47 5.27 31.92
N LYS B 286 -58.30 5.25 30.61
CA LYS B 286 -58.71 4.10 29.82
C LYS B 286 -57.63 3.04 29.64
N ILE B 287 -56.48 3.21 30.29
CA ILE B 287 -55.48 2.15 30.29
C ILE B 287 -55.87 1.08 31.31
N GLN B 288 -55.81 -0.17 30.90
CA GLN B 288 -56.05 -1.30 31.78
C GLN B 288 -54.91 -2.29 31.64
N VAL B 289 -54.64 -3.02 32.72
CA VAL B 289 -53.45 -3.85 32.81
C VAL B 289 -53.87 -5.30 32.95
N ILE B 290 -53.30 -6.16 32.11
CA ILE B 290 -53.38 -7.60 32.26
C ILE B 290 -52.14 -8.07 33.00
N ASP B 291 -52.33 -8.85 34.05
CA ASP B 291 -51.19 -9.49 34.72
C ASP B 291 -50.70 -10.65 33.88
N ILE B 292 -49.40 -10.67 33.59
CA ILE B 292 -48.78 -11.82 32.94
C ILE B 292 -47.73 -12.44 33.84
N SER B 293 -47.71 -12.07 35.12
CA SER B 293 -46.74 -12.65 36.05
C SER B 293 -46.94 -14.15 36.23
N MET B 294 -48.17 -14.65 36.04
CA MET B 294 -48.36 -16.09 36.13
C MET B 294 -47.65 -16.82 34.99
N ILE B 295 -47.68 -16.25 33.78
CA ILE B 295 -47.00 -16.87 32.65
C ILE B 295 -45.50 -16.86 32.88
N LEU B 296 -44.95 -15.75 33.34
CA LEU B 296 -43.51 -15.66 33.59
C LEU B 296 -43.09 -16.61 34.71
N ALA B 297 -43.87 -16.65 35.79
CA ALA B 297 -43.55 -17.54 36.89
C ALA B 297 -43.60 -19.01 36.45
N GLU B 298 -44.62 -19.37 35.68
CA GLU B 298 -44.71 -20.74 35.20
C GLU B 298 -43.57 -21.08 34.25
N ALA B 299 -43.17 -20.12 33.41
CA ALA B 299 -42.03 -20.37 32.53
C ALA B 299 -40.75 -20.58 33.33
N ILE B 300 -40.53 -19.76 34.37
CA ILE B 300 -39.35 -19.93 35.21
C ILE B 300 -39.37 -21.31 35.86
N ARG B 301 -40.52 -21.68 36.42
CA ARG B 301 -40.62 -22.94 37.14
C ARG B 301 -40.48 -24.13 36.21
N ARG B 302 -40.97 -24.01 34.98
CA ARG B 302 -40.85 -25.11 34.03
C ARG B 302 -39.43 -25.23 33.47
N THR B 303 -38.75 -24.11 33.23
CA THR B 303 -37.35 -24.21 32.83
C THR B 303 -36.52 -24.81 33.95
N HIS B 304 -36.82 -24.45 35.21
CA HIS B 304 -36.07 -25.02 36.32
C HIS B 304 -36.32 -26.52 36.45
N ASN B 305 -37.57 -26.96 36.33
CA ASN B 305 -37.89 -28.37 36.54
C ASN B 305 -37.77 -29.21 35.29
N GLY B 306 -37.38 -28.61 34.16
CA GLY B 306 -37.30 -29.37 32.94
C GLY B 306 -38.64 -29.77 32.35
N GLU B 307 -39.71 -29.08 32.69
CA GLU B 307 -40.98 -29.33 32.03
C GLU B 307 -41.12 -28.51 30.77
N SER B 308 -42.17 -28.81 30.00
CA SER B 308 -42.36 -28.14 28.72
C SER B 308 -42.78 -26.69 28.94
N VAL B 309 -42.07 -25.76 28.29
CA VAL B 309 -42.45 -24.36 28.34
C VAL B 309 -43.48 -24.04 27.26
N SER B 310 -43.37 -24.69 26.09
CA SER B 310 -44.28 -24.38 24.99
C SER B 310 -45.72 -24.73 25.31
N TYR B 311 -45.94 -25.52 26.35
CA TYR B 311 -47.26 -25.80 26.88
C TYR B 311 -47.99 -24.49 27.18
N LEU B 312 -47.24 -23.46 27.59
CA LEU B 312 -47.79 -22.17 27.92
C LEU B 312 -48.22 -21.35 26.71
N PHE B 313 -47.84 -21.75 25.49
CA PHE B 313 -48.23 -20.98 24.32
C PHE B 313 -49.74 -20.96 24.15
N SER B 314 -50.43 -21.96 24.67
CA SER B 314 -51.87 -22.09 24.48
C SER B 314 -52.66 -22.27 25.77
N HIS B 315 -52.00 -22.33 26.93
CA HIS B 315 -52.69 -22.63 28.18
C HIS B 315 -52.41 -21.55 29.21
N VAL B 316 -53.47 -21.01 29.79
CA VAL B 316 -53.32 -20.07 30.90
C VAL B 316 -53.13 -20.86 32.19
N PRO B 317 -52.03 -20.66 32.93
CA PRO B 317 -51.80 -21.39 34.17
C PRO B 317 -52.43 -20.73 35.39
N PRO C 2 -6.49 3.38 3.39
CA PRO C 2 -7.25 3.55 4.63
C PRO C 2 -6.95 4.88 5.30
N ASN C 3 -7.96 5.73 5.42
CA ASN C 3 -7.82 7.06 5.98
C ASN C 3 -8.37 7.10 7.40
N ILE C 4 -7.97 8.14 8.14
CA ILE C 4 -8.48 8.36 9.48
C ILE C 4 -9.88 8.96 9.39
N LYS C 5 -10.81 8.37 10.12
CA LYS C 5 -12.14 8.94 10.33
C LYS C 5 -12.34 9.10 11.83
N ILE C 6 -12.62 10.32 12.26
CA ILE C 6 -12.85 10.63 13.67
C ILE C 6 -14.34 10.84 13.85
N PHE C 7 -14.94 10.10 14.77
CA PHE C 7 -16.35 10.27 15.09
C PHE C 7 -16.49 10.64 16.56
N SER C 8 -17.43 11.52 16.85
CA SER C 8 -17.66 11.99 18.20
C SER C 8 -18.94 11.37 18.75
N GLY C 9 -18.85 10.82 19.95
CA GLY C 9 -20.04 10.58 20.74
C GLY C 9 -20.53 11.89 21.35
N SER C 10 -21.69 11.81 21.99
CA SER C 10 -22.28 13.00 22.55
C SER C 10 -21.64 13.43 23.87
N SER C 11 -20.81 12.58 24.47
CA SER C 11 -20.27 12.89 25.80
C SER C 11 -19.35 14.10 25.78
N HIS C 12 -18.36 14.12 24.90
CA HIS C 12 -17.35 15.17 24.93
C HIS C 12 -17.08 15.63 23.50
N GLN C 13 -17.92 16.54 23.01
CA GLN C 13 -17.82 16.97 21.62
C GLN C 13 -16.70 17.98 21.42
N ASP C 14 -16.43 18.81 22.43
CA ASP C 14 -15.35 19.78 22.33
C ASP C 14 -14.00 19.08 22.18
N LEU C 15 -13.77 18.02 22.98
CA LEU C 15 -12.53 17.28 22.87
C LEU C 15 -12.38 16.63 21.50
N SER C 16 -13.46 16.05 20.98
CA SER C 16 -13.42 15.44 19.67
C SER C 16 -13.09 16.47 18.60
N GLN C 17 -13.68 17.67 18.71
CA GLN C 17 -13.38 18.72 17.76
C GLN C 17 -11.91 19.15 17.85
N LYS C 18 -11.39 19.31 19.06
CA LYS C 18 -9.99 19.67 19.20
C LYS C 18 -9.06 18.63 18.58
N ILE C 19 -9.37 17.35 18.81
CA ILE C 19 -8.57 16.27 18.22
C ILE C 19 -8.66 16.33 16.71
N ALA C 20 -9.86 16.54 16.18
CA ALA C 20 -10.04 16.59 14.73
C ALA C 20 -9.26 17.74 14.11
N ASP C 21 -9.28 18.92 14.74
CA ASP C 21 -8.49 20.03 14.25
C ASP C 21 -7.00 19.73 14.28
N ARG C 22 -6.52 19.12 15.37
CA ARG C 22 -5.10 18.79 15.42
C ARG C 22 -4.73 17.76 14.35
N LEU C 23 -5.66 16.90 13.98
CA LEU C 23 -5.39 15.95 12.90
C LEU C 23 -5.61 16.55 11.52
N GLY C 24 -6.11 17.77 11.43
CA GLY C 24 -6.42 18.36 10.13
C GLY C 24 -7.61 17.74 9.45
N LEU C 25 -8.57 17.23 10.21
CA LEU C 25 -9.72 16.52 9.68
C LEU C 25 -11.01 17.17 10.17
N GLU C 26 -12.09 16.88 9.46
CA GLU C 26 -13.41 17.21 9.95
C GLU C 26 -14.02 15.99 10.65
N LEU C 27 -14.84 16.24 11.65
CA LEU C 27 -15.52 15.16 12.34
C LEU C 27 -16.44 14.41 11.37
N GLY C 28 -16.44 13.09 11.47
CA GLY C 28 -17.28 12.30 10.59
C GLY C 28 -18.75 12.57 10.83
N LYS C 29 -19.53 12.50 9.76
CA LYS C 29 -20.96 12.72 9.87
C LYS C 29 -21.62 11.55 10.58
N VAL C 30 -22.19 11.81 11.75
CA VAL C 30 -22.92 10.80 12.50
C VAL C 30 -24.07 11.49 13.22
N VAL C 31 -25.22 10.84 13.26
CA VAL C 31 -26.35 11.27 14.06
C VAL C 31 -26.42 10.38 15.28
N THR C 32 -26.39 10.99 16.46
CA THR C 32 -26.44 10.27 17.74
C THR C 32 -27.48 10.95 18.60
N LYS C 33 -28.70 10.43 18.60
CA LYS C 33 -29.79 11.01 19.34
C LYS C 33 -30.48 9.92 20.12
N LYS C 34 -31.65 10.22 20.67
CA LYS C 34 -32.44 9.23 21.38
C LYS C 34 -33.81 9.09 20.73
N PHE C 35 -34.25 7.85 20.58
CA PHE C 35 -35.64 7.59 20.25
C PHE C 35 -36.54 8.09 21.38
N SER C 36 -37.85 8.08 21.11
CA SER C 36 -38.80 8.58 22.10
C SER C 36 -38.73 7.80 23.41
N ASN C 37 -38.59 6.47 23.32
CA ASN C 37 -38.49 5.63 24.51
C ASN C 37 -37.09 5.64 25.11
N GLN C 38 -36.23 6.55 24.69
CA GLN C 38 -34.90 6.81 25.23
C GLN C 38 -33.87 5.77 24.84
N GLU C 39 -34.14 4.96 23.83
CA GLU C 39 -33.10 4.11 23.27
C GLU C 39 -32.18 4.94 22.39
N THR C 40 -30.89 4.63 22.43
CA THR C 40 -29.93 5.34 21.59
C THR C 40 -30.22 5.07 20.12
N CYS C 41 -30.19 6.13 19.32
CA CYS C 41 -30.30 6.06 17.88
C CYS C 41 -28.99 6.56 17.27
N VAL C 42 -28.39 5.73 16.43
CA VAL C 42 -27.12 6.06 15.78
C VAL C 42 -27.28 5.82 14.29
N GLU C 43 -26.83 6.79 13.49
CA GLU C 43 -26.80 6.65 12.04
C GLU C 43 -25.49 7.22 11.53
N ILE C 44 -24.67 6.38 10.90
CA ILE C 44 -23.42 6.84 10.32
C ILE C 44 -23.75 7.51 8.99
N GLY C 45 -23.47 8.80 8.89
CA GLY C 45 -23.84 9.63 7.76
C GLY C 45 -22.89 9.60 6.59
N GLU C 46 -21.85 8.78 6.63
CA GLU C 46 -20.91 8.66 5.54
C GLU C 46 -20.38 7.25 5.52
N SER C 47 -19.87 6.84 4.37
CA SER C 47 -19.27 5.52 4.24
C SER C 47 -17.97 5.46 5.03
N VAL C 48 -17.81 4.40 5.83
CA VAL C 48 -16.57 4.13 6.54
C VAL C 48 -15.90 2.88 6.02
N ARG C 49 -16.28 2.41 4.83
CA ARG C 49 -15.79 1.15 4.30
C ARG C 49 -14.30 1.23 4.03
N GLY C 50 -13.54 0.32 4.62
CA GLY C 50 -12.11 0.32 4.46
C GLY C 50 -11.36 1.44 5.14
N GLU C 51 -11.96 2.08 6.14
CA GLU C 51 -11.33 3.20 6.80
C GLU C 51 -10.85 2.83 8.20
N ASP C 52 -9.94 3.64 8.72
CA ASP C 52 -9.45 3.51 10.09
C ASP C 52 -10.28 4.46 10.95
N VAL C 53 -11.22 3.89 11.69
CA VAL C 53 -12.25 4.67 12.39
C VAL C 53 -11.84 4.85 13.84
N TYR C 54 -11.93 6.08 14.33
CA TYR C 54 -11.68 6.39 15.74
C TYR C 54 -12.92 7.05 16.31
N ILE C 55 -13.48 6.46 17.36
CA ILE C 55 -14.68 6.97 18.00
C ILE C 55 -14.29 7.49 19.37
N VAL C 56 -14.53 8.78 19.59
CA VAL C 56 -14.13 9.45 20.82
C VAL C 56 -15.34 9.53 21.74
N GLN C 57 -15.23 8.97 22.93
CA GLN C 57 -16.31 8.95 23.91
C GLN C 57 -15.69 8.71 25.28
N SER C 58 -15.92 9.61 26.22
CA SER C 58 -15.38 9.45 27.56
C SER C 58 -16.45 8.93 28.51
N GLY C 59 -15.99 8.29 29.58
CA GLY C 59 -16.87 7.79 30.63
C GLY C 59 -17.23 8.89 31.60
N CYS C 60 -18.13 9.77 31.18
CA CYS C 60 -18.49 10.95 31.94
C CYS C 60 -19.96 11.25 31.75
N GLY C 61 -20.49 12.15 32.56
CA GLY C 61 -21.89 12.53 32.46
C GLY C 61 -22.78 11.33 32.70
N GLU C 62 -23.76 11.14 31.82
CA GLU C 62 -24.65 9.98 31.87
C GLU C 62 -23.89 8.77 31.36
N ILE C 63 -23.24 8.07 32.29
CA ILE C 63 -22.19 7.12 31.94
C ILE C 63 -22.77 5.94 31.15
N ASN C 64 -23.90 5.39 31.59
CA ASN C 64 -24.44 4.23 30.91
C ASN C 64 -24.97 4.59 29.53
N ASP C 65 -25.58 5.77 29.38
CA ASP C 65 -25.99 6.24 28.07
C ASP C 65 -24.80 6.41 27.14
N ASN C 66 -23.73 7.02 27.63
CA ASN C 66 -22.55 7.24 26.78
C ASN C 66 -21.90 5.92 26.40
N LEU C 67 -21.82 4.99 27.35
CA LEU C 67 -21.23 3.68 27.06
C LEU C 67 -22.03 2.92 26.02
N MET C 68 -23.36 2.94 26.15
CA MET C 68 -24.19 2.30 25.15
C MET C 68 -24.07 2.98 23.79
N GLU C 69 -24.03 4.30 23.77
CA GLU C 69 -23.76 5.04 22.53
C GLU C 69 -22.46 4.56 21.89
N LEU C 70 -21.40 4.45 22.68
CA LEU C 70 -20.12 4.03 22.14
C LEU C 70 -20.20 2.63 21.56
N LEU C 71 -20.82 1.70 22.30
CA LEU C 71 -20.93 0.33 21.80
C LEU C 71 -21.74 0.27 20.52
N ILE C 72 -22.84 1.01 20.46
CA ILE C 72 -23.68 1.01 19.28
C ILE C 72 -22.94 1.60 18.09
N MET C 73 -22.19 2.69 18.30
CA MET C 73 -21.42 3.28 17.22
C MET C 73 -20.33 2.34 16.72
N ILE C 74 -19.64 1.66 17.65
CA ILE C 74 -18.64 0.68 17.25
C ILE C 74 -19.28 -0.40 16.40
N ASN C 75 -20.43 -0.91 16.84
CA ASN C 75 -21.10 -1.96 16.09
C ASN C 75 -21.51 -1.48 14.70
N ALA C 76 -22.04 -0.26 14.61
CA ALA C 76 -22.46 0.28 13.33
C ALA C 76 -21.28 0.41 12.38
N CYS C 77 -20.15 0.89 12.88
CA CYS C 77 -18.96 1.01 12.03
C CYS C 77 -18.41 -0.35 11.64
N LYS C 78 -18.47 -1.32 12.54
CA LYS C 78 -17.92 -2.63 12.24
C LYS C 78 -18.74 -3.37 11.19
N ILE C 79 -20.07 -3.33 11.31
CA ILE C 79 -20.87 -3.99 10.28
C ILE C 79 -20.98 -3.15 9.02
N ALA C 80 -20.52 -1.90 9.05
CA ALA C 80 -20.37 -1.10 7.84
C ALA C 80 -19.03 -1.31 7.15
N SER C 81 -18.28 -2.33 7.56
CA SER C 81 -17.06 -2.78 6.88
C SER C 81 -15.91 -1.78 7.02
N ALA C 82 -15.81 -1.15 8.17
CA ALA C 82 -14.62 -0.38 8.48
C ALA C 82 -13.43 -1.32 8.60
N SER C 83 -12.27 -0.88 8.09
CA SER C 83 -11.09 -1.74 8.14
C SER C 83 -10.65 -1.96 9.58
N ARG C 84 -10.75 -0.93 10.41
CA ARG C 84 -10.34 -1.02 11.81
C ARG C 84 -11.14 -0.02 12.60
N VAL C 85 -11.55 -0.40 13.81
CA VAL C 85 -12.33 0.47 14.68
C VAL C 85 -11.58 0.60 15.99
N THR C 86 -11.32 1.85 16.40
CA THR C 86 -10.61 2.13 17.63
C THR C 86 -11.51 2.97 18.54
N ALA C 87 -11.59 2.58 19.81
CA ALA C 87 -12.32 3.35 20.80
C ALA C 87 -11.33 4.25 21.53
N VAL C 88 -11.56 5.56 21.44
CA VAL C 88 -10.74 6.54 22.14
C VAL C 88 -11.55 6.95 23.36
N ILE C 89 -11.18 6.43 24.51
CA ILE C 89 -11.96 6.60 25.73
C ILE C 89 -11.10 7.33 26.76
N PRO C 90 -11.09 8.66 26.76
CA PRO C 90 -10.16 9.39 27.64
C PRO C 90 -10.29 9.03 29.10
N CYS C 91 -11.52 8.89 29.61
CA CYS C 91 -11.76 8.42 30.96
C CYS C 91 -12.55 7.12 30.88
N PHE C 92 -11.93 6.04 31.33
CA PHE C 92 -12.51 4.70 31.15
C PHE C 92 -13.62 4.46 32.15
N PRO C 93 -14.84 4.16 31.72
CA PRO C 93 -15.94 3.94 32.67
C PRO C 93 -15.78 2.64 33.44
N TYR C 94 -16.28 2.67 34.67
CA TYR C 94 -16.24 1.55 35.61
C TYR C 94 -14.83 1.10 35.94
N ALA C 95 -13.84 1.97 35.73
CA ALA C 95 -12.45 1.61 35.97
C ALA C 95 -12.20 1.30 37.44
N ARG C 96 -12.94 1.94 38.35
CA ARG C 96 -12.74 1.70 39.77
C ARG C 96 -13.34 0.39 40.25
N GLN C 97 -14.16 -0.27 39.45
CA GLN C 97 -14.64 -1.60 39.75
C GLN C 97 -13.79 -2.64 39.02
N ASP C 98 -12.52 -2.68 39.40
CA ASP C 98 -11.54 -3.55 38.75
C ASP C 98 -11.24 -4.81 39.55
N LYS C 99 -11.97 -5.08 40.63
CA LYS C 99 -11.73 -6.26 41.44
C LYS C 99 -12.92 -6.48 42.37
N LYS C 100 -12.97 -7.68 42.97
CA LYS C 100 -14.05 -8.05 43.88
C LYS C 100 -13.71 -7.75 45.33
N ASP C 101 -12.58 -8.27 45.81
CA ASP C 101 -12.06 -7.96 47.14
C ASP C 101 -13.01 -8.31 48.27
N LYS C 102 -13.27 -9.61 48.46
CA LYS C 102 -14.06 -10.11 49.60
C LYS C 102 -15.51 -9.64 49.54
N SER C 103 -15.99 -9.39 48.32
CA SER C 103 -17.37 -8.95 48.16
C SER C 103 -17.97 -9.71 46.98
N ARG C 104 -19.26 -10.01 47.08
CA ARG C 104 -19.98 -10.62 45.96
C ARG C 104 -20.39 -9.51 44.99
N ALA C 105 -19.40 -8.93 44.38
CA ALA C 105 -19.52 -7.78 43.51
C ALA C 105 -19.13 -8.16 42.08
N PRO C 106 -19.61 -7.41 41.10
CA PRO C 106 -19.12 -7.61 39.73
C PRO C 106 -17.73 -7.03 39.58
N ILE C 107 -17.01 -7.52 38.58
CA ILE C 107 -15.83 -6.82 38.07
C ILE C 107 -16.31 -6.06 36.84
N SER C 108 -16.84 -4.86 37.08
CA SER C 108 -17.53 -4.12 36.03
C SER C 108 -16.58 -3.67 34.94
N ALA C 109 -15.34 -3.36 35.30
CA ALA C 109 -14.35 -2.97 34.29
C ALA C 109 -14.11 -4.10 33.30
N LYS C 110 -14.02 -5.33 33.79
CA LYS C 110 -13.86 -6.47 32.89
C LYS C 110 -15.09 -6.64 32.01
N LEU C 111 -16.29 -6.44 32.56
CA LEU C 111 -17.50 -6.53 31.76
C LEU C 111 -17.50 -5.49 30.65
N VAL C 112 -17.08 -4.27 30.97
CA VAL C 112 -17.01 -3.21 29.96
C VAL C 112 -16.00 -3.57 28.88
N ALA C 113 -14.85 -4.11 29.28
CA ALA C 113 -13.85 -4.54 28.30
C ALA C 113 -14.41 -5.62 27.38
N ASN C 114 -15.11 -6.60 27.96
CA ASN C 114 -15.72 -7.66 27.15
C ASN C 114 -16.77 -7.09 26.19
N MET C 115 -17.57 -6.14 26.66
CA MET C 115 -18.59 -5.55 25.80
C MET C 115 -17.96 -4.77 24.66
N LEU C 116 -16.88 -4.04 24.94
CA LEU C 116 -16.18 -3.32 23.89
C LEU C 116 -15.60 -4.28 22.85
N SER C 117 -15.03 -5.40 23.32
CA SER C 117 -14.49 -6.37 22.39
C SER C 117 -15.59 -7.01 21.54
N VAL C 118 -16.72 -7.34 22.16
CA VAL C 118 -17.78 -8.03 21.42
C VAL C 118 -18.50 -7.07 20.48
N ALA C 119 -18.49 -5.77 20.79
CA ALA C 119 -19.06 -4.80 19.86
C ALA C 119 -18.21 -4.69 18.60
N GLY C 120 -16.94 -5.01 18.69
CA GLY C 120 -16.09 -5.04 17.52
C GLY C 120 -14.89 -4.12 17.57
N ALA C 121 -14.55 -3.61 18.75
CA ALA C 121 -13.38 -2.75 18.86
C ALA C 121 -12.12 -3.56 18.62
N ASP C 122 -11.23 -3.03 17.79
CA ASP C 122 -9.95 -3.65 17.51
C ASP C 122 -8.83 -3.08 18.37
N HIS C 123 -9.04 -1.92 18.97
CA HIS C 123 -7.99 -1.18 19.64
C HIS C 123 -8.62 -0.17 20.58
N ILE C 124 -7.96 0.06 21.71
CA ILE C 124 -8.42 1.01 22.72
C ILE C 124 -7.32 2.02 22.97
N ILE C 125 -7.67 3.30 22.96
CA ILE C 125 -6.80 4.38 23.42
C ILE C 125 -7.47 5.04 24.60
N THR C 126 -6.77 5.11 25.72
CA THR C 126 -7.29 5.72 26.93
C THR C 126 -6.16 6.47 27.63
N MET C 127 -6.52 7.22 28.66
CA MET C 127 -5.58 8.04 29.41
C MET C 127 -5.70 7.74 30.90
N ASP C 128 -4.56 7.42 31.53
CA ASP C 128 -4.45 7.20 32.97
C ASP C 128 -5.56 6.29 33.50
N LEU C 129 -5.49 5.03 33.07
CA LEU C 129 -6.37 4.02 33.63
C LEU C 129 -6.22 3.97 35.14
N HIS C 130 -7.34 3.82 35.84
CA HIS C 130 -7.32 3.78 37.30
C HIS C 130 -6.34 2.73 37.80
N ALA C 131 -6.37 1.54 37.21
CA ALA C 131 -5.38 0.50 37.45
C ALA C 131 -4.91 -0.01 36.09
N SER C 132 -3.60 -0.07 35.90
CA SER C 132 -3.08 -0.49 34.60
C SER C 132 -3.35 -1.96 34.34
N GLN C 133 -3.71 -2.73 35.37
CA GLN C 133 -4.15 -4.11 35.17
C GLN C 133 -5.38 -4.18 34.28
N ILE C 134 -6.13 -3.08 34.14
CA ILE C 134 -7.29 -3.09 33.24
C ILE C 134 -6.85 -3.38 31.81
N GLN C 135 -5.59 -3.07 31.47
CA GLN C 135 -5.07 -3.45 30.18
C GLN C 135 -5.18 -4.96 29.94
N GLY C 136 -4.96 -5.75 30.98
CA GLY C 136 -5.09 -7.19 30.88
C GLY C 136 -6.51 -7.68 30.77
N PHE C 137 -7.49 -6.83 31.05
CA PHE C 137 -8.88 -7.21 30.86
C PHE C 137 -9.23 -7.36 29.39
N PHE C 138 -8.39 -6.84 28.50
CA PHE C 138 -8.62 -6.93 27.06
C PHE C 138 -7.75 -8.00 26.43
N ASP C 139 -8.18 -8.48 25.27
CA ASP C 139 -7.29 -9.24 24.41
C ASP C 139 -6.82 -8.42 23.22
N ILE C 140 -7.47 -7.31 22.91
CA ILE C 140 -7.02 -6.37 21.88
C ILE C 140 -5.98 -5.44 22.48
N PRO C 141 -5.11 -4.82 21.68
CA PRO C 141 -4.14 -3.86 22.24
C PRO C 141 -4.82 -2.68 22.89
N VAL C 142 -4.25 -2.22 24.00
CA VAL C 142 -4.72 -1.04 24.71
C VAL C 142 -3.53 -0.10 24.90
N ASP C 143 -3.65 1.12 24.41
CA ASP C 143 -2.64 2.15 24.66
C ASP C 143 -3.15 3.06 25.77
N ASN C 144 -2.50 2.97 26.92
CA ASN C 144 -2.83 3.77 28.09
C ASN C 144 -1.88 4.95 28.12
N LEU C 145 -2.36 6.11 27.68
CA LEU C 145 -1.53 7.31 27.67
C LEU C 145 -1.43 7.91 29.06
N TYR C 146 -0.48 8.81 29.23
CA TYR C 146 -0.23 9.45 30.51
C TYR C 146 -0.33 10.96 30.36
N ALA C 147 -1.04 11.58 31.30
CA ALA C 147 -1.10 13.04 31.34
C ALA C 147 0.14 13.66 31.95
N GLU C 148 1.06 12.84 32.46
CA GLU C 148 2.22 13.34 33.20
C GLU C 148 3.06 14.36 32.43
N PRO C 149 3.37 14.17 31.14
CA PRO C 149 4.12 15.24 30.44
C PRO C 149 3.42 16.58 30.47
N ALA C 150 2.10 16.60 30.22
CA ALA C 150 1.36 17.84 30.27
C ALA C 150 1.29 18.41 31.69
N VAL C 151 1.21 17.53 32.69
CA VAL C 151 1.20 17.98 34.07
C VAL C 151 2.53 18.65 34.43
N LEU C 152 3.64 18.03 34.03
CA LEU C 152 4.96 18.60 34.29
C LEU C 152 5.10 19.96 33.60
N LYS C 153 4.62 20.06 32.36
CA LYS C 153 4.64 21.33 31.67
C LYS C 153 3.85 22.38 32.43
N TRP C 154 2.64 22.03 32.88
CA TRP C 154 1.83 22.98 33.63
C TRP C 154 2.53 23.42 34.91
N ILE C 155 3.12 22.46 35.64
CA ILE C 155 3.77 22.78 36.90
C ILE C 155 4.91 23.76 36.66
N ARG C 156 5.73 23.50 35.65
CA ARG C 156 6.86 24.40 35.41
C ARG C 156 6.39 25.78 34.99
N GLU C 157 5.36 25.88 34.14
CA GLU C 157 4.96 27.20 33.66
C GLU C 157 3.95 27.90 34.56
N ASN C 158 3.49 27.29 35.63
CA ASN C 158 2.48 27.94 36.47
C ASN C 158 2.87 28.09 37.93
N ILE C 159 3.76 27.26 38.45
CA ILE C 159 4.17 27.33 39.84
C ILE C 159 5.60 27.84 39.85
N SER C 160 5.79 29.09 40.30
CA SER C 160 7.09 29.71 40.24
C SER C 160 8.10 29.03 41.16
N GLU C 161 7.64 28.44 42.26
CA GLU C 161 8.51 27.80 43.22
C GLU C 161 8.63 26.29 42.98
N TRP C 162 8.44 25.84 41.74
CA TRP C 162 8.29 24.40 41.51
C TRP C 162 9.57 23.64 41.84
N ARG C 163 10.72 24.30 41.83
CA ARG C 163 11.97 23.61 42.14
C ARG C 163 12.09 23.29 43.62
N ASN C 164 11.37 24.01 44.48
CA ASN C 164 11.37 23.74 45.91
C ASN C 164 10.06 23.14 46.40
N CYS C 165 9.21 22.65 45.51
CA CYS C 165 7.92 22.13 45.90
C CYS C 165 8.03 20.68 46.37
N THR C 166 6.96 20.20 46.99
CA THR C 166 6.84 18.80 47.38
C THR C 166 5.63 18.21 46.67
N ILE C 167 5.85 17.11 45.95
CA ILE C 167 4.76 16.36 45.33
C ILE C 167 4.20 15.40 46.34
N VAL C 168 2.89 15.44 46.56
CA VAL C 168 2.24 14.71 47.64
C VAL C 168 1.22 13.74 47.06
N SER C 169 1.27 12.51 47.52
CA SER C 169 0.22 11.56 47.22
C SER C 169 -0.88 11.69 48.26
N PRO C 170 -2.15 11.74 47.84
CA PRO C 170 -3.25 11.76 48.83
C PRO C 170 -3.38 10.46 49.60
N ASP C 171 -2.90 9.34 49.06
CA ASP C 171 -3.02 8.04 49.70
C ASP C 171 -1.81 7.19 49.35
N ALA C 172 -1.73 6.02 49.96
CA ALA C 172 -0.61 5.12 49.67
C ALA C 172 -0.71 4.56 48.26
N GLY C 173 -1.93 4.50 47.71
CA GLY C 173 -2.11 3.90 46.40
C GLY C 173 -1.46 4.66 45.27
N GLY C 174 -1.49 5.98 45.31
CA GLY C 174 -0.96 6.78 44.24
C GLY C 174 0.50 7.13 44.31
N ALA C 175 1.21 6.63 45.33
CA ALA C 175 2.59 7.04 45.58
C ALA C 175 3.46 6.88 44.33
N LYS C 176 3.35 5.74 43.66
CA LYS C 176 4.10 5.52 42.43
C LYS C 176 4.00 6.73 41.52
N ARG C 177 2.78 7.15 41.20
CA ARG C 177 2.60 8.29 40.31
C ARG C 177 3.38 9.50 40.80
N VAL C 178 3.22 9.86 42.08
CA VAL C 178 3.87 11.07 42.54
C VAL C 178 5.38 10.91 42.49
N THR C 179 5.88 9.70 42.80
CA THR C 179 7.32 9.50 42.73
C THR C 179 7.81 9.74 41.31
N SER C 180 7.08 9.22 40.32
CA SER C 180 7.44 9.50 38.93
C SER C 180 7.57 10.99 38.71
N ILE C 181 6.56 11.75 39.12
CA ILE C 181 6.61 13.20 38.92
C ILE C 181 7.78 13.78 39.71
N ALA C 182 7.96 13.33 40.94
CA ALA C 182 9.05 13.85 41.75
C ALA C 182 10.39 13.55 41.10
N ASP C 183 10.49 12.43 40.40
CA ASP C 183 11.73 12.12 39.71
C ASP C 183 11.96 13.05 38.52
N ARG C 184 10.89 13.42 37.82
CA ARG C 184 11.05 14.23 36.62
C ARG C 184 11.28 15.69 36.93
N LEU C 185 10.91 16.15 38.14
CA LEU C 185 11.11 17.51 38.55
C LEU C 185 12.30 17.71 39.48
N ASN C 186 12.84 16.63 40.05
CA ASN C 186 13.90 16.70 41.06
C ASN C 186 13.45 17.51 42.26
N VAL C 187 12.39 17.01 42.90
CA VAL C 187 11.81 17.62 44.09
C VAL C 187 11.49 16.52 45.09
N ASP C 188 11.12 16.92 46.29
CA ASP C 188 10.75 15.97 47.32
C ASP C 188 9.35 15.42 47.05
N PHE C 189 9.09 14.24 47.60
CA PHE C 189 7.76 13.63 47.51
C PHE C 189 7.34 13.17 48.89
N ALA C 190 6.09 13.46 49.24
CA ALA C 190 5.49 13.12 50.51
C ALA C 190 4.30 12.21 50.32
N LEU C 191 4.02 11.41 51.34
CA LEU C 191 2.84 10.55 51.38
C LEU C 191 1.94 10.97 52.52
N ILE C 192 0.64 10.70 52.35
CA ILE C 192 -0.37 10.96 53.36
C ILE C 192 -1.28 9.75 53.41
N HIS C 193 -1.52 9.21 54.60
CA HIS C 193 -2.52 8.14 54.71
C HIS C 193 -3.25 8.26 56.03
N LYS C 194 -4.48 7.75 56.04
CA LYS C 194 -5.34 7.83 57.21
C LYS C 194 -5.12 6.63 58.12
N GLU C 195 -5.18 6.88 59.43
CA GLU C 195 -4.95 5.85 60.43
C GLU C 195 -6.21 5.07 60.74
N ASP C 203 -10.03 8.80 61.20
CA ASP C 203 -10.38 10.08 60.62
C ASP C 203 -9.17 11.00 60.57
N ARG C 204 -8.08 10.58 61.22
CA ARG C 204 -6.84 11.34 61.22
C ARG C 204 -5.95 10.88 60.08
N MET C 205 -5.14 11.82 59.58
CA MET C 205 -4.17 11.55 58.53
C MET C 205 -2.77 11.79 59.05
N VAL C 206 -1.82 10.98 58.56
CA VAL C 206 -0.42 11.11 58.92
C VAL C 206 0.36 11.40 57.63
N LEU C 207 1.26 12.37 57.72
CA LEU C 207 2.07 12.88 56.63
C LEU C 207 3.55 12.64 56.90
N VAL C 208 4.23 12.11 55.89
CA VAL C 208 5.66 11.89 55.97
C VAL C 208 6.33 12.80 54.93
N GLY C 209 7.33 13.55 55.35
CA GLY C 209 8.00 14.47 54.46
C GLY C 209 7.81 15.91 54.84
N ASP C 210 8.91 16.67 54.88
CA ASP C 210 8.83 18.08 55.24
C ASP C 210 8.09 18.86 54.17
N VAL C 211 7.09 19.63 54.61
CA VAL C 211 6.32 20.48 53.71
C VAL C 211 6.25 21.93 54.19
N LYS C 212 6.92 22.26 55.29
CA LYS C 212 6.85 23.61 55.82
C LYS C 212 7.54 24.60 54.90
N ASP C 213 6.91 25.76 54.70
CA ASP C 213 7.40 26.87 53.88
C ASP C 213 7.59 26.46 52.42
N ARG C 214 7.05 25.33 52.00
CA ARG C 214 7.19 24.83 50.65
C ARG C 214 5.81 24.69 50.01
N VAL C 215 5.75 24.87 48.71
CA VAL C 215 4.51 24.63 47.97
C VAL C 215 4.29 23.13 47.85
N ALA C 216 3.09 22.68 48.17
CA ALA C 216 2.74 21.27 48.06
C ALA C 216 1.81 21.07 46.87
N ILE C 217 2.00 19.97 46.16
CA ILE C 217 1.22 19.65 44.97
C ILE C 217 0.68 18.24 45.14
N LEU C 218 -0.59 18.11 45.53
CA LEU C 218 -1.24 16.81 45.52
C LEU C 218 -1.43 16.36 44.08
N VAL C 219 -1.16 15.08 43.81
CA VAL C 219 -1.31 14.55 42.46
C VAL C 219 -2.16 13.30 42.50
N ASP C 220 -3.10 13.18 41.54
CA ASP C 220 -3.97 12.02 41.50
C ASP C 220 -4.58 11.79 40.12
N ASP C 221 -5.10 10.59 39.95
CA ASP C 221 -5.73 10.21 38.70
C ASP C 221 -7.11 10.83 38.57
N MET C 222 -7.86 10.92 39.67
CA MET C 222 -9.21 11.43 39.54
C MET C 222 -9.67 12.07 40.84
N ALA C 223 -10.63 12.97 40.71
CA ALA C 223 -11.34 13.59 41.81
C ALA C 223 -12.83 13.41 41.57
N ASP C 224 -13.45 12.50 42.32
CA ASP C 224 -14.89 12.30 42.18
C ASP C 224 -15.68 13.16 43.15
N THR C 225 -15.55 12.87 44.44
CA THR C 225 -16.23 13.66 45.45
C THR C 225 -15.28 14.60 46.17
N CYS C 226 -13.98 14.43 45.94
CA CYS C 226 -12.91 15.29 46.44
C CYS C 226 -12.79 15.25 47.96
N GLY C 227 -13.36 14.26 48.61
CA GLY C 227 -13.10 14.10 50.04
C GLY C 227 -11.65 13.81 50.32
N THR C 228 -11.05 12.93 49.52
CA THR C 228 -9.66 12.55 49.71
C THR C 228 -8.74 13.77 49.60
N ILE C 229 -8.84 14.52 48.50
CA ILE C 229 -7.92 15.62 48.30
C ILE C 229 -8.20 16.76 49.27
N CYS C 230 -9.46 16.97 49.66
CA CYS C 230 -9.75 18.03 50.62
C CYS C 230 -9.19 17.71 51.99
N HIS C 231 -9.32 16.46 52.43
CA HIS C 231 -8.71 16.06 53.70
C HIS C 231 -7.20 16.18 53.63
N ALA C 232 -6.61 15.74 52.52
CA ALA C 232 -5.17 15.85 52.35
C ALA C 232 -4.71 17.31 52.39
N ALA C 233 -5.47 18.21 51.75
CA ALA C 233 -5.10 19.62 51.74
C ALA C 233 -5.20 20.22 53.13
N ASP C 234 -6.25 19.86 53.88
CA ASP C 234 -6.34 20.33 55.26
C ASP C 234 -5.12 19.89 56.06
N LYS C 235 -4.72 18.62 55.91
CA LYS C 235 -3.53 18.14 56.61
C LYS C 235 -2.28 18.88 56.18
N LEU C 236 -2.15 19.16 54.88
CA LEU C 236 -0.97 19.85 54.38
C LEU C 236 -0.88 21.26 54.95
N LEU C 237 -2.01 21.97 55.03
CA LEU C 237 -1.98 23.27 55.67
C LEU C 237 -1.70 23.17 57.17
N SER C 238 -2.16 22.09 57.81
CA SER C 238 -1.80 21.89 59.21
C SER C 238 -0.30 21.76 59.39
N ALA C 239 0.37 21.10 58.45
CA ALA C 239 1.81 20.86 58.54
C ALA C 239 2.64 22.01 57.97
N GLY C 240 2.10 23.22 57.90
CA GLY C 240 2.91 24.37 57.60
C GLY C 240 3.19 24.65 56.14
N ALA C 241 2.47 24.00 55.23
CA ALA C 241 2.67 24.25 53.82
C ALA C 241 2.26 25.68 53.47
N THR C 242 2.91 26.24 52.46
CA THR C 242 2.63 27.62 52.07
C THR C 242 1.38 27.69 51.20
N ARG C 243 1.39 26.99 50.07
CA ARG C 243 0.20 26.85 49.24
C ARG C 243 0.06 25.38 48.87
N VAL C 244 -1.19 24.96 48.66
CA VAL C 244 -1.48 23.59 48.26
C VAL C 244 -2.21 23.62 46.92
N TYR C 245 -1.67 22.89 45.96
CA TYR C 245 -2.27 22.66 44.66
C TYR C 245 -2.78 21.23 44.61
N ALA C 246 -3.75 20.98 43.74
CA ALA C 246 -4.18 19.62 43.42
C ALA C 246 -4.19 19.49 41.91
N ILE C 247 -3.58 18.42 41.40
CA ILE C 247 -3.54 18.15 39.97
C ILE C 247 -4.05 16.75 39.74
N LEU C 248 -5.11 16.63 38.95
CA LEU C 248 -5.76 15.37 38.67
C LEU C 248 -5.95 15.22 37.16
N THR C 249 -5.78 14.00 36.68
CA THR C 249 -6.00 13.83 35.25
C THR C 249 -7.50 13.78 34.93
N HIS C 250 -8.33 13.24 35.81
CA HIS C 250 -9.76 13.14 35.56
C HIS C 250 -10.56 13.93 36.59
N GLY C 251 -11.16 15.04 36.15
CA GLY C 251 -12.02 15.85 37.00
C GLY C 251 -13.48 15.49 36.95
N ILE C 252 -13.87 14.40 37.61
CA ILE C 252 -15.28 13.97 37.57
C ILE C 252 -16.16 14.95 38.34
N PHE C 253 -15.76 15.31 39.57
CA PHE C 253 -16.42 16.35 40.36
C PHE C 253 -17.90 16.09 40.58
N SER C 254 -18.23 14.87 40.98
CA SER C 254 -19.62 14.55 41.21
C SER C 254 -20.00 14.80 42.67
N GLY C 255 -21.30 14.83 42.94
CA GLY C 255 -21.81 15.02 44.27
C GLY C 255 -21.45 16.37 44.87
N PRO C 256 -20.89 16.34 46.08
CA PRO C 256 -20.54 17.59 46.77
C PRO C 256 -19.16 18.13 46.45
N ALA C 257 -18.51 17.67 45.38
CA ALA C 257 -17.13 18.01 45.14
C ALA C 257 -16.94 19.52 44.97
N ILE C 258 -17.85 20.19 44.26
CA ILE C 258 -17.67 21.60 43.98
C ILE C 258 -17.76 22.42 45.26
N SER C 259 -18.72 22.10 46.14
CA SER C 259 -18.83 22.81 47.39
C SER C 259 -17.60 22.59 48.27
N ARG C 260 -17.11 21.35 48.34
CA ARG C 260 -15.93 21.06 49.15
C ARG C 260 -14.71 21.79 48.63
N ILE C 261 -14.52 21.81 47.31
CA ILE C 261 -13.40 22.54 46.74
C ILE C 261 -13.52 24.03 47.01
N ASN C 262 -14.72 24.58 46.86
CA ASN C 262 -14.94 25.98 47.18
C ASN C 262 -14.61 26.30 48.63
N ASN C 263 -14.88 25.37 49.54
CA ASN C 263 -14.56 25.57 50.94
C ASN C 263 -13.16 25.13 51.30
N ALA C 264 -12.40 24.58 50.35
CA ALA C 264 -11.06 24.11 50.65
C ALA C 264 -10.03 25.22 50.42
N CYS C 265 -8.79 24.92 50.80
CA CYS C 265 -7.71 25.89 50.78
C CYS C 265 -6.87 25.83 49.52
N PHE C 266 -7.28 25.06 48.51
CA PHE C 266 -6.48 24.92 47.30
C PHE C 266 -6.25 26.27 46.64
N GLU C 267 -5.01 26.49 46.22
CA GLU C 267 -4.75 27.61 45.33
C GLU C 267 -5.39 27.37 43.97
N ALA C 268 -5.31 26.15 43.47
CA ALA C 268 -5.91 25.78 42.20
C ALA C 268 -6.18 24.29 42.21
N VAL C 269 -7.18 23.88 41.44
CA VAL C 269 -7.45 22.46 41.20
C VAL C 269 -7.33 22.27 39.70
N VAL C 270 -6.21 21.76 39.27
CA VAL C 270 -5.93 21.55 37.85
C VAL C 270 -6.35 20.15 37.47
N VAL C 271 -7.14 20.04 36.40
CA VAL C 271 -7.55 18.75 35.88
C VAL C 271 -7.33 18.76 34.38
N THR C 272 -7.15 17.58 33.81
CA THR C 272 -7.10 17.56 32.36
C THR C 272 -8.52 17.64 31.78
N ASN C 273 -8.60 17.87 30.47
CA ASN C 273 -9.91 17.85 29.83
C ASN C 273 -10.24 16.49 29.21
N THR C 274 -10.03 15.40 29.96
CA THR C 274 -10.58 14.12 29.52
C THR C 274 -12.08 14.09 29.73
N ILE C 275 -12.60 14.96 30.57
CA ILE C 275 -14.01 15.09 30.90
C ILE C 275 -14.33 16.56 30.69
N PRO C 276 -15.46 16.91 30.07
CA PRO C 276 -15.79 18.34 29.89
C PRO C 276 -15.93 19.03 31.23
N GLN C 277 -15.43 20.27 31.30
CA GLN C 277 -15.33 20.98 32.56
C GLN C 277 -16.02 22.32 32.58
N GLU C 278 -16.65 22.74 31.48
CA GLU C 278 -17.17 24.11 31.40
C GLU C 278 -18.20 24.39 32.48
N ASP C 279 -19.10 23.44 32.74
CA ASP C 279 -20.14 23.64 33.74
C ASP C 279 -19.54 23.77 35.14
N LYS C 280 -18.55 22.93 35.46
CA LYS C 280 -17.93 23.00 36.78
C LYS C 280 -17.14 24.29 36.96
N MET C 281 -16.47 24.77 35.91
CA MET C 281 -15.73 26.02 36.00
C MET C 281 -16.65 27.20 36.30
N LYS C 282 -17.91 27.12 35.88
CA LYS C 282 -18.86 28.19 36.18
C LYS C 282 -19.05 28.34 37.68
N HIS C 283 -19.17 27.22 38.39
CA HIS C 283 -19.46 27.25 39.82
C HIS C 283 -18.22 27.10 40.69
N CYS C 284 -17.03 26.96 40.10
CA CYS C 284 -15.83 26.80 40.91
C CYS C 284 -14.70 27.59 40.25
N SER C 285 -14.27 28.66 40.92
CA SER C 285 -13.29 29.57 40.33
C SER C 285 -11.92 28.94 40.21
N LYS C 286 -11.55 28.06 41.13
CA LYS C 286 -10.18 27.58 41.21
C LYS C 286 -9.91 26.34 40.39
N ILE C 287 -10.89 25.86 39.61
CA ILE C 287 -10.64 24.78 38.67
C ILE C 287 -9.95 25.33 37.44
N GLN C 288 -8.87 24.67 37.01
CA GLN C 288 -8.18 25.02 35.78
C GLN C 288 -8.01 23.76 34.94
N VAL C 289 -7.95 23.95 33.63
CA VAL C 289 -8.01 22.83 32.69
C VAL C 289 -6.72 22.79 31.90
N ILE C 290 -6.09 21.61 31.86
CA ILE C 290 -4.99 21.32 30.95
C ILE C 290 -5.57 20.64 29.71
N ASP C 291 -5.22 21.15 28.54
CA ASP C 291 -5.58 20.47 27.31
C ASP C 291 -4.68 19.26 27.11
N ILE C 292 -5.28 18.09 26.90
CA ILE C 292 -4.54 16.92 26.51
C ILE C 292 -4.94 16.43 25.13
N SER C 293 -5.66 17.25 24.37
CA SER C 293 -6.06 16.86 23.02
C SER C 293 -4.86 16.67 22.10
N MET C 294 -3.74 17.34 22.37
CA MET C 294 -2.56 17.09 21.54
C MET C 294 -2.02 15.68 21.76
N ILE C 295 -2.03 15.21 23.00
CA ILE C 295 -1.56 13.85 23.27
C ILE C 295 -2.46 12.83 22.60
N LEU C 296 -3.78 13.01 22.70
CA LEU C 296 -4.72 12.08 22.08
C LEU C 296 -4.60 12.10 20.57
N ALA C 297 -4.49 13.30 19.98
CA ALA C 297 -4.35 13.41 18.54
C ALA C 297 -3.07 12.76 18.06
N GLU C 298 -1.96 12.98 18.77
CA GLU C 298 -0.71 12.36 18.39
C GLU C 298 -0.77 10.85 18.54
N ALA C 299 -1.44 10.36 19.58
CA ALA C 299 -1.59 8.92 19.71
C ALA C 299 -2.40 8.32 18.58
N ILE C 300 -3.48 9.00 18.19
CA ILE C 300 -4.29 8.52 17.07
C ILE C 300 -3.45 8.48 15.80
N ARG C 301 -2.71 9.56 15.55
CA ARG C 301 -1.94 9.67 14.32
C ARG C 301 -0.79 8.67 14.30
N ARG C 302 -0.19 8.38 15.46
CA ARG C 302 0.89 7.41 15.51
C ARG C 302 0.39 5.98 15.39
N THR C 303 -0.76 5.65 15.97
CA THR C 303 -1.33 4.33 15.75
C THR C 303 -1.71 4.15 14.28
N HIS C 304 -2.23 5.20 13.65
CA HIS C 304 -2.57 5.09 12.24
C HIS C 304 -1.34 4.90 11.37
N ASN C 305 -0.27 5.65 11.64
CA ASN C 305 0.91 5.59 10.78
C ASN C 305 1.90 4.53 11.21
N GLY C 306 1.61 3.77 12.25
CA GLY C 306 2.55 2.79 12.72
C GLY C 306 3.79 3.35 13.38
N GLU C 307 3.74 4.57 13.89
CA GLU C 307 4.86 5.10 14.65
C GLU C 307 4.73 4.73 16.12
N SER C 308 5.78 5.00 16.88
CA SER C 308 5.81 4.64 18.28
C SER C 308 4.85 5.52 19.08
N VAL C 309 3.98 4.89 19.86
CA VAL C 309 3.10 5.63 20.76
C VAL C 309 3.79 5.91 22.08
N SER C 310 4.60 4.97 22.56
CA SER C 310 5.23 5.11 23.87
C SER C 310 6.19 6.30 23.90
N TYR C 311 6.57 6.81 22.74
CA TYR C 311 7.33 8.05 22.63
C TYR C 311 6.64 9.18 23.38
N LEU C 312 5.30 9.14 23.42
CA LEU C 312 4.50 10.15 24.09
C LEU C 312 4.53 10.04 25.60
N PHE C 313 5.02 8.93 26.17
CA PHE C 313 5.04 8.80 27.62
C PHE C 313 5.91 9.86 28.26
N SER C 314 6.89 10.39 27.52
CA SER C 314 7.85 11.34 28.07
C SER C 314 7.98 12.62 27.27
N HIS C 315 7.29 12.76 26.14
CA HIS C 315 7.48 13.90 25.24
C HIS C 315 6.16 14.60 25.00
N VAL C 316 6.13 15.90 25.23
CA VAL C 316 4.96 16.71 24.87
C VAL C 316 5.03 17.05 23.39
N PRO C 317 4.03 16.69 22.59
CA PRO C 317 4.03 17.00 21.15
C PRO C 317 3.47 18.38 20.82
N PRO D 2 -21.69 -37.07 40.89
CA PRO D 2 -20.35 -36.51 40.69
C PRO D 2 -19.57 -36.41 41.99
N ASN D 3 -18.45 -37.12 42.06
CA ASN D 3 -17.63 -37.18 43.26
C ASN D 3 -16.39 -36.32 43.10
N ILE D 4 -15.77 -36.01 44.23
CA ILE D 4 -14.51 -35.27 44.23
C ILE D 4 -13.37 -36.19 43.86
N LYS D 5 -12.55 -35.76 42.91
CA LYS D 5 -11.30 -36.42 42.59
C LYS D 5 -10.19 -35.39 42.73
N ILE D 6 -9.21 -35.69 43.57
CA ILE D 6 -8.09 -34.81 43.81
C ILE D 6 -6.88 -35.40 43.11
N PHE D 7 -6.25 -34.62 42.24
CA PHE D 7 -5.04 -35.05 41.56
C PHE D 7 -3.90 -34.10 41.91
N SER D 8 -2.71 -34.66 42.07
CA SER D 8 -1.54 -33.89 42.44
C SER D 8 -0.62 -33.74 41.24
N GLY D 9 -0.19 -32.52 40.98
CA GLY D 9 0.98 -32.32 40.15
C GLY D 9 2.23 -32.60 40.94
N SER D 10 3.37 -32.56 40.24
CA SER D 10 4.62 -32.88 40.89
C SER D 10 5.16 -31.74 41.74
N SER D 11 4.60 -30.54 41.63
CA SER D 11 5.18 -29.39 42.33
C SER D 11 5.09 -29.53 43.85
N HIS D 12 3.89 -29.80 44.37
CA HIS D 12 3.69 -29.79 45.81
C HIS D 12 2.85 -31.01 46.20
N GLN D 13 3.51 -32.15 46.37
CA GLN D 13 2.78 -33.38 46.62
C GLN D 13 2.36 -33.50 48.09
N ASP D 14 3.15 -32.93 49.01
CA ASP D 14 2.78 -32.95 50.41
C ASP D 14 1.48 -32.18 50.66
N LEU D 15 1.35 -31.01 50.04
CA LEU D 15 0.14 -30.23 50.19
C LEU D 15 -1.07 -30.98 49.62
N SER D 16 -0.91 -31.61 48.46
CA SER D 16 -2.00 -32.37 47.87
C SER D 16 -2.41 -33.52 48.79
N GLN D 17 -1.43 -34.20 49.39
CA GLN D 17 -1.76 -35.27 50.32
C GLN D 17 -2.49 -34.75 51.54
N LYS D 18 -2.05 -33.62 52.10
CA LYS D 18 -2.73 -33.06 53.25
C LYS D 18 -4.18 -32.70 52.92
N ILE D 19 -4.39 -32.10 51.75
CA ILE D 19 -5.75 -31.76 51.32
C ILE D 19 -6.59 -33.02 51.16
N ALA D 20 -6.01 -34.06 50.55
CA ALA D 20 -6.74 -35.31 50.33
C ALA D 20 -7.13 -35.96 51.65
N ASP D 21 -6.23 -35.97 52.63
CA ASP D 21 -6.57 -36.49 53.96
C ASP D 21 -7.68 -35.69 54.61
N ARG D 22 -7.61 -34.35 54.52
CA ARG D 22 -8.68 -33.56 55.12
C ARG D 22 -10.01 -33.80 54.43
N LEU D 23 -9.99 -34.13 53.14
CA LEU D 23 -11.22 -34.47 52.45
C LEU D 23 -11.65 -35.90 52.65
N GLY D 24 -10.84 -36.72 53.31
CA GLY D 24 -11.16 -38.13 53.47
C GLY D 24 -11.04 -38.92 52.19
N LEU D 25 -10.16 -38.51 51.29
CA LEU D 25 -10.02 -39.14 49.98
C LEU D 25 -8.58 -39.59 49.76
N GLU D 26 -8.41 -40.50 48.81
CA GLU D 26 -7.09 -40.82 48.31
C GLU D 26 -6.80 -40.01 47.06
N LEU D 27 -5.53 -39.68 46.86
CA LEU D 27 -5.13 -38.96 45.66
C LEU D 27 -5.42 -39.81 44.43
N GLY D 28 -5.92 -39.17 43.38
CA GLY D 28 -6.24 -39.89 42.17
C GLY D 28 -4.99 -40.45 41.52
N LYS D 29 -5.14 -41.61 40.89
CA LYS D 29 -4.02 -42.24 40.21
C LYS D 29 -3.67 -41.46 38.95
N VAL D 30 -2.47 -40.89 38.94
CA VAL D 30 -1.96 -40.19 37.77
C VAL D 30 -0.45 -40.41 37.69
N VAL D 31 0.05 -40.59 36.49
CA VAL D 31 1.47 -40.64 36.23
C VAL D 31 1.88 -39.31 35.60
N THR D 32 2.83 -38.63 36.23
CA THR D 32 3.31 -37.33 35.75
C THR D 32 4.83 -37.40 35.75
N LYS D 33 5.42 -37.70 34.59
CA LYS D 33 6.85 -37.84 34.48
C LYS D 33 7.31 -37.05 33.26
N LYS D 34 8.56 -37.25 32.86
CA LYS D 34 9.07 -36.61 31.67
C LYS D 34 9.54 -37.65 30.68
N PHE D 35 9.22 -37.43 29.40
CA PHE D 35 9.83 -38.19 28.33
C PHE D 35 11.33 -37.89 28.30
N SER D 36 12.05 -38.68 27.48
CA SER D 36 13.49 -38.53 27.39
C SER D 36 13.89 -37.12 26.95
N ASN D 37 13.17 -36.55 25.97
CA ASN D 37 13.46 -35.21 25.49
C ASN D 37 12.88 -34.13 26.39
N GLN D 38 12.46 -34.48 27.60
CA GLN D 38 12.00 -33.59 28.66
C GLN D 38 10.62 -33.01 28.41
N GLU D 39 9.84 -33.58 27.51
CA GLU D 39 8.43 -33.20 27.40
C GLU D 39 7.65 -33.86 28.53
N THR D 40 6.68 -33.13 29.07
CA THR D 40 5.83 -33.68 30.12
C THR D 40 5.02 -34.86 29.59
N CYS D 41 4.99 -35.93 30.37
CA CYS D 41 4.16 -37.09 30.11
C CYS D 41 3.14 -37.23 31.23
N VAL D 42 1.87 -37.27 30.86
CA VAL D 42 0.77 -37.37 31.81
C VAL D 42 -0.13 -38.52 31.38
N GLU D 43 -0.49 -39.37 32.34
CA GLU D 43 -1.44 -40.45 32.10
C GLU D 43 -2.39 -40.53 33.29
N ILE D 44 -3.68 -40.31 33.06
CA ILE D 44 -4.67 -40.42 34.12
C ILE D 44 -4.95 -41.91 34.32
N GLY D 45 -4.64 -42.42 35.50
CA GLY D 45 -4.72 -43.83 35.82
C GLY D 45 -6.06 -44.33 36.25
N GLU D 46 -7.08 -43.49 36.24
CA GLU D 46 -8.43 -43.90 36.60
C GLU D 46 -9.41 -43.08 35.80
N SER D 47 -10.62 -43.61 35.66
CA SER D 47 -11.67 -42.87 34.96
C SER D 47 -12.10 -41.66 35.78
N VAL D 48 -12.18 -40.51 35.12
CA VAL D 48 -12.70 -39.29 35.71
C VAL D 48 -14.02 -38.87 35.08
N ARG D 49 -14.66 -39.78 34.36
CA ARG D 49 -15.87 -39.44 33.61
C ARG D 49 -17.00 -39.05 34.55
N GLY D 50 -17.53 -37.85 34.34
CA GLY D 50 -18.60 -37.36 35.18
C GLY D 50 -18.20 -36.98 36.58
N GLU D 51 -16.93 -36.72 36.83
CA GLU D 51 -16.46 -36.41 38.17
C GLU D 51 -16.11 -34.93 38.30
N ASP D 52 -16.05 -34.47 39.54
CA ASP D 52 -15.61 -33.12 39.87
C ASP D 52 -14.12 -33.21 40.20
N VAL D 53 -13.28 -32.78 39.26
CA VAL D 53 -11.84 -33.00 39.34
C VAL D 53 -11.17 -31.76 39.86
N TYR D 54 -10.27 -31.93 40.83
CA TYR D 54 -9.46 -30.84 41.36
C TYR D 54 -8.00 -31.22 41.20
N ILE D 55 -7.25 -30.37 40.50
CA ILE D 55 -5.83 -30.60 40.24
C ILE D 55 -5.04 -29.58 41.03
N VAL D 56 -4.19 -30.05 41.93
CA VAL D 56 -3.42 -29.20 42.81
C VAL D 56 -2.02 -29.03 42.25
N GLN D 57 -1.63 -27.79 41.97
CA GLN D 57 -0.32 -27.47 41.42
C GLN D 57 -0.02 -26.02 41.73
N SER D 58 1.10 -25.76 42.40
CA SER D 58 1.47 -24.40 42.72
C SER D 58 2.53 -23.88 41.76
N GLY D 59 2.60 -22.56 41.64
CA GLY D 59 3.59 -21.91 40.83
C GLY D 59 4.90 -21.76 41.56
N CYS D 60 5.63 -22.86 41.69
CA CYS D 60 6.84 -22.92 42.48
C CYS D 60 7.84 -23.84 41.80
N GLY D 61 9.07 -23.81 42.28
CA GLY D 61 10.11 -24.66 41.73
C GLY D 61 10.35 -24.35 40.27
N GLU D 62 10.38 -25.39 39.44
CA GLU D 62 10.51 -25.24 38.00
C GLU D 62 9.15 -24.79 37.44
N ILE D 63 8.99 -23.47 37.37
CA ILE D 63 7.65 -22.89 37.20
C ILE D 63 7.05 -23.26 35.85
N ASN D 64 7.85 -23.16 34.79
CA ASN D 64 7.29 -23.44 33.47
C ASN D 64 6.96 -24.92 33.29
N ASP D 65 7.79 -25.80 33.85
CA ASP D 65 7.50 -27.23 33.84
C ASP D 65 6.20 -27.52 34.60
N ASN D 66 6.04 -26.92 35.78
CA ASN D 66 4.85 -27.18 36.58
C ASN D 66 3.61 -26.63 35.89
N LEU D 67 3.72 -25.45 35.28
CA LEU D 67 2.58 -24.86 34.59
C LEU D 67 2.16 -25.71 33.40
N MET D 68 3.15 -26.19 32.63
CA MET D 68 2.81 -27.07 31.51
C MET D 68 2.21 -28.38 32.00
N GLU D 69 2.74 -28.95 33.08
CA GLU D 69 2.14 -30.13 33.68
C GLU D 69 0.67 -29.88 34.04
N LEU D 70 0.39 -28.74 34.66
CA LEU D 70 -0.98 -28.43 35.05
C LEU D 70 -1.88 -28.31 33.83
N LEU D 71 -1.42 -27.61 32.80
CA LEU D 71 -2.24 -27.45 31.60
C LEU D 71 -2.49 -28.80 30.93
N ILE D 72 -1.47 -29.64 30.85
CA ILE D 72 -1.63 -30.95 30.22
C ILE D 72 -2.58 -31.82 31.02
N MET D 73 -2.48 -31.79 32.36
CA MET D 73 -3.39 -32.56 33.19
C MET D 73 -4.83 -32.08 33.05
N ILE D 74 -5.02 -30.76 33.00
CA ILE D 74 -6.36 -30.22 32.80
C ILE D 74 -6.92 -30.69 31.46
N ASN D 75 -6.10 -30.65 30.42
CA ASN D 75 -6.56 -31.08 29.11
C ASN D 75 -6.92 -32.55 29.11
N ALA D 76 -6.08 -33.38 29.75
CA ALA D 76 -6.34 -34.81 29.80
C ALA D 76 -7.65 -35.10 30.52
N CYS D 77 -7.89 -34.42 31.64
CA CYS D 77 -9.14 -34.64 32.35
C CYS D 77 -10.34 -34.13 31.57
N LYS D 78 -10.18 -33.02 30.86
CA LYS D 78 -11.30 -32.45 30.12
C LYS D 78 -11.70 -33.32 28.94
N ILE D 79 -10.73 -33.82 28.17
CA ILE D 79 -11.10 -34.71 27.07
C ILE D 79 -11.41 -36.12 27.55
N ALA D 80 -11.16 -36.42 28.82
CA ALA D 80 -11.64 -37.67 29.42
C ALA D 80 -13.05 -37.55 29.99
N SER D 81 -13.75 -36.45 29.68
CA SER D 81 -15.17 -36.27 29.98
C SER D 81 -15.42 -36.09 31.48
N ALA D 82 -14.52 -35.40 32.16
CA ALA D 82 -14.80 -34.97 33.52
C ALA D 82 -15.93 -33.95 33.50
N SER D 83 -16.83 -34.04 34.49
CA SER D 83 -17.95 -33.13 34.52
C SER D 83 -17.48 -31.70 34.76
N ARG D 84 -16.47 -31.52 35.59
CA ARG D 84 -15.94 -30.20 35.91
C ARG D 84 -14.49 -30.35 36.31
N VAL D 85 -13.65 -29.41 35.87
CA VAL D 85 -12.23 -29.43 36.18
C VAL D 85 -11.88 -28.12 36.87
N THR D 86 -11.28 -28.21 38.05
CA THR D 86 -10.87 -27.06 38.82
C THR D 86 -9.37 -27.08 39.03
N ALA D 87 -8.72 -25.95 38.80
CA ALA D 87 -7.30 -25.81 39.07
C ALA D 87 -7.12 -25.19 40.45
N VAL D 88 -6.47 -25.91 41.35
CA VAL D 88 -6.16 -25.43 42.68
C VAL D 88 -4.70 -24.99 42.64
N ILE D 89 -4.49 -23.69 42.56
CA ILE D 89 -3.16 -23.14 42.35
C ILE D 89 -2.80 -22.27 43.55
N PRO D 90 -2.23 -22.83 44.61
CA PRO D 90 -2.01 -22.04 45.83
C PRO D 90 -1.19 -20.79 45.62
N CYS D 91 -0.14 -20.86 44.81
CA CYS D 91 0.64 -19.69 44.43
C CYS D 91 0.55 -19.53 42.92
N PHE D 92 -0.06 -18.45 42.47
CA PHE D 92 -0.36 -18.28 41.06
C PHE D 92 0.89 -17.85 40.30
N PRO D 93 1.31 -18.60 39.27
CA PRO D 93 2.52 -18.23 38.53
C PRO D 93 2.32 -16.99 37.68
N TYR D 94 3.42 -16.25 37.51
CA TYR D 94 3.47 -15.00 36.74
C TYR D 94 2.52 -13.95 37.28
N ALA D 95 2.11 -14.05 38.54
CA ALA D 95 1.17 -13.10 39.11
C ALA D 95 1.76 -11.69 39.17
N ARG D 96 3.07 -11.57 39.32
CA ARG D 96 3.70 -10.26 39.39
C ARG D 96 3.81 -9.57 38.03
N GLN D 97 3.60 -10.28 36.94
CA GLN D 97 3.52 -9.68 35.62
C GLN D 97 2.05 -9.44 35.24
N ASP D 98 1.42 -8.58 36.01
CA ASP D 98 0.00 -8.29 35.85
C ASP D 98 -0.28 -7.00 35.11
N LYS D 99 0.75 -6.34 34.56
CA LYS D 99 0.56 -5.08 33.85
C LYS D 99 1.82 -4.77 33.05
N LYS D 100 1.70 -3.80 32.14
CA LYS D 100 2.81 -3.39 31.28
C LYS D 100 3.58 -2.22 31.87
N ASP D 101 2.88 -1.12 32.19
CA ASP D 101 3.48 0.03 32.87
C ASP D 101 4.65 0.65 32.13
N LYS D 102 4.37 1.25 30.97
CA LYS D 102 5.36 2.02 30.20
C LYS D 102 6.51 1.14 29.70
N SER D 103 6.21 -0.14 29.49
CA SER D 103 7.21 -1.05 28.98
C SER D 103 6.58 -1.91 27.91
N ARG D 104 7.37 -2.28 26.90
CA ARG D 104 6.92 -3.21 25.87
C ARG D 104 7.09 -4.63 26.41
N ALA D 105 6.30 -4.93 27.41
CA ALA D 105 6.36 -6.16 28.16
C ALA D 105 5.08 -6.97 27.95
N PRO D 106 5.13 -8.28 28.16
CA PRO D 106 3.90 -9.06 28.16
C PRO D 106 3.12 -8.84 29.44
N ILE D 107 1.83 -9.10 29.39
CA ILE D 107 1.04 -9.29 30.61
C ILE D 107 0.94 -10.80 30.80
N SER D 108 1.97 -11.35 31.45
CA SER D 108 2.11 -12.80 31.51
C SER D 108 1.01 -13.44 32.34
N ALA D 109 0.53 -12.75 33.38
CA ALA D 109 -0.56 -13.29 34.17
C ALA D 109 -1.81 -13.50 33.34
N LYS D 110 -2.12 -12.54 32.46
CA LYS D 110 -3.25 -12.69 31.56
C LYS D 110 -3.04 -13.85 30.59
N LEU D 111 -1.82 -14.02 30.09
CA LEU D 111 -1.52 -15.14 29.21
C LEU D 111 -1.74 -16.47 29.93
N VAL D 112 -1.29 -16.56 31.17
CA VAL D 112 -1.49 -17.77 31.96
C VAL D 112 -2.98 -18.04 32.17
N ALA D 113 -3.74 -16.98 32.47
CA ALA D 113 -5.18 -17.15 32.64
C ALA D 113 -5.83 -17.66 31.36
N ASN D 114 -5.44 -17.08 30.21
CA ASN D 114 -5.98 -17.53 28.93
C ASN D 114 -5.61 -18.99 28.66
N MET D 115 -4.37 -19.38 28.97
CA MET D 115 -3.96 -20.75 28.74
C MET D 115 -4.73 -21.72 29.63
N LEU D 116 -4.96 -21.34 30.88
CA LEU D 116 -5.76 -22.18 31.77
C LEU D 116 -7.18 -22.34 31.26
N SER D 117 -7.77 -21.25 30.75
CA SER D 117 -9.11 -21.32 30.22
C SER D 117 -9.17 -22.20 28.97
N VAL D 118 -8.18 -22.07 28.08
CA VAL D 118 -8.21 -22.81 26.83
C VAL D 118 -7.88 -24.27 27.06
N ALA D 119 -7.14 -24.58 28.13
CA ALA D 119 -6.89 -25.98 28.47
C ALA D 119 -8.17 -26.67 28.94
N GLY D 120 -9.11 -25.90 29.46
CA GLY D 120 -10.40 -26.44 29.83
C GLY D 120 -10.77 -26.28 31.28
N ALA D 121 -10.06 -25.42 32.01
CA ALA D 121 -10.41 -25.19 33.41
C ALA D 121 -11.76 -24.48 33.50
N ASP D 122 -12.62 -24.99 34.37
CA ASP D 122 -13.90 -24.38 34.63
C ASP D 122 -13.90 -23.47 35.84
N HIS D 123 -12.88 -23.58 36.69
CA HIS D 123 -12.87 -22.91 37.97
C HIS D 123 -11.44 -22.86 38.48
N ILE D 124 -11.10 -21.78 39.18
CA ILE D 124 -9.77 -21.60 39.76
C ILE D 124 -9.93 -21.34 41.25
N ILE D 125 -9.14 -22.06 42.05
CA ILE D 125 -8.98 -21.78 43.47
C ILE D 125 -7.53 -21.41 43.71
N THR D 126 -7.30 -20.26 44.31
CA THR D 126 -5.95 -19.79 44.59
C THR D 126 -5.96 -19.06 45.92
N MET D 127 -4.77 -18.73 46.40
CA MET D 127 -4.59 -18.07 47.70
C MET D 127 -3.75 -16.82 47.54
N ASP D 128 -4.27 -15.69 48.04
CA ASP D 128 -3.57 -14.40 48.06
C ASP D 128 -2.90 -14.07 46.72
N LEU D 129 -3.76 -13.84 45.74
CA LEU D 129 -3.27 -13.35 44.46
C LEU D 129 -2.48 -12.07 44.66
N HIS D 130 -1.37 -11.94 43.93
CA HIS D 130 -0.53 -10.75 44.06
C HIS D 130 -1.34 -9.47 43.86
N ALA D 131 -2.19 -9.45 42.84
CA ALA D 131 -3.17 -8.40 42.64
C ALA D 131 -4.51 -9.04 42.39
N SER D 132 -5.54 -8.59 43.11
CA SER D 132 -6.85 -9.22 42.95
C SER D 132 -7.46 -8.91 41.60
N GLN D 133 -6.93 -7.91 40.89
CA GLN D 133 -7.35 -7.68 39.50
C GLN D 133 -7.09 -8.89 38.61
N ILE D 134 -6.21 -9.80 39.01
CA ILE D 134 -5.98 -11.01 38.23
C ILE D 134 -7.26 -11.82 38.12
N GLN D 135 -8.17 -11.68 39.09
CA GLN D 135 -9.47 -12.33 38.98
C GLN D 135 -10.19 -11.90 37.70
N GLY D 136 -10.05 -10.64 37.30
CA GLY D 136 -10.66 -10.16 36.07
C GLY D 136 -9.99 -10.65 34.82
N PHE D 137 -8.78 -11.23 34.93
CA PHE D 137 -8.14 -11.81 33.77
C PHE D 137 -8.86 -13.07 33.29
N PHE D 138 -9.73 -13.64 34.12
CA PHE D 138 -10.46 -14.83 33.78
C PHE D 138 -11.89 -14.49 33.39
N ASP D 139 -12.52 -15.40 32.64
CA ASP D 139 -13.96 -15.37 32.48
C ASP D 139 -14.64 -16.45 33.31
N ILE D 140 -13.91 -17.46 33.76
CA ILE D 140 -14.42 -18.49 34.67
C ILE D 140 -14.36 -17.95 36.10
N PRO D 141 -15.15 -18.47 37.03
CA PRO D 141 -15.05 -18.01 38.43
C PRO D 141 -13.68 -18.31 39.02
N VAL D 142 -13.20 -17.39 39.84
CA VAL D 142 -11.94 -17.53 40.56
C VAL D 142 -12.22 -17.27 42.03
N ASP D 143 -11.90 -18.23 42.88
CA ASP D 143 -11.98 -18.04 44.33
C ASP D 143 -10.58 -17.77 44.86
N ASN D 144 -10.36 -16.53 45.28
CA ASN D 144 -9.09 -16.10 45.83
C ASN D 144 -9.19 -16.16 47.35
N LEU D 145 -8.64 -17.22 47.95
CA LEU D 145 -8.67 -17.39 49.39
C LEU D 145 -7.64 -16.50 50.05
N TYR D 146 -7.79 -16.33 51.36
CA TYR D 146 -6.90 -15.48 52.15
C TYR D 146 -6.27 -16.30 53.26
N ALA D 147 -4.97 -16.12 53.43
CA ALA D 147 -4.26 -16.74 54.54
C ALA D 147 -4.45 -15.98 55.84
N GLU D 148 -5.12 -14.82 55.80
CA GLU D 148 -5.23 -13.96 56.97
C GLU D 148 -5.82 -14.63 58.20
N PRO D 149 -6.89 -15.44 58.12
CA PRO D 149 -7.35 -16.13 59.34
C PRO D 149 -6.28 -16.99 59.99
N ALA D 150 -5.54 -17.76 59.18
CA ALA D 150 -4.46 -18.58 59.72
C ALA D 150 -3.33 -17.73 60.26
N VAL D 151 -3.05 -16.60 59.63
CA VAL D 151 -2.01 -15.70 60.13
C VAL D 151 -2.40 -15.13 61.48
N LEU D 152 -3.66 -14.70 61.62
CA LEU D 152 -4.14 -14.17 62.89
C LEU D 152 -4.05 -15.22 63.98
N LYS D 153 -4.44 -16.45 63.65
CA LYS D 153 -4.32 -17.55 64.61
C LYS D 153 -2.86 -17.73 65.04
N TRP D 154 -1.94 -17.75 64.08
CA TRP D 154 -0.53 -17.92 64.42
C TRP D 154 -0.03 -16.79 65.30
N ILE D 155 -0.41 -15.55 64.98
CA ILE D 155 0.04 -14.40 65.74
C ILE D 155 -0.42 -14.51 67.18
N ARG D 156 -1.70 -14.85 67.38
CA ARG D 156 -2.22 -14.93 68.73
C ARG D 156 -1.55 -16.07 69.52
N GLU D 157 -1.33 -17.22 68.89
CA GLU D 157 -0.78 -18.34 69.64
C GLU D 157 0.75 -18.38 69.69
N ASN D 158 1.44 -17.46 69.03
CA ASN D 158 2.90 -17.51 69.02
C ASN D 158 3.59 -16.25 69.51
N ILE D 159 2.94 -15.10 69.43
CA ILE D 159 3.53 -13.84 69.88
C ILE D 159 2.80 -13.44 71.15
N SER D 160 3.49 -13.54 72.28
CA SER D 160 2.85 -13.28 73.57
C SER D 160 2.43 -11.83 73.73
N GLU D 161 3.15 -10.91 73.09
CA GLU D 161 2.86 -9.49 73.20
C GLU D 161 1.99 -8.98 72.06
N TRP D 162 1.17 -9.84 71.46
CA TRP D 162 0.51 -9.48 70.21
C TRP D 162 -0.49 -8.34 70.40
N ARG D 163 -0.98 -8.14 71.62
CA ARG D 163 -1.92 -7.05 71.86
C ARG D 163 -1.25 -5.69 71.83
N ASN D 164 0.06 -5.63 72.04
CA ASN D 164 0.81 -4.38 71.97
C ASN D 164 1.71 -4.29 70.76
N CYS D 165 1.53 -5.17 69.77
CA CYS D 165 2.42 -5.19 68.62
C CYS D 165 1.99 -4.15 67.59
N THR D 166 2.87 -3.92 66.62
CA THR D 166 2.58 -3.06 65.47
C THR D 166 2.71 -3.89 64.20
N ILE D 167 1.66 -3.89 63.40
CA ILE D 167 1.68 -4.55 62.09
C ILE D 167 2.25 -3.57 61.08
N VAL D 168 3.27 -3.98 60.34
CA VAL D 168 4.03 -3.10 59.49
C VAL D 168 3.96 -3.58 58.05
N SER D 169 3.66 -2.67 57.16
CA SER D 169 3.77 -2.95 55.73
C SER D 169 5.19 -2.66 55.27
N PRO D 170 5.82 -3.57 54.51
CA PRO D 170 7.14 -3.27 53.96
C PRO D 170 7.14 -2.16 52.93
N ASP D 171 6.00 -1.90 52.29
CA ASP D 171 5.91 -0.89 51.25
C ASP D 171 4.51 -0.28 51.27
N ALA D 172 4.32 0.75 50.44
CA ALA D 172 3.01 1.39 50.38
C ALA D 172 1.98 0.47 49.73
N GLY D 173 2.44 -0.48 48.91
CA GLY D 173 1.51 -1.33 48.18
C GLY D 173 0.72 -2.27 49.06
N GLY D 174 1.35 -2.82 50.10
CA GLY D 174 0.69 -3.79 50.95
C GLY D 174 -0.09 -3.24 52.12
N ALA D 175 -0.17 -1.91 52.24
CA ALA D 175 -0.76 -1.29 53.42
C ALA D 175 -2.16 -1.83 53.70
N LYS D 176 -2.99 -1.92 52.65
CA LYS D 176 -4.34 -2.47 52.81
C LYS D 176 -4.29 -3.76 53.63
N ARG D 177 -3.48 -4.72 53.19
CA ARG D 177 -3.40 -5.99 53.89
C ARG D 177 -3.10 -5.78 55.38
N VAL D 178 -2.06 -4.99 55.69
CA VAL D 178 -1.70 -4.87 57.09
C VAL D 178 -2.81 -4.18 57.86
N THR D 179 -3.49 -3.21 57.24
CA THR D 179 -4.58 -2.55 57.94
C THR D 179 -5.66 -3.56 58.28
N SER D 180 -5.99 -4.44 57.34
CA SER D 180 -6.95 -5.50 57.63
C SER D 180 -6.52 -6.26 58.87
N ILE D 181 -5.27 -6.71 58.91
CA ILE D 181 -4.79 -7.45 60.06
C ILE D 181 -4.85 -6.58 61.31
N ALA D 182 -4.42 -5.32 61.18
CA ALA D 182 -4.44 -4.43 62.33
C ALA D 182 -5.87 -4.24 62.83
N ASP D 183 -6.83 -4.27 61.93
CA ASP D 183 -8.22 -4.15 62.37
C ASP D 183 -8.68 -5.39 63.12
N ARG D 184 -8.24 -6.57 62.70
CA ARG D 184 -8.71 -7.80 63.32
C ARG D 184 -8.03 -8.08 64.66
N LEU D 185 -6.87 -7.48 64.91
CA LEU D 185 -6.16 -7.65 66.17
C LEU D 185 -6.31 -6.48 67.11
N ASN D 186 -6.80 -5.34 66.65
CA ASN D 186 -6.88 -4.10 67.44
C ASN D 186 -5.49 -3.70 67.93
N VAL D 187 -4.62 -3.44 66.97
CA VAL D 187 -3.25 -3.00 67.22
C VAL D 187 -2.91 -1.88 66.25
N ASP D 188 -1.76 -1.25 66.47
CA ASP D 188 -1.30 -0.20 65.57
C ASP D 188 -0.76 -0.77 64.28
N PHE D 189 -0.78 0.05 63.23
CA PHE D 189 -0.20 -0.35 61.95
C PHE D 189 0.71 0.77 61.46
N ALA D 190 1.87 0.38 60.96
CA ALA D 190 2.91 1.27 60.47
C ALA D 190 3.20 0.99 59.01
N LEU D 191 3.65 2.03 58.32
CA LEU D 191 4.08 1.90 56.93
C LEU D 191 5.57 2.25 56.83
N ILE D 192 6.20 1.66 55.82
CA ILE D 192 7.60 1.91 55.52
C ILE D 192 7.71 2.08 54.01
N HIS D 193 8.35 3.14 53.55
CA HIS D 193 8.63 3.25 52.12
C HIS D 193 9.97 3.93 51.90
N LYS D 194 10.58 3.63 50.76
CA LYS D 194 11.90 4.15 50.42
C LYS D 194 11.77 5.48 49.70
N GLU D 195 12.71 6.38 49.98
CA GLU D 195 12.71 7.72 49.40
C GLU D 195 13.41 7.75 48.06
N ASP D 203 17.87 4.85 48.75
CA ASP D 203 18.30 3.69 49.50
C ASP D 203 17.86 3.79 50.96
N ARG D 204 17.34 4.95 51.34
CA ARG D 204 16.84 5.17 52.69
C ARG D 204 15.35 4.84 52.76
N MET D 205 14.91 4.39 53.93
CA MET D 205 13.51 4.10 54.20
C MET D 205 13.00 5.01 55.29
N VAL D 206 11.72 5.39 55.17
CA VAL D 206 11.04 6.22 56.15
C VAL D 206 9.88 5.43 56.72
N LEU D 207 9.75 5.47 58.04
CA LEU D 207 8.78 4.73 58.82
C LEU D 207 7.84 5.69 59.56
N VAL D 208 6.55 5.41 59.45
CA VAL D 208 5.54 6.19 60.14
C VAL D 208 4.87 5.28 61.16
N GLY D 209 4.78 5.72 62.40
CA GLY D 209 4.18 4.91 63.44
C GLY D 209 5.17 4.52 64.51
N ASP D 210 4.79 4.70 65.77
CA ASP D 210 5.66 4.35 66.88
C ASP D 210 5.86 2.84 66.94
N VAL D 211 7.12 2.42 67.00
CA VAL D 211 7.47 1.01 67.11
C VAL D 211 8.43 0.75 68.26
N LYS D 212 8.79 1.76 69.05
CA LYS D 212 9.75 1.57 70.12
C LYS D 212 9.15 0.71 71.24
N ASP D 213 9.96 -0.21 71.75
CA ASP D 213 9.63 -1.12 72.84
C ASP D 213 8.44 -2.02 72.49
N ARG D 214 8.06 -2.11 71.23
CA ARG D 214 6.94 -2.91 70.79
C ARG D 214 7.41 -3.94 69.78
N VAL D 215 6.75 -5.09 69.75
CA VAL D 215 7.04 -6.10 68.75
C VAL D 215 6.46 -5.65 67.41
N ALA D 216 7.25 -5.72 66.36
CA ALA D 216 6.81 -5.36 65.03
C ALA D 216 6.63 -6.62 64.19
N ILE D 217 5.59 -6.63 63.37
CA ILE D 217 5.27 -7.78 62.53
C ILE D 217 5.11 -7.26 61.10
N LEU D 218 6.15 -7.44 60.27
CA LEU D 218 6.01 -7.19 58.84
C LEU D 218 5.07 -8.21 58.24
N VAL D 219 4.18 -7.76 57.36
CA VAL D 219 3.24 -8.68 56.72
C VAL D 219 3.28 -8.48 55.21
N ASP D 220 3.27 -9.58 54.46
CA ASP D 220 3.34 -9.50 53.01
C ASP D 220 2.81 -10.77 52.34
N ASP D 221 2.54 -10.60 51.04
CA ASP D 221 2.04 -11.71 50.24
C ASP D 221 3.16 -12.68 49.89
N MET D 222 4.36 -12.17 49.62
CA MET D 222 5.41 -13.08 49.20
C MET D 222 6.78 -12.52 49.55
N ALA D 223 7.73 -13.44 49.68
CA ALA D 223 9.14 -13.12 49.85
C ALA D 223 9.92 -13.89 48.79
N ASP D 224 10.39 -13.18 47.77
CA ASP D 224 11.18 -13.82 46.73
C ASP D 224 12.66 -13.76 47.02
N THR D 225 13.24 -12.57 46.99
CA THR D 225 14.65 -12.40 47.32
C THR D 225 14.84 -11.82 48.71
N CYS D 226 13.76 -11.36 49.33
CA CYS D 226 13.72 -10.87 50.70
C CYS D 226 14.54 -9.61 50.91
N GLY D 227 14.88 -8.90 49.83
CA GLY D 227 15.50 -7.59 50.01
C GLY D 227 14.57 -6.62 50.69
N THR D 228 13.30 -6.62 50.27
CA THR D 228 12.32 -5.70 50.83
C THR D 228 12.17 -5.90 52.32
N ILE D 229 11.89 -7.14 52.74
CA ILE D 229 11.64 -7.37 54.16
C ILE D 229 12.91 -7.22 54.99
N CYS D 230 14.07 -7.55 54.43
CA CYS D 230 15.31 -7.37 55.19
C CYS D 230 15.62 -5.90 55.41
N HIS D 231 15.43 -5.07 54.39
CA HIS D 231 15.62 -3.63 54.56
C HIS D 231 14.61 -3.08 55.55
N ALA D 232 13.35 -3.51 55.46
CA ALA D 232 12.33 -3.07 56.41
C ALA D 232 12.69 -3.47 57.83
N ALA D 233 13.20 -4.69 58.02
CA ALA D 233 13.55 -5.13 59.37
C ALA D 233 14.73 -4.34 59.91
N ASP D 234 15.72 -4.04 59.07
CA ASP D 234 16.81 -3.19 59.52
C ASP D 234 16.29 -1.84 59.99
N LYS D 235 15.38 -1.24 59.22
CA LYS D 235 14.81 0.03 59.62
C LYS D 235 14.01 -0.08 60.92
N LEU D 236 13.27 -1.17 61.08
CA LEU D 236 12.48 -1.35 62.30
C LEU D 236 13.37 -1.47 63.52
N LEU D 237 14.49 -2.20 63.41
CA LEU D 237 15.43 -2.24 64.52
C LEU D 237 16.09 -0.89 64.76
N SER D 238 16.31 -0.11 63.70
CA SER D 238 16.83 1.24 63.87
C SER D 238 15.87 2.08 64.71
N ALA D 239 14.58 1.92 64.50
CA ALA D 239 13.57 2.71 65.19
C ALA D 239 13.17 2.14 66.54
N GLY D 240 14.01 1.32 67.15
CA GLY D 240 13.79 0.94 68.54
C GLY D 240 12.84 -0.21 68.77
N ALA D 241 12.49 -0.96 67.73
CA ALA D 241 11.61 -2.11 67.92
C ALA D 241 12.29 -3.17 68.77
N THR D 242 11.49 -3.93 69.51
CA THR D 242 12.05 -4.95 70.39
C THR D 242 12.40 -6.21 69.61
N ARG D 243 11.41 -6.81 68.94
CA ARG D 243 11.64 -7.92 68.03
C ARG D 243 10.89 -7.64 66.75
N VAL D 244 11.41 -8.17 65.64
CA VAL D 244 10.76 -8.03 64.34
C VAL D 244 10.46 -9.41 63.80
N TYR D 245 9.20 -9.63 63.45
CA TYR D 245 8.73 -10.83 62.77
C TYR D 245 8.41 -10.47 61.33
N ALA D 246 8.42 -11.48 60.47
CA ALA D 246 7.93 -11.34 59.10
C ALA D 246 6.97 -12.48 58.83
N ILE D 247 5.79 -12.16 58.30
CA ILE D 247 4.79 -13.15 57.98
C ILE D 247 4.38 -12.96 56.53
N LEU D 248 4.57 -14.00 55.73
CA LEU D 248 4.27 -13.96 54.31
C LEU D 248 3.44 -15.17 53.93
N THR D 249 2.51 -14.95 53.02
CA THR D 249 1.72 -16.11 52.60
C THR D 249 2.50 -17.00 51.63
N HIS D 250 3.36 -16.43 50.80
CA HIS D 250 4.12 -17.20 49.82
C HIS D 250 5.62 -17.07 50.08
N GLY D 251 6.24 -18.15 50.54
CA GLY D 251 7.67 -18.21 50.76
C GLY D 251 8.48 -18.72 49.58
N ILE D 252 8.66 -17.90 48.55
CA ILE D 252 9.40 -18.36 47.36
C ILE D 252 10.88 -18.55 47.68
N PHE D 253 11.49 -17.56 48.32
CA PHE D 253 12.87 -17.67 48.84
C PHE D 253 13.88 -18.02 47.75
N SER D 254 13.81 -17.33 46.62
CA SER D 254 14.76 -17.61 45.56
C SER D 254 15.98 -16.72 45.68
N GLY D 255 17.03 -17.09 44.94
CA GLY D 255 18.26 -16.34 44.92
C GLY D 255 18.96 -16.29 46.26
N PRO D 256 19.30 -15.07 46.70
CA PRO D 256 20.03 -14.91 47.97
C PRO D 256 19.14 -14.79 49.19
N ALA D 257 17.87 -15.16 49.11
CA ALA D 257 16.93 -14.91 50.20
C ALA D 257 17.36 -15.59 51.49
N ILE D 258 17.84 -16.84 51.40
CA ILE D 258 18.17 -17.59 52.60
C ILE D 258 19.35 -16.97 53.32
N SER D 259 20.38 -16.57 52.57
CA SER D 259 21.53 -15.91 53.19
C SER D 259 21.13 -14.60 53.85
N ARG D 260 20.30 -13.79 53.17
CA ARG D 260 19.89 -12.51 53.73
C ARG D 260 19.07 -12.71 55.00
N ILE D 261 18.16 -13.69 54.99
CA ILE D 261 17.37 -13.96 56.19
C ILE D 261 18.26 -14.43 57.32
N ASN D 262 19.23 -15.31 57.02
CA ASN D 262 20.16 -15.76 58.03
C ASN D 262 20.96 -14.60 58.62
N ASN D 263 21.29 -13.60 57.80
CA ASN D 263 22.01 -12.44 58.30
C ASN D 263 21.08 -11.35 58.84
N ALA D 264 19.77 -11.55 58.76
CA ALA D 264 18.84 -10.52 59.23
C ALA D 264 18.50 -10.73 60.70
N CYS D 265 17.77 -9.76 61.24
CA CYS D 265 17.45 -9.73 62.66
C CYS D 265 16.10 -10.34 63.00
N PHE D 266 15.43 -10.97 62.04
CA PHE D 266 14.12 -11.53 62.28
C PHE D 266 14.14 -12.53 63.43
N GLU D 267 13.16 -12.42 64.31
CA GLU D 267 12.94 -13.49 65.27
C GLU D 267 12.44 -14.75 64.57
N ALA D 268 11.55 -14.59 63.60
CA ALA D 268 11.03 -15.70 62.81
C ALA D 268 10.58 -15.17 61.47
N VAL D 269 10.60 -16.02 60.47
CA VAL D 269 10.02 -15.73 59.16
C VAL D 269 8.96 -16.79 58.93
N VAL D 270 7.71 -16.42 59.15
CA VAL D 270 6.59 -17.33 59.03
C VAL D 270 6.04 -17.22 57.62
N VAL D 271 5.86 -18.35 56.96
CA VAL D 271 5.27 -18.40 55.63
C VAL D 271 4.23 -19.50 55.63
N THR D 272 3.25 -19.35 54.74
CA THR D 272 2.34 -20.49 54.61
C THR D 272 2.97 -21.59 53.76
N ASN D 273 2.33 -22.75 53.77
CA ASN D 273 2.81 -23.82 52.90
C ASN D 273 2.09 -23.88 51.56
N THR D 274 1.92 -22.74 50.90
CA THR D 274 1.46 -22.76 49.51
C THR D 274 2.57 -23.24 48.59
N ILE D 275 3.81 -23.17 49.07
CA ILE D 275 5.01 -23.58 48.34
C ILE D 275 5.75 -24.52 49.30
N PRO D 276 6.28 -25.64 48.84
CA PRO D 276 7.00 -26.54 49.75
C PRO D 276 8.20 -25.84 50.35
N GLN D 277 8.45 -26.09 51.64
CA GLN D 277 9.45 -25.35 52.39
C GLN D 277 10.52 -26.22 53.03
N GLU D 278 10.46 -27.54 52.88
CA GLU D 278 11.35 -28.42 53.64
C GLU D 278 12.81 -28.13 53.34
N ASP D 279 13.16 -27.91 52.08
CA ASP D 279 14.54 -27.65 51.71
C ASP D 279 15.04 -26.34 52.33
N LYS D 280 14.21 -25.30 52.28
CA LYS D 280 14.61 -24.02 52.83
C LYS D 280 14.75 -24.08 54.35
N MET D 281 13.87 -24.84 55.03
CA MET D 281 13.98 -24.97 56.48
C MET D 281 15.29 -25.63 56.89
N LYS D 282 15.85 -26.48 56.03
CA LYS D 282 17.13 -27.12 56.33
C LYS D 282 18.23 -26.08 56.48
N HIS D 283 18.25 -25.08 55.59
CA HIS D 283 19.31 -24.09 55.58
C HIS D 283 18.94 -22.80 56.29
N CYS D 284 17.73 -22.69 56.85
CA CYS D 284 17.33 -21.46 57.53
C CYS D 284 16.53 -21.84 58.77
N SER D 285 17.11 -21.58 59.93
CA SER D 285 16.50 -22.00 61.19
C SER D 285 15.22 -21.23 61.50
N LYS D 286 15.15 -19.96 61.12
CA LYS D 286 14.08 -19.10 61.57
C LYS D 286 12.86 -19.11 60.66
N ILE D 287 12.85 -19.94 59.63
CA ILE D 287 11.64 -20.11 58.83
C ILE D 287 10.68 -21.02 59.56
N GLN D 288 9.41 -20.61 59.64
CA GLN D 288 8.35 -21.43 60.21
C GLN D 288 7.19 -21.48 59.24
N VAL D 289 6.44 -22.58 59.28
CA VAL D 289 5.43 -22.87 58.27
C VAL D 289 4.06 -22.91 58.94
N ILE D 290 3.12 -22.18 58.38
CA ILE D 290 1.71 -22.30 58.72
C ILE D 290 1.06 -23.23 57.72
N ASP D 291 0.33 -24.22 58.22
CA ASP D 291 -0.46 -25.07 57.33
C ASP D 291 -1.70 -24.31 56.91
N ILE D 292 -1.95 -24.25 55.60
CA ILE D 292 -3.19 -23.72 55.07
C ILE D 292 -3.97 -24.78 54.30
N SER D 293 -3.57 -26.04 54.44
CA SER D 293 -4.29 -27.12 53.77
C SER D 293 -5.73 -27.24 54.24
N MET D 294 -6.04 -26.84 55.47
CA MET D 294 -7.42 -26.87 55.91
C MET D 294 -8.27 -25.87 55.14
N ILE D 295 -7.72 -24.68 54.88
CA ILE D 295 -8.46 -23.68 54.12
C ILE D 295 -8.71 -24.17 52.69
N LEU D 296 -7.68 -24.73 52.06
CA LEU D 296 -7.82 -25.23 50.70
C LEU D 296 -8.81 -26.39 50.63
N ALA D 297 -8.72 -27.33 51.58
CA ALA D 297 -9.63 -28.46 51.62
C ALA D 297 -11.07 -28.00 51.83
N GLU D 298 -11.27 -27.05 52.74
CA GLU D 298 -12.61 -26.54 52.97
C GLU D 298 -13.14 -25.81 51.75
N ALA D 299 -12.28 -25.06 51.06
CA ALA D 299 -12.73 -24.39 49.84
C ALA D 299 -13.13 -25.40 48.77
N ILE D 300 -12.34 -26.46 48.61
CA ILE D 300 -12.69 -27.49 47.63
C ILE D 300 -14.03 -28.11 47.99
N ARG D 301 -14.21 -28.46 49.26
CA ARG D 301 -15.42 -29.15 49.70
C ARG D 301 -16.63 -28.23 49.58
N ARG D 302 -16.46 -26.94 49.83
CA ARG D 302 -17.57 -26.01 49.72
C ARG D 302 -17.93 -25.70 48.28
N THR D 303 -16.94 -25.60 47.38
CA THR D 303 -17.28 -25.46 45.97
C THR D 303 -17.98 -26.71 45.45
N HIS D 304 -17.56 -27.88 45.92
CA HIS D 304 -18.22 -29.11 45.48
C HIS D 304 -19.66 -29.18 45.98
N ASN D 305 -19.89 -28.83 47.24
CA ASN D 305 -21.22 -28.96 47.83
C ASN D 305 -22.09 -27.73 47.63
N GLY D 306 -21.59 -26.71 46.96
CA GLY D 306 -22.38 -25.50 46.78
C GLY D 306 -22.56 -24.69 48.04
N GLU D 307 -21.69 -24.83 49.03
CA GLU D 307 -21.75 -23.97 50.20
C GLU D 307 -20.94 -22.70 49.97
N SER D 308 -21.08 -21.76 50.89
CA SER D 308 -20.40 -20.49 50.76
C SER D 308 -18.90 -20.64 50.97
N VAL D 309 -18.12 -20.13 50.02
CA VAL D 309 -16.66 -20.13 50.16
C VAL D 309 -16.21 -18.90 50.93
N SER D 310 -16.87 -17.77 50.72
CA SER D 310 -16.45 -16.51 51.35
C SER D 310 -16.55 -16.57 52.87
N TYR D 311 -17.28 -17.56 53.38
CA TYR D 311 -17.33 -17.85 54.82
C TYR D 311 -15.92 -18.03 55.36
N LEU D 312 -15.02 -18.57 54.54
CA LEU D 312 -13.64 -18.81 54.92
C LEU D 312 -12.79 -17.55 54.99
N PHE D 313 -13.26 -16.42 54.46
CA PHE D 313 -12.45 -15.21 54.52
C PHE D 313 -12.20 -14.77 55.95
N SER D 314 -13.07 -15.15 56.88
CA SER D 314 -12.96 -14.72 58.26
C SER D 314 -12.99 -15.85 59.29
N HIS D 315 -13.14 -17.10 58.86
CA HIS D 315 -13.30 -18.22 59.79
C HIS D 315 -12.26 -19.29 59.53
N VAL D 316 -11.54 -19.67 60.57
CA VAL D 316 -10.63 -20.81 60.46
C VAL D 316 -11.41 -22.10 60.64
N PRO D 317 -11.39 -23.03 59.67
CA PRO D 317 -12.12 -24.28 59.77
C PRO D 317 -11.34 -25.38 60.49
N PRO E 2 4.44 -2.24 6.35
CA PRO E 2 4.76 -3.32 7.28
C PRO E 2 6.03 -4.07 6.89
N ASN E 3 7.03 -4.01 7.75
CA ASN E 3 8.33 -4.60 7.49
C ASN E 3 8.49 -5.91 8.27
N ILE E 4 9.46 -6.71 7.84
CA ILE E 4 9.78 -7.94 8.55
C ILE E 4 10.60 -7.62 9.78
N LYS E 5 10.18 -8.17 10.92
CA LYS E 5 10.97 -8.15 12.14
C LYS E 5 11.19 -9.58 12.58
N ILE E 6 12.44 -9.98 12.72
CA ILE E 6 12.79 -11.33 13.15
C ILE E 6 13.25 -11.25 14.59
N PHE E 7 12.63 -12.03 15.46
CA PHE E 7 13.04 -12.11 16.85
C PHE E 7 13.45 -13.54 17.18
N SER E 8 14.47 -13.67 18.01
CA SER E 8 15.00 -14.96 18.40
C SER E 8 14.60 -15.28 19.83
N GLY E 9 14.07 -16.47 20.04
CA GLY E 9 14.04 -17.03 21.37
C GLY E 9 15.41 -17.56 21.74
N SER E 10 15.54 -17.98 22.99
CA SER E 10 16.83 -18.46 23.47
C SER E 10 17.16 -19.87 23.01
N SER E 11 16.19 -20.60 22.44
CA SER E 11 16.43 -21.99 22.11
C SER E 11 17.49 -22.16 21.02
N HIS E 12 17.32 -21.47 19.89
CA HIS E 12 18.19 -21.69 18.74
C HIS E 12 18.58 -20.33 18.16
N GLN E 13 19.61 -19.72 18.74
CA GLN E 13 19.99 -18.37 18.32
C GLN E 13 20.81 -18.38 17.04
N ASP E 14 21.60 -19.43 16.82
CA ASP E 14 22.37 -19.54 15.60
C ASP E 14 21.46 -19.63 14.37
N LEU E 15 20.40 -20.43 14.46
CA LEU E 15 19.45 -20.53 13.36
C LEU E 15 18.77 -19.20 13.08
N SER E 16 18.37 -18.50 14.14
CA SER E 16 17.74 -17.19 13.97
C SER E 16 18.68 -16.22 13.29
N GLN E 17 19.95 -16.23 13.68
CA GLN E 17 20.93 -15.36 13.05
C GLN E 17 21.12 -15.71 11.58
N LYS E 18 21.20 -17.00 11.26
CA LYS E 18 21.35 -17.40 9.86
C LYS E 18 20.15 -16.93 9.03
N ILE E 19 18.95 -17.09 9.58
CA ILE E 19 17.74 -16.64 8.87
C ILE E 19 17.78 -15.13 8.67
N ALA E 20 18.18 -14.40 9.72
CA ALA E 20 18.24 -12.95 9.63
C ALA E 20 19.23 -12.49 8.58
N ASP E 21 20.41 -13.11 8.52
CA ASP E 21 21.38 -12.79 7.48
C ASP E 21 20.83 -13.07 6.09
N ARG E 22 20.17 -14.23 5.91
CA ARG E 22 19.62 -14.52 4.60
C ARG E 22 18.53 -13.53 4.21
N LEU E 23 17.82 -12.98 5.20
CA LEU E 23 16.83 -11.96 4.90
C LEU E 23 17.42 -10.56 4.77
N GLY E 24 18.71 -10.40 5.04
CA GLY E 24 19.32 -9.09 5.02
C GLY E 24 18.90 -8.19 6.16
N LEU E 25 18.56 -8.77 7.31
CA LEU E 25 18.04 -8.03 8.45
C LEU E 25 18.88 -8.29 9.68
N GLU E 26 18.77 -7.40 10.65
CA GLU E 26 19.32 -7.65 11.97
C GLU E 26 18.22 -8.22 12.88
N LEU E 27 18.63 -9.07 13.81
CA LEU E 27 17.67 -9.61 14.76
C LEU E 27 17.08 -8.49 15.60
N GLY E 28 15.78 -8.58 15.85
CA GLY E 28 15.12 -7.54 16.64
C GLY E 28 15.62 -7.53 18.06
N LYS E 29 15.67 -6.34 18.64
CA LYS E 29 16.12 -6.20 20.02
C LYS E 29 15.09 -6.76 20.97
N VAL E 30 15.45 -7.83 21.68
CA VAL E 30 14.60 -8.41 22.70
C VAL E 30 15.47 -8.94 23.83
N VAL E 31 15.01 -8.76 25.04
CA VAL E 31 15.63 -9.35 26.22
C VAL E 31 14.79 -10.54 26.64
N THR E 32 15.40 -11.71 26.72
CA THR E 32 14.72 -12.95 27.11
C THR E 32 15.58 -13.62 28.16
N LYS E 33 15.25 -13.40 29.43
CA LYS E 33 16.03 -13.95 30.53
C LYS E 33 15.07 -14.58 31.52
N LYS E 34 15.57 -14.92 32.70
CA LYS E 34 14.73 -15.46 33.75
C LYS E 34 14.81 -14.59 34.98
N PHE E 35 13.66 -14.35 35.59
CA PHE E 35 13.62 -13.77 36.92
C PHE E 35 14.28 -14.73 37.91
N SER E 36 14.49 -14.24 39.13
CA SER E 36 15.14 -15.05 40.15
C SER E 36 14.37 -16.34 40.44
N ASN E 37 13.05 -16.26 40.51
CA ASN E 37 12.22 -17.44 40.76
C ASN E 37 12.00 -18.28 39.50
N GLN E 38 12.77 -18.03 38.44
CA GLN E 38 12.82 -18.80 37.21
C GLN E 38 11.62 -18.57 36.30
N GLU E 39 10.85 -17.52 36.51
CA GLU E 39 9.82 -17.14 35.55
C GLU E 39 10.48 -16.45 34.38
N THR E 40 9.96 -16.71 33.18
CA THR E 40 10.50 -16.06 31.99
C THR E 40 10.25 -14.56 32.05
N CYS E 41 11.28 -13.80 31.71
CA CYS E 41 11.20 -12.35 31.57
C CYS E 41 11.47 -11.99 30.12
N VAL E 42 10.54 -11.26 29.51
CA VAL E 42 10.64 -10.85 28.11
C VAL E 42 10.42 -9.35 28.05
N GLU E 43 11.28 -8.66 27.31
CA GLU E 43 11.12 -7.23 27.05
C GLU E 43 11.45 -6.96 25.60
N ILE E 44 10.48 -6.49 24.84
CA ILE E 44 10.73 -6.13 23.43
C ILE E 44 11.42 -4.78 23.42
N GLY E 45 12.65 -4.74 22.92
CA GLY E 45 13.50 -3.58 22.94
C GLY E 45 13.30 -2.59 21.82
N GLU E 46 12.32 -2.81 20.96
CA GLU E 46 12.04 -1.89 19.87
C GLU E 46 10.55 -1.94 19.58
N SER E 47 10.05 -0.89 18.95
CA SER E 47 8.65 -0.87 18.56
C SER E 47 8.38 -1.86 17.44
N VAL E 48 7.33 -2.67 17.61
CA VAL E 48 6.87 -3.58 16.57
C VAL E 48 5.52 -3.16 16.03
N ARG E 49 5.10 -1.92 16.28
CA ARG E 49 3.77 -1.48 15.91
C ARG E 49 3.61 -1.47 14.40
N GLY E 50 2.60 -2.18 13.92
CA GLY E 50 2.35 -2.27 12.49
C GLY E 50 3.35 -3.08 11.72
N GLU E 51 4.09 -3.97 12.36
CA GLU E 51 5.11 -4.74 11.67
C GLU E 51 4.69 -6.20 11.51
N ASP E 52 5.35 -6.88 10.59
CA ASP E 52 5.16 -8.31 10.38
C ASP E 52 6.25 -9.02 11.18
N VAL E 53 5.86 -9.59 12.32
CA VAL E 53 6.81 -10.10 13.31
C VAL E 53 6.93 -11.61 13.13
N TYR E 54 8.17 -12.10 13.10
CA TYR E 54 8.45 -13.52 13.06
C TYR E 54 9.32 -13.88 14.26
N ILE E 55 8.85 -14.80 15.08
CA ILE E 55 9.55 -15.23 16.28
C ILE E 55 10.04 -16.65 16.05
N VAL E 56 11.34 -16.85 16.11
CA VAL E 56 11.96 -18.14 15.83
C VAL E 56 12.26 -18.82 17.16
N GLN E 57 11.70 -20.02 17.35
CA GLN E 57 11.87 -20.79 18.57
C GLN E 57 11.56 -22.24 18.25
N SER E 58 12.50 -23.14 18.50
CA SER E 58 12.27 -24.54 18.23
C SER E 58 11.94 -25.29 19.52
N GLY E 59 11.26 -26.42 19.37
CA GLY E 59 10.93 -27.29 20.48
C GLY E 59 12.09 -28.20 20.82
N CYS E 60 13.10 -27.64 21.48
CA CYS E 60 14.34 -28.34 21.77
C CYS E 60 14.86 -27.89 23.12
N GLY E 61 15.85 -28.61 23.62
CA GLY E 61 16.45 -28.27 24.90
C GLY E 61 15.42 -28.34 26.01
N GLU E 62 15.37 -27.29 26.83
CA GLU E 62 14.38 -27.17 27.89
C GLU E 62 13.04 -26.78 27.26
N ILE E 63 12.27 -27.80 26.92
CA ILE E 63 11.16 -27.63 26.00
C ILE E 63 10.08 -26.74 26.60
N ASN E 64 9.73 -26.97 27.87
CA ASN E 64 8.66 -26.19 28.46
C ASN E 64 9.07 -24.74 28.68
N ASP E 65 10.33 -24.50 29.05
CA ASP E 65 10.84 -23.15 29.15
C ASP E 65 10.80 -22.43 27.80
N ASN E 66 11.24 -23.11 26.73
CA ASN E 66 11.25 -22.50 25.41
C ASN E 66 9.83 -22.22 24.93
N LEU E 67 8.91 -23.15 25.18
CA LEU E 67 7.53 -22.96 24.76
C LEU E 67 6.90 -21.78 25.48
N MET E 68 7.14 -21.68 26.79
CA MET E 68 6.61 -20.53 27.53
C MET E 68 7.25 -19.23 27.06
N GLU E 69 8.55 -19.24 26.79
CA GLU E 69 9.19 -18.07 26.20
C GLU E 69 8.52 -17.66 24.91
N LEU E 70 8.25 -18.62 24.03
CA LEU E 70 7.61 -18.31 22.76
C LEU E 70 6.23 -17.71 22.97
N LEU E 71 5.43 -18.31 23.86
CA LEU E 71 4.09 -17.79 24.10
C LEU E 71 4.13 -16.38 24.67
N ILE E 72 5.05 -16.15 25.60
CA ILE E 72 5.17 -14.83 26.21
C ILE E 72 5.62 -13.80 25.19
N MET E 73 6.56 -14.15 24.32
CA MET E 73 7.01 -13.23 23.28
C MET E 73 5.90 -12.92 22.30
N ILE E 74 5.12 -13.95 21.91
CA ILE E 74 3.99 -13.71 21.02
C ILE E 74 3.00 -12.76 21.67
N ASN E 75 2.70 -12.97 22.95
CA ASN E 75 1.76 -12.11 23.64
C ASN E 75 2.28 -10.67 23.70
N ALA E 76 3.57 -10.51 24.01
CA ALA E 76 4.16 -9.19 24.10
C ALA E 76 4.07 -8.46 22.77
N CYS E 77 4.37 -9.16 21.67
CA CYS E 77 4.29 -8.52 20.37
C CYS E 77 2.84 -8.21 19.98
N LYS E 78 1.90 -9.08 20.35
CA LYS E 78 0.52 -8.87 19.97
C LYS E 78 -0.09 -7.69 20.72
N ILE E 79 0.16 -7.56 22.02
CA ILE E 79 -0.37 -6.41 22.73
C ILE E 79 0.45 -5.15 22.47
N ALA E 80 1.61 -5.28 21.82
CA ALA E 80 2.36 -4.13 21.35
C ALA E 80 1.92 -3.68 19.96
N SER E 81 0.79 -4.21 19.46
CA SER E 81 0.15 -3.73 18.23
C SER E 81 0.95 -4.09 16.99
N ALA E 82 1.58 -5.25 16.98
CA ALA E 82 2.15 -5.77 15.75
C ALA E 82 1.03 -6.08 14.77
N SER E 83 1.26 -5.79 13.49
CA SER E 83 0.23 -6.04 12.49
C SER E 83 -0.06 -7.54 12.35
N ARG E 84 0.99 -8.35 12.43
CA ARG E 84 0.86 -9.79 12.28
C ARG E 84 2.01 -10.45 13.03
N VAL E 85 1.71 -11.55 13.71
CA VAL E 85 2.71 -12.28 14.48
C VAL E 85 2.74 -13.72 13.96
N THR E 86 3.92 -14.18 13.58
CA THR E 86 4.12 -15.52 13.05
C THR E 86 5.10 -16.27 13.95
N ALA E 87 4.76 -17.50 14.31
CA ALA E 87 5.65 -18.35 15.07
C ALA E 87 6.39 -19.26 14.09
N VAL E 88 7.71 -19.15 14.08
CA VAL E 88 8.56 -19.99 13.26
C VAL E 88 9.12 -21.06 14.18
N ILE E 89 8.56 -22.26 14.11
CA ILE E 89 8.87 -23.31 15.05
C ILE E 89 9.47 -24.48 14.28
N PRO E 90 10.78 -24.50 14.05
CA PRO E 90 11.36 -25.54 13.18
C PRO E 90 11.06 -26.96 13.63
N CYS E 91 11.12 -27.23 14.92
CA CYS E 91 10.73 -28.51 15.48
C CYS E 91 9.57 -28.28 16.44
N PHE E 92 8.41 -28.82 16.10
CA PHE E 92 7.19 -28.53 16.84
C PHE E 92 7.15 -29.31 18.14
N PRO E 93 7.03 -28.67 19.29
CA PRO E 93 7.01 -29.40 20.56
C PRO E 93 5.73 -30.18 20.76
N TYR E 94 5.84 -31.31 21.46
CA TYR E 94 4.75 -32.22 21.77
C TYR E 94 4.09 -32.78 20.53
N ALA E 95 4.78 -32.76 19.38
CA ALA E 95 4.20 -33.25 18.14
C ALA E 95 3.88 -34.74 18.20
N ARG E 96 4.65 -35.50 18.97
CA ARG E 96 4.41 -36.94 19.07
C ARG E 96 3.22 -37.29 19.95
N GLN E 97 2.69 -36.34 20.72
CA GLN E 97 1.45 -36.55 21.46
C GLN E 97 0.27 -35.96 20.66
N ASP E 98 0.03 -36.55 19.50
CA ASP E 98 -0.99 -36.07 18.58
C ASP E 98 -2.27 -36.89 18.64
N LYS E 99 -2.40 -37.82 19.58
CA LYS E 99 -3.59 -38.65 19.68
C LYS E 99 -3.60 -39.36 21.03
N LYS E 100 -4.77 -39.92 21.38
CA LYS E 100 -4.94 -40.62 22.65
C LYS E 100 -4.68 -42.12 22.52
N ASP E 101 -5.36 -42.79 21.60
CA ASP E 101 -5.12 -44.19 21.27
C ASP E 101 -5.30 -45.13 22.46
N LYS E 102 -6.53 -45.26 22.96
CA LYS E 102 -6.88 -46.22 24.00
C LYS E 102 -6.17 -45.91 25.32
N SER E 103 -5.87 -44.64 25.53
CA SER E 103 -5.22 -44.24 26.77
C SER E 103 -5.88 -42.97 27.27
N ARG E 104 -5.98 -42.83 28.59
CA ARG E 104 -6.47 -41.59 29.20
C ARG E 104 -5.33 -40.59 29.24
N ALA E 105 -4.93 -40.17 28.08
CA ALA E 105 -3.79 -39.30 27.85
C ALA E 105 -4.25 -37.96 27.28
N PRO E 106 -3.45 -36.92 27.45
CA PRO E 106 -3.75 -35.66 26.78
C PRO E 106 -3.40 -35.75 25.31
N ILE E 107 -4.03 -34.89 24.50
CA ILE E 107 -3.53 -34.61 23.16
C ILE E 107 -2.72 -33.32 23.29
N SER E 108 -1.45 -33.48 23.66
CA SER E 108 -0.63 -32.33 24.01
C SER E 108 -0.36 -31.43 22.82
N ALA E 109 -0.24 -32.01 21.63
CA ALA E 109 -0.03 -31.20 20.44
C ALA E 109 -1.20 -30.25 20.21
N LYS E 110 -2.43 -30.73 20.41
CA LYS E 110 -3.59 -29.86 20.28
C LYS E 110 -3.58 -28.77 21.35
N LEU E 111 -3.17 -29.10 22.57
CA LEU E 111 -3.08 -28.10 23.63
C LEU E 111 -2.06 -27.03 23.26
N VAL E 112 -0.93 -27.43 22.71
CA VAL E 112 0.09 -26.46 22.30
C VAL E 112 -0.45 -25.57 21.19
N ALA E 113 -1.17 -26.16 20.23
CA ALA E 113 -1.77 -25.37 19.17
C ALA E 113 -2.76 -24.35 19.72
N ASN E 114 -3.60 -24.77 20.66
CA ASN E 114 -4.55 -23.86 21.28
C ASN E 114 -3.84 -22.75 22.03
N MET E 115 -2.76 -23.08 22.74
CA MET E 115 -2.02 -22.07 23.48
C MET E 115 -1.38 -21.05 22.54
N LEU E 116 -0.83 -21.53 21.42
CA LEU E 116 -0.25 -20.63 20.44
C LEU E 116 -1.30 -19.70 19.85
N SER E 117 -2.49 -20.24 19.57
CA SER E 117 -3.57 -19.41 19.04
C SER E 117 -4.02 -18.37 20.06
N VAL E 118 -4.16 -18.77 21.32
CA VAL E 118 -4.67 -17.86 22.33
C VAL E 118 -3.63 -16.82 22.72
N ALA E 119 -2.35 -17.14 22.54
CA ALA E 119 -1.32 -16.14 22.78
C ALA E 119 -1.36 -15.05 21.72
N GLY E 120 -1.88 -15.36 20.54
CA GLY E 120 -2.06 -14.36 19.52
C GLY E 120 -1.36 -14.63 18.21
N ALA E 121 -0.89 -15.85 18.01
CA ALA E 121 -0.24 -16.19 16.75
C ALA E 121 -1.24 -16.15 15.61
N ASP E 122 -0.87 -15.49 14.53
CA ASP E 122 -1.70 -15.44 13.33
C ASP E 122 -1.30 -16.49 12.30
N HIS E 123 -0.11 -17.05 12.42
CA HIS E 123 0.45 -17.91 11.40
C HIS E 123 1.56 -18.75 12.02
N ILE E 124 1.71 -19.97 11.53
CA ILE E 124 2.74 -20.90 12.00
C ILE E 124 3.56 -21.35 10.80
N ILE E 125 4.88 -21.29 10.93
CA ILE E 125 5.81 -21.90 10.00
C ILE E 125 6.58 -22.97 10.75
N THR E 126 6.56 -24.19 10.24
CA THR E 126 7.27 -25.31 10.87
C THR E 126 7.83 -26.20 9.77
N MET E 127 8.66 -27.16 10.19
CA MET E 127 9.31 -28.07 9.27
C MET E 127 9.07 -29.51 9.68
N ASP E 128 8.57 -30.33 8.75
CA ASP E 128 8.36 -31.77 8.92
C ASP E 128 7.65 -32.08 10.25
N LEU E 129 6.40 -31.65 10.31
CA LEU E 129 5.54 -32.03 11.43
C LEU E 129 5.50 -33.56 11.56
N HIS E 130 5.55 -34.04 12.79
CA HIS E 130 5.53 -35.47 13.03
C HIS E 130 4.33 -36.13 12.34
N ALA E 131 3.17 -35.52 12.47
CA ALA E 131 1.98 -35.92 11.71
C ALA E 131 1.38 -34.66 11.10
N SER E 132 1.09 -34.70 9.80
CA SER E 132 0.58 -33.51 9.14
C SER E 132 -0.84 -33.18 9.60
N GLN E 133 -1.51 -34.13 10.25
CA GLN E 133 -2.79 -33.84 10.88
C GLN E 133 -2.69 -32.75 11.92
N ILE E 134 -1.49 -32.49 12.45
CA ILE E 134 -1.32 -31.39 13.41
C ILE E 134 -1.71 -30.06 12.78
N GLN E 135 -1.61 -29.96 11.46
CA GLN E 135 -2.09 -28.77 10.78
C GLN E 135 -3.56 -28.50 11.09
N GLY E 136 -4.37 -29.56 11.19
CA GLY E 136 -5.77 -29.41 11.52
C GLY E 136 -6.03 -29.05 12.97
N PHE E 137 -5.01 -29.16 13.83
CA PHE E 137 -5.17 -28.72 15.21
C PHE E 137 -5.28 -27.21 15.32
N PHE E 138 -4.92 -26.49 14.26
CA PHE E 138 -4.99 -25.04 14.26
C PHE E 138 -6.20 -24.56 13.47
N ASP E 139 -6.62 -23.34 13.76
CA ASP E 139 -7.53 -22.63 12.88
C ASP E 139 -6.82 -21.55 12.06
N ILE E 140 -5.62 -21.14 12.46
CA ILE E 140 -4.78 -20.23 11.70
C ILE E 140 -4.03 -21.01 10.63
N PRO E 141 -3.57 -20.38 9.55
CA PRO E 141 -2.78 -21.13 8.55
C PRO E 141 -1.49 -21.65 9.14
N VAL E 142 -1.11 -22.84 8.70
CA VAL E 142 0.15 -23.48 9.09
C VAL E 142 0.88 -23.88 7.82
N ASP E 143 2.10 -23.40 7.65
CA ASP E 143 2.95 -23.83 6.55
C ASP E 143 3.94 -24.85 7.09
N ASN E 144 3.77 -26.10 6.66
CA ASN E 144 4.64 -27.19 7.06
C ASN E 144 5.65 -27.41 5.95
N LEU E 145 6.86 -26.91 6.15
CA LEU E 145 7.92 -27.05 5.15
C LEU E 145 8.51 -28.46 5.21
N TYR E 146 9.24 -28.79 4.16
CA TYR E 146 9.86 -30.10 4.04
C TYR E 146 11.36 -29.96 3.86
N ALA E 147 12.11 -30.77 4.61
CA ALA E 147 13.55 -30.82 4.44
C ALA E 147 13.97 -31.65 3.24
N GLU E 148 13.02 -32.30 2.57
CA GLU E 148 13.34 -33.24 1.49
C GLU E 148 14.19 -32.64 0.38
N PRO E 149 13.93 -31.43 -0.13
CA PRO E 149 14.85 -30.88 -1.15
C PRO E 149 16.30 -30.80 -0.68
N ALA E 150 16.52 -30.33 0.55
CA ALA E 150 17.87 -30.26 1.08
C ALA E 150 18.46 -31.65 1.30
N VAL E 151 17.63 -32.62 1.70
CA VAL E 151 18.10 -33.98 1.87
C VAL E 151 18.55 -34.57 0.54
N LEU E 152 17.75 -34.36 -0.50
CA LEU E 152 18.10 -34.85 -1.84
C LEU E 152 19.41 -34.22 -2.31
N LYS E 153 19.56 -32.92 -2.08
CA LYS E 153 20.80 -32.25 -2.43
C LYS E 153 21.97 -32.88 -1.70
N TRP E 154 21.84 -33.11 -0.39
CA TRP E 154 22.92 -33.71 0.37
C TRP E 154 23.26 -35.11 -0.15
N ILE E 155 22.23 -35.90 -0.44
CA ILE E 155 22.45 -37.27 -0.91
C ILE E 155 23.23 -37.25 -2.21
N ARG E 156 22.84 -36.39 -3.14
CA ARG E 156 23.52 -36.36 -4.43
C ARG E 156 24.97 -35.88 -4.28
N GLU E 157 25.20 -34.87 -3.43
CA GLU E 157 26.57 -34.35 -3.35
C GLU E 157 27.45 -35.06 -2.33
N ASN E 158 26.93 -36.04 -1.59
CA ASN E 158 27.75 -36.69 -0.57
C ASN E 158 27.86 -38.20 -0.71
N ILE E 159 26.90 -38.86 -1.35
CA ILE E 159 26.93 -40.30 -1.51
C ILE E 159 27.20 -40.56 -2.99
N SER E 160 28.41 -41.06 -3.29
CA SER E 160 28.81 -41.23 -4.68
C SER E 160 27.99 -42.30 -5.39
N GLU E 161 27.51 -43.29 -4.64
CA GLU E 161 26.74 -44.38 -5.22
C GLU E 161 25.24 -44.15 -5.14
N TRP E 162 24.80 -42.90 -5.09
CA TRP E 162 23.40 -42.63 -4.76
C TRP E 162 22.44 -43.16 -5.81
N ARG E 163 22.91 -43.36 -7.05
CA ARG E 163 22.03 -43.88 -8.08
C ARG E 163 21.72 -45.35 -7.89
N ASN E 164 22.56 -46.08 -7.15
CA ASN E 164 22.32 -47.48 -6.85
C ASN E 164 21.94 -47.73 -5.41
N CYS E 165 21.58 -46.69 -4.66
CA CYS E 165 21.29 -46.86 -3.25
C CYS E 165 19.85 -47.33 -3.04
N THR E 166 19.56 -47.73 -1.82
CA THR E 166 18.21 -48.07 -1.39
C THR E 166 17.80 -47.16 -0.25
N ILE E 167 16.67 -46.48 -0.41
CA ILE E 167 16.11 -45.65 0.66
C ILE E 167 15.25 -46.54 1.55
N VAL E 168 15.52 -46.52 2.85
CA VAL E 168 14.92 -47.47 3.78
C VAL E 168 14.13 -46.71 4.83
N SER E 169 12.90 -47.16 5.05
CA SER E 169 12.13 -46.66 6.18
C SER E 169 12.45 -47.50 7.41
N PRO E 170 12.71 -46.86 8.57
CA PRO E 170 12.92 -47.64 9.80
C PRO E 170 11.67 -48.35 10.27
N ASP E 171 10.48 -47.91 9.89
CA ASP E 171 9.23 -48.49 10.34
C ASP E 171 8.20 -48.35 9.24
N ALA E 172 7.03 -48.95 9.45
CA ALA E 172 5.96 -48.86 8.47
C ALA E 172 5.39 -47.44 8.42
N GLY E 173 5.53 -46.68 9.50
CA GLY E 173 4.94 -45.35 9.56
C GLY E 173 5.57 -44.36 8.59
N GLY E 174 6.88 -44.42 8.42
CA GLY E 174 7.56 -43.46 7.58
C GLY E 174 7.68 -43.80 6.12
N ALA E 175 7.08 -44.91 5.69
CA ALA E 175 7.26 -45.40 4.33
C ALA E 175 6.95 -44.33 3.30
N LYS E 176 5.82 -43.64 3.47
CA LYS E 176 5.47 -42.55 2.56
C LYS E 176 6.67 -41.66 2.29
N ARG E 177 7.27 -41.13 3.36
CA ARG E 177 8.41 -40.25 3.21
C ARG E 177 9.47 -40.88 2.33
N VAL E 178 9.88 -42.11 2.65
CA VAL E 178 10.98 -42.70 1.90
C VAL E 178 10.57 -42.91 0.44
N THR E 179 9.31 -43.28 0.22
CA THR E 179 8.87 -43.45 -1.16
C THR E 179 9.02 -42.15 -1.92
N SER E 180 8.60 -41.04 -1.30
CA SER E 180 8.79 -39.75 -1.94
C SER E 180 10.24 -39.57 -2.35
N ILE E 181 11.17 -39.80 -1.42
CA ILE E 181 12.58 -39.64 -1.74
C ILE E 181 12.98 -40.62 -2.83
N ALA E 182 12.52 -41.87 -2.72
CA ALA E 182 12.87 -42.86 -3.72
C ALA E 182 12.34 -42.46 -5.09
N ASP E 183 11.20 -41.76 -5.12
CA ASP E 183 10.69 -41.29 -6.40
C ASP E 183 11.56 -40.19 -6.98
N ARG E 184 12.07 -39.30 -6.13
CA ARG E 184 12.83 -38.16 -6.62
C ARG E 184 14.25 -38.54 -7.03
N LEU E 185 14.77 -39.66 -6.54
CA LEU E 185 16.09 -40.12 -6.89
C LEU E 185 16.11 -41.24 -7.90
N ASN E 186 14.97 -41.88 -8.16
CA ASN E 186 14.87 -43.06 -9.01
C ASN E 186 15.77 -44.19 -8.50
N VAL E 187 15.46 -44.62 -7.28
CA VAL E 187 16.17 -45.70 -6.61
C VAL E 187 15.15 -46.61 -5.94
N ASP E 188 15.63 -47.73 -5.44
CA ASP E 188 14.77 -48.67 -4.75
C ASP E 188 14.46 -48.16 -3.34
N PHE E 189 13.34 -48.63 -2.80
CA PHE E 189 12.96 -48.31 -1.43
C PHE E 189 12.59 -49.58 -0.70
N ALA E 190 13.08 -49.71 0.53
CA ALA E 190 12.87 -50.85 1.39
C ALA E 190 12.16 -50.44 2.67
N LEU E 191 11.44 -51.39 3.24
CA LEU E 191 10.79 -51.21 4.53
C LEU E 191 11.37 -52.18 5.54
N ILE E 192 11.30 -51.77 6.80
CA ILE E 192 11.74 -52.59 7.92
C ILE E 192 10.68 -52.47 9.01
N HIS E 193 10.22 -53.60 9.55
CA HIS E 193 9.33 -53.51 10.70
C HIS E 193 9.59 -54.69 11.64
N LYS E 194 9.28 -54.48 12.91
CA LYS E 194 9.52 -55.49 13.93
C LYS E 194 8.31 -56.40 14.08
N GLU E 195 8.59 -57.67 14.33
CA GLU E 195 7.55 -58.69 14.44
C GLU E 195 7.00 -58.76 15.85
N ASP E 203 11.30 -58.60 19.04
CA ASP E 203 12.62 -57.98 19.06
C ASP E 203 13.33 -58.16 17.73
N ARG E 204 12.75 -58.98 16.86
CA ARG E 204 13.30 -59.21 15.53
C ARG E 204 12.69 -58.23 14.53
N MET E 205 13.46 -57.89 13.51
CA MET E 205 13.02 -57.02 12.43
C MET E 205 13.04 -57.78 11.11
N VAL E 206 12.09 -57.47 10.25
CA VAL E 206 11.99 -58.06 8.92
C VAL E 206 12.13 -56.94 7.90
N LEU E 207 12.93 -57.20 6.88
CA LEU E 207 13.30 -56.27 5.82
C LEU E 207 12.82 -56.79 4.47
N VAL E 208 12.17 -55.91 3.72
CA VAL E 208 11.72 -56.23 2.37
C VAL E 208 12.48 -55.34 1.40
N GLY E 209 13.07 -55.94 0.38
CA GLY E 209 13.85 -55.19 -0.58
C GLY E 209 15.32 -55.56 -0.57
N ASP E 210 15.89 -55.80 -1.74
CA ASP E 210 17.29 -56.15 -1.84
C ASP E 210 18.17 -54.98 -1.43
N VAL E 211 19.10 -55.25 -0.51
CA VAL E 211 20.05 -54.24 -0.06
C VAL E 211 21.48 -54.72 -0.14
N LYS E 212 21.73 -55.92 -0.66
CA LYS E 212 23.09 -56.46 -0.71
C LYS E 212 23.93 -55.67 -1.70
N ASP E 213 25.18 -55.38 -1.32
CA ASP E 213 26.17 -54.68 -2.12
C ASP E 213 25.73 -53.27 -2.49
N ARG E 214 24.69 -52.74 -1.85
CA ARG E 214 24.16 -51.43 -2.15
C ARG E 214 24.22 -50.57 -0.90
N VAL E 215 24.39 -49.27 -1.09
CA VAL E 215 24.35 -48.33 0.02
C VAL E 215 22.90 -48.15 0.46
N ALA E 216 22.65 -48.25 1.75
CA ALA E 216 21.32 -48.05 2.30
C ALA E 216 21.25 -46.72 3.03
N ILE E 217 20.12 -46.03 2.89
CA ILE E 217 19.92 -44.72 3.50
C ILE E 217 18.62 -44.79 4.28
N LEU E 218 18.70 -44.95 5.60
CA LEU E 218 17.53 -44.81 6.45
C LEU E 218 17.08 -43.35 6.45
N VAL E 219 15.78 -43.12 6.35
CA VAL E 219 15.27 -41.75 6.34
C VAL E 219 14.17 -41.62 7.39
N ASP E 220 14.18 -40.51 8.14
CA ASP E 220 13.18 -40.31 9.17
C ASP E 220 13.03 -38.84 9.56
N ASP E 221 11.92 -38.57 10.23
CA ASP E 221 11.64 -37.22 10.68
C ASP E 221 12.47 -36.86 11.91
N MET E 222 12.70 -37.81 12.81
CA MET E 222 13.42 -37.45 14.01
C MET E 222 14.15 -38.66 14.58
N ALA E 223 15.20 -38.36 15.34
CA ALA E 223 15.93 -39.34 16.12
C ALA E 223 16.00 -38.84 17.55
N ASP E 224 15.22 -39.46 18.43
CA ASP E 224 15.25 -39.06 19.84
C ASP E 224 16.23 -39.89 20.64
N THR E 225 15.95 -41.17 20.80
CA THR E 225 16.85 -42.06 21.50
C THR E 225 17.64 -42.95 20.55
N CYS E 226 17.26 -42.95 19.27
CA CYS E 226 17.93 -43.64 18.19
C CYS E 226 17.91 -45.15 18.33
N GLY E 227 17.03 -45.70 19.17
CA GLY E 227 16.86 -47.13 19.20
C GLY E 227 16.34 -47.67 17.89
N THR E 228 15.37 -46.96 17.30
CA THR E 228 14.78 -47.40 16.04
C THR E 228 15.81 -47.47 14.94
N ILE E 229 16.55 -46.37 14.72
CA ILE E 229 17.49 -46.36 13.61
C ILE E 229 18.67 -47.27 13.88
N CYS E 230 19.09 -47.43 15.12
CA CYS E 230 20.20 -48.34 15.41
C CYS E 230 19.81 -49.79 15.15
N HIS E 231 18.61 -50.19 15.56
CA HIS E 231 18.13 -51.53 15.26
C HIS E 231 18.00 -51.74 13.76
N ALA E 232 17.46 -50.73 13.06
CA ALA E 232 17.34 -50.82 11.61
C ALA E 232 18.70 -50.96 10.94
N ALA E 233 19.70 -50.21 11.42
CA ALA E 233 21.02 -50.29 10.82
C ALA E 233 21.67 -51.63 11.07
N ASP E 234 21.48 -52.20 12.27
CA ASP E 234 21.98 -53.55 12.53
C ASP E 234 21.36 -54.54 11.56
N LYS E 235 20.05 -54.44 11.34
CA LYS E 235 19.39 -55.34 10.39
C LYS E 235 19.91 -55.13 8.97
N LEU E 236 20.14 -53.89 8.58
CA LEU E 236 20.63 -53.61 7.24
C LEU E 236 22.02 -54.20 7.02
N LEU E 237 22.90 -54.10 8.01
CA LEU E 237 24.19 -54.75 7.89
C LEU E 237 24.06 -56.26 7.89
N SER E 238 23.08 -56.80 8.62
CA SER E 238 22.84 -58.25 8.56
C SER E 238 22.49 -58.68 7.15
N ALA E 239 21.70 -57.87 6.44
CA ALA E 239 21.24 -58.20 5.10
C ALA E 239 22.22 -57.81 4.01
N GLY E 240 23.51 -57.66 4.33
CA GLY E 240 24.52 -57.52 3.30
C GLY E 240 24.70 -56.14 2.72
N ALA E 241 24.16 -55.11 3.37
CA ALA E 241 24.37 -53.74 2.88
C ALA E 241 25.83 -53.35 2.99
N THR E 242 26.26 -52.48 2.08
CA THR E 242 27.66 -52.07 2.07
C THR E 242 27.92 -50.99 3.11
N ARG E 243 27.21 -49.87 3.04
CA ARG E 243 27.25 -48.84 4.06
C ARG E 243 25.82 -48.44 4.38
N VAL E 244 25.60 -48.01 5.62
CA VAL E 244 24.29 -47.54 6.06
C VAL E 244 24.42 -46.11 6.52
N TYR E 245 23.60 -45.24 5.95
CA TYR E 245 23.45 -43.85 6.35
C TYR E 245 22.12 -43.69 7.06
N ALA E 246 22.02 -42.65 7.88
CA ALA E 246 20.75 -42.25 8.47
C ALA E 246 20.58 -40.76 8.24
N ILE E 247 19.43 -40.35 7.73
CA ILE E 247 19.13 -38.96 7.48
C ILE E 247 17.82 -38.62 8.17
N LEU E 248 17.88 -37.65 9.09
CA LEU E 248 16.73 -37.25 9.87
C LEU E 248 16.59 -35.73 9.81
N THR E 249 15.35 -35.27 9.76
CA THR E 249 15.19 -33.82 9.76
C THR E 249 15.39 -33.24 11.15
N HIS E 250 15.01 -33.96 12.21
CA HIS E 250 15.13 -33.45 13.58
C HIS E 250 16.06 -34.34 14.39
N GLY E 251 17.24 -33.82 14.73
CA GLY E 251 18.19 -34.51 15.56
C GLY E 251 18.07 -34.21 17.04
N ILE E 252 17.08 -34.77 17.72
CA ILE E 252 16.88 -34.48 19.14
C ILE E 252 18.00 -35.10 19.97
N PHE E 253 18.31 -36.38 19.75
CA PHE E 253 19.47 -37.05 20.35
C PHE E 253 19.44 -37.01 21.87
N SER E 254 18.30 -37.32 22.47
CA SER E 254 18.22 -37.31 23.92
C SER E 254 18.55 -38.68 24.49
N GLY E 255 18.79 -38.72 25.79
CA GLY E 255 19.08 -39.94 26.49
C GLY E 255 20.37 -40.61 26.02
N PRO E 256 20.28 -41.90 25.69
CA PRO E 256 21.46 -42.66 25.27
C PRO E 256 21.76 -42.60 23.79
N ALA E 257 21.18 -41.64 23.05
CA ALA E 257 21.29 -41.65 21.59
C ALA E 257 22.74 -41.54 21.14
N ILE E 258 23.53 -40.69 21.80
CA ILE E 258 24.90 -40.47 21.35
C ILE E 258 25.74 -41.72 21.52
N SER E 259 25.60 -42.40 22.66
CA SER E 259 26.34 -43.64 22.87
C SER E 259 25.93 -44.71 21.86
N ARG E 260 24.64 -44.85 21.60
CA ARG E 260 24.17 -45.85 20.65
C ARG E 260 24.69 -45.57 19.25
N ILE E 261 24.66 -44.29 18.84
CA ILE E 261 25.17 -43.94 17.52
C ILE E 261 26.67 -44.21 17.45
N ASN E 262 27.40 -43.86 18.50
CA ASN E 262 28.83 -44.14 18.54
C ASN E 262 29.11 -45.63 18.42
N ASN E 263 28.25 -46.47 19.01
CA ASN E 263 28.44 -47.91 18.90
C ASN E 263 27.77 -48.50 17.67
N ALA E 264 27.09 -47.70 16.86
CA ALA E 264 26.41 -48.22 15.68
C ALA E 264 27.33 -48.19 14.46
N CYS E 265 26.84 -48.77 13.39
CA CYS E 265 27.62 -48.96 12.17
C CYS E 265 27.41 -47.86 11.13
N PHE E 266 26.69 -46.80 11.48
CA PHE E 266 26.41 -45.74 10.53
C PHE E 266 27.68 -45.15 9.96
N GLU E 267 27.70 -44.95 8.64
CA GLU E 267 28.75 -44.14 8.06
C GLU E 267 28.60 -42.68 8.48
N ALA E 268 27.37 -42.19 8.51
CA ALA E 268 27.08 -40.83 8.93
C ALA E 268 25.65 -40.77 9.44
N VAL E 269 25.40 -39.84 10.34
CA VAL E 269 24.04 -39.53 10.79
C VAL E 269 23.81 -38.07 10.45
N VAL E 270 23.11 -37.84 9.36
CA VAL E 270 22.85 -36.49 8.87
C VAL E 270 21.53 -36.02 9.46
N VAL E 271 21.52 -34.83 10.04
CA VAL E 271 20.31 -34.23 10.57
C VAL E 271 20.26 -32.79 10.09
N THR E 272 19.05 -32.25 10.00
CA THR E 272 19.01 -30.83 9.71
C THR E 272 19.31 -30.01 10.97
N ASN E 273 19.51 -28.71 10.78
CA ASN E 273 19.70 -27.85 11.94
C ASN E 273 18.41 -27.16 12.39
N THR E 274 17.32 -27.92 12.49
CA THR E 274 16.14 -27.39 13.15
C THR E 274 16.34 -27.32 14.65
N ILE E 275 17.31 -28.07 15.16
CA ILE E 275 17.66 -28.15 16.56
C ILE E 275 19.18 -27.91 16.60
N PRO E 276 19.69 -27.10 17.53
CA PRO E 276 21.14 -26.88 17.58
C PRO E 276 21.88 -28.19 17.84
N GLN E 277 23.01 -28.36 17.16
CA GLN E 277 23.72 -29.63 17.17
C GLN E 277 25.16 -29.54 17.64
N GLU E 278 25.66 -28.36 17.98
CA GLU E 278 27.09 -28.20 18.24
C GLU E 278 27.55 -29.09 19.40
N ASP E 279 26.76 -29.16 20.46
CA ASP E 279 27.15 -29.97 21.62
C ASP E 279 27.20 -31.46 21.26
N LYS E 280 26.22 -31.94 20.49
CA LYS E 280 26.21 -33.34 20.10
C LYS E 280 27.35 -33.69 19.16
N MET E 281 27.70 -32.76 18.25
CA MET E 281 28.82 -32.99 17.34
C MET E 281 30.13 -33.15 18.10
N LYS E 282 30.25 -32.52 19.26
CA LYS E 282 31.46 -32.66 20.05
C LYS E 282 31.67 -34.10 20.49
N HIS E 283 30.60 -34.77 20.91
CA HIS E 283 30.70 -36.12 21.43
C HIS E 283 30.36 -37.20 20.40
N CYS E 284 30.03 -36.83 19.17
CA CYS E 284 29.68 -37.83 18.16
C CYS E 284 30.27 -37.38 16.83
N SER E 285 31.26 -38.14 16.35
CA SER E 285 31.99 -37.74 15.16
C SER E 285 31.14 -37.86 13.90
N LYS E 286 30.23 -38.82 13.85
CA LYS E 286 29.53 -39.13 12.62
C LYS E 286 28.24 -38.34 12.42
N ILE E 287 27.93 -37.41 13.30
CA ILE E 287 26.80 -36.52 13.07
C ILE E 287 27.22 -35.43 12.09
N GLN E 288 26.38 -35.18 11.09
CA GLN E 288 26.59 -34.11 10.13
C GLN E 288 25.31 -33.29 10.03
N VAL E 289 25.46 -32.01 9.72
CA VAL E 289 24.35 -31.06 9.79
C VAL E 289 24.09 -30.51 8.40
N ILE E 290 22.83 -30.57 7.98
CA ILE E 290 22.35 -29.86 6.80
C ILE E 290 21.76 -28.53 7.25
N ASP E 291 22.18 -27.45 6.62
CA ASP E 291 21.55 -26.16 6.87
C ASP E 291 20.21 -26.11 6.16
N ILE E 292 19.15 -25.77 6.89
CA ILE E 292 17.85 -25.51 6.30
C ILE E 292 17.41 -24.07 6.53
N SER E 293 18.33 -23.21 6.96
CA SER E 293 17.99 -21.82 7.17
C SER E 293 17.59 -21.12 5.88
N MET E 294 18.07 -21.57 4.73
CA MET E 294 17.62 -20.97 3.48
C MET E 294 16.15 -21.26 3.22
N ILE E 295 15.70 -22.48 3.53
CA ILE E 295 14.29 -22.81 3.34
C ILE E 295 13.42 -21.98 4.27
N LEU E 296 13.82 -21.85 5.53
CA LEU E 296 13.04 -21.07 6.49
C LEU E 296 13.02 -19.59 6.11
N ALA E 297 14.18 -19.05 5.70
CA ALA E 297 14.23 -17.66 5.30
C ALA E 297 13.38 -17.40 4.07
N GLU E 298 13.43 -18.29 3.09
CA GLU E 298 12.61 -18.13 1.90
C GLU E 298 11.13 -18.25 2.23
N ALA E 299 10.76 -19.15 3.15
CA ALA E 299 9.37 -19.24 3.54
C ALA E 299 8.90 -17.97 4.23
N ILE E 300 9.73 -17.40 5.11
CA ILE E 300 9.37 -16.15 5.77
C ILE E 300 9.18 -15.05 4.73
N ARG E 301 10.12 -14.95 3.80
CA ARG E 301 10.09 -13.88 2.82
C ARG E 301 8.91 -14.04 1.87
N ARG E 302 8.54 -15.28 1.54
CA ARG E 302 7.42 -15.52 0.65
C ARG E 302 6.08 -15.29 1.35
N THR E 303 5.97 -15.66 2.63
CA THR E 303 4.74 -15.32 3.36
C THR E 303 4.61 -13.81 3.49
N HIS E 304 5.72 -13.12 3.72
CA HIS E 304 5.65 -11.66 3.82
C HIS E 304 5.23 -11.02 2.50
N ASN E 305 5.81 -11.47 1.39
CA ASN E 305 5.54 -10.84 0.10
C ASN E 305 4.34 -11.42 -0.62
N GLY E 306 3.66 -12.39 -0.03
CA GLY E 306 2.54 -13.00 -0.70
C GLY E 306 2.90 -13.88 -1.87
N GLU E 307 4.13 -14.39 -1.94
CA GLU E 307 4.48 -15.33 -2.98
C GLU E 307 4.16 -16.75 -2.53
N SER E 308 4.26 -17.68 -3.47
CA SER E 308 3.92 -19.08 -3.18
C SER E 308 4.97 -19.71 -2.26
N VAL E 309 4.50 -20.31 -1.17
CA VAL E 309 5.38 -21.04 -0.28
C VAL E 309 5.58 -22.47 -0.76
N SER E 310 4.52 -23.08 -1.32
CA SER E 310 4.58 -24.48 -1.73
C SER E 310 5.59 -24.70 -2.84
N TYR E 311 6.02 -23.62 -3.50
CA TYR E 311 7.12 -23.66 -4.46
C TYR E 311 8.36 -24.29 -3.84
N LEU E 312 8.54 -24.10 -2.53
CA LEU E 312 9.67 -24.63 -1.80
C LEU E 312 9.58 -26.12 -1.54
N PHE E 313 8.41 -26.75 -1.74
CA PHE E 313 8.32 -28.19 -1.48
C PHE E 313 9.22 -28.98 -2.39
N SER E 314 9.57 -28.43 -3.56
CA SER E 314 10.36 -29.15 -4.54
C SER E 314 11.59 -28.40 -5.02
N HIS E 315 11.82 -27.16 -4.57
CA HIS E 315 12.90 -26.35 -5.09
C HIS E 315 13.81 -25.87 -3.98
N VAL E 316 15.10 -26.11 -4.12
CA VAL E 316 16.08 -25.56 -3.18
C VAL E 316 16.38 -24.12 -3.56
N PRO E 317 16.18 -23.15 -2.67
CA PRO E 317 16.45 -21.74 -2.98
C PRO E 317 17.90 -21.34 -2.72
N PRO F 2 -32.39 -35.97 34.26
CA PRO F 2 -32.06 -36.02 32.83
C PRO F 2 -32.05 -37.44 32.29
N ASN F 3 -32.94 -37.70 31.33
CA ASN F 3 -33.11 -39.02 30.76
C ASN F 3 -32.46 -39.10 29.37
N ILE F 4 -32.24 -40.32 28.92
CA ILE F 4 -31.72 -40.54 27.59
C ILE F 4 -32.82 -40.37 26.57
N LYS F 5 -32.54 -39.58 25.54
CA LYS F 5 -33.40 -39.47 24.36
C LYS F 5 -32.57 -39.83 23.15
N ILE F 6 -33.01 -40.83 22.39
CA ILE F 6 -32.31 -41.26 21.20
C ILE F 6 -33.11 -40.78 19.99
N PHE F 7 -32.46 -40.05 19.10
CA PHE F 7 -33.09 -39.58 17.88
C PHE F 7 -32.33 -40.15 16.69
N SER F 8 -33.07 -40.50 15.65
CA SER F 8 -32.50 -41.07 14.45
C SER F 8 -32.51 -40.06 13.32
N GLY F 9 -31.38 -39.90 12.66
CA GLY F 9 -31.39 -39.29 11.35
C GLY F 9 -31.86 -40.28 10.31
N SER F 10 -32.03 -39.79 9.09
CA SER F 10 -32.53 -40.65 8.03
C SER F 10 -31.48 -41.60 7.46
N SER F 11 -30.20 -41.40 7.80
CA SER F 11 -29.15 -42.21 7.18
C SER F 11 -29.24 -43.69 7.56
N HIS F 12 -29.31 -43.98 8.85
CA HIS F 12 -29.24 -45.37 9.30
C HIS F 12 -30.30 -45.59 10.38
N GLN F 13 -31.53 -45.85 9.95
CA GLN F 13 -32.63 -45.96 10.91
C GLN F 13 -32.64 -47.33 11.59
N ASP F 14 -32.21 -48.37 10.90
CA ASP F 14 -32.15 -49.69 11.50
C ASP F 14 -31.17 -49.72 12.68
N LEU F 15 -30.00 -49.11 12.50
CA LEU F 15 -29.03 -49.05 13.59
C LEU F 15 -29.58 -48.27 14.78
N SER F 16 -30.25 -47.14 14.52
CA SER F 16 -30.83 -46.36 15.61
C SER F 16 -31.88 -47.18 16.35
N GLN F 17 -32.70 -47.94 15.62
CA GLN F 17 -33.69 -48.77 16.27
C GLN F 17 -33.03 -49.86 17.11
N LYS F 18 -31.99 -50.50 16.59
CA LYS F 18 -31.30 -51.52 17.37
C LYS F 18 -30.73 -50.94 18.66
N ILE F 19 -30.12 -49.75 18.56
CA ILE F 19 -29.57 -49.10 19.74
C ILE F 19 -30.68 -48.78 20.74
N ALA F 20 -31.80 -48.27 20.24
CA ALA F 20 -32.91 -47.92 21.12
C ALA F 20 -33.47 -49.14 21.83
N ASP F 21 -33.61 -50.26 21.13
CA ASP F 21 -34.05 -51.50 21.78
C ASP F 21 -33.06 -51.96 22.84
N ARG F 22 -31.77 -51.90 22.54
CA ARG F 22 -30.80 -52.31 23.55
C ARG F 22 -30.83 -51.39 24.75
N LEU F 23 -31.19 -50.13 24.57
CA LEU F 23 -31.31 -49.22 25.70
C LEU F 23 -32.67 -49.33 26.39
N GLY F 24 -33.60 -50.11 25.85
CA GLY F 24 -34.93 -50.19 26.42
C GLY F 24 -35.76 -48.94 26.21
N LEU F 25 -35.52 -48.21 25.12
CA LEU F 25 -36.16 -46.94 24.86
C LEU F 25 -36.85 -46.96 23.51
N GLU F 26 -37.79 -46.05 23.32
CA GLU F 26 -38.33 -45.81 22.00
C GLU F 26 -37.61 -44.63 21.37
N LEU F 27 -37.49 -44.66 20.04
CA LEU F 27 -36.86 -43.56 19.34
C LEU F 27 -37.68 -42.29 19.53
N GLY F 28 -36.97 -41.18 19.74
CA GLY F 28 -37.66 -39.91 19.94
C GLY F 28 -38.42 -39.48 18.71
N LYS F 29 -39.55 -38.82 18.94
CA LYS F 29 -40.37 -38.34 17.83
C LYS F 29 -39.68 -37.18 17.14
N VAL F 30 -39.30 -37.38 15.88
CA VAL F 30 -38.72 -36.33 15.06
C VAL F 30 -39.17 -36.52 13.63
N VAL F 31 -39.46 -35.42 12.96
CA VAL F 31 -39.74 -35.41 11.53
C VAL F 31 -38.52 -34.88 10.82
N THR F 32 -37.98 -35.67 9.89
CA THR F 32 -36.80 -35.30 9.13
C THR F 32 -37.10 -35.57 7.66
N LYS F 33 -37.52 -34.53 6.95
CA LYS F 33 -37.88 -34.67 5.55
C LYS F 33 -37.20 -33.56 4.76
N LYS F 34 -37.61 -33.39 3.52
CA LYS F 34 -37.08 -32.31 2.70
C LYS F 34 -38.21 -31.39 2.24
N PHE F 35 -37.96 -30.10 2.30
CA PHE F 35 -38.81 -29.14 1.64
C PHE F 35 -38.78 -29.37 0.13
N SER F 36 -39.67 -28.69 -0.58
CA SER F 36 -39.76 -28.85 -2.03
C SER F 36 -38.43 -28.50 -2.72
N ASN F 37 -37.80 -27.42 -2.29
CA ASN F 37 -36.52 -27.01 -2.87
C ASN F 37 -35.34 -27.81 -2.33
N GLN F 38 -35.60 -28.93 -1.64
CA GLN F 38 -34.63 -29.89 -1.17
C GLN F 38 -33.83 -29.43 0.04
N GLU F 39 -34.29 -28.39 0.74
CA GLU F 39 -33.69 -28.04 2.01
C GLU F 39 -34.19 -28.99 3.08
N THR F 40 -33.31 -29.36 4.00
CA THR F 40 -33.70 -30.25 5.09
C THR F 40 -34.73 -29.58 5.98
N CYS F 41 -35.77 -30.32 6.32
CA CYS F 41 -36.79 -29.90 7.28
C CYS F 41 -36.73 -30.82 8.48
N VAL F 42 -36.57 -30.23 9.66
CA VAL F 42 -36.48 -30.98 10.92
C VAL F 42 -37.47 -30.39 11.90
N GLU F 43 -38.24 -31.25 12.55
CA GLU F 43 -39.16 -30.84 13.61
C GLU F 43 -39.06 -31.84 14.75
N ILE F 44 -38.64 -31.38 15.93
CA ILE F 44 -38.57 -32.26 17.09
C ILE F 44 -39.99 -32.38 17.64
N GLY F 45 -40.52 -33.60 17.63
CA GLY F 45 -41.89 -33.88 17.99
C GLY F 45 -42.16 -34.06 19.46
N GLU F 46 -41.17 -33.87 20.31
CA GLU F 46 -41.36 -33.99 21.74
C GLU F 46 -40.39 -33.04 22.43
N SER F 47 -40.71 -32.70 23.68
CA SER F 47 -39.83 -31.83 24.45
C SER F 47 -38.55 -32.57 24.80
N VAL F 48 -37.42 -31.92 24.58
CA VAL F 48 -36.12 -32.44 24.99
C VAL F 48 -35.50 -31.58 26.09
N ARG F 49 -36.30 -30.74 26.74
CA ARG F 49 -35.79 -29.80 27.71
C ARG F 49 -35.20 -30.53 28.91
N GLY F 50 -33.93 -30.24 29.21
CA GLY F 50 -33.26 -30.89 30.31
C GLY F 50 -32.93 -32.35 30.10
N GLU F 51 -32.88 -32.82 28.87
CA GLU F 51 -32.63 -34.22 28.60
C GLU F 51 -31.23 -34.44 28.03
N ASP F 52 -30.76 -35.67 28.12
CA ASP F 52 -29.49 -36.09 27.53
C ASP F 52 -29.81 -36.68 26.17
N VAL F 53 -29.54 -35.91 25.12
CA VAL F 53 -30.00 -36.22 23.76
C VAL F 53 -28.87 -36.87 23.00
N TYR F 54 -29.17 -37.99 22.33
CA TYR F 54 -28.22 -38.66 21.46
C TYR F 54 -28.82 -38.75 20.08
N ILE F 55 -28.12 -38.21 19.08
CA ILE F 55 -28.59 -38.19 17.70
C ILE F 55 -27.69 -39.13 16.90
N VAL F 56 -28.28 -40.16 16.31
CA VAL F 56 -27.55 -41.17 15.58
C VAL F 56 -27.63 -40.86 14.10
N GLN F 57 -26.47 -40.69 13.46
CA GLN F 57 -26.37 -40.37 12.04
C GLN F 57 -24.99 -40.74 11.57
N SER F 58 -24.91 -41.60 10.56
CA SER F 58 -23.62 -42.01 10.03
C SER F 58 -23.29 -41.25 8.75
N GLY F 59 -22.00 -41.16 8.46
CA GLY F 59 -21.53 -40.55 7.23
C GLY F 59 -21.59 -41.51 6.07
N CYS F 60 -22.79 -41.74 5.56
CA CYS F 60 -23.03 -42.73 4.53
C CYS F 60 -24.12 -42.23 3.60
N GLY F 61 -24.28 -42.92 2.48
CA GLY F 61 -25.29 -42.54 1.51
C GLY F 61 -25.05 -41.16 0.97
N GLU F 62 -26.09 -40.33 0.96
CA GLU F 62 -25.99 -38.93 0.57
C GLU F 62 -25.34 -38.15 1.71
N ILE F 63 -24.01 -38.07 1.64
CA ILE F 63 -23.23 -37.68 2.81
C ILE F 63 -23.52 -36.24 3.21
N ASN F 64 -23.56 -35.32 2.25
CA ASN F 64 -23.77 -33.93 2.60
C ASN F 64 -25.18 -33.68 3.13
N ASP F 65 -26.18 -34.36 2.56
CA ASP F 65 -27.53 -34.28 3.09
C ASP F 65 -27.60 -34.80 4.52
N ASN F 66 -26.97 -35.94 4.79
CA ASN F 66 -27.01 -36.52 6.13
C ASN F 66 -26.27 -35.63 7.12
N LEU F 67 -25.15 -35.07 6.71
CA LEU F 67 -24.39 -34.19 7.59
C LEU F 67 -25.17 -32.94 7.94
N MET F 68 -25.83 -32.34 6.93
CA MET F 68 -26.66 -31.17 7.20
C MET F 68 -27.84 -31.52 8.08
N GLU F 69 -28.47 -32.68 7.84
CA GLU F 69 -29.52 -33.15 8.74
C GLU F 69 -29.04 -33.25 10.17
N LEU F 70 -27.85 -33.83 10.37
CA LEU F 70 -27.31 -33.97 11.72
C LEU F 70 -27.08 -32.62 12.36
N LEU F 71 -26.48 -31.69 11.62
CA LEU F 71 -26.22 -30.36 12.18
C LEU F 71 -27.51 -29.64 12.53
N ILE F 72 -28.50 -29.73 11.66
CA ILE F 72 -29.78 -29.08 11.91
C ILE F 72 -30.48 -29.69 13.12
N MET F 73 -30.43 -31.02 13.26
CA MET F 73 -31.04 -31.66 14.41
C MET F 73 -30.33 -31.28 15.70
N ILE F 74 -29.00 -31.23 15.67
CA ILE F 74 -28.25 -30.79 16.85
C ILE F 74 -28.66 -29.38 17.23
N ASN F 75 -28.75 -28.49 16.24
CA ASN F 75 -29.12 -27.11 16.53
C ASN F 75 -30.53 -27.03 17.12
N ALA F 76 -31.46 -27.79 16.55
CA ALA F 76 -32.84 -27.78 17.04
C ALA F 76 -32.90 -28.26 18.49
N CYS F 77 -32.17 -29.32 18.81
CA CYS F 77 -32.17 -29.81 20.19
C CYS F 77 -31.48 -28.83 21.13
N LYS F 78 -30.42 -28.16 20.67
CA LYS F 78 -29.69 -27.25 21.54
C LYS F 78 -30.51 -26.01 21.85
N ILE F 79 -31.17 -25.42 20.86
CA ILE F 79 -32.01 -24.26 21.16
C ILE F 79 -33.33 -24.66 21.79
N ALA F 80 -33.66 -25.95 21.83
CA ALA F 80 -34.79 -26.44 22.59
C ALA F 80 -34.43 -26.75 24.04
N SER F 81 -33.25 -26.34 24.48
CA SER F 81 -32.83 -26.40 25.89
C SER F 81 -32.59 -27.82 26.37
N ALA F 82 -32.05 -28.66 25.49
CA ALA F 82 -31.55 -29.96 25.93
C ALA F 82 -30.36 -29.75 26.87
N SER F 83 -30.29 -30.57 27.93
CA SER F 83 -29.20 -30.42 28.87
C SER F 83 -27.87 -30.75 28.22
N ARG F 84 -27.84 -31.75 27.35
CA ARG F 84 -26.62 -32.17 26.69
C ARG F 84 -27.00 -32.81 25.37
N VAL F 85 -26.21 -32.55 24.33
CA VAL F 85 -26.46 -33.10 23.01
C VAL F 85 -25.21 -33.85 22.57
N THR F 86 -25.39 -35.12 22.21
CA THR F 86 -24.29 -35.97 21.77
C THR F 86 -24.56 -36.44 20.35
N ALA F 87 -23.56 -36.33 19.49
CA ALA F 87 -23.64 -36.86 18.14
C ALA F 87 -23.04 -38.25 18.11
N VAL F 88 -23.84 -39.24 17.74
CA VAL F 88 -23.40 -40.62 17.60
C VAL F 88 -23.20 -40.84 16.11
N ILE F 89 -21.95 -40.81 15.67
CA ILE F 89 -21.62 -40.85 14.25
C ILE F 89 -20.81 -42.10 13.98
N PRO F 90 -21.43 -43.23 13.70
CA PRO F 90 -20.68 -44.49 13.57
C PRO F 90 -19.58 -44.43 12.53
N CYS F 91 -19.83 -43.83 11.38
CA CYS F 91 -18.81 -43.60 10.37
C CYS F 91 -18.67 -42.10 10.16
N PHE F 92 -17.50 -41.56 10.49
CA PHE F 92 -17.30 -40.12 10.52
C PHE F 92 -17.11 -39.60 9.10
N PRO F 93 -17.92 -38.65 8.64
CA PRO F 93 -17.77 -38.14 7.27
C PRO F 93 -16.53 -37.29 7.12
N TYR F 94 -15.98 -37.32 5.90
CA TYR F 94 -14.78 -36.58 5.52
C TYR F 94 -13.57 -36.95 6.35
N ALA F 95 -13.59 -38.13 6.99
CA ALA F 95 -12.48 -38.54 7.84
C ALA F 95 -11.19 -38.71 7.06
N ARG F 96 -11.28 -39.09 5.79
CA ARG F 96 -10.08 -39.29 4.98
C ARG F 96 -9.45 -38.00 4.52
N GLN F 97 -10.13 -36.86 4.66
CA GLN F 97 -9.53 -35.56 4.40
C GLN F 97 -9.08 -34.93 5.71
N ASP F 98 -8.11 -35.59 6.34
CA ASP F 98 -7.60 -35.18 7.63
C ASP F 98 -6.29 -34.42 7.56
N LYS F 99 -5.82 -34.08 6.36
CA LYS F 99 -4.56 -33.35 6.21
C LYS F 99 -4.46 -32.79 4.80
N LYS F 100 -3.50 -31.88 4.60
CA LYS F 100 -3.30 -31.25 3.30
C LYS F 100 -2.25 -31.96 2.46
N ASP F 101 -1.06 -32.17 3.01
CA ASP F 101 -0.01 -32.97 2.38
C ASP F 101 0.41 -32.44 1.00
N LYS F 102 1.02 -31.26 0.97
CA LYS F 102 1.61 -30.69 -0.25
C LYS F 102 0.55 -30.39 -1.30
N SER F 103 -0.67 -30.12 -0.84
CA SER F 103 -1.74 -29.78 -1.76
C SER F 103 -2.51 -28.61 -1.19
N ARG F 104 -3.00 -27.74 -2.08
CA ARG F 104 -3.88 -26.64 -1.66
C ARG F 104 -5.30 -27.18 -1.51
N ALA F 105 -5.45 -28.03 -0.52
CA ALA F 105 -6.66 -28.76 -0.24
C ALA F 105 -7.26 -28.32 1.09
N PRO F 106 -8.55 -28.52 1.29
CA PRO F 106 -9.12 -28.29 2.62
C PRO F 106 -8.75 -29.43 3.56
N ILE F 107 -8.80 -29.13 4.86
CA ILE F 107 -8.84 -30.20 5.86
C ILE F 107 -10.31 -30.35 6.23
N SER F 108 -11.02 -31.16 5.45
CA SER F 108 -12.47 -31.23 5.55
C SER F 108 -12.91 -31.84 6.87
N ALA F 109 -12.14 -32.78 7.40
CA ALA F 109 -12.47 -33.38 8.69
C ALA F 109 -12.48 -32.32 9.79
N LYS F 110 -11.50 -31.41 9.78
CA LYS F 110 -11.49 -30.33 10.75
C LYS F 110 -12.67 -29.40 10.57
N LEU F 111 -13.05 -29.13 9.31
CA LEU F 111 -14.22 -28.30 9.06
C LEU F 111 -15.48 -28.94 9.61
N VAL F 112 -15.62 -30.25 9.41
CA VAL F 112 -16.78 -30.97 9.94
C VAL F 112 -16.78 -30.92 11.46
N ALA F 113 -15.62 -31.09 12.08
CA ALA F 113 -15.55 -30.99 13.53
C ALA F 113 -15.97 -29.62 14.03
N ASN F 114 -15.49 -28.56 13.36
CA ASN F 114 -15.87 -27.21 13.72
C ASN F 114 -17.36 -26.98 13.56
N MET F 115 -17.94 -27.50 12.48
CA MET F 115 -19.36 -27.34 12.26
C MET F 115 -20.18 -28.05 13.32
N LEU F 116 -19.75 -29.26 13.70
CA LEU F 116 -20.43 -29.98 14.77
C LEU F 116 -20.36 -29.23 16.09
N SER F 117 -19.20 -28.65 16.39
CA SER F 117 -19.07 -27.87 17.62
C SER F 117 -19.95 -26.62 17.59
N VAL F 118 -19.99 -25.93 16.45
CA VAL F 118 -20.73 -24.69 16.39
C VAL F 118 -22.24 -24.95 16.33
N ALA F 119 -22.64 -26.12 15.86
CA ALA F 119 -24.06 -26.48 15.91
C ALA F 119 -24.51 -26.72 17.34
N GLY F 120 -23.60 -27.08 18.22
CA GLY F 120 -23.92 -27.20 19.63
C GLY F 120 -23.67 -28.57 20.22
N ALA F 121 -22.92 -29.43 19.52
CA ALA F 121 -22.62 -30.74 20.06
C ALA F 121 -21.70 -30.61 21.27
N ASP F 122 -22.05 -31.30 22.34
CA ASP F 122 -21.23 -31.34 23.54
C ASP F 122 -20.31 -32.54 23.59
N HIS F 123 -20.57 -33.56 22.78
CA HIS F 123 -19.89 -34.83 22.88
C HIS F 123 -20.07 -35.59 21.58
N ILE F 124 -19.05 -36.34 21.19
CA ILE F 124 -19.07 -37.15 19.97
C ILE F 124 -18.78 -38.60 20.34
N ILE F 125 -19.60 -39.51 19.83
CA ILE F 125 -19.32 -40.94 19.88
C ILE F 125 -19.19 -41.43 18.45
N THR F 126 -18.07 -42.08 18.15
CA THR F 126 -17.83 -42.59 16.81
C THR F 126 -17.08 -43.92 16.94
N MET F 127 -16.94 -44.61 15.81
CA MET F 127 -16.31 -45.92 15.76
C MET F 127 -15.21 -45.93 14.71
N ASP F 128 -14.00 -46.33 15.12
CA ASP F 128 -12.84 -46.50 14.24
C ASP F 128 -12.66 -45.31 13.30
N LEU F 129 -12.31 -44.18 13.91
CA LEU F 129 -11.91 -43.01 13.14
C LEU F 129 -10.77 -43.37 12.20
N HIS F 130 -10.84 -42.85 10.98
CA HIS F 130 -9.81 -43.14 9.98
C HIS F 130 -8.42 -42.81 10.53
N ALA F 131 -8.28 -41.67 11.17
CA ALA F 131 -7.07 -41.31 11.91
C ALA F 131 -7.50 -40.82 13.27
N SER F 132 -6.88 -41.35 14.32
CA SER F 132 -7.29 -40.96 15.67
C SER F 132 -6.91 -39.52 15.99
N GLN F 133 -6.02 -38.93 15.18
CA GLN F 133 -5.75 -37.50 15.31
C GLN F 133 -6.99 -36.65 15.11
N ILE F 134 -8.02 -37.19 14.45
CA ILE F 134 -9.26 -36.45 14.30
C ILE F 134 -9.87 -36.10 15.65
N GLN F 135 -9.56 -36.90 16.67
CA GLN F 135 -9.98 -36.54 18.03
C GLN F 135 -9.48 -35.17 18.44
N GLY F 136 -8.26 -34.82 18.03
CA GLY F 136 -7.71 -33.51 18.32
C GLY F 136 -8.33 -32.39 17.52
N PHE F 137 -9.08 -32.70 16.48
CA PHE F 137 -9.79 -31.66 15.74
C PHE F 137 -10.92 -31.06 16.56
N PHE F 138 -11.32 -31.71 17.64
CA PHE F 138 -12.38 -31.23 18.49
C PHE F 138 -11.82 -30.59 19.76
N ASP F 139 -12.62 -29.73 20.37
CA ASP F 139 -12.37 -29.33 21.75
C ASP F 139 -13.32 -30.00 22.74
N ILE F 140 -14.42 -30.58 22.26
CA ILE F 140 -15.33 -31.36 23.09
C ILE F 140 -14.79 -32.78 23.19
N PRO F 141 -15.16 -33.56 24.21
CA PRO F 141 -14.70 -34.95 24.27
C PRO F 141 -15.21 -35.78 23.11
N VAL F 142 -14.36 -36.68 22.63
CA VAL F 142 -14.70 -37.61 21.55
C VAL F 142 -14.37 -39.01 22.04
N ASP F 143 -15.36 -39.89 22.03
CA ASP F 143 -15.13 -41.30 22.33
C ASP F 143 -15.07 -42.07 21.02
N ASN F 144 -13.89 -42.55 20.69
CA ASN F 144 -13.67 -43.32 19.47
C ASN F 144 -13.69 -44.79 19.85
N LEU F 145 -14.80 -45.45 19.59
CA LEU F 145 -14.94 -46.87 19.90
C LEU F 145 -14.22 -47.72 18.88
N TYR F 146 -14.01 -48.98 19.22
CA TYR F 146 -13.31 -49.92 18.36
C TYR F 146 -14.20 -51.12 18.07
N ALA F 147 -14.23 -51.52 16.81
CA ALA F 147 -14.93 -52.73 16.43
C ALA F 147 -14.13 -53.98 16.71
N GLU F 148 -12.89 -53.84 17.17
CA GLU F 148 -11.99 -54.98 17.34
C GLU F 148 -12.54 -56.08 18.24
N PRO F 149 -13.17 -55.81 19.39
CA PRO F 149 -13.75 -56.92 20.16
C PRO F 149 -14.77 -57.73 19.38
N ALA F 150 -15.66 -57.06 18.65
CA ALA F 150 -16.64 -57.77 17.83
C ALA F 150 -15.97 -58.52 16.68
N VAL F 151 -14.90 -57.95 16.11
CA VAL F 151 -14.17 -58.63 15.05
C VAL F 151 -13.53 -59.91 15.56
N LEU F 152 -12.90 -59.83 16.74
CA LEU F 152 -12.28 -61.00 17.34
C LEU F 152 -13.32 -62.08 17.63
N LYS F 153 -14.48 -61.67 18.14
CA LYS F 153 -15.56 -62.61 18.37
C LYS F 153 -15.97 -63.29 17.07
N TRP F 154 -16.15 -62.50 16.00
CA TRP F 154 -16.54 -63.09 14.72
C TRP F 154 -15.49 -64.06 14.22
N ILE F 155 -14.21 -63.69 14.32
CA ILE F 155 -13.14 -64.53 13.82
C ILE F 155 -13.15 -65.88 14.55
N ARG F 156 -13.27 -65.84 15.88
CA ARG F 156 -13.26 -67.08 16.63
C ARG F 156 -14.46 -67.95 16.31
N GLU F 157 -15.65 -67.36 16.17
CA GLU F 157 -16.83 -68.19 15.95
C GLU F 157 -17.11 -68.49 14.48
N ASN F 158 -16.33 -67.98 13.54
CA ASN F 158 -16.62 -68.22 12.13
C ASN F 158 -15.49 -68.84 11.35
N ILE F 159 -14.25 -68.68 11.77
CA ILE F 159 -13.09 -69.23 11.07
C ILE F 159 -12.55 -70.36 11.94
N SER F 160 -12.74 -71.60 11.48
CA SER F 160 -12.37 -72.75 12.29
C SER F 160 -10.86 -72.85 12.49
N GLU F 161 -10.08 -72.36 11.53
CA GLU F 161 -8.63 -72.43 11.60
C GLU F 161 -8.00 -71.17 12.16
N TRP F 162 -8.74 -70.42 12.99
CA TRP F 162 -8.29 -69.08 13.36
C TRP F 162 -7.00 -69.10 14.18
N ARG F 163 -6.70 -70.23 14.82
CA ARG F 163 -5.46 -70.30 15.60
C ARG F 163 -4.23 -70.41 14.72
N ASN F 164 -4.39 -70.85 13.48
CA ASN F 164 -3.28 -70.93 12.54
C ASN F 164 -3.36 -69.90 11.44
N CYS F 165 -4.21 -68.87 11.58
CA CYS F 165 -4.40 -67.90 10.53
C CYS F 165 -3.31 -66.82 10.58
N THR F 166 -3.24 -66.03 9.52
CA THR F 166 -2.38 -64.87 9.46
C THR F 166 -3.23 -63.62 9.25
N ILE F 167 -3.07 -62.65 10.14
CA ILE F 167 -3.75 -61.36 9.98
C ILE F 167 -2.90 -60.48 9.10
N VAL F 168 -3.48 -59.93 8.05
CA VAL F 168 -2.74 -59.23 7.01
C VAL F 168 -3.24 -57.79 6.91
N SER F 169 -2.29 -56.87 6.90
CA SER F 169 -2.61 -55.48 6.58
C SER F 169 -2.57 -55.29 5.07
N PRO F 170 -3.57 -54.63 4.48
CA PRO F 170 -3.51 -54.33 3.05
C PRO F 170 -2.43 -53.33 2.69
N ASP F 171 -2.00 -52.50 3.64
CA ASP F 171 -1.00 -51.47 3.38
C ASP F 171 -0.18 -51.25 4.64
N ALA F 172 0.85 -50.43 4.52
CA ALA F 172 1.70 -50.14 5.68
C ALA F 172 0.95 -49.30 6.70
N GLY F 173 -0.07 -48.56 6.27
CA GLY F 173 -0.77 -47.68 7.18
C GLY F 173 -1.56 -48.39 8.27
N GLY F 174 -2.19 -49.52 7.93
CA GLY F 174 -3.02 -50.22 8.87
C GLY F 174 -2.33 -51.24 9.75
N ALA F 175 -1.01 -51.37 9.63
CA ALA F 175 -0.28 -52.43 10.32
C ALA F 175 -0.58 -52.44 11.81
N LYS F 176 -0.56 -51.28 12.44
CA LYS F 176 -0.88 -51.19 13.87
C LYS F 176 -2.14 -51.99 14.18
N ARG F 177 -3.23 -51.69 13.47
CA ARG F 177 -4.48 -52.38 13.71
C ARG F 177 -4.29 -53.89 13.65
N VAL F 178 -3.69 -54.39 12.58
CA VAL F 178 -3.59 -55.84 12.44
C VAL F 178 -2.72 -56.41 13.56
N THR F 179 -1.66 -55.69 13.93
CA THR F 179 -0.83 -56.19 15.02
C THR F 179 -1.65 -56.33 16.29
N SER F 180 -2.48 -55.33 16.58
CA SER F 180 -3.35 -55.44 17.74
C SER F 180 -4.16 -56.72 17.67
N ILE F 181 -4.80 -56.98 16.53
CA ILE F 181 -5.60 -58.19 16.39
C ILE F 181 -4.70 -59.41 16.52
N ALA F 182 -3.54 -59.38 15.88
CA ALA F 182 -2.64 -60.51 15.96
C ALA F 182 -2.20 -60.77 17.39
N ASP F 183 -2.09 -59.71 18.19
CA ASP F 183 -1.74 -59.90 19.59
C ASP F 183 -2.88 -60.55 20.36
N ARG F 184 -4.12 -60.19 20.05
CA ARG F 184 -5.24 -60.70 20.83
C ARG F 184 -5.61 -62.13 20.44
N LEU F 185 -5.20 -62.60 19.27
CA LEU F 185 -5.46 -63.95 18.83
C LEU F 185 -4.27 -64.88 18.95
N ASN F 186 -3.06 -64.34 19.16
CA ASN F 186 -1.83 -65.11 19.17
C ASN F 186 -1.64 -65.85 17.83
N VAL F 187 -1.55 -65.06 16.77
CA VAL F 187 -1.33 -65.55 15.42
C VAL F 187 -0.29 -64.67 14.74
N ASP F 188 0.13 -65.10 13.56
CA ASP F 188 1.09 -64.32 12.79
C ASP F 188 0.41 -63.13 12.13
N PHE F 189 1.19 -62.11 11.83
CA PHE F 189 0.71 -60.94 11.11
C PHE F 189 1.64 -60.63 9.96
N ALA F 190 1.06 -60.35 8.80
CA ALA F 190 1.77 -60.06 7.57
C ALA F 190 1.42 -58.66 7.08
N LEU F 191 2.36 -58.06 6.35
CA LEU F 191 2.15 -56.78 5.70
C LEU F 191 2.24 -56.95 4.19
N ILE F 192 1.54 -56.05 3.49
CA ILE F 192 1.55 -56.00 2.04
C ILE F 192 1.68 -54.54 1.63
N HIS F 193 2.62 -54.22 0.76
CA HIS F 193 2.65 -52.86 0.22
C HIS F 193 3.10 -52.88 -1.23
N LYS F 194 2.68 -51.87 -1.98
CA LYS F 194 2.98 -51.77 -3.39
C LYS F 194 4.31 -51.05 -3.61
N GLU F 195 5.03 -51.51 -4.62
CA GLU F 195 6.35 -50.96 -4.94
C GLU F 195 6.25 -49.75 -5.86
N ASP F 203 2.68 -51.19 -9.60
CA ASP F 203 1.47 -51.99 -9.70
C ASP F 203 1.66 -53.35 -9.03
N ARG F 204 2.89 -53.64 -8.65
CA ARG F 204 3.21 -54.89 -7.96
C ARG F 204 3.14 -54.69 -6.46
N MET F 205 2.79 -55.76 -5.75
CA MET F 205 2.73 -55.77 -4.30
C MET F 205 3.74 -56.77 -3.75
N VAL F 206 4.31 -56.44 -2.59
CA VAL F 206 5.26 -57.29 -1.91
C VAL F 206 4.67 -57.63 -0.54
N LEU F 207 4.76 -58.92 -0.19
CA LEU F 207 4.20 -59.51 1.01
C LEU F 207 5.31 -60.07 1.89
N VAL F 208 5.25 -59.73 3.18
CA VAL F 208 6.19 -60.25 4.15
C VAL F 208 5.41 -61.11 5.13
N GLY F 209 5.88 -62.33 5.37
CA GLY F 209 5.20 -63.24 6.26
C GLY F 209 4.67 -64.47 5.56
N ASP F 210 4.93 -65.64 6.12
CA ASP F 210 4.45 -66.88 5.52
C ASP F 210 2.94 -66.96 5.58
N VAL F 211 2.32 -67.23 4.43
CA VAL F 211 0.88 -67.39 4.34
C VAL F 211 0.48 -68.69 3.66
N LYS F 212 1.43 -69.53 3.28
CA LYS F 212 1.11 -70.75 2.56
C LYS F 212 0.38 -71.74 3.48
N ASP F 213 -0.66 -72.37 2.94
CA ASP F 213 -1.49 -73.37 3.61
C ASP F 213 -2.19 -72.82 4.83
N ARG F 214 -2.23 -71.50 5.01
CA ARG F 214 -2.84 -70.86 6.15
C ARG F 214 -3.95 -69.94 5.68
N VAL F 215 -4.98 -69.78 6.51
CA VAL F 215 -6.04 -68.84 6.22
C VAL F 215 -5.52 -67.42 6.47
N ALA F 216 -5.74 -66.53 5.52
CA ALA F 216 -5.34 -65.14 5.66
C ALA F 216 -6.57 -64.27 5.89
N ILE F 217 -6.42 -63.27 6.76
CA ILE F 217 -7.50 -62.37 7.11
C ILE F 217 -7.00 -60.95 6.92
N LEU F 218 -7.36 -60.31 5.82
CA LEU F 218 -7.11 -58.89 5.65
C LEU F 218 -7.98 -58.11 6.63
N VAL F 219 -7.41 -57.10 7.26
CA VAL F 219 -8.16 -56.29 8.21
C VAL F 219 -8.00 -54.81 7.86
N ASP F 220 -9.10 -54.06 7.93
CA ASP F 220 -9.06 -52.65 7.60
C ASP F 220 -10.22 -51.88 8.19
N ASP F 221 -10.05 -50.56 8.21
CA ASP F 221 -11.08 -49.67 8.72
C ASP F 221 -12.21 -49.51 7.74
N MET F 222 -11.90 -49.46 6.45
CA MET F 222 -12.98 -49.21 5.50
C MET F 222 -12.65 -49.81 4.15
N ALA F 223 -13.71 -50.10 3.39
CA ALA F 223 -13.62 -50.51 2.00
C ALA F 223 -14.52 -49.59 1.19
N ASP F 224 -13.92 -48.69 0.43
CA ASP F 224 -14.70 -47.79 -0.42
C ASP F 224 -14.87 -48.35 -1.82
N THR F 225 -13.80 -48.42 -2.57
CA THR F 225 -13.84 -48.99 -3.91
C THR F 225 -13.29 -50.40 -3.95
N CYS F 226 -12.65 -50.83 -2.87
CA CYS F 226 -12.13 -52.18 -2.67
C CYS F 226 -11.01 -52.54 -3.62
N GLY F 227 -10.39 -51.55 -4.27
CA GLY F 227 -9.21 -51.85 -5.06
C GLY F 227 -8.07 -52.36 -4.20
N THR F 228 -7.87 -51.73 -3.04
CA THR F 228 -6.80 -52.12 -2.13
C THR F 228 -6.95 -53.57 -1.68
N ILE F 229 -8.12 -53.93 -1.15
CA ILE F 229 -8.28 -55.27 -0.61
C ILE F 229 -8.32 -56.30 -1.73
N CYS F 230 -8.85 -55.96 -2.91
CA CYS F 230 -8.87 -56.92 -4.00
C CYS F 230 -7.46 -57.22 -4.50
N HIS F 231 -6.63 -56.18 -4.63
CA HIS F 231 -5.23 -56.41 -5.01
C HIS F 231 -4.50 -57.22 -3.95
N ALA F 232 -4.73 -56.89 -2.67
CA ALA F 232 -4.12 -57.65 -1.60
C ALA F 232 -4.55 -59.11 -1.62
N ALA F 233 -5.83 -59.37 -1.89
CA ALA F 233 -6.30 -60.75 -1.92
C ALA F 233 -5.71 -61.52 -3.10
N ASP F 234 -5.58 -60.86 -4.25
CA ASP F 234 -4.91 -61.51 -5.37
C ASP F 234 -3.48 -61.89 -5.00
N LYS F 235 -2.76 -60.98 -4.35
CA LYS F 235 -1.40 -61.29 -3.93
C LYS F 235 -1.37 -62.42 -2.92
N LEU F 236 -2.33 -62.44 -1.99
CA LEU F 236 -2.35 -63.51 -0.98
C LEU F 236 -2.59 -64.86 -1.62
N LEU F 237 -3.49 -64.94 -2.60
CA LEU F 237 -3.67 -66.20 -3.31
C LEU F 237 -2.44 -66.56 -4.12
N SER F 238 -1.72 -65.56 -4.66
CA SER F 238 -0.47 -65.85 -5.35
C SER F 238 0.54 -66.51 -4.42
N ALA F 239 0.58 -66.07 -3.16
CA ALA F 239 1.53 -66.57 -2.19
C ALA F 239 1.05 -67.83 -1.47
N GLY F 240 0.12 -68.58 -2.04
CA GLY F 240 -0.20 -69.90 -1.54
C GLY F 240 -1.17 -69.95 -0.38
N ALA F 241 -1.87 -68.86 -0.10
CA ALA F 241 -2.86 -68.87 0.97
C ALA F 241 -4.01 -69.81 0.62
N THR F 242 -4.62 -70.40 1.67
CA THR F 242 -5.69 -71.34 1.44
C THR F 242 -7.01 -70.62 1.18
N ARG F 243 -7.44 -69.78 2.11
CA ARG F 243 -8.60 -68.91 1.92
C ARG F 243 -8.22 -67.52 2.38
N VAL F 244 -8.84 -66.51 1.77
CA VAL F 244 -8.62 -65.13 2.13
C VAL F 244 -9.95 -64.52 2.56
N TYR F 245 -9.97 -63.96 3.76
CA TYR F 245 -11.08 -63.19 4.29
C TYR F 245 -10.70 -61.72 4.29
N ALA F 246 -11.71 -60.85 4.29
CA ALA F 246 -11.51 -59.42 4.50
C ALA F 246 -12.49 -58.98 5.58
N ILE F 247 -11.99 -58.26 6.57
CA ILE F 247 -12.81 -57.75 7.66
C ILE F 247 -12.58 -56.26 7.76
N LEU F 248 -13.64 -55.48 7.61
CA LEU F 248 -13.58 -54.03 7.63
C LEU F 248 -14.65 -53.50 8.58
N THR F 249 -14.30 -52.44 9.30
CA THR F 249 -15.32 -51.88 10.17
C THR F 249 -16.34 -51.05 9.39
N HIS F 250 -15.92 -50.39 8.31
CA HIS F 250 -16.83 -49.56 7.53
C HIS F 250 -16.95 -50.07 6.10
N GLY F 251 -18.10 -50.62 5.76
CA GLY F 251 -18.39 -51.09 4.41
C GLY F 251 -19.05 -50.06 3.51
N ILE F 252 -18.28 -49.08 3.02
CA ILE F 252 -18.87 -48.05 2.17
C ILE F 252 -19.29 -48.61 0.82
N PHE F 253 -18.41 -49.37 0.16
CA PHE F 253 -18.73 -50.12 -1.06
C PHE F 253 -19.26 -49.21 -2.17
N SER F 254 -18.58 -48.11 -2.42
CA SER F 254 -19.03 -47.21 -3.47
C SER F 254 -18.36 -47.56 -4.79
N GLY F 255 -18.90 -47.01 -5.88
CA GLY F 255 -18.36 -47.22 -7.20
C GLY F 255 -18.40 -48.66 -7.65
N PRO F 256 -17.25 -49.17 -8.11
CA PRO F 256 -17.19 -50.55 -8.62
C PRO F 256 -16.91 -51.61 -7.56
N ALA F 257 -17.07 -51.29 -6.27
CA ALA F 257 -16.64 -52.21 -5.22
C ALA F 257 -17.38 -53.54 -5.30
N ILE F 258 -18.68 -53.51 -5.57
CA ILE F 258 -19.46 -54.74 -5.56
C ILE F 258 -19.02 -55.67 -6.68
N SER F 259 -18.79 -55.12 -7.87
CA SER F 259 -18.33 -55.95 -8.99
C SER F 259 -16.95 -56.54 -8.70
N ARG F 260 -16.04 -55.73 -8.16
CA ARG F 260 -14.70 -56.23 -7.86
C ARG F 260 -14.74 -57.32 -6.81
N ILE F 261 -15.55 -57.15 -5.77
CA ILE F 261 -15.68 -58.18 -4.75
C ILE F 261 -16.27 -59.45 -5.34
N ASN F 262 -17.30 -59.30 -6.18
CA ASN F 262 -17.88 -60.47 -6.84
C ASN F 262 -16.85 -61.20 -7.70
N ASN F 263 -15.94 -60.47 -8.32
CA ASN F 263 -14.90 -61.10 -9.12
C ASN F 263 -13.67 -61.47 -8.31
N ALA F 264 -13.64 -61.17 -7.02
CA ALA F 264 -12.48 -61.47 -6.20
C ALA F 264 -12.60 -62.86 -5.58
N CYS F 265 -11.52 -63.28 -4.93
CA CYS F 265 -11.41 -64.63 -4.38
C CYS F 265 -11.79 -64.71 -2.91
N PHE F 266 -12.32 -63.65 -2.32
CA PHE F 266 -12.65 -63.65 -0.91
C PHE F 266 -13.62 -64.77 -0.58
N GLU F 267 -13.34 -65.47 0.52
CA GLU F 267 -14.35 -66.35 1.08
C GLU F 267 -15.52 -65.56 1.64
N ALA F 268 -15.23 -64.44 2.30
CA ALA F 268 -16.26 -63.58 2.85
C ALA F 268 -15.67 -62.17 2.98
N VAL F 269 -16.55 -61.19 2.92
CA VAL F 269 -16.18 -59.79 3.19
C VAL F 269 -17.06 -59.37 4.36
N VAL F 270 -16.48 -59.38 5.55
CA VAL F 270 -17.21 -59.05 6.77
C VAL F 270 -17.03 -57.56 7.04
N VAL F 271 -18.14 -56.87 7.27
CA VAL F 271 -18.11 -55.46 7.62
C VAL F 271 -19.01 -55.25 8.82
N THR F 272 -18.73 -54.22 9.59
CA THR F 272 -19.70 -53.91 10.64
C THR F 272 -20.90 -53.17 10.06
N ASN F 273 -21.95 -53.04 10.87
CA ASN F 273 -23.11 -52.26 10.42
C ASN F 273 -23.06 -50.82 10.90
N THR F 274 -21.91 -50.15 10.77
CA THR F 274 -21.89 -48.71 10.96
C THR F 274 -22.56 -48.00 9.80
N ILE F 275 -22.68 -48.67 8.67
CA ILE F 275 -23.28 -48.18 7.45
C ILE F 275 -24.31 -49.23 7.06
N PRO F 276 -25.52 -48.85 6.65
CA PRO F 276 -26.51 -49.88 6.24
C PRO F 276 -26.01 -50.68 5.06
N GLN F 277 -26.27 -51.98 5.10
CA GLN F 277 -25.70 -52.91 4.13
C GLN F 277 -26.71 -53.72 3.35
N GLU F 278 -28.01 -53.55 3.60
CA GLU F 278 -29.01 -54.44 3.02
C GLU F 278 -28.96 -54.41 1.49
N ASP F 279 -28.83 -53.22 0.89
CA ASP F 279 -28.80 -53.11 -0.56
C ASP F 279 -27.58 -53.82 -1.14
N LYS F 280 -26.42 -53.64 -0.51
CA LYS F 280 -25.20 -54.28 -1.01
C LYS F 280 -25.26 -55.79 -0.87
N MET F 281 -25.86 -56.29 0.22
CA MET F 281 -25.99 -57.74 0.39
C MET F 281 -26.85 -58.36 -0.70
N LYS F 282 -27.79 -57.60 -1.25
CA LYS F 282 -28.62 -58.12 -2.34
C LYS F 282 -27.77 -58.47 -3.55
N HIS F 283 -26.81 -57.61 -3.90
CA HIS F 283 -26.00 -57.79 -5.09
C HIS F 283 -24.66 -58.45 -4.82
N CYS F 284 -24.34 -58.80 -3.56
CA CYS F 284 -23.05 -59.41 -3.26
C CYS F 284 -23.28 -60.48 -2.19
N SER F 285 -23.09 -61.73 -2.59
CA SER F 285 -23.39 -62.85 -1.71
C SER F 285 -22.42 -62.95 -0.54
N LYS F 286 -21.17 -62.57 -0.75
CA LYS F 286 -20.13 -62.84 0.23
C LYS F 286 -19.95 -61.73 1.25
N ILE F 287 -20.79 -60.70 1.22
CA ILE F 287 -20.77 -59.70 2.28
C ILE F 287 -21.50 -60.23 3.50
N GLN F 288 -20.89 -60.10 4.67
CA GLN F 288 -21.52 -60.47 5.93
C GLN F 288 -21.40 -59.30 6.90
N VAL F 289 -22.36 -59.20 7.81
CA VAL F 289 -22.50 -58.03 8.67
C VAL F 289 -22.31 -58.45 10.11
N ILE F 290 -21.43 -57.74 10.82
CA ILE F 290 -21.31 -57.82 12.27
C ILE F 290 -22.15 -56.71 12.87
N ASP F 291 -23.01 -57.06 13.82
CA ASP F 291 -23.72 -56.05 14.58
C ASP F 291 -22.79 -55.41 15.59
N ILE F 292 -22.70 -54.08 15.58
CA ILE F 292 -21.99 -53.34 16.61
C ILE F 292 -22.92 -52.44 17.40
N SER F 293 -24.23 -52.64 17.25
CA SER F 293 -25.19 -51.83 18.00
C SER F 293 -25.06 -52.05 19.51
N MET F 294 -24.60 -53.21 19.95
CA MET F 294 -24.40 -53.39 21.38
C MET F 294 -23.28 -52.50 21.90
N ILE F 295 -22.20 -52.34 21.13
CA ILE F 295 -21.10 -51.48 21.55
C ILE F 295 -21.57 -50.03 21.62
N LEU F 296 -22.30 -49.59 20.61
CA LEU F 296 -22.80 -48.21 20.60
C LEU F 296 -23.78 -47.96 21.72
N ALA F 297 -24.69 -48.90 21.95
CA ALA F 297 -25.67 -48.76 23.03
C ALA F 297 -24.98 -48.72 24.39
N GLU F 298 -23.99 -49.59 24.60
CA GLU F 298 -23.27 -49.59 25.85
C GLU F 298 -22.47 -48.31 26.03
N ALA F 299 -21.90 -47.79 24.96
CA ALA F 299 -21.18 -46.52 25.07
C ALA F 299 -22.12 -45.38 25.43
N ILE F 300 -23.31 -45.34 24.82
CA ILE F 300 -24.29 -44.31 25.15
C ILE F 300 -24.68 -44.42 26.62
N ARG F 301 -24.97 -45.63 27.06
CA ARG F 301 -25.43 -45.84 28.42
C ARG F 301 -24.34 -45.53 29.44
N ARG F 302 -23.09 -45.82 29.10
CA ARG F 302 -21.99 -45.53 30.01
C ARG F 302 -21.66 -44.05 30.07
N THR F 303 -21.74 -43.34 28.92
CA THR F 303 -21.56 -41.90 28.98
C THR F 303 -22.69 -41.25 29.77
N HIS F 304 -23.91 -41.75 29.63
CA HIS F 304 -25.02 -41.20 30.41
C HIS F 304 -24.83 -41.44 31.90
N ASN F 305 -24.43 -42.65 32.29
CA ASN F 305 -24.35 -42.98 33.70
C ASN F 305 -22.99 -42.65 34.32
N GLY F 306 -22.08 -42.08 33.55
CA GLY F 306 -20.76 -41.80 34.08
C GLY F 306 -19.90 -43.01 34.34
N GLU F 307 -20.18 -44.14 33.70
CA GLU F 307 -19.29 -45.29 33.82
C GLU F 307 -18.19 -45.22 32.79
N SER F 308 -17.22 -46.12 32.93
CA SER F 308 -16.07 -46.13 32.03
C SER F 308 -16.46 -46.59 30.64
N VAL F 309 -16.10 -45.80 29.63
CA VAL F 309 -16.33 -46.19 28.25
C VAL F 309 -15.19 -47.05 27.74
N SER F 310 -13.95 -46.74 28.15
CA SER F 310 -12.78 -47.44 27.66
C SER F 310 -12.80 -48.92 28.03
N TYR F 311 -13.64 -49.29 29.00
CA TYR F 311 -13.89 -50.69 29.33
C TYR F 311 -14.30 -51.47 28.09
N LEU F 312 -14.99 -50.80 27.16
CA LEU F 312 -15.45 -51.43 25.93
C LEU F 312 -14.35 -51.66 24.92
N PHE F 313 -13.16 -51.08 25.09
CA PHE F 313 -12.09 -51.29 24.12
C PHE F 313 -11.68 -52.74 24.05
N SER F 314 -11.90 -53.51 25.13
CA SER F 314 -11.46 -54.88 25.19
C SER F 314 -12.55 -55.87 25.58
N HIS F 315 -13.78 -55.42 25.85
CA HIS F 315 -14.83 -56.28 26.36
C HIS F 315 -16.06 -56.19 25.48
N VAL F 316 -16.55 -57.34 25.02
CA VAL F 316 -17.81 -57.39 24.30
C VAL F 316 -18.96 -57.40 25.30
N PRO F 317 -19.88 -56.44 25.26
CA PRO F 317 -21.01 -56.40 26.20
C PRO F 317 -22.20 -57.24 25.75
N PRO G 2 30.44 27.56 -42.78
CA PRO G 2 29.79 26.24 -42.73
C PRO G 2 29.35 25.76 -44.11
N ASN G 3 29.92 24.65 -44.55
CA ASN G 3 29.67 24.10 -45.87
C ASN G 3 28.72 22.90 -45.78
N ILE G 4 28.13 22.55 -46.92
CA ILE G 4 27.29 21.38 -47.00
C ILE G 4 28.15 20.13 -47.07
N LYS G 5 27.83 19.15 -46.21
CA LYS G 5 28.41 17.82 -46.29
C LYS G 5 27.27 16.83 -46.43
N ILE G 6 27.29 16.04 -47.49
CA ILE G 6 26.26 15.04 -47.75
C ILE G 6 26.85 13.68 -47.44
N PHE G 7 26.21 12.93 -46.56
CA PHE G 7 26.62 11.57 -46.23
C PHE G 7 25.52 10.60 -46.60
N SER G 8 25.91 9.44 -47.10
CA SER G 8 24.96 8.42 -47.52
C SER G 8 24.96 7.28 -46.51
N GLY G 9 23.78 6.88 -46.09
CA GLY G 9 23.61 5.59 -45.48
C GLY G 9 23.60 4.50 -46.55
N SER G 10 23.60 3.25 -46.08
CA SER G 10 23.66 2.14 -47.02
C SER G 10 22.31 1.86 -47.70
N SER G 11 21.22 2.46 -47.24
CA SER G 11 19.91 2.12 -47.77
C SER G 11 19.76 2.53 -49.23
N HIS G 12 20.05 3.78 -49.55
CA HIS G 12 19.77 4.29 -50.90
C HIS G 12 20.97 5.11 -51.36
N GLN G 13 21.99 4.43 -51.89
CA GLN G 13 23.21 5.12 -52.25
C GLN G 13 23.08 5.84 -53.60
N ASP G 14 22.27 5.29 -54.51
CA ASP G 14 22.06 5.95 -55.80
C ASP G 14 21.39 7.31 -55.62
N LEU G 15 20.38 7.38 -54.75
CA LEU G 15 19.72 8.65 -54.49
C LEU G 15 20.68 9.66 -53.88
N SER G 16 21.50 9.20 -52.92
CA SER G 16 22.47 10.11 -52.31
C SER G 16 23.46 10.64 -53.34
N GLN G 17 23.90 9.77 -54.26
CA GLN G 17 24.81 10.22 -55.30
C GLN G 17 24.13 11.23 -56.23
N LYS G 18 22.88 10.97 -56.61
CA LYS G 18 22.17 11.92 -57.47
C LYS G 18 22.04 13.28 -56.78
N ILE G 19 21.71 13.28 -55.50
CA ILE G 19 21.59 14.53 -54.74
C ILE G 19 22.94 15.24 -54.69
N ALA G 20 24.01 14.48 -54.44
CA ALA G 20 25.35 15.07 -54.37
C ALA G 20 25.76 15.70 -55.69
N ASP G 21 25.49 15.01 -56.80
CA ASP G 21 25.78 15.61 -58.11
C ASP G 21 24.98 16.88 -58.36
N ARG G 22 23.69 16.87 -58.00
CA ARG G 22 22.91 18.09 -58.20
C ARG G 22 23.41 19.22 -57.33
N LEU G 23 23.99 18.91 -56.17
CA LEU G 23 24.57 19.95 -55.33
C LEU G 23 25.98 20.33 -55.76
N GLY G 24 26.56 19.63 -56.72
CA GLY G 24 27.94 19.88 -57.10
C GLY G 24 28.95 19.45 -56.08
N LEU G 25 28.64 18.42 -55.29
CA LEU G 25 29.49 17.97 -54.20
C LEU G 25 29.82 16.50 -54.36
N GLU G 26 30.88 16.08 -53.67
CA GLU G 26 31.15 14.66 -53.52
C GLU G 26 30.58 14.15 -52.21
N LEU G 27 30.16 12.90 -52.20
CA LEU G 27 29.66 12.30 -50.97
C LEU G 27 30.75 12.27 -49.92
N GLY G 28 30.38 12.58 -48.68
CA GLY G 28 31.35 12.59 -47.61
C GLY G 28 31.90 11.20 -47.35
N LYS G 29 33.16 11.15 -46.96
CA LYS G 29 33.79 9.87 -46.66
C LYS G 29 33.24 9.30 -45.37
N VAL G 30 32.56 8.17 -45.46
CA VAL G 30 32.06 7.47 -44.29
C VAL G 30 32.13 5.97 -44.56
N VAL G 31 32.50 5.22 -43.54
CA VAL G 31 32.45 3.76 -43.58
C VAL G 31 31.24 3.32 -42.77
N THR G 32 30.35 2.56 -43.41
CA THR G 32 29.13 2.07 -42.78
C THR G 32 29.03 0.58 -43.08
N LYS G 33 29.49 -0.25 -42.16
CA LYS G 33 29.50 -1.69 -42.36
C LYS G 33 28.92 -2.34 -41.11
N LYS G 34 29.08 -3.64 -41.01
CA LYS G 34 28.62 -4.37 -39.83
C LYS G 34 29.79 -5.10 -39.20
N PHE G 35 29.86 -5.03 -37.87
CA PHE G 35 30.74 -5.90 -37.12
C PHE G 35 30.31 -7.36 -37.32
N SER G 36 31.15 -8.27 -36.84
CA SER G 36 30.88 -9.70 -37.00
C SER G 36 29.55 -10.10 -36.35
N ASN G 37 29.27 -9.58 -35.17
CA ASN G 37 28.02 -9.87 -34.47
C ASN G 37 26.84 -9.05 -34.99
N GLN G 38 27.00 -8.41 -36.15
CA GLN G 38 25.97 -7.69 -36.88
C GLN G 38 25.59 -6.34 -36.26
N GLU G 39 26.41 -5.82 -35.35
CA GLU G 39 26.19 -4.45 -34.91
C GLU G 39 26.70 -3.48 -35.96
N THR G 40 25.99 -2.38 -36.14
CA THR G 40 26.40 -1.36 -37.10
C THR G 40 27.74 -0.76 -36.69
N CYS G 41 28.64 -0.63 -37.66
CA CYS G 41 29.91 0.06 -37.49
C CYS G 41 29.92 1.29 -38.39
N VAL G 42 30.16 2.45 -37.80
CA VAL G 42 30.19 3.72 -38.51
C VAL G 42 31.49 4.43 -38.18
N GLU G 43 32.17 4.94 -39.20
CA GLU G 43 33.36 5.75 -39.02
C GLU G 43 33.31 6.91 -39.99
N ILE G 44 33.27 8.13 -39.47
CA ILE G 44 33.28 9.32 -40.32
C ILE G 44 34.72 9.55 -40.76
N GLY G 45 34.95 9.47 -42.07
CA GLY G 45 36.27 9.52 -42.66
C GLY G 45 36.82 10.90 -42.92
N GLU G 46 36.10 11.95 -42.52
CA GLU G 46 36.58 13.30 -42.70
C GLU G 46 36.03 14.15 -41.56
N SER G 47 36.69 15.27 -41.31
CA SER G 47 36.21 16.19 -40.28
C SER G 47 34.92 16.85 -40.73
N VAL G 48 33.94 16.86 -39.83
CA VAL G 48 32.68 17.57 -40.04
C VAL G 48 32.54 18.74 -39.09
N ARG G 49 33.63 19.17 -38.47
CA ARG G 49 33.57 20.19 -37.44
C ARG G 49 33.11 21.52 -38.04
N GLY G 50 32.04 22.08 -37.48
CA GLY G 50 31.51 23.33 -37.98
C GLY G 50 30.82 23.25 -39.32
N GLU G 51 30.39 22.07 -39.75
CA GLU G 51 29.78 21.93 -41.06
C GLU G 51 28.28 21.69 -40.94
N ASP G 52 27.58 21.93 -42.04
CA ASP G 52 26.16 21.65 -42.15
C ASP G 52 26.03 20.27 -42.78
N VAL G 53 25.71 19.28 -41.95
CA VAL G 53 25.76 17.87 -42.35
C VAL G 53 24.37 17.40 -42.73
N TYR G 54 24.26 16.73 -43.86
CA TYR G 54 23.01 16.11 -44.30
C TYR G 54 23.26 14.62 -44.50
N ILE G 55 22.50 13.80 -43.80
CA ILE G 55 22.63 12.34 -43.88
C ILE G 55 21.39 11.80 -44.57
N VAL G 56 21.60 11.14 -45.70
CA VAL G 56 20.50 10.62 -46.52
C VAL G 56 20.32 9.14 -46.21
N GLN G 57 19.11 8.78 -45.77
CA GLN G 57 18.78 7.41 -45.41
C GLN G 57 17.27 7.26 -45.47
N SER G 58 16.78 6.33 -46.27
CA SER G 58 15.35 6.12 -46.37
C SER G 58 14.92 4.91 -45.54
N GLY G 59 13.65 4.91 -45.16
CA GLY G 59 13.06 3.80 -44.43
C GLY G 59 12.64 2.68 -45.36
N CYS G 60 13.62 1.94 -45.86
CA CYS G 60 13.39 0.92 -46.86
C CYS G 60 14.33 -0.25 -46.60
N GLY G 61 14.08 -1.35 -47.30
CA GLY G 61 14.91 -2.54 -47.15
C GLY G 61 14.86 -3.06 -45.73
N GLU G 62 16.03 -3.33 -45.16
CA GLU G 62 16.15 -3.75 -43.77
C GLU G 62 15.97 -2.52 -42.88
N ILE G 63 14.71 -2.29 -42.50
CA ILE G 63 14.32 -0.99 -41.97
C ILE G 63 14.99 -0.72 -40.63
N ASN G 64 15.03 -1.70 -39.74
CA ASN G 64 15.61 -1.46 -38.42
C ASN G 64 17.12 -1.26 -38.51
N ASP G 65 17.79 -2.01 -39.39
CA ASP G 65 19.21 -1.80 -39.62
C ASP G 65 19.48 -0.40 -40.17
N ASN G 66 18.69 0.03 -41.14
CA ASN G 66 18.90 1.36 -41.73
C ASN G 66 18.63 2.46 -40.71
N LEU G 67 17.58 2.29 -39.90
CA LEU G 67 17.26 3.29 -38.89
C LEU G 67 18.36 3.39 -37.85
N MET G 68 18.88 2.25 -37.40
CA MET G 68 19.99 2.28 -36.45
C MET G 68 21.24 2.90 -37.08
N GLU G 69 21.53 2.56 -38.33
CA GLU G 69 22.62 3.22 -39.04
C GLU G 69 22.45 4.73 -39.04
N LEU G 70 21.26 5.20 -39.35
CA LEU G 70 21.02 6.64 -39.39
C LEU G 70 21.24 7.27 -38.02
N LEU G 71 20.70 6.65 -36.97
CA LEU G 71 20.87 7.20 -35.63
C LEU G 71 22.33 7.23 -35.23
N ILE G 72 23.07 6.16 -35.52
CA ILE G 72 24.48 6.10 -35.18
C ILE G 72 25.27 7.15 -35.95
N MET G 73 24.97 7.34 -37.23
CA MET G 73 25.67 8.36 -38.01
C MET G 73 25.36 9.76 -37.50
N ILE G 74 24.10 10.02 -37.14
CA ILE G 74 23.75 11.32 -36.57
C ILE G 74 24.53 11.54 -35.29
N ASN G 75 24.61 10.53 -34.43
CA ASN G 75 25.33 10.67 -33.17
C ASN G 75 26.81 10.93 -33.42
N ALA G 76 27.40 10.21 -34.36
CA ALA G 76 28.82 10.38 -34.67
C ALA G 76 29.10 11.78 -35.17
N CYS G 77 28.24 12.31 -36.04
CA CYS G 77 28.44 13.67 -36.54
C CYS G 77 28.21 14.70 -35.44
N LYS G 78 27.26 14.45 -34.55
CA LYS G 78 26.96 15.44 -33.51
C LYS G 78 28.08 15.52 -32.49
N ILE G 79 28.62 14.37 -32.05
CA ILE G 79 29.74 14.45 -31.11
C ILE G 79 31.05 14.77 -31.80
N ALA G 80 31.07 14.78 -33.13
CA ALA G 80 32.22 15.30 -33.87
C ALA G 80 32.13 16.80 -34.12
N SER G 81 31.20 17.48 -33.46
CA SER G 81 31.11 18.94 -33.44
C SER G 81 30.67 19.52 -34.78
N ALA G 82 29.77 18.82 -35.46
CA ALA G 82 29.11 19.41 -36.62
C ALA G 82 28.25 20.57 -36.18
N SER G 83 28.23 21.64 -36.96
CA SER G 83 27.44 22.81 -36.58
C SER G 83 25.95 22.48 -36.59
N ARG G 84 25.51 21.68 -37.55
CA ARG G 84 24.11 21.33 -37.68
C ARG G 84 24.03 19.97 -38.38
N VAL G 85 23.12 19.12 -37.93
CA VAL G 85 22.93 17.80 -38.50
C VAL G 85 21.47 17.68 -38.94
N THR G 86 21.28 17.33 -40.21
CA THR G 86 19.96 17.17 -40.79
C THR G 86 19.80 15.75 -41.29
N ALA G 87 18.67 15.14 -40.95
CA ALA G 87 18.33 13.82 -41.46
C ALA G 87 17.44 13.97 -42.68
N VAL G 88 17.91 13.48 -43.82
CA VAL G 88 17.14 13.49 -45.06
C VAL G 88 16.57 12.10 -45.21
N ILE G 89 15.29 11.94 -44.90
CA ILE G 89 14.66 10.63 -44.84
C ILE G 89 13.54 10.60 -45.88
N PRO G 90 13.83 10.22 -47.12
CA PRO G 90 12.79 10.32 -48.17
C PRO G 90 11.52 9.54 -47.85
N CYS G 91 11.65 8.34 -47.31
CA CYS G 91 10.50 7.56 -46.84
C CYS G 91 10.66 7.35 -45.35
N PHE G 92 9.74 7.91 -44.57
CA PHE G 92 9.88 7.92 -43.12
C PHE G 92 9.49 6.56 -42.53
N PRO G 93 10.38 5.90 -41.80
CA PRO G 93 10.04 4.58 -41.26
C PRO G 93 9.01 4.66 -40.14
N TYR G 94 8.21 3.61 -40.03
CA TYR G 94 7.15 3.47 -39.04
C TYR G 94 6.09 4.57 -39.14
N ALA G 95 5.99 5.23 -40.30
CA ALA G 95 5.06 6.33 -40.46
C ALA G 95 3.61 5.85 -40.32
N ARG G 96 3.33 4.61 -40.70
CA ARG G 96 1.97 4.09 -40.62
C ARG G 96 1.55 3.74 -39.19
N GLN G 97 2.48 3.67 -38.26
CA GLN G 97 2.15 3.51 -36.85
C GLN G 97 2.14 4.87 -36.14
N ASP G 98 1.22 5.71 -36.58
CA ASP G 98 1.12 7.08 -36.09
C ASP G 98 0.02 7.27 -35.05
N LYS G 99 -0.62 6.19 -34.59
CA LYS G 99 -1.68 6.29 -33.60
C LYS G 99 -1.97 4.91 -33.02
N LYS G 100 -2.71 4.90 -31.91
CA LYS G 100 -3.06 3.67 -31.22
C LYS G 100 -4.40 3.10 -31.68
N ASP G 101 -5.46 3.91 -31.63
CA ASP G 101 -6.78 3.55 -32.15
C ASP G 101 -7.36 2.29 -31.53
N LYS G 102 -7.69 2.34 -30.24
CA LYS G 102 -8.39 1.27 -29.54
C LYS G 102 -7.56 0.00 -29.46
N SER G 103 -6.23 0.16 -29.47
CA SER G 103 -5.35 -0.98 -29.39
C SER G 103 -4.23 -0.65 -28.42
N ARG G 104 -3.77 -1.65 -27.67
CA ARG G 104 -2.60 -1.47 -26.80
C ARG G 104 -1.34 -1.63 -27.65
N ALA G 105 -1.16 -0.66 -28.52
CA ALA G 105 -0.11 -0.63 -29.51
C ALA G 105 0.85 0.52 -29.23
N PRO G 106 2.08 0.44 -29.72
CA PRO G 106 2.96 1.60 -29.65
C PRO G 106 2.58 2.64 -30.68
N ILE G 107 2.97 3.87 -30.42
CA ILE G 107 3.01 4.90 -31.48
C ILE G 107 4.45 4.93 -31.96
N SER G 108 4.76 4.03 -32.90
CA SER G 108 6.15 3.82 -33.30
C SER G 108 6.73 5.03 -34.01
N ALA G 109 5.91 5.75 -34.77
CA ALA G 109 6.38 6.96 -35.43
C ALA G 109 6.87 7.99 -34.42
N LYS G 110 6.14 8.16 -33.32
CA LYS G 110 6.59 9.07 -32.28
C LYS G 110 7.88 8.59 -31.64
N LEU G 111 8.01 7.28 -31.43
CA LEU G 111 9.25 6.74 -30.88
C LEU G 111 10.43 7.02 -31.80
N VAL G 112 10.22 6.85 -33.10
CA VAL G 112 11.28 7.13 -34.07
C VAL G 112 11.64 8.61 -34.04
N ALA G 113 10.64 9.49 -33.97
CA ALA G 113 10.91 10.91 -33.87
C ALA G 113 11.73 11.24 -32.63
N ASN G 114 11.35 10.66 -31.49
CA ASN G 114 12.10 10.89 -30.26
C ASN G 114 13.52 10.38 -30.37
N MET G 115 13.72 9.22 -31.00
CA MET G 115 15.07 8.68 -31.15
C MET G 115 15.91 9.56 -32.05
N LEU G 116 15.33 10.08 -33.13
CA LEU G 116 16.05 10.99 -34.00
C LEU G 116 16.45 12.26 -33.27
N SER G 117 15.55 12.79 -32.44
CA SER G 117 15.85 13.99 -31.67
C SER G 117 16.97 13.72 -30.66
N VAL G 118 16.90 12.58 -29.98
CA VAL G 118 17.87 12.31 -28.93
C VAL G 118 19.23 11.93 -29.52
N ALA G 119 19.25 11.42 -30.75
CA ALA G 119 20.52 11.17 -31.41
C ALA G 119 21.23 12.47 -31.77
N GLY G 120 20.47 13.55 -31.93
CA GLY G 120 21.06 14.85 -32.14
C GLY G 120 20.66 15.53 -33.43
N ALA G 121 19.61 15.05 -34.08
CA ALA G 121 19.14 15.69 -35.29
C ALA G 121 18.57 17.07 -34.98
N ASP G 122 18.99 18.06 -35.76
CA ASP G 122 18.48 19.42 -35.62
C ASP G 122 17.34 19.71 -36.58
N HIS G 123 17.19 18.90 -37.62
CA HIS G 123 16.28 19.20 -38.72
C HIS G 123 15.99 17.90 -39.47
N ILE G 124 14.77 17.79 -39.98
CA ILE G 124 14.33 16.64 -40.75
C ILE G 124 13.82 17.11 -42.09
N ILE G 125 14.28 16.47 -43.16
CA ILE G 125 13.72 16.63 -44.50
C ILE G 125 13.16 15.28 -44.92
N THR G 126 11.89 15.25 -45.30
CA THR G 126 11.24 14.03 -45.73
C THR G 126 10.27 14.36 -46.85
N MET G 127 9.73 13.32 -47.48
CA MET G 127 8.83 13.47 -48.61
C MET G 127 7.54 12.69 -48.35
N ASP G 128 6.40 13.36 -48.49
CA ASP G 128 5.07 12.77 -48.39
C ASP G 128 4.94 11.87 -47.16
N LEU G 129 4.99 12.49 -46.00
CA LEU G 129 4.71 11.78 -44.76
C LEU G 129 3.34 11.13 -44.84
N HIS G 130 3.24 9.90 -44.33
CA HIS G 130 1.98 9.17 -44.36
C HIS G 130 0.85 9.99 -43.74
N ALA G 131 1.12 10.61 -42.60
CA ALA G 131 0.22 11.59 -42.00
C ALA G 131 1.05 12.81 -41.63
N SER G 132 0.56 13.99 -42.03
CA SER G 132 1.34 15.19 -41.76
C SER G 132 1.36 15.53 -40.27
N GLN G 133 0.48 14.93 -39.48
CA GLN G 133 0.56 15.05 -38.03
C GLN G 133 1.88 14.54 -37.48
N ILE G 134 2.61 13.71 -38.23
CA ILE G 134 3.92 13.24 -37.79
C ILE G 134 4.86 14.42 -37.60
N GLN G 135 4.63 15.52 -38.32
CA GLN G 135 5.41 16.73 -38.10
C GLN G 135 5.33 17.18 -36.64
N GLY G 136 4.15 17.04 -36.02
CA GLY G 136 3.99 17.40 -34.64
C GLY G 136 4.64 16.45 -33.66
N PHE G 137 5.06 15.26 -34.12
CA PHE G 137 5.79 14.35 -33.26
C PHE G 137 7.19 14.89 -32.93
N PHE G 138 7.66 15.87 -33.67
CA PHE G 138 8.97 16.45 -33.44
C PHE G 138 8.87 17.78 -32.73
N ASP G 139 9.95 18.17 -32.08
CA ASP G 139 10.11 19.55 -31.64
C ASP G 139 11.08 20.33 -32.53
N ILE G 140 11.90 19.65 -33.33
CA ILE G 140 12.76 20.27 -34.31
C ILE G 140 11.96 20.55 -35.58
N PRO G 141 12.37 21.49 -36.43
CA PRO G 141 11.65 21.71 -37.68
C PRO G 141 11.68 20.48 -38.59
N VAL G 142 10.57 20.25 -39.27
CA VAL G 142 10.44 19.16 -40.23
C VAL G 142 9.92 19.76 -41.53
N ASP G 143 10.66 19.56 -42.62
CA ASP G 143 10.20 19.96 -43.94
C ASP G 143 9.69 18.72 -44.66
N ASN G 144 8.38 18.68 -44.85
CA ASN G 144 7.72 17.58 -45.54
C ASN G 144 7.50 17.99 -46.99
N LEU G 145 8.35 17.51 -47.88
CA LEU G 145 8.24 17.84 -49.29
C LEU G 145 7.14 17.03 -49.94
N TYR G 146 6.74 17.46 -51.14
CA TYR G 146 5.67 16.82 -51.89
C TYR G 146 6.18 16.39 -53.24
N ALA G 147 5.84 15.16 -53.61
CA ALA G 147 6.16 14.67 -54.95
C ALA G 147 5.18 15.18 -56.00
N GLU G 148 4.14 15.89 -55.58
CA GLU G 148 3.07 16.30 -56.50
C GLU G 148 3.55 17.09 -57.71
N PRO G 149 4.47 18.07 -57.60
CA PRO G 149 4.95 18.73 -58.82
C PRO G 149 5.55 17.77 -59.83
N ALA G 150 6.39 16.84 -59.37
CA ALA G 150 6.97 15.85 -60.26
C ALA G 150 5.91 14.91 -60.83
N VAL G 151 4.90 14.57 -60.04
CA VAL G 151 3.82 13.72 -60.51
C VAL G 151 3.04 14.41 -61.62
N LEU G 152 2.72 15.70 -61.42
CA LEU G 152 2.01 16.47 -62.43
C LEU G 152 2.82 16.55 -63.71
N LYS G 153 4.13 16.78 -63.58
CA LYS G 153 5.00 16.79 -64.74
C LYS G 153 4.94 15.46 -65.48
N TRP G 154 5.05 14.36 -64.75
CA TRP G 154 5.01 13.04 -65.39
C TRP G 154 3.68 12.82 -66.09
N ILE G 155 2.58 13.20 -65.44
CA ILE G 155 1.26 12.98 -66.02
C ILE G 155 1.13 13.73 -67.34
N ARG G 156 1.55 14.99 -67.34
CA ARG G 156 1.43 15.78 -68.56
C ARG G 156 2.32 15.24 -69.67
N GLU G 157 3.53 14.81 -69.36
CA GLU G 157 4.43 14.37 -70.42
C GLU G 157 4.29 12.89 -70.78
N ASN G 158 3.45 12.12 -70.09
CA ASN G 158 3.36 10.69 -70.37
C ASN G 158 1.97 10.20 -70.71
N ILE G 159 0.92 10.88 -70.27
CA ILE G 159 -0.45 10.48 -70.54
C ILE G 159 -1.02 11.49 -71.54
N SER G 160 -1.21 11.05 -72.78
CA SER G 160 -1.64 11.96 -73.82
C SER G 160 -3.05 12.49 -73.58
N GLU G 161 -3.89 11.71 -72.93
CA GLU G 161 -5.27 12.10 -72.67
C GLU G 161 -5.46 12.74 -71.30
N TRP G 162 -4.42 13.36 -70.75
CA TRP G 162 -4.46 13.77 -69.35
C TRP G 162 -5.50 14.84 -69.10
N ARG G 163 -5.89 15.58 -70.13
CA ARG G 163 -6.90 16.63 -69.94
C ARG G 163 -8.29 16.04 -69.75
N ASN G 164 -8.53 14.82 -70.20
CA ASN G 164 -9.81 14.15 -70.02
C ASN G 164 -9.75 13.01 -69.02
N CYS G 165 -8.69 12.93 -68.21
CA CYS G 165 -8.53 11.83 -67.29
C CYS G 165 -9.31 12.08 -65.99
N THR G 166 -9.44 11.03 -65.19
CA THR G 166 -10.01 11.12 -63.86
C THR G 166 -8.97 10.69 -62.84
N ILE G 167 -8.71 11.54 -61.87
CA ILE G 167 -7.81 11.20 -60.77
C ILE G 167 -8.63 10.49 -59.69
N VAL G 168 -8.18 9.32 -59.28
CA VAL G 168 -8.96 8.44 -58.41
C VAL G 168 -8.20 8.18 -57.12
N SER G 169 -8.88 8.34 -56.02
CA SER G 169 -8.35 7.92 -54.74
C SER G 169 -8.68 6.44 -54.51
N PRO G 170 -7.72 5.63 -54.10
CA PRO G 170 -8.04 4.23 -53.76
C PRO G 170 -8.92 4.08 -52.54
N ASP G 171 -8.93 5.07 -51.64
CA ASP G 171 -9.71 5.00 -50.42
C ASP G 171 -10.16 6.41 -50.04
N ALA G 172 -10.98 6.49 -48.99
CA ALA G 172 -11.46 7.79 -48.54
C ALA G 172 -10.33 8.60 -47.92
N GLY G 173 -9.30 7.92 -47.42
CA GLY G 173 -8.23 8.62 -46.73
C GLY G 173 -7.40 9.52 -47.61
N GLY G 174 -7.13 9.09 -48.84
CA GLY G 174 -6.28 9.86 -49.73
C GLY G 174 -6.97 10.91 -50.58
N ALA G 175 -8.28 11.08 -50.41
CA ALA G 175 -9.05 11.95 -51.29
C ALA G 175 -8.43 13.34 -51.39
N LYS G 176 -8.06 13.92 -50.25
CA LYS G 176 -7.41 15.23 -50.26
C LYS G 176 -6.33 15.29 -51.33
N ARG G 177 -5.39 14.35 -51.27
CA ARG G 177 -4.29 14.33 -52.23
C ARG G 177 -4.81 14.37 -53.66
N VAL G 178 -5.74 13.48 -53.99
CA VAL G 178 -6.19 13.42 -55.38
C VAL G 178 -6.89 14.72 -55.75
N THR G 179 -7.65 15.29 -54.82
CA THR G 179 -8.31 16.56 -55.14
C THR G 179 -7.28 17.62 -55.48
N SER G 180 -6.20 17.68 -54.69
CA SER G 180 -5.13 18.62 -55.02
C SER G 180 -4.68 18.42 -56.45
N ILE G 181 -4.38 17.18 -56.81
CA ILE G 181 -3.92 16.91 -58.18
C ILE G 181 -5.01 17.28 -59.16
N ALA G 182 -6.26 16.92 -58.86
CA ALA G 182 -7.35 17.24 -59.77
C ALA G 182 -7.49 18.73 -59.94
N ASP G 183 -7.18 19.50 -58.89
CA ASP G 183 -7.24 20.94 -59.01
C ASP G 183 -6.13 21.47 -59.92
N ARG G 184 -4.94 20.88 -59.84
CA ARG G 184 -3.82 21.40 -60.60
C ARG G 184 -3.87 21.00 -62.07
N LEU G 185 -4.63 19.97 -62.41
CA LEU G 185 -4.78 19.53 -63.78
C LEU G 185 -6.09 19.95 -64.43
N ASN G 186 -7.07 20.39 -63.64
CA ASN G 186 -8.41 20.70 -64.12
C ASN G 186 -9.06 19.48 -64.78
N VAL G 187 -9.20 18.44 -63.96
CA VAL G 187 -9.82 17.18 -64.38
C VAL G 187 -10.76 16.72 -63.28
N ASP G 188 -11.53 15.68 -63.58
CA ASP G 188 -12.43 15.12 -62.60
C ASP G 188 -11.67 14.27 -61.58
N PHE G 189 -12.26 14.11 -60.41
CA PHE G 189 -11.70 13.26 -59.37
C PHE G 189 -12.78 12.33 -58.84
N ALA G 190 -12.42 11.07 -58.68
CA ALA G 190 -13.30 10.01 -58.22
C ALA G 190 -12.77 9.41 -56.93
N LEU G 191 -13.69 8.88 -56.14
CA LEU G 191 -13.36 8.16 -54.92
C LEU G 191 -13.82 6.71 -55.04
N ILE G 192 -13.11 5.84 -54.31
CA ILE G 192 -13.44 4.42 -54.24
C ILE G 192 -13.33 4.01 -52.79
N HIS G 193 -14.34 3.35 -52.25
CA HIS G 193 -14.19 2.78 -50.91
C HIS G 193 -14.95 1.47 -50.81
N LYS G 194 -14.49 0.61 -49.91
CA LYS G 194 -15.08 -0.71 -49.73
C LYS G 194 -16.22 -0.66 -48.72
N GLU G 195 -17.24 -1.46 -48.99
CA GLU G 195 -18.44 -1.50 -48.15
C GLU G 195 -18.27 -2.46 -46.99
N ASP G 203 -16.05 -6.84 -49.14
CA ASP G 203 -15.10 -7.18 -50.19
C ASP G 203 -15.43 -6.44 -51.48
N ARG G 204 -16.59 -5.78 -51.50
CA ARG G 204 -17.01 -4.99 -52.64
C ARG G 204 -16.55 -3.54 -52.50
N MET G 205 -16.31 -2.90 -53.62
CA MET G 205 -15.93 -1.49 -53.67
C MET G 205 -16.98 -0.70 -54.42
N VAL G 206 -17.19 0.54 -53.98
CA VAL G 206 -18.13 1.46 -54.62
C VAL G 206 -17.34 2.66 -55.10
N LEU G 207 -17.63 3.08 -56.33
CA LEU G 207 -16.96 4.15 -57.05
C LEU G 207 -17.94 5.27 -57.36
N VAL G 208 -17.52 6.50 -57.06
CA VAL G 208 -18.31 7.67 -57.37
C VAL G 208 -17.54 8.49 -58.40
N GLY G 209 -18.21 8.87 -59.48
CA GLY G 209 -17.56 9.62 -60.53
C GLY G 209 -17.47 8.86 -61.83
N ASP G 210 -17.87 9.51 -62.93
CA ASP G 210 -17.83 8.87 -64.24
C ASP G 210 -16.39 8.60 -64.66
N VAL G 211 -16.12 7.35 -65.04
CA VAL G 211 -14.80 6.95 -65.52
C VAL G 211 -14.86 6.23 -66.87
N LYS G 212 -16.05 6.12 -67.47
CA LYS G 212 -16.17 5.40 -68.73
C LYS G 212 -15.49 6.16 -69.85
N ASP G 213 -14.77 5.43 -70.71
CA ASP G 213 -14.06 5.93 -71.88
C ASP G 213 -12.99 6.95 -71.51
N ARG G 214 -12.63 7.06 -70.24
CA ARG G 214 -11.64 8.01 -69.76
C ARG G 214 -10.48 7.27 -69.11
N VAL G 215 -9.29 7.85 -69.19
CA VAL G 215 -8.14 7.29 -68.51
C VAL G 215 -8.27 7.60 -67.02
N ALA G 216 -8.07 6.60 -66.19
CA ALA G 216 -8.11 6.78 -64.74
C ALA G 216 -6.71 6.70 -64.17
N ILE G 217 -6.42 7.53 -63.18
CA ILE G 217 -5.11 7.60 -62.55
C ILE G 217 -5.32 7.47 -61.05
N LEU G 218 -5.09 6.29 -60.49
CA LEU G 218 -5.05 6.13 -59.05
C LEU G 218 -3.84 6.86 -58.50
N VAL G 219 -4.01 7.57 -57.39
CA VAL G 219 -2.89 8.30 -56.79
C VAL G 219 -2.80 7.94 -55.31
N ASP G 220 -1.58 7.73 -54.82
CA ASP G 220 -1.38 7.37 -53.43
C ASP G 220 0.03 7.66 -52.96
N ASP G 221 0.16 7.66 -51.62
CA ASP G 221 1.44 7.91 -51.00
C ASP G 221 2.34 6.68 -51.08
N MET G 222 1.78 5.49 -50.94
CA MET G 222 2.64 4.32 -50.94
C MET G 222 1.88 3.10 -51.42
N ALA G 223 2.65 2.15 -51.92
CA ALA G 223 2.18 0.82 -52.30
C ALA G 223 3.04 -0.21 -51.59
N ASP G 224 2.50 -0.85 -50.57
CA ASP G 224 3.26 -1.86 -49.85
C ASP G 224 2.99 -3.26 -50.41
N THR G 225 1.77 -3.75 -50.24
CA THR G 225 1.39 -5.04 -50.79
C THR G 225 0.54 -4.90 -52.03
N CYS G 226 0.08 -3.69 -52.32
CA CYS G 226 -0.66 -3.33 -53.52
C CYS G 226 -2.02 -4.01 -53.61
N GLY G 227 -2.54 -4.53 -52.50
CA GLY G 227 -3.90 -5.02 -52.51
C GLY G 227 -4.89 -3.91 -52.77
N THR G 228 -4.68 -2.76 -52.13
CA THR G 228 -5.59 -1.63 -52.28
C THR G 228 -5.67 -1.18 -53.73
N ILE G 229 -4.51 -0.90 -54.35
CA ILE G 229 -4.54 -0.36 -55.70
C ILE G 229 -4.97 -1.42 -56.71
N CYS G 230 -4.67 -2.69 -56.46
CA CYS G 230 -5.11 -3.73 -57.40
C CYS G 230 -6.63 -3.89 -57.36
N HIS G 231 -7.21 -3.88 -56.16
CA HIS G 231 -8.67 -3.93 -56.06
C HIS G 231 -9.30 -2.70 -56.70
N ALA G 232 -8.72 -1.53 -56.46
CA ALA G 232 -9.24 -0.31 -57.08
C ALA G 232 -9.16 -0.38 -58.59
N ALA G 233 -8.06 -0.91 -59.13
CA ALA G 233 -7.92 -1.00 -60.58
C ALA G 233 -8.93 -1.98 -61.17
N ASP G 234 -9.16 -3.10 -60.49
CA ASP G 234 -10.19 -4.02 -60.95
C ASP G 234 -11.54 -3.33 -61.01
N LYS G 235 -11.88 -2.57 -59.98
CA LYS G 235 -13.15 -1.85 -59.97
C LYS G 235 -13.21 -0.81 -61.09
N LEU G 236 -12.09 -0.11 -61.33
CA LEU G 236 -12.08 0.89 -62.39
C LEU G 236 -12.29 0.28 -63.75
N LEU G 237 -11.68 -0.88 -64.01
CA LEU G 237 -11.94 -1.56 -65.27
C LEU G 237 -13.37 -2.07 -65.34
N SER G 238 -13.96 -2.46 -64.20
CA SER G 238 -15.36 -2.85 -64.19
C SER G 238 -16.25 -1.70 -64.61
N ALA G 239 -15.91 -0.48 -64.20
CA ALA G 239 -16.71 0.70 -64.49
C ALA G 239 -16.38 1.34 -65.84
N GLY G 240 -15.78 0.60 -66.76
CA GLY G 240 -15.66 1.07 -68.12
C GLY G 240 -14.49 2.00 -68.41
N ALA G 241 -13.52 2.06 -67.51
CA ALA G 241 -12.35 2.89 -67.75
C ALA G 241 -11.54 2.33 -68.93
N THR G 242 -10.86 3.24 -69.65
CA THR G 242 -10.09 2.81 -70.81
C THR G 242 -8.74 2.24 -70.39
N ARG G 243 -7.94 3.02 -69.68
CA ARG G 243 -6.70 2.54 -69.10
C ARG G 243 -6.64 3.02 -67.66
N VAL G 244 -5.97 2.25 -66.81
CA VAL G 244 -5.79 2.60 -65.42
C VAL G 244 -4.30 2.70 -65.13
N TYR G 245 -3.89 3.85 -64.60
CA TYR G 245 -2.55 4.09 -64.11
C TYR G 245 -2.57 4.12 -62.59
N ALA G 246 -1.42 3.86 -61.98
CA ALA G 246 -1.24 4.06 -60.55
C ALA G 246 0.01 4.87 -60.34
N ILE G 247 -0.07 5.93 -59.55
CA ILE G 247 1.07 6.79 -59.25
C ILE G 247 1.20 6.89 -57.73
N LEU G 248 2.35 6.47 -57.23
CA LEU G 248 2.62 6.45 -55.80
C LEU G 248 3.96 7.11 -55.53
N THR G 249 4.02 7.85 -54.43
CA THR G 249 5.31 8.46 -54.12
C THR G 249 6.29 7.44 -53.54
N HIS G 250 5.80 6.45 -52.78
CA HIS G 250 6.67 5.46 -52.16
C HIS G 250 6.34 4.07 -52.67
N GLY G 251 7.24 3.50 -53.46
CA GLY G 251 7.10 2.14 -53.96
C GLY G 251 7.75 1.07 -53.09
N ILE G 252 7.14 0.72 -51.96
CA ILE G 252 7.74 -0.26 -51.08
C ILE G 252 7.71 -1.65 -51.71
N PHE G 253 6.56 -2.06 -52.23
CA PHE G 253 6.42 -3.30 -53.01
C PHE G 253 6.87 -4.54 -52.25
N SER G 254 6.43 -4.67 -51.01
CA SER G 254 6.81 -5.84 -50.22
C SER G 254 5.80 -6.95 -50.40
N GLY G 255 6.19 -8.15 -49.97
CA GLY G 255 5.33 -9.30 -50.02
C GLY G 255 4.95 -9.71 -51.43
N PRO G 256 3.64 -9.87 -51.67
CA PRO G 256 3.16 -10.30 -52.99
C PRO G 256 2.91 -9.18 -53.97
N ALA G 257 3.42 -7.97 -53.72
CA ALA G 257 3.05 -6.82 -54.52
C ALA G 257 3.43 -7.00 -55.99
N ILE G 258 4.61 -7.57 -56.25
CA ILE G 258 5.07 -7.67 -57.63
C ILE G 258 4.20 -8.65 -58.42
N SER G 259 3.84 -9.78 -57.82
CA SER G 259 2.97 -10.73 -58.49
C SER G 259 1.60 -10.12 -58.76
N ARG G 260 1.03 -9.41 -57.79
CA ARG G 260 -0.28 -8.80 -57.97
C ARG G 260 -0.25 -7.75 -59.07
N ILE G 261 0.80 -6.92 -59.09
CA ILE G 261 0.91 -5.91 -60.14
C ILE G 261 1.05 -6.59 -61.50
N ASN G 262 1.87 -7.63 -61.58
CA ASN G 262 2.02 -8.36 -62.83
C ASN G 262 0.70 -8.94 -63.31
N ASN G 263 -0.15 -9.38 -62.37
CA ASN G 263 -1.46 -9.90 -62.75
C ASN G 263 -2.52 -8.83 -62.85
N ALA G 264 -2.20 -7.57 -62.56
CA ALA G 264 -3.19 -6.50 -62.61
C ALA G 264 -3.23 -5.87 -64.00
N CYS G 265 -4.20 -4.98 -64.18
CA CYS G 265 -4.49 -4.38 -65.47
C CYS G 265 -3.82 -3.02 -65.66
N PHE G 266 -2.95 -2.62 -64.74
CA PHE G 266 -2.31 -1.31 -64.84
C PHE G 266 -1.57 -1.16 -66.15
N GLU G 267 -1.74 0.00 -66.79
CA GLU G 267 -0.85 0.36 -67.89
C GLU G 267 0.55 0.61 -67.38
N ALA G 268 0.68 1.29 -66.24
CA ALA G 268 1.96 1.56 -65.63
C ALA G 268 1.75 1.76 -64.13
N VAL G 269 2.78 1.46 -63.37
CA VAL G 269 2.81 1.77 -61.94
C VAL G 269 4.00 2.70 -61.73
N VAL G 270 3.71 3.98 -61.63
CA VAL G 270 4.74 5.00 -61.48
C VAL G 270 4.97 5.24 -60.00
N VAL G 271 6.23 5.20 -59.57
CA VAL G 271 6.59 5.50 -58.20
C VAL G 271 7.77 6.45 -58.23
N THR G 272 7.90 7.22 -57.15
CA THR G 272 9.12 8.03 -57.10
C THR G 272 10.30 7.16 -56.64
N ASN G 273 11.51 7.72 -56.76
CA ASN G 273 12.66 6.99 -56.26
C ASN G 273 13.05 7.41 -54.84
N THR G 274 12.08 7.51 -53.93
CA THR G 274 12.43 7.66 -52.53
C THR G 274 12.96 6.35 -51.96
N ILE G 275 12.67 5.25 -52.64
CA ILE G 275 13.08 3.90 -52.27
C ILE G 275 13.73 3.33 -53.52
N PRO G 276 14.87 2.64 -53.42
CA PRO G 276 15.49 2.08 -54.62
C PRO G 276 14.57 1.07 -55.29
N GLN G 277 14.54 1.09 -56.62
CA GLN G 277 13.57 0.32 -57.37
C GLN G 277 14.18 -0.64 -58.39
N GLU G 278 15.52 -0.70 -58.51
CA GLU G 278 16.12 -1.45 -59.59
C GLU G 278 15.75 -2.92 -59.54
N ASP G 279 15.76 -3.52 -58.34
CA ASP G 279 15.43 -4.93 -58.21
C ASP G 279 13.98 -5.21 -58.60
N LYS G 280 13.06 -4.34 -58.18
CA LYS G 280 11.65 -4.53 -58.52
C LYS G 280 11.40 -4.35 -60.02
N MET G 281 12.10 -3.42 -60.66
CA MET G 281 11.95 -3.21 -62.09
C MET G 281 12.38 -4.44 -62.88
N LYS G 282 13.32 -5.22 -62.34
CA LYS G 282 13.74 -6.44 -63.01
C LYS G 282 12.59 -7.42 -63.15
N HIS G 283 11.79 -7.58 -62.10
CA HIS G 283 10.71 -8.55 -62.08
C HIS G 283 9.35 -7.97 -62.43
N CYS G 284 9.26 -6.67 -62.69
CA CYS G 284 7.96 -6.05 -63.00
C CYS G 284 8.18 -5.03 -64.12
N SER G 285 7.63 -5.33 -65.29
CA SER G 285 7.87 -4.50 -66.47
C SER G 285 7.19 -3.14 -66.36
N LYS G 286 6.04 -3.07 -65.71
CA LYS G 286 5.21 -1.88 -65.74
C LYS G 286 5.52 -0.88 -64.63
N ILE G 287 6.54 -1.13 -63.82
CA ILE G 287 6.98 -0.14 -62.85
C ILE G 287 7.83 0.90 -63.57
N GLN G 288 7.54 2.18 -63.30
CA GLN G 288 8.34 3.28 -63.83
C GLN G 288 8.70 4.20 -62.68
N VAL G 289 9.84 4.87 -62.80
CA VAL G 289 10.42 5.63 -61.70
C VAL G 289 10.48 7.11 -62.09
N ILE G 290 9.95 7.96 -61.22
CA ILE G 290 10.15 9.39 -61.29
C ILE G 290 11.33 9.76 -60.40
N ASP G 291 12.28 10.52 -60.95
CA ASP G 291 13.36 11.05 -60.14
C ASP G 291 12.82 12.22 -59.31
N ILE G 292 13.04 12.17 -58.00
CA ILE G 292 12.76 13.31 -57.13
C ILE G 292 14.01 13.84 -56.48
N SER G 293 15.19 13.42 -56.96
CA SER G 293 16.44 13.90 -56.40
C SER G 293 16.62 15.40 -56.59
N MET G 294 16.01 15.99 -57.64
CA MET G 294 16.11 17.44 -57.79
C MET G 294 15.36 18.15 -56.67
N ILE G 295 14.19 17.64 -56.27
CA ILE G 295 13.44 18.26 -55.19
C ILE G 295 14.22 18.16 -53.89
N LEU G 296 14.79 17.00 -53.59
CA LEU G 296 15.55 16.82 -52.37
C LEU G 296 16.81 17.70 -52.36
N ALA G 297 17.51 17.75 -53.49
CA ALA G 297 18.70 18.58 -53.58
C ALA G 297 18.36 20.05 -53.41
N GLU G 298 17.29 20.51 -54.04
CA GLU G 298 16.88 21.90 -53.90
C GLU G 298 16.46 22.20 -52.46
N ALA G 299 15.77 21.25 -51.81
CA ALA G 299 15.41 21.47 -50.42
C ALA G 299 16.64 21.58 -49.53
N ILE G 300 17.63 20.72 -49.75
CA ILE G 300 18.86 20.79 -48.97
C ILE G 300 19.53 22.14 -49.18
N ARG G 301 19.64 22.55 -50.44
CA ARG G 301 20.35 23.78 -50.76
C ARG G 301 19.60 25.00 -50.23
N ARG G 302 18.27 24.96 -50.22
CA ARG G 302 17.50 26.09 -49.71
C ARG G 302 17.52 26.14 -48.19
N THR G 303 17.50 25.00 -47.50
CA THR G 303 17.67 25.03 -46.05
C THR G 303 19.05 25.54 -45.68
N HIS G 304 20.07 25.15 -46.46
CA HIS G 304 21.41 25.63 -46.17
C HIS G 304 21.53 27.13 -46.39
N ASN G 305 20.97 27.65 -47.48
CA ASN G 305 21.13 29.06 -47.80
C ASN G 305 20.06 29.94 -47.19
N GLY G 306 19.14 29.37 -46.42
CA GLY G 306 18.07 30.17 -45.85
C GLY G 306 17.05 30.67 -46.84
N GLU G 307 16.91 30.02 -48.00
CA GLU G 307 15.84 30.38 -48.91
C GLU G 307 14.58 29.62 -48.60
N SER G 308 13.49 30.00 -49.25
CA SER G 308 12.20 29.39 -48.98
C SER G 308 12.16 27.96 -49.51
N VAL G 309 11.77 27.02 -48.64
CA VAL G 309 11.59 25.64 -49.05
C VAL G 309 10.19 25.43 -49.62
N SER G 310 9.19 26.10 -49.06
CA SER G 310 7.80 25.90 -49.48
C SER G 310 7.58 26.32 -50.92
N TYR G 311 8.51 27.07 -51.48
CA TYR G 311 8.52 27.40 -52.90
C TYR G 311 8.45 26.13 -53.74
N LEU G 312 9.04 25.05 -53.24
CA LEU G 312 9.08 23.77 -53.93
C LEU G 312 7.74 23.04 -53.90
N PHE G 313 6.78 23.45 -53.06
CA PHE G 313 5.51 22.74 -53.01
C PHE G 313 4.78 22.83 -54.34
N SER G 314 5.06 23.85 -55.14
CA SER G 314 4.36 24.07 -56.39
C SER G 314 5.26 24.23 -57.61
N HIS G 315 6.58 24.21 -57.44
CA HIS G 315 7.50 24.51 -58.53
C HIS G 315 8.49 23.38 -58.71
N VAL G 316 8.59 22.87 -59.93
CA VAL G 316 9.63 21.88 -60.25
C VAL G 316 10.94 22.62 -60.53
N PRO G 317 12.02 22.32 -59.80
CA PRO G 317 13.30 22.99 -60.03
C PRO G 317 14.15 22.32 -61.11
N PRO H 2 -3.28 7.26 -1.27
CA PRO H 2 -3.62 8.28 -2.26
C PRO H 2 -5.08 8.21 -2.70
N ASN H 3 -5.82 9.26 -2.43
CA ASN H 3 -7.24 9.32 -2.72
C ASN H 3 -7.51 10.16 -3.96
N ILE H 4 -8.70 9.99 -4.52
CA ILE H 4 -9.13 10.80 -5.66
C ILE H 4 -9.55 12.17 -5.18
N LYS H 5 -9.02 13.20 -5.82
CA LYS H 5 -9.49 14.57 -5.64
C LYS H 5 -9.91 15.10 -7.00
N ILE H 6 -11.16 15.53 -7.11
CA ILE H 6 -11.70 16.07 -8.35
C ILE H 6 -11.79 17.58 -8.19
N PHE H 7 -11.18 18.32 -9.10
CA PHE H 7 -11.27 19.77 -9.11
C PHE H 7 -11.90 20.24 -10.41
N SER H 8 -12.72 21.27 -10.31
CA SER H 8 -13.42 21.81 -11.46
C SER H 8 -12.78 23.14 -11.87
N GLY H 9 -12.50 23.27 -13.16
CA GLY H 9 -12.31 24.57 -13.73
C GLY H 9 -13.64 25.27 -13.94
N SER H 10 -13.57 26.53 -14.34
CA SER H 10 -14.79 27.30 -14.52
C SER H 10 -15.52 26.97 -15.83
N SER H 11 -14.89 26.24 -16.74
CA SER H 11 -15.50 26.02 -18.04
C SER H 11 -16.79 25.19 -17.95
N HIS H 12 -16.73 24.04 -17.29
CA HIS H 12 -17.86 23.11 -17.30
C HIS H 12 -18.06 22.58 -15.88
N GLN H 13 -18.77 23.36 -15.06
CA GLN H 13 -18.92 22.98 -13.65
C GLN H 13 -19.99 21.91 -13.47
N ASP H 14 -21.02 21.91 -14.31
CA ASP H 14 -22.06 20.89 -14.23
C ASP H 14 -21.49 19.51 -14.49
N LEU H 15 -20.63 19.38 -15.52
CA LEU H 15 -20.02 18.10 -15.81
C LEU H 15 -19.13 17.64 -14.67
N SER H 16 -18.35 18.55 -14.09
CA SER H 16 -17.51 18.19 -12.96
C SER H 16 -18.34 17.70 -11.79
N GLN H 17 -19.46 18.37 -11.53
CA GLN H 17 -20.34 17.93 -10.44
C GLN H 17 -20.93 16.56 -10.73
N LYS H 18 -21.36 16.31 -11.96
CA LYS H 18 -21.90 15.00 -12.30
C LYS H 18 -20.85 13.90 -12.10
N ILE H 19 -19.62 14.18 -12.53
CA ILE H 19 -18.54 13.21 -12.35
C ILE H 19 -18.28 12.96 -10.87
N ALA H 20 -18.26 14.04 -10.07
CA ALA H 20 -18.01 13.91 -8.65
C ALA H 20 -19.09 13.09 -7.96
N ASP H 21 -20.36 13.32 -8.31
CA ASP H 21 -21.45 12.51 -7.76
C ASP H 21 -21.30 11.05 -8.15
N ARG H 22 -20.96 10.78 -9.41
CA ARG H 22 -20.79 9.38 -9.80
C ARG H 22 -19.62 8.73 -9.08
N LEU H 23 -18.61 9.50 -8.71
CA LEU H 23 -17.51 8.96 -7.94
C LEU H 23 -17.80 8.91 -6.45
N GLY H 24 -18.93 9.46 -6.00
CA GLY H 24 -19.22 9.52 -4.58
C GLY H 24 -18.36 10.50 -3.82
N LEU H 25 -17.92 11.57 -4.48
CA LEU H 25 -17.00 12.53 -3.89
C LEU H 25 -17.58 13.93 -3.97
N GLU H 26 -17.06 14.82 -3.14
CA GLU H 26 -17.34 16.24 -3.28
C GLU H 26 -16.23 16.89 -4.08
N LEU H 27 -16.58 17.93 -4.84
CA LEU H 27 -15.59 18.66 -5.59
C LEU H 27 -14.59 19.32 -4.65
N GLY H 28 -13.31 19.27 -5.03
CA GLY H 28 -12.29 19.85 -4.18
C GLY H 28 -12.44 21.35 -4.08
N LYS H 29 -12.08 21.89 -2.91
CA LYS H 29 -12.18 23.32 -2.69
C LYS H 29 -11.11 24.03 -3.49
N VAL H 30 -11.53 24.85 -4.45
CA VAL H 30 -10.62 25.67 -5.23
C VAL H 30 -11.31 26.98 -5.55
N VAL H 31 -10.56 28.07 -5.50
CA VAL H 31 -11.02 29.37 -5.96
C VAL H 31 -10.38 29.65 -7.30
N THR H 32 -11.21 29.90 -8.32
CA THR H 32 -10.76 30.17 -9.67
C THR H 32 -11.48 31.41 -10.16
N LYS H 33 -10.84 32.56 -10.02
CA LYS H 33 -11.45 33.82 -10.41
C LYS H 33 -10.46 34.60 -11.25
N LYS H 34 -10.75 35.87 -11.48
CA LYS H 34 -9.83 36.73 -12.22
C LYS H 34 -9.43 37.92 -11.36
N PHE H 35 -8.15 38.25 -11.40
CA PHE H 35 -7.69 39.52 -10.86
C PHE H 35 -8.31 40.66 -11.66
N SER H 36 -8.12 41.87 -11.15
CA SER H 36 -8.69 43.06 -11.81
C SER H 36 -8.18 43.21 -13.24
N ASN H 37 -6.90 42.98 -13.47
CA ASN H 37 -6.32 43.08 -14.81
C ASN H 37 -6.57 41.84 -15.65
N GLN H 38 -7.48 40.97 -15.22
CA GLN H 38 -7.97 39.80 -15.94
C GLN H 38 -6.99 38.64 -15.98
N GLU H 39 -5.98 38.64 -15.13
CA GLU H 39 -5.14 37.47 -14.98
C GLU H 39 -5.87 36.44 -14.14
N THR H 40 -5.71 35.16 -14.50
CA THR H 40 -6.34 34.10 -13.73
C THR H 40 -5.76 34.05 -12.32
N CYS H 41 -6.65 33.92 -11.34
CA CYS H 41 -6.29 33.71 -9.94
C CYS H 41 -6.79 32.34 -9.52
N VAL H 42 -5.88 31.52 -9.01
CA VAL H 42 -6.19 30.17 -8.56
C VAL H 42 -5.66 29.99 -7.15
N GLU H 43 -6.49 29.45 -6.27
CA GLU H 43 -6.07 29.10 -4.91
C GLU H 43 -6.66 27.74 -4.56
N ILE H 44 -5.81 26.76 -4.30
CA ILE H 44 -6.28 25.44 -3.89
C ILE H 44 -6.64 25.53 -2.41
N GLY H 45 -7.91 25.31 -2.09
CA GLY H 45 -8.45 25.49 -0.76
C GLY H 45 -8.30 24.31 0.17
N GLU H 46 -7.61 23.26 -0.26
CA GLU H 46 -7.38 22.10 0.59
C GLU H 46 -6.05 21.49 0.21
N SER H 47 -5.48 20.73 1.13
CA SER H 47 -4.22 20.04 0.85
C SER H 47 -4.45 18.93 -0.17
N VAL H 48 -3.60 18.89 -1.18
CA VAL H 48 -3.59 17.81 -2.17
C VAL H 48 -2.34 16.96 -2.06
N ARG H 49 -1.61 17.07 -0.95
CA ARG H 49 -0.33 16.39 -0.81
C ARG H 49 -0.51 14.88 -0.82
N GLY H 50 0.18 14.22 -1.73
CA GLY H 50 0.08 12.79 -1.84
C GLY H 50 -1.24 12.28 -2.41
N GLU H 51 -1.98 13.11 -3.12
CA GLU H 51 -3.28 12.69 -3.63
C GLU H 51 -3.23 12.50 -5.14
N ASP H 52 -4.22 11.77 -5.64
CA ASP H 52 -4.41 11.57 -7.08
C ASP H 52 -5.42 12.62 -7.54
N VAL H 53 -4.92 13.67 -8.19
CA VAL H 53 -5.70 14.85 -8.49
C VAL H 53 -6.20 14.78 -9.93
N TYR H 54 -7.49 15.04 -10.12
CA TYR H 54 -8.09 15.11 -11.45
C TYR H 54 -8.72 16.48 -11.61
N ILE H 55 -8.29 17.21 -12.64
CA ILE H 55 -8.79 18.55 -12.91
C ILE H 55 -9.61 18.49 -14.19
N VAL H 56 -10.88 18.85 -14.08
CA VAL H 56 -11.82 18.77 -15.20
C VAL H 56 -11.96 20.15 -15.82
N GLN H 57 -11.64 20.25 -17.10
CA GLN H 57 -11.70 21.51 -17.85
C GLN H 57 -11.80 21.18 -19.32
N SER H 58 -12.84 21.67 -19.98
CA SER H 58 -12.99 21.41 -21.40
C SER H 58 -12.56 22.62 -22.23
N GLY H 59 -12.20 22.36 -23.47
CA GLY H 59 -11.83 23.40 -24.40
C GLY H 59 -13.05 24.04 -25.04
N CYS H 60 -13.74 24.87 -24.28
CA CYS H 60 -15.00 25.46 -24.69
C CYS H 60 -15.09 26.87 -24.15
N GLY H 61 -16.08 27.60 -24.63
CA GLY H 61 -16.29 28.97 -24.18
C GLY H 61 -15.08 29.83 -24.50
N GLU H 62 -14.62 30.57 -23.50
CA GLU H 62 -13.41 31.39 -23.63
C GLU H 62 -12.19 30.47 -23.53
N ILE H 63 -11.76 29.99 -24.70
CA ILE H 63 -10.87 28.84 -24.77
C ILE H 63 -9.52 29.16 -24.15
N ASN H 64 -8.95 30.33 -24.48
CA ASN H 64 -7.63 30.65 -23.95
C ASN H 64 -7.66 30.88 -22.46
N ASP H 65 -8.71 31.52 -21.95
CA ASP H 65 -8.87 31.68 -20.52
C ASP H 65 -8.98 30.33 -19.81
N ASN H 66 -9.79 29.42 -20.35
CA ASN H 66 -9.95 28.11 -19.74
C ASN H 66 -8.66 27.31 -19.78
N LEU H 67 -7.94 27.39 -20.89
CA LEU H 67 -6.68 26.66 -21.02
C LEU H 67 -5.65 27.18 -20.01
N MET H 68 -5.55 28.51 -19.88
CA MET H 68 -4.64 29.06 -18.90
C MET H 68 -5.06 28.70 -17.47
N GLU H 69 -6.35 28.73 -17.18
CA GLU H 69 -6.85 28.26 -15.89
C GLU H 69 -6.41 26.83 -15.63
N LEU H 70 -6.56 25.95 -16.62
CA LEU H 70 -6.17 24.56 -16.44
C LEU H 70 -4.68 24.43 -16.17
N LEU H 71 -3.85 25.14 -16.94
CA LEU H 71 -2.42 25.06 -16.74
C LEU H 71 -2.02 25.57 -15.37
N ILE H 72 -2.62 26.68 -14.94
CA ILE H 72 -2.30 27.25 -13.64
C ILE H 72 -2.73 26.31 -12.52
N MET H 73 -3.91 25.68 -12.65
CA MET H 73 -4.35 24.74 -11.63
C MET H 73 -3.45 23.52 -11.57
N ILE H 74 -3.03 23.00 -12.72
CA ILE H 74 -2.10 21.88 -12.75
C ILE H 74 -0.81 22.26 -12.05
N ASN H 75 -0.29 23.45 -12.35
CA ASN H 75 0.95 23.88 -11.72
C ASN H 75 0.80 24.00 -10.21
N ALA H 76 -0.33 24.58 -9.77
CA ALA H 76 -0.56 24.76 -8.34
C ALA H 76 -0.63 23.41 -7.64
N CYS H 77 -1.31 22.44 -8.23
CA CYS H 77 -1.38 21.12 -7.62
C CYS H 77 -0.03 20.41 -7.63
N LYS H 78 0.75 20.60 -8.70
CA LYS H 78 2.02 19.91 -8.80
C LYS H 78 3.03 20.46 -7.79
N ILE H 79 3.11 21.78 -7.63
CA ILE H 79 4.03 22.31 -6.63
C ILE H 79 3.47 22.20 -5.22
N ALA H 80 2.20 21.82 -5.08
CA ALA H 80 1.64 21.48 -3.78
C ALA H 80 1.84 20.01 -3.42
N SER H 81 2.68 19.30 -4.17
CA SER H 81 3.12 17.94 -3.85
C SER H 81 2.01 16.92 -4.00
N ALA H 82 1.15 17.10 -4.99
CA ALA H 82 0.22 16.04 -5.36
C ALA H 82 0.99 14.85 -5.90
N SER H 83 0.55 13.64 -5.55
CA SER H 83 1.25 12.45 -6.01
C SER H 83 1.16 12.31 -7.52
N ARG H 84 0.00 12.65 -8.08
CA ARG H 84 -0.23 12.53 -9.51
C ARG H 84 -1.29 13.54 -9.91
N VAL H 85 -1.11 14.17 -11.06
CA VAL H 85 -2.05 15.17 -11.56
C VAL H 85 -2.51 14.73 -12.94
N THR H 86 -3.82 14.63 -13.12
CA THR H 86 -4.42 14.22 -14.37
C THR H 86 -5.32 15.34 -14.89
N ALA H 87 -5.17 15.66 -16.16
CA ALA H 87 -6.05 16.63 -16.82
C ALA H 87 -7.17 15.88 -17.52
N VAL H 88 -8.41 16.15 -17.12
CA VAL H 88 -9.58 15.57 -17.74
C VAL H 88 -10.14 16.64 -18.66
N ILE H 89 -9.88 16.48 -19.95
CA ILE H 89 -10.21 17.51 -20.93
C ILE H 89 -11.21 16.93 -21.92
N PRO H 90 -12.51 17.01 -21.64
CA PRO H 90 -13.49 16.32 -22.51
C PRO H 90 -13.42 16.74 -23.97
N CYS H 91 -13.24 18.03 -24.24
CA CYS H 91 -13.02 18.53 -25.58
C CYS H 91 -11.65 19.20 -25.63
N PHE H 92 -10.76 18.63 -26.41
CA PHE H 92 -9.36 19.08 -26.40
C PHE H 92 -9.21 20.36 -27.20
N PRO H 93 -8.70 21.44 -26.62
CA PRO H 93 -8.56 22.70 -27.35
C PRO H 93 -7.47 22.63 -28.40
N TYR H 94 -7.67 23.38 -29.48
CA TYR H 94 -6.76 23.48 -30.63
C TYR H 94 -6.54 22.14 -31.31
N ALA H 95 -7.45 21.18 -31.11
CA ALA H 95 -7.28 19.85 -31.70
C ALA H 95 -7.30 19.91 -33.22
N ARG H 96 -8.02 20.86 -33.80
CA ARG H 96 -8.09 20.95 -35.26
C ARG H 96 -6.84 21.55 -35.88
N GLN H 97 -5.96 22.15 -35.09
CA GLN H 97 -4.66 22.60 -35.58
C GLN H 97 -3.60 21.55 -35.25
N ASP H 98 -3.76 20.38 -35.87
CA ASP H 98 -2.89 19.24 -35.63
C ASP H 98 -1.84 19.04 -36.71
N LYS H 99 -1.72 19.96 -37.66
CA LYS H 99 -0.74 19.83 -38.73
C LYS H 99 -0.59 21.18 -39.44
N LYS H 100 0.47 21.28 -40.25
CA LYS H 100 0.76 22.50 -41.00
C LYS H 100 0.15 22.50 -42.40
N ASP H 101 0.45 21.47 -43.18
CA ASP H 101 -0.17 21.25 -44.50
C ASP H 101 0.06 22.41 -45.47
N LYS H 102 1.31 22.62 -45.87
CA LYS H 102 1.66 23.60 -46.90
C LYS H 102 1.36 25.03 -46.47
N SER H 103 1.40 25.25 -45.16
CA SER H 103 1.16 26.59 -44.65
C SER H 103 2.18 26.88 -43.56
N ARG H 104 2.59 28.15 -43.46
CA ARG H 104 3.47 28.58 -42.38
C ARG H 104 2.62 28.84 -41.14
N ALA H 105 2.07 27.77 -40.63
CA ALA H 105 1.14 27.77 -39.53
C ALA H 105 1.74 27.08 -38.31
N PRO H 106 1.25 27.38 -37.11
CA PRO H 106 1.66 26.61 -35.95
C PRO H 106 0.98 25.25 -35.94
N ILE H 107 1.59 24.30 -35.23
CA ILE H 107 0.87 23.09 -34.83
C ILE H 107 0.42 23.34 -33.40
N SER H 108 -0.74 23.99 -33.28
CA SER H 108 -1.17 24.48 -31.96
C SER H 108 -1.50 23.34 -31.02
N ALA H 109 -2.01 22.22 -31.54
CA ALA H 109 -2.30 21.08 -30.68
C ALA H 109 -1.03 20.57 -30.01
N LYS H 110 0.08 20.51 -30.76
CA LYS H 110 1.34 20.10 -30.17
C LYS H 110 1.81 21.09 -29.12
N LEU H 111 1.62 22.39 -29.38
CA LEU H 111 1.99 23.39 -28.39
C LEU H 111 1.19 23.23 -27.11
N VAL H 112 -0.11 22.96 -27.24
CA VAL H 112 -0.95 22.74 -26.07
C VAL H 112 -0.48 21.51 -25.31
N ALA H 113 -0.15 20.43 -26.03
CA ALA H 113 0.36 19.24 -25.38
C ALA H 113 1.64 19.52 -24.61
N ASN H 114 2.56 20.26 -25.23
CA ASN H 114 3.81 20.63 -24.56
C ASN H 114 3.55 21.47 -23.33
N MET H 115 2.61 22.41 -23.42
CA MET H 115 2.30 23.26 -22.27
C MET H 115 1.70 22.45 -21.13
N LEU H 116 0.82 21.50 -21.46
CA LEU H 116 0.25 20.64 -20.43
C LEU H 116 1.33 19.80 -19.76
N SER H 117 2.27 19.28 -20.55
CA SER H 117 3.35 18.49 -19.97
C SER H 117 4.25 19.34 -19.08
N VAL H 118 4.57 20.56 -19.52
CA VAL H 118 5.49 21.39 -18.75
C VAL H 118 4.82 21.97 -17.52
N ALA H 119 3.49 22.09 -17.54
CA ALA H 119 2.78 22.51 -16.34
C ALA H 119 2.82 21.43 -15.26
N GLY H 120 2.99 20.18 -15.66
CA GLY H 120 3.17 19.10 -14.72
C GLY H 120 2.13 18.00 -14.80
N ALA H 121 1.37 17.95 -15.89
CA ALA H 121 0.40 16.89 -16.05
C ALA H 121 1.10 15.55 -16.22
N ASP H 122 0.66 14.54 -15.49
CA ASP H 122 1.18 13.19 -15.61
C ASP H 122 0.35 12.33 -16.53
N HIS H 123 -0.89 12.72 -16.81
CA HIS H 123 -1.84 11.88 -17.50
C HIS H 123 -2.94 12.77 -18.08
N ILE H 124 -3.46 12.37 -19.23
CA ILE H 124 -4.54 13.08 -19.91
C ILE H 124 -5.68 12.12 -20.15
N ILE H 125 -6.89 12.54 -19.80
CA ILE H 125 -8.12 11.85 -20.17
C ILE H 125 -8.93 12.80 -21.04
N THR H 126 -9.29 12.34 -22.24
CA THR H 126 -10.07 13.16 -23.17
C THR H 126 -11.04 12.25 -23.90
N MET H 127 -11.94 12.86 -24.66
CA MET H 127 -12.98 12.15 -25.39
C MET H 127 -12.97 12.56 -26.85
N ASP H 128 -12.90 11.57 -27.75
CA ASP H 128 -12.97 11.75 -29.19
C ASP H 128 -12.08 12.89 -29.68
N LEU H 129 -10.77 12.66 -29.55
CA LEU H 129 -9.79 13.57 -30.13
C LEU H 129 -10.06 13.74 -31.62
N HIS H 130 -9.94 14.98 -32.09
CA HIS H 130 -10.18 15.25 -33.50
C HIS H 130 -9.35 14.35 -34.40
N ALA H 131 -8.08 14.18 -34.07
CA ALA H 131 -7.22 13.20 -34.71
C ALA H 131 -6.50 12.43 -33.61
N SER H 132 -6.53 11.10 -33.70
CA SER H 132 -5.93 10.29 -32.65
C SER H 132 -4.41 10.41 -32.65
N GLN H 133 -3.83 10.93 -33.74
CA GLN H 133 -2.41 11.25 -33.75
C GLN H 133 -2.03 12.25 -32.67
N ILE H 134 -2.99 13.02 -32.15
CA ILE H 134 -2.70 13.95 -31.07
C ILE H 134 -2.18 13.20 -29.85
N GLN H 135 -2.54 11.93 -29.71
CA GLN H 135 -1.97 11.12 -28.64
C GLN H 135 -0.46 11.09 -28.72
N GLY H 136 0.10 11.05 -29.94
CA GLY H 136 1.54 11.06 -30.10
C GLY H 136 2.19 12.40 -29.83
N PHE H 137 1.40 13.46 -29.73
CA PHE H 137 1.95 14.76 -29.35
C PHE H 137 2.42 14.77 -27.91
N PHE H 138 2.00 13.81 -27.11
CA PHE H 138 2.39 13.73 -25.71
C PHE H 138 3.46 12.68 -25.50
N ASP H 139 4.20 12.82 -24.42
CA ASP H 139 5.02 11.73 -23.91
C ASP H 139 4.41 11.05 -22.69
N ILE H 140 3.44 11.69 -22.03
CA ILE H 140 2.68 11.11 -20.94
C ILE H 140 1.55 10.25 -21.52
N PRO H 141 1.01 9.28 -20.79
CA PRO H 141 -0.12 8.51 -21.32
C PRO H 141 -1.34 9.39 -21.56
N VAL H 142 -2.06 9.09 -22.62
CA VAL H 142 -3.31 9.78 -22.96
C VAL H 142 -4.38 8.71 -23.18
N ASP H 143 -5.46 8.80 -22.44
CA ASP H 143 -6.62 7.93 -22.65
C ASP H 143 -7.66 8.71 -23.43
N ASN H 144 -7.87 8.32 -24.67
CA ASN H 144 -8.85 8.93 -25.55
C ASN H 144 -10.10 8.08 -25.52
N LEU H 145 -11.10 8.52 -24.76
CA LEU H 145 -12.35 7.80 -24.66
C LEU H 145 -13.22 8.03 -25.89
N TYR H 146 -14.22 7.19 -26.04
CA TYR H 146 -15.12 7.25 -27.17
C TYR H 146 -16.55 7.41 -26.69
N ALA H 147 -17.27 8.33 -27.33
CA ALA H 147 -18.70 8.49 -27.05
C ALA H 147 -19.54 7.45 -27.75
N GLU H 148 -18.94 6.61 -28.59
CA GLU H 148 -19.69 5.66 -29.41
C GLU H 148 -20.62 4.75 -28.62
N PRO H 149 -20.22 4.15 -27.49
CA PRO H 149 -21.19 3.34 -26.73
C PRO H 149 -22.45 4.11 -26.34
N ALA H 150 -22.27 5.34 -25.84
CA ALA H 150 -23.42 6.16 -25.48
C ALA H 150 -24.23 6.55 -26.71
N VAL H 151 -23.58 6.79 -27.85
CA VAL H 151 -24.29 7.12 -29.07
C VAL H 151 -25.15 5.94 -29.53
N LEU H 152 -24.57 4.73 -29.49
CA LEU H 152 -25.32 3.53 -29.87
C LEU H 152 -26.52 3.34 -28.96
N LYS H 153 -26.32 3.54 -27.66
CA LYS H 153 -27.43 3.46 -26.72
C LYS H 153 -28.53 4.45 -27.09
N TRP H 154 -28.15 5.70 -27.35
CA TRP H 154 -29.15 6.71 -27.71
C TRP H 154 -29.89 6.33 -28.99
N ILE H 155 -29.15 5.85 -29.99
CA ILE H 155 -29.77 5.49 -31.26
C ILE H 155 -30.80 4.40 -31.05
N ARG H 156 -30.45 3.37 -30.29
CA ARG H 156 -31.38 2.27 -30.09
C ARG H 156 -32.60 2.72 -29.30
N GLU H 157 -32.42 3.56 -28.27
CA GLU H 157 -33.58 3.92 -27.46
C GLU H 157 -34.35 5.13 -27.97
N ASN H 158 -33.91 5.78 -29.04
CA ASN H 158 -34.60 6.98 -29.51
C ASN H 158 -35.07 6.92 -30.95
N ILE H 159 -34.45 6.12 -31.80
CA ILE H 159 -34.82 6.01 -33.20
C ILE H 159 -35.48 4.65 -33.37
N SER H 160 -36.80 4.64 -33.58
CA SER H 160 -37.54 3.38 -33.65
C SER H 160 -37.15 2.56 -34.85
N GLU H 161 -36.74 3.20 -35.94
CA GLU H 161 -36.39 2.51 -37.17
C GLU H 161 -34.89 2.25 -37.29
N TRP H 162 -34.18 2.15 -36.17
CA TRP H 162 -32.73 2.16 -36.21
C TRP H 162 -32.17 0.95 -36.93
N ARG H 163 -32.93 -0.15 -37.00
CA ARG H 163 -32.45 -1.33 -37.69
C ARG H 163 -32.44 -1.16 -39.21
N ASN H 164 -33.23 -0.23 -39.73
CA ASN H 164 -33.25 0.06 -41.16
C ASN H 164 -32.62 1.39 -41.51
N CYS H 165 -31.88 2.00 -40.59
CA CYS H 165 -31.32 3.32 -40.83
C CYS H 165 -30.02 3.22 -41.60
N THR H 166 -29.55 4.36 -42.09
CA THR H 166 -28.25 4.49 -42.73
C THR H 166 -27.41 5.48 -41.95
N ILE H 167 -26.22 5.04 -41.54
CA ILE H 167 -25.27 5.93 -40.88
C ILE H 167 -24.45 6.64 -41.95
N VAL H 168 -24.39 7.96 -41.89
CA VAL H 168 -23.84 8.78 -42.96
C VAL H 168 -22.68 9.60 -42.41
N SER H 169 -21.57 9.56 -43.12
CA SER H 169 -20.47 10.46 -42.83
C SER H 169 -20.68 11.78 -43.58
N PRO H 170 -20.53 12.93 -42.93
CA PRO H 170 -20.62 14.20 -43.65
C PRO H 170 -19.49 14.42 -44.64
N ASP H 171 -18.35 13.77 -44.45
CA ASP H 171 -17.20 13.95 -45.32
C ASP H 171 -16.43 12.64 -45.40
N ALA H 172 -15.40 12.61 -46.25
CA ALA H 172 -14.59 11.41 -46.37
C ALA H 172 -13.75 11.18 -45.13
N GLY H 173 -13.47 12.23 -44.36
CA GLY H 173 -12.60 12.10 -43.21
C GLY H 173 -13.19 11.27 -42.10
N GLY H 174 -14.49 11.39 -41.85
CA GLY H 174 -15.11 10.71 -40.74
C GLY H 174 -15.62 9.32 -41.03
N ALA H 175 -15.40 8.81 -42.25
CA ALA H 175 -15.99 7.54 -42.67
C ALA H 175 -15.69 6.42 -41.67
N LYS H 176 -14.42 6.32 -41.25
CA LYS H 176 -14.05 5.32 -40.26
C LYS H 176 -15.05 5.28 -39.13
N ARG H 177 -15.26 6.43 -38.49
CA ARG H 177 -16.19 6.50 -37.37
C ARG H 177 -17.54 5.91 -37.74
N VAL H 178 -18.12 6.35 -38.85
CA VAL H 178 -19.46 5.89 -39.16
C VAL H 178 -19.44 4.40 -39.43
N THR H 179 -18.38 3.90 -40.09
CA THR H 179 -18.32 2.47 -40.33
C THR H 179 -18.33 1.70 -39.02
N SER H 180 -17.56 2.18 -38.04
CA SER H 180 -17.59 1.55 -36.74
C SER H 180 -19.02 1.47 -36.22
N ILE H 181 -19.74 2.59 -36.26
CA ILE H 181 -21.12 2.58 -35.78
C ILE H 181 -21.95 1.64 -36.63
N ALA H 182 -21.78 1.70 -37.95
CA ALA H 182 -22.55 0.84 -38.83
C ALA H 182 -22.27 -0.62 -38.52
N ASP H 183 -21.04 -0.94 -38.10
CA ASP H 183 -20.74 -2.31 -37.75
C ASP H 183 -21.44 -2.72 -36.46
N ARG H 184 -21.55 -1.82 -35.50
CA ARG H 184 -22.13 -2.17 -34.21
C ARG H 184 -23.64 -2.24 -34.25
N LEU H 185 -24.28 -1.61 -35.24
CA LEU H 185 -25.72 -1.63 -35.38
C LEU H 185 -26.20 -2.58 -36.46
N ASN H 186 -25.32 -3.06 -37.34
CA ASN H 186 -25.68 -3.87 -38.49
C ASN H 186 -26.68 -3.13 -39.40
N VAL H 187 -26.20 -1.98 -39.90
CA VAL H 187 -26.97 -1.14 -40.80
C VAL H 187 -26.05 -0.68 -41.93
N ASP H 188 -26.64 -0.04 -42.92
CA ASP H 188 -25.87 0.49 -44.03
C ASP H 188 -25.15 1.76 -43.63
N PHE H 189 -24.07 2.06 -44.35
CA PHE H 189 -23.33 3.30 -44.13
C PHE H 189 -23.10 3.98 -45.48
N ALA H 190 -23.32 5.29 -45.50
CA ALA H 190 -23.18 6.12 -46.68
C ALA H 190 -22.12 7.19 -46.45
N LEU H 191 -21.52 7.62 -47.55
CA LEU H 191 -20.58 8.73 -47.53
C LEU H 191 -21.12 9.88 -48.37
N ILE H 192 -20.68 11.08 -48.00
CA ILE H 192 -21.02 12.30 -48.72
C ILE H 192 -19.76 13.12 -48.85
N HIS H 193 -19.44 13.58 -50.06
CA HIS H 193 -18.32 14.51 -50.18
C HIS H 193 -18.61 15.52 -51.29
N LYS H 194 -17.99 16.69 -51.17
CA LYS H 194 -18.21 17.78 -52.11
C LYS H 194 -17.23 17.68 -53.28
N GLU H 195 -17.72 18.03 -54.46
CA GLU H 195 -16.94 17.95 -55.69
C GLU H 195 -16.12 19.21 -55.90
N ASP H 203 -19.45 23.26 -54.81
CA ASP H 203 -20.55 23.56 -53.91
C ASP H 203 -21.57 22.42 -53.92
N ARG H 204 -21.39 21.47 -54.83
CA ARG H 204 -22.26 20.31 -54.91
C ARG H 204 -21.69 19.16 -54.08
N MET H 205 -22.58 18.33 -53.57
CA MET H 205 -22.21 17.14 -52.80
C MET H 205 -22.70 15.89 -53.52
N VAL H 206 -21.91 14.83 -53.42
CA VAL H 206 -22.25 13.53 -54.00
C VAL H 206 -22.36 12.52 -52.86
N LEU H 207 -23.41 11.72 -52.92
CA LEU H 207 -23.80 10.73 -51.92
C LEU H 207 -23.75 9.34 -52.52
N VAL H 208 -23.11 8.43 -51.79
CA VAL H 208 -23.06 7.02 -52.19
C VAL H 208 -23.80 6.22 -51.13
N GLY H 209 -24.73 5.37 -51.58
CA GLY H 209 -25.51 4.59 -50.66
C GLY H 209 -26.98 4.94 -50.68
N ASP H 210 -27.84 3.92 -50.78
CA ASP H 210 -29.28 4.15 -50.81
C ASP H 210 -29.76 4.70 -49.48
N VAL H 211 -30.49 5.81 -49.53
CA VAL H 211 -31.07 6.43 -48.35
C VAL H 211 -32.56 6.68 -48.49
N LYS H 212 -33.17 6.28 -49.59
CA LYS H 212 -34.59 6.55 -49.81
C LYS H 212 -35.44 5.74 -48.85
N ASP H 213 -36.47 6.38 -48.29
CA ASP H 213 -37.44 5.79 -47.37
C ASP H 213 -36.79 5.28 -46.10
N ARG H 214 -35.54 5.65 -45.82
CA ARG H 214 -34.81 5.19 -44.66
C ARG H 214 -34.40 6.40 -43.82
N VAL H 215 -34.31 6.20 -42.51
CA VAL H 215 -33.82 7.24 -41.62
C VAL H 215 -32.31 7.33 -41.78
N ALA H 216 -31.80 8.54 -41.94
CA ALA H 216 -30.37 8.77 -42.07
C ALA H 216 -29.85 9.42 -40.79
N ILE H 217 -28.66 9.01 -40.37
CA ILE H 217 -28.03 9.51 -39.15
C ILE H 217 -26.64 9.99 -39.52
N LEU H 218 -26.45 11.30 -39.67
CA LEU H 218 -25.12 11.86 -39.80
C LEU H 218 -24.38 11.70 -38.49
N VAL H 219 -23.11 11.30 -38.56
CA VAL H 219 -22.32 11.14 -37.34
C VAL H 219 -21.01 11.91 -37.47
N ASP H 220 -20.61 12.60 -36.40
CA ASP H 220 -19.38 13.38 -36.44
C ASP H 220 -18.83 13.67 -35.05
N ASP H 221 -17.56 14.06 -35.04
CA ASP H 221 -16.89 14.39 -33.79
C ASP H 221 -17.34 15.75 -33.27
N MET H 222 -17.56 16.72 -34.16
CA MET H 222 -17.89 18.03 -33.67
C MET H 222 -18.72 18.81 -34.68
N ALA H 223 -19.48 19.76 -34.17
CA ALA H 223 -20.22 20.72 -34.97
C ALA H 223 -19.85 22.12 -34.49
N ASP H 224 -19.05 22.83 -35.27
CA ASP H 224 -18.68 24.18 -34.90
C ASP H 224 -19.61 25.22 -35.50
N THR H 225 -19.60 25.35 -36.82
CA THR H 225 -20.49 26.27 -37.49
C THR H 225 -21.65 25.55 -38.16
N CYS H 226 -21.57 24.23 -38.23
CA CYS H 226 -22.61 23.34 -38.74
C CYS H 226 -22.89 23.54 -40.21
N GLY H 227 -21.98 24.18 -40.95
CA GLY H 227 -22.14 24.22 -42.40
C GLY H 227 -22.06 22.84 -43.01
N THR H 228 -21.11 22.03 -42.55
CA THR H 228 -20.92 20.69 -43.07
C THR H 228 -22.17 19.85 -42.90
N ILE H 229 -22.68 19.76 -41.67
CA ILE H 229 -23.82 18.88 -41.43
C ILE H 229 -25.09 19.43 -42.05
N CYS H 230 -25.23 20.76 -42.13
CA CYS H 230 -26.43 21.31 -42.78
C CYS H 230 -26.44 21.03 -44.27
N HIS H 231 -25.29 21.18 -44.93
CA HIS H 231 -25.21 20.83 -46.35
C HIS H 231 -25.47 19.35 -46.55
N ALA H 232 -24.88 18.50 -45.69
CA ALA H 232 -25.12 17.06 -45.78
C ALA H 232 -26.59 16.73 -45.60
N ALA H 233 -27.25 17.38 -44.66
CA ALA H 233 -28.67 17.10 -44.42
C ALA H 233 -29.53 17.53 -45.60
N ASP H 234 -29.21 18.68 -46.20
CA ASP H 234 -29.91 19.09 -47.41
C ASP H 234 -29.77 18.05 -48.50
N LYS H 235 -28.55 17.54 -48.70
CA LYS H 235 -28.34 16.51 -49.71
C LYS H 235 -29.10 15.23 -49.37
N LEU H 236 -29.14 14.86 -48.10
CA LEU H 236 -29.84 13.64 -47.71
C LEU H 236 -31.34 13.76 -47.97
N LEU H 237 -31.92 14.92 -47.67
CA LEU H 237 -33.32 15.12 -48.02
C LEU H 237 -33.53 15.14 -49.52
N SER H 238 -32.57 15.65 -50.28
CA SER H 238 -32.67 15.60 -51.74
C SER H 238 -32.74 14.15 -52.23
N ALA H 239 -31.98 13.26 -51.60
CA ALA H 239 -31.92 11.87 -52.01
C ALA H 239 -33.01 11.01 -51.39
N GLY H 240 -34.12 11.60 -50.96
CA GLY H 240 -35.28 10.81 -50.58
C GLY H 240 -35.27 10.24 -49.19
N ALA H 241 -34.39 10.72 -48.31
CA ALA H 241 -34.40 10.23 -46.94
C ALA H 241 -35.68 10.64 -46.23
N THR H 242 -36.09 9.82 -45.26
CA THR H 242 -37.33 10.11 -44.55
C THR H 242 -37.10 11.15 -43.45
N ARG H 243 -36.20 10.87 -42.53
CA ARG H 243 -35.77 11.83 -41.53
C ARG H 243 -34.26 11.82 -41.46
N VAL H 244 -33.68 12.96 -41.10
CA VAL H 244 -32.24 13.08 -40.95
C VAL H 244 -31.93 13.50 -39.52
N TYR H 245 -31.09 12.73 -38.86
CA TYR H 245 -30.55 13.03 -37.55
C TYR H 245 -29.09 13.43 -37.70
N ALA H 246 -28.58 14.17 -36.73
CA ALA H 246 -27.16 14.44 -36.62
C ALA H 246 -26.72 14.13 -35.20
N ILE H 247 -25.65 13.37 -35.06
CA ILE H 247 -25.11 13.00 -33.76
C ILE H 247 -23.64 13.37 -33.73
N LEU H 248 -23.27 14.23 -32.80
CA LEU H 248 -21.92 14.72 -32.67
C LEU H 248 -21.46 14.58 -31.22
N THR H 249 -20.20 14.23 -31.05
CA THR H 249 -19.73 14.16 -29.67
C THR H 249 -19.47 15.54 -29.07
N HIS H 250 -19.03 16.50 -29.88
CA HIS H 250 -18.73 17.84 -29.38
C HIS H 250 -19.62 18.88 -30.05
N GLY H 251 -20.55 19.43 -29.27
CA GLY H 251 -21.42 20.50 -29.74
C GLY H 251 -20.90 21.90 -29.50
N ILE H 252 -19.93 22.36 -30.29
CA ILE H 252 -19.36 23.69 -30.06
C ILE H 252 -20.38 24.78 -30.42
N PHE H 253 -21.00 24.67 -31.60
CA PHE H 253 -22.11 25.53 -32.01
C PHE H 253 -21.74 27.02 -31.99
N SER H 254 -20.60 27.35 -32.55
CA SER H 254 -20.19 28.74 -32.59
C SER H 254 -20.68 29.43 -33.86
N GLY H 255 -20.62 30.76 -33.85
CA GLY H 255 -21.02 31.54 -34.99
C GLY H 255 -22.48 31.40 -35.35
N PRO H 256 -22.77 31.11 -36.62
CA PRO H 256 -24.14 30.99 -37.08
C PRO H 256 -24.75 29.60 -36.93
N ALA H 257 -24.16 28.73 -36.13
CA ALA H 257 -24.59 27.33 -36.09
C ALA H 257 -26.05 27.21 -35.66
N ILE H 258 -26.46 27.99 -34.66
CA ILE H 258 -27.81 27.84 -34.13
C ILE H 258 -28.85 28.25 -35.17
N SER H 259 -28.60 29.35 -35.87
CA SER H 259 -29.53 29.77 -36.92
C SER H 259 -29.61 28.73 -38.04
N ARG H 260 -28.48 28.20 -38.45
CA ARG H 260 -28.47 27.21 -39.52
C ARG H 260 -29.21 25.95 -39.10
N ILE H 261 -28.99 25.49 -37.88
CA ILE H 261 -29.70 24.30 -37.40
C ILE H 261 -31.19 24.58 -37.33
N ASN H 262 -31.58 25.76 -36.83
CA ASN H 262 -32.99 26.11 -36.79
C ASN H 262 -33.61 26.12 -38.18
N ASN H 263 -32.85 26.52 -39.19
CA ASN H 263 -33.36 26.52 -40.55
C ASN H 263 -33.14 25.20 -41.26
N ALA H 264 -32.50 24.23 -40.62
CA ALA H 264 -32.23 22.95 -41.27
C ALA H 264 -33.37 21.97 -41.01
N CYS H 265 -33.29 20.82 -41.67
CA CYS H 265 -34.34 19.82 -41.67
C CYS H 265 -34.12 18.73 -40.63
N PHE H 266 -33.12 18.86 -39.76
CA PHE H 266 -32.83 17.83 -38.78
C PHE H 266 -34.04 17.55 -37.91
N GLU H 267 -34.31 16.25 -37.69
CA GLU H 267 -35.26 15.88 -36.66
C GLU H 267 -34.70 16.21 -35.27
N ALA H 268 -33.42 15.95 -35.07
CA ALA H 268 -32.75 16.25 -33.82
C ALA H 268 -31.26 16.43 -34.09
N VAL H 269 -30.61 17.21 -33.26
CA VAL H 269 -29.16 17.34 -33.26
C VAL H 269 -28.69 16.90 -31.89
N VAL H 270 -28.21 15.67 -31.80
CA VAL H 270 -27.78 15.08 -30.55
C VAL H 270 -26.29 15.35 -30.40
N VAL H 271 -25.89 15.87 -29.24
CA VAL H 271 -24.49 16.09 -28.93
C VAL H 271 -24.23 15.56 -27.54
N THR H 272 -22.99 15.19 -27.29
CA THR H 272 -22.69 14.84 -25.90
C THR H 272 -22.51 16.09 -25.04
N ASN H 273 -22.46 15.91 -23.74
CA ASN H 273 -22.19 17.06 -22.87
C ASN H 273 -20.72 17.17 -22.50
N THR H 274 -19.81 17.06 -23.48
CA THR H 274 -18.43 17.42 -23.24
C THR H 274 -18.27 18.93 -23.14
N ILE H 275 -19.24 19.66 -23.67
CA ILE H 275 -19.29 21.12 -23.68
C ILE H 275 -20.66 21.48 -23.11
N PRO H 276 -20.76 22.47 -22.22
CA PRO H 276 -22.07 22.83 -21.69
C PRO H 276 -23.01 23.30 -22.79
N GLN H 277 -24.27 22.89 -22.70
CA GLN H 277 -25.22 23.11 -23.78
C GLN H 277 -26.47 23.88 -23.38
N GLU H 278 -26.60 24.28 -22.12
CA GLU H 278 -27.86 24.85 -21.64
C GLU H 278 -28.23 26.10 -22.42
N ASP H 279 -27.27 26.98 -22.68
CA ASP H 279 -27.56 28.21 -23.41
C ASP H 279 -28.02 27.93 -24.83
N LYS H 280 -27.37 26.98 -25.51
CA LYS H 280 -27.75 26.65 -26.88
C LYS H 280 -29.12 26.00 -26.94
N MET H 281 -29.45 25.16 -25.95
CA MET H 281 -30.77 24.52 -25.91
C MET H 281 -31.88 25.56 -25.79
N LYS H 282 -31.59 26.70 -25.15
CA LYS H 282 -32.59 27.75 -25.03
C LYS H 282 -33.02 28.27 -26.39
N HIS H 283 -32.05 28.47 -27.30
CA HIS H 283 -32.33 29.05 -28.60
C HIS H 283 -32.48 28.02 -29.70
N CYS H 284 -32.36 26.73 -29.40
CA CYS H 284 -32.47 25.70 -30.44
C CYS H 284 -33.23 24.52 -29.85
N SER H 285 -34.45 24.31 -30.35
CA SER H 285 -35.32 23.28 -29.80
C SER H 285 -34.82 21.87 -30.07
N LYS H 286 -34.19 21.66 -31.21
CA LYS H 286 -33.87 20.31 -31.67
C LYS H 286 -32.52 19.80 -31.19
N ILE H 287 -31.82 20.56 -30.35
CA ILE H 287 -30.59 20.05 -29.74
C ILE H 287 -30.97 19.15 -28.57
N GLN H 288 -30.35 17.98 -28.51
CA GLN H 288 -30.52 17.05 -27.40
C GLN H 288 -29.15 16.64 -26.89
N VAL H 289 -29.08 16.32 -25.60
CA VAL H 289 -27.80 16.10 -24.93
C VAL H 289 -27.74 14.68 -24.43
N ILE H 290 -26.65 13.99 -24.77
CA ILE H 290 -26.30 12.70 -24.17
C ILE H 290 -25.34 12.96 -23.02
N ASP H 291 -25.64 12.40 -21.85
CA ASP H 291 -24.71 12.45 -20.74
C ASP H 291 -23.58 11.47 -20.99
N ILE H 292 -22.34 11.93 -20.90
CA ILE H 292 -21.19 11.05 -20.94
C ILE H 292 -20.40 11.13 -19.64
N SER H 293 -20.98 11.72 -18.60
CA SER H 293 -20.30 11.80 -17.31
C SER H 293 -20.05 10.43 -16.70
N MET H 294 -20.87 9.43 -17.03
CA MET H 294 -20.59 8.09 -16.52
C MET H 294 -19.32 7.52 -17.13
N ILE H 295 -19.09 7.77 -18.43
CA ILE H 295 -17.87 7.28 -19.07
C ILE H 295 -16.65 7.96 -18.46
N LEU H 296 -16.71 9.28 -18.25
CA LEU H 296 -15.59 10.01 -17.69
C LEU H 296 -15.32 9.58 -16.24
N ALA H 297 -16.40 9.42 -15.46
CA ALA H 297 -16.23 8.99 -14.08
C ALA H 297 -15.64 7.58 -14.00
N GLU H 298 -16.11 6.68 -14.85
CA GLU H 298 -15.56 5.33 -14.86
C GLU H 298 -14.11 5.33 -15.31
N ALA H 299 -13.76 6.17 -16.27
CA ALA H 299 -12.36 6.26 -16.69
C ALA H 299 -11.48 6.78 -15.56
N ILE H 300 -11.94 7.79 -14.84
CA ILE H 300 -11.17 8.30 -13.71
C ILE H 300 -10.98 7.22 -12.66
N ARG H 301 -12.06 6.52 -12.34
CA ARG H 301 -12.02 5.51 -11.30
C ARG H 301 -11.15 4.32 -11.71
N ARG H 302 -11.15 3.97 -12.99
CA ARG H 302 -10.33 2.86 -13.46
C ARG H 302 -8.86 3.24 -13.55
N THR H 303 -8.54 4.47 -13.95
CA THR H 303 -7.14 4.90 -13.91
C THR H 303 -6.64 4.95 -12.48
N HIS H 304 -7.50 5.39 -11.55
CA HIS H 304 -7.08 5.42 -10.15
C HIS H 304 -6.85 4.02 -9.59
N ASN H 305 -7.74 3.08 -9.90
CA ASN H 305 -7.63 1.73 -9.32
C ASN H 305 -6.79 0.79 -10.15
N GLY H 306 -6.22 1.26 -11.26
CA GLY H 306 -5.45 0.37 -12.09
C GLY H 306 -6.24 -0.66 -12.85
N GLU H 307 -7.54 -0.43 -13.06
CA GLU H 307 -8.32 -1.33 -13.90
C GLU H 307 -8.23 -0.91 -15.36
N SER H 308 -8.74 -1.77 -16.23
CA SER H 308 -8.67 -1.51 -17.67
C SER H 308 -9.59 -0.36 -18.06
N VAL H 309 -9.03 0.62 -18.77
CA VAL H 309 -9.84 1.71 -19.29
C VAL H 309 -10.45 1.34 -20.63
N SER H 310 -9.70 0.59 -21.45
CA SER H 310 -10.16 0.25 -22.80
C SER H 310 -11.42 -0.60 -22.77
N TYR H 311 -11.74 -1.19 -21.62
CA TYR H 311 -13.00 -1.87 -21.39
C TYR H 311 -14.17 -0.97 -21.75
N LEU H 312 -14.01 0.34 -21.53
CA LEU H 312 -15.04 1.32 -21.80
C LEU H 312 -15.23 1.60 -23.28
N PHE H 313 -14.31 1.18 -24.15
CA PHE H 313 -14.47 1.46 -25.58
C PHE H 313 -15.72 0.80 -26.14
N SER H 314 -16.19 -0.28 -25.51
CA SER H 314 -17.31 -1.03 -26.02
C SER H 314 -18.42 -1.26 -25.00
N HIS H 315 -18.26 -0.80 -23.76
CA HIS H 315 -19.23 -1.11 -22.71
C HIS H 315 -19.73 0.17 -22.06
N VAL H 316 -21.04 0.32 -22.00
CA VAL H 316 -21.64 1.44 -21.25
C VAL H 316 -21.70 1.07 -19.78
N PRO H 317 -21.08 1.86 -18.88
CA PRO H 317 -21.10 1.57 -17.45
C PRO H 317 -22.33 2.12 -16.74
N PRO I 2 21.53 36.42 -41.55
CA PRO I 2 20.35 36.50 -40.69
C PRO I 2 19.93 37.94 -40.44
N ASN I 3 18.73 38.29 -40.88
CA ASN I 3 18.20 39.64 -40.77
C ASN I 3 17.17 39.73 -39.64
N ILE I 4 16.91 40.96 -39.22
CA ILE I 4 15.88 41.21 -38.22
C ILE I 4 14.51 41.13 -38.87
N LYS I 5 13.61 40.37 -38.25
CA LYS I 5 12.20 40.36 -38.60
C LYS I 5 11.42 40.71 -37.36
N ILE I 6 10.61 41.76 -37.43
CA ILE I 6 9.79 42.21 -36.32
C ILE I 6 8.35 41.81 -36.62
N PHE I 7 7.73 41.07 -35.72
CA PHE I 7 6.34 40.69 -35.83
C PHE I 7 5.55 41.26 -34.67
N SER I 8 4.34 41.70 -34.95
CA SER I 8 3.47 42.28 -33.95
C SER I 8 2.36 41.31 -33.57
N GLY I 9 2.17 41.11 -32.28
CA GLY I 9 0.93 40.56 -31.81
C GLY I 9 -0.16 41.61 -31.82
N SER I 10 -1.38 41.18 -31.52
CA SER I 10 -2.50 42.11 -31.56
C SER I 10 -2.57 43.01 -30.33
N SER I 11 -1.79 42.74 -29.29
CA SER I 11 -1.92 43.50 -28.05
C SER I 11 -1.52 44.96 -28.22
N HIS I 12 -0.34 45.21 -28.77
CA HIS I 12 0.18 46.58 -28.82
C HIS I 12 0.80 46.82 -30.20
N GLN I 13 -0.05 47.17 -31.17
CA GLN I 13 0.43 47.30 -32.53
C GLN I 13 1.13 48.64 -32.76
N ASP I 14 0.71 49.69 -32.05
CA ASP I 14 1.38 50.98 -32.16
C ASP I 14 2.83 50.91 -31.71
N LEU I 15 3.07 50.22 -30.58
CA LEU I 15 4.44 50.07 -30.11
C LEU I 15 5.29 49.28 -31.09
N SER I 16 4.73 48.21 -31.66
CA SER I 16 5.47 47.43 -32.63
C SER I 16 5.82 48.26 -33.85
N GLN I 17 4.87 49.09 -34.31
CA GLN I 17 5.15 49.96 -35.45
C GLN I 17 6.24 50.97 -35.11
N LYS I 18 6.18 51.57 -33.93
CA LYS I 18 7.22 52.52 -33.55
C LYS I 18 8.60 51.86 -33.53
N ILE I 19 8.67 50.65 -32.97
CA ILE I 19 9.93 49.92 -32.94
C ILE I 19 10.41 49.63 -34.35
N ALA I 20 9.50 49.20 -35.22
CA ALA I 20 9.86 48.88 -36.59
C ALA I 20 10.39 50.10 -37.33
N ASP I 21 9.75 51.25 -37.16
CA ASP I 21 10.26 52.49 -37.77
C ASP I 21 11.63 52.85 -37.24
N ARG I 22 11.84 52.72 -35.93
CA ARG I 22 13.17 53.05 -35.40
C ARG I 22 14.22 52.08 -35.91
N LEU I 23 13.84 50.85 -36.22
CA LEU I 23 14.79 49.91 -36.80
C LEU I 23 14.93 50.07 -38.31
N GLY I 24 14.11 50.92 -38.94
CA GLY I 24 14.14 51.06 -40.38
C GLY I 24 13.56 49.87 -41.11
N LEU I 25 12.61 49.17 -40.50
CA LEU I 25 12.05 47.94 -41.06
C LEU I 25 10.55 48.06 -41.18
N GLU I 26 9.96 47.21 -42.01
CA GLU I 26 8.53 47.04 -42.02
C GLU I 26 8.14 45.85 -41.15
N LEU I 27 6.96 45.93 -40.54
CA LEU I 27 6.48 44.82 -39.74
C LEU I 27 6.29 43.58 -40.61
N GLY I 28 6.68 42.43 -40.08
CA GLY I 28 6.55 41.20 -40.84
C GLY I 28 5.09 40.87 -41.09
N LYS I 29 4.84 40.26 -42.24
CA LYS I 29 3.47 39.88 -42.60
C LYS I 29 3.03 38.71 -41.75
N VAL I 30 2.02 38.93 -40.92
CA VAL I 30 1.43 37.88 -40.11
C VAL I 30 -0.07 38.15 -39.98
N VAL I 31 -0.85 37.09 -40.04
CA VAL I 31 -2.28 37.15 -39.76
C VAL I 31 -2.51 36.58 -38.37
N THR I 32 -3.12 37.38 -37.50
CA THR I 32 -3.40 36.97 -36.12
C THR I 32 -4.85 37.31 -35.84
N LYS I 33 -5.73 36.33 -35.98
CA LYS I 33 -7.16 36.53 -35.80
C LYS I 33 -7.68 35.43 -34.91
N LYS I 34 -9.00 35.32 -34.82
CA LYS I 34 -9.62 34.25 -34.06
C LYS I 34 -10.52 33.42 -34.96
N PHE I 35 -10.44 32.11 -34.81
CA PHE I 35 -11.44 31.23 -35.38
C PHE I 35 -12.80 31.51 -34.76
N SER I 36 -13.84 30.90 -35.35
CA SER I 36 -15.19 31.14 -34.88
C SER I 36 -15.36 30.73 -33.41
N ASN I 37 -14.78 29.60 -33.01
CA ASN I 37 -14.85 29.14 -31.63
C ASN I 37 -13.87 29.85 -30.72
N GLN I 38 -13.27 30.95 -31.17
CA GLN I 38 -12.40 31.85 -30.42
C GLN I 38 -11.02 31.28 -30.16
N GLU I 39 -10.61 30.25 -30.88
CA GLU I 39 -9.21 29.82 -30.83
C GLU I 39 -8.36 30.76 -31.66
N THR I 40 -7.16 31.05 -31.18
CA THR I 40 -6.24 31.91 -31.92
C THR I 40 -5.85 31.26 -33.24
N CYS I 41 -5.89 32.05 -34.31
CA CYS I 41 -5.42 31.65 -35.62
C CYS I 41 -4.21 32.52 -35.98
N VAL I 42 -3.11 31.88 -36.31
CA VAL I 42 -1.87 32.57 -36.67
C VAL I 42 -1.38 32.00 -37.99
N GLU I 43 -1.01 32.89 -38.91
CA GLU I 43 -0.39 32.48 -40.17
C GLU I 43 0.75 33.43 -40.48
N ILE I 44 1.97 32.91 -40.55
CA ILE I 44 3.12 33.73 -40.90
C ILE I 44 3.11 33.91 -42.41
N GLY I 45 2.97 35.16 -42.86
CA GLY I 45 2.80 35.50 -44.25
C GLY I 45 4.06 35.65 -45.05
N GLU I 46 5.21 35.37 -44.46
CA GLU I 46 6.48 35.44 -45.17
C GLU I 46 7.42 34.42 -44.57
N SER I 47 8.42 34.04 -45.35
CA SER I 47 9.42 33.09 -44.86
C SER I 47 10.28 33.74 -43.79
N VAL I 48 10.46 33.04 -42.68
CA VAL I 48 11.36 33.46 -41.61
C VAL I 48 12.56 32.54 -41.49
N ARG I 49 12.81 31.72 -42.51
CA ARG I 49 13.85 30.71 -42.45
C ARG I 49 15.23 31.37 -42.33
N GLY I 50 15.96 30.99 -41.28
CA GLY I 50 17.27 31.56 -41.06
C GLY I 50 17.28 33.00 -40.61
N GLU I 51 16.18 33.51 -40.07
CA GLU I 51 16.12 34.91 -39.68
C GLU I 51 16.14 35.06 -38.17
N ASP I 52 16.47 36.27 -37.72
CA ASP I 52 16.42 36.64 -36.31
C ASP I 52 15.07 37.29 -36.07
N VAL I 53 14.15 36.55 -35.45
CA VAL I 53 12.75 36.94 -35.35
C VAL I 53 12.50 37.56 -33.99
N TYR I 54 11.84 38.71 -33.97
CA TYR I 54 11.43 39.37 -32.73
C TYR I 54 9.92 39.55 -32.77
N ILE I 55 9.24 38.99 -31.77
CA ILE I 55 7.79 39.06 -31.67
C ILE I 55 7.44 39.98 -30.51
N VAL I 56 6.73 41.05 -30.79
CA VAL I 56 6.40 42.06 -29.79
C VAL I 56 4.96 41.81 -29.32
N GLN I 57 4.81 41.59 -28.01
CA GLN I 57 3.51 41.31 -27.40
C GLN I 57 3.62 41.64 -25.92
N SER I 58 2.77 42.52 -25.43
CA SER I 58 2.79 42.88 -24.03
C SER I 58 1.68 42.15 -23.27
N GLY I 59 1.88 42.00 -21.97
CA GLY I 59 0.90 41.41 -21.09
C GLY I 59 -0.14 42.40 -20.66
N CYS I 60 -1.05 42.73 -21.57
CA CYS I 60 -2.03 43.78 -21.37
C CYS I 60 -3.34 43.37 -22.04
N GLY I 61 -4.39 44.11 -21.73
CA GLY I 61 -5.69 43.83 -22.33
C GLY I 61 -6.17 42.46 -21.94
N GLU I 62 -6.62 41.69 -22.94
CA GLU I 62 -7.04 40.31 -22.74
C GLU I 62 -5.78 39.45 -22.60
N ILE I 63 -5.34 39.28 -21.36
CA ILE I 63 -3.99 38.81 -21.09
C ILE I 63 -3.81 37.37 -21.56
N ASN I 64 -4.77 36.51 -21.28
CA ASN I 64 -4.60 35.11 -21.66
C ASN I 64 -4.66 34.92 -23.17
N ASP I 65 -5.52 35.68 -23.85
CA ASP I 65 -5.54 35.66 -25.30
C ASP I 65 -4.22 36.13 -25.89
N ASN I 66 -3.67 37.22 -25.37
CA ASN I 66 -2.41 37.75 -25.89
C ASN I 66 -1.27 36.78 -25.62
N LEU I 67 -1.25 36.17 -24.44
CA LEU I 67 -0.20 35.21 -24.11
C LEU I 67 -0.25 34.00 -25.01
N MET I 68 -1.47 33.47 -25.26
CA MET I 68 -1.59 32.35 -26.17
C MET I 68 -1.20 32.73 -27.59
N GLU I 69 -1.60 33.92 -28.04
CA GLU I 69 -1.15 34.43 -29.34
C GLU I 69 0.37 34.43 -29.42
N LEU I 70 1.04 34.94 -28.38
CA LEU I 70 2.49 35.00 -28.39
C LEU I 70 3.10 33.61 -28.47
N LEU I 71 2.59 32.67 -27.67
CA LEU I 71 3.13 31.32 -27.68
C LEU I 71 2.93 30.66 -29.04
N ILE I 72 1.76 30.84 -29.63
CA ILE I 72 1.47 30.25 -30.93
C ILE I 72 2.36 30.86 -32.00
N MET I 73 2.57 32.18 -31.97
CA MET I 73 3.45 32.81 -32.94
C MET I 73 4.89 32.34 -32.79
N ILE I 74 5.36 32.21 -31.55
CA ILE I 74 6.70 31.68 -31.32
C ILE I 74 6.83 30.29 -31.89
N ASN I 75 5.82 29.44 -31.64
CA ASN I 75 5.87 28.08 -32.15
C ASN I 75 5.88 28.05 -33.67
N ALA I 76 5.05 28.89 -34.29
CA ALA I 76 4.99 28.94 -35.75
C ALA I 76 6.32 29.36 -36.34
N CYS I 77 6.96 30.37 -35.74
CA CYS I 77 8.26 30.80 -36.24
C CYS I 77 9.33 29.75 -36.00
N LYS I 78 9.27 29.04 -34.88
CA LYS I 78 10.29 28.06 -34.57
C LYS I 78 10.21 26.85 -35.49
N ILE I 79 9.00 26.34 -35.75
CA ILE I 79 8.91 25.22 -36.68
C ILE I 79 9.00 25.67 -38.13
N ALA I 80 8.99 26.97 -38.39
CA ALA I 80 9.30 27.50 -39.71
C ALA I 80 10.79 27.74 -39.92
N SER I 81 11.63 27.24 -39.00
CA SER I 81 13.09 27.22 -39.15
C SER I 81 13.70 28.61 -39.06
N ALA I 82 13.15 29.44 -38.19
CA ALA I 82 13.81 30.69 -37.85
C ALA I 82 15.11 30.39 -37.12
N SER I 83 16.16 31.16 -37.42
CA SER I 83 17.44 30.91 -36.77
C SER I 83 17.37 31.19 -35.28
N ARG I 84 16.63 32.21 -34.88
CA ARG I 84 16.50 32.59 -33.49
C ARG I 84 15.17 33.31 -33.31
N VAL I 85 14.49 33.04 -32.21
CA VAL I 85 13.20 33.65 -31.91
C VAL I 85 13.31 34.35 -30.57
N THR I 86 12.99 35.63 -30.54
CA THR I 86 13.04 36.44 -29.33
C THR I 86 11.65 36.97 -29.02
N ALA I 87 11.23 36.85 -27.77
CA ALA I 87 9.98 37.43 -27.31
C ALA I 87 10.26 38.78 -26.69
N VAL I 88 9.67 39.83 -27.26
CA VAL I 88 9.79 41.19 -26.74
C VAL I 88 8.50 41.45 -25.98
N ILE I 89 8.57 41.37 -24.66
CA ILE I 89 7.38 41.44 -23.82
C ILE I 89 7.50 42.65 -22.91
N PRO I 90 7.07 43.83 -23.35
CA PRO I 90 7.31 45.04 -22.55
C PRO I 90 6.77 44.96 -21.14
N CYS I 91 5.56 44.42 -20.96
CA CYS I 91 5.00 44.18 -19.65
C CYS I 91 4.78 42.67 -19.49
N PHE I 92 5.50 42.07 -18.56
CA PHE I 92 5.50 40.62 -18.44
C PHE I 92 4.24 40.13 -17.74
N PRO I 93 3.46 39.25 -18.36
CA PRO I 93 2.22 38.79 -17.72
C PRO I 93 2.49 37.87 -16.55
N TYR I 94 1.59 37.92 -15.57
CA TYR I 94 1.63 37.13 -14.34
C TYR I 94 2.88 37.40 -13.53
N ALA I 95 3.53 38.55 -13.74
CA ALA I 95 4.76 38.86 -13.03
C ALA I 95 4.53 38.99 -11.53
N ARG I 96 3.35 39.43 -11.12
CA ARG I 96 3.06 39.58 -9.70
C ARG I 96 2.81 38.27 -8.98
N GLN I 97 2.60 37.18 -9.71
CA GLN I 97 2.51 35.85 -9.12
C GLN I 97 3.87 35.15 -9.21
N ASP I 98 4.85 35.72 -8.53
CA ASP I 98 6.22 35.24 -8.56
C ASP I 98 6.60 34.41 -7.35
N LYS I 99 5.65 34.08 -6.48
CA LYS I 99 5.94 33.30 -5.29
C LYS I 99 4.64 32.80 -4.68
N LYS I 100 4.76 31.83 -3.76
CA LYS I 100 3.61 31.23 -3.10
C LYS I 100 3.27 31.93 -1.79
N ASP I 101 4.24 32.04 -0.88
CA ASP I 101 4.09 32.81 0.37
C ASP I 101 2.96 32.31 1.25
N LYS I 102 3.08 31.10 1.78
CA LYS I 102 2.14 30.54 2.76
C LYS I 102 0.75 30.33 2.17
N SER I 103 0.70 30.12 0.86
CA SER I 103 -0.56 29.89 0.20
C SER I 103 -0.40 28.73 -0.77
N ARG I 104 -1.46 27.93 -0.92
CA ARG I 104 -1.47 26.87 -1.93
C ARG I 104 -1.82 27.48 -3.28
N ALA I 105 -0.92 28.29 -3.76
CA ALA I 105 -1.08 29.08 -4.96
C ALA I 105 -0.09 28.63 -6.03
N PRO I 106 -0.38 28.89 -7.30
CA PRO I 106 0.62 28.64 -8.33
C PRO I 106 1.69 29.72 -8.30
N ILE I 107 2.86 29.38 -8.85
CA ILE I 107 3.83 30.40 -9.24
C ILE I 107 3.62 30.62 -10.73
N SER I 108 2.67 31.51 -11.05
CA SER I 108 2.24 31.65 -12.43
C SER I 108 3.32 32.24 -13.31
N ALA I 109 4.16 33.12 -12.76
CA ALA I 109 5.26 33.68 -13.54
C ALA I 109 6.21 32.58 -14.00
N LYS I 110 6.51 31.62 -13.13
CA LYS I 110 7.36 30.50 -13.53
C LYS I 110 6.68 29.66 -14.59
N LEU I 111 5.37 29.44 -14.48
CA LEU I 111 4.64 28.69 -15.49
C LEU I 111 4.72 29.39 -16.84
N VAL I 112 4.56 30.72 -16.85
CA VAL I 112 4.65 31.48 -18.09
C VAL I 112 6.04 31.36 -18.67
N ALA I 113 7.07 31.45 -17.83
CA ALA I 113 8.44 31.30 -18.32
C ALA I 113 8.66 29.92 -18.94
N ASN I 114 8.17 28.87 -18.28
CA ASN I 114 8.28 27.52 -18.82
C ASN I 114 7.55 27.39 -20.15
N MET I 115 6.36 27.99 -20.26
CA MET I 115 5.61 27.91 -21.50
C MET I 115 6.32 28.64 -22.63
N LEU I 116 6.91 29.80 -22.33
CA LEU I 116 7.68 30.51 -23.34
C LEU I 116 8.88 29.71 -23.80
N SER I 117 9.56 29.05 -22.86
CA SER I 117 10.71 28.22 -23.23
C SER I 117 10.28 27.03 -24.08
N VAL I 118 9.17 26.39 -23.71
CA VAL I 118 8.77 25.18 -24.43
C VAL I 118 8.17 25.53 -25.79
N ALA I 119 7.63 26.75 -25.94
CA ALA I 119 7.18 27.18 -27.25
C ALA I 119 8.33 27.39 -28.21
N GLY I 120 9.51 27.67 -27.68
CA GLY I 120 10.70 27.76 -28.50
C GLY I 120 11.42 29.09 -28.45
N ALA I 121 11.10 29.92 -27.46
CA ALA I 121 11.80 31.19 -27.33
C ALA I 121 13.25 30.96 -26.95
N ASP I 122 14.15 31.64 -27.64
CA ASP I 122 15.57 31.58 -27.35
C ASP I 122 16.03 32.72 -26.47
N HIS I 123 15.23 33.78 -26.36
CA HIS I 123 15.66 35.01 -25.72
C HIS I 123 14.43 35.83 -25.36
N ILE I 124 14.50 36.54 -24.25
CA ILE I 124 13.42 37.39 -23.77
C ILE I 124 13.95 38.79 -23.59
N ILE I 125 13.23 39.77 -24.12
CA ILE I 125 13.45 41.19 -23.83
C ILE I 125 12.21 41.72 -23.15
N THR I 126 12.38 42.31 -21.97
CA THR I 126 11.27 42.87 -21.21
C THR I 126 11.74 44.15 -20.52
N MET I 127 10.79 44.87 -19.94
CA MET I 127 11.06 46.13 -19.29
C MET I 127 10.51 46.12 -17.87
N ASP I 128 11.36 46.45 -16.90
CA ASP I 128 10.99 46.58 -15.48
C ASP I 128 10.13 45.41 -15.00
N LEU I 129 10.76 44.24 -14.95
CA LEU I 129 10.14 43.09 -14.34
C LEU I 129 9.71 43.41 -12.91
N HIS I 130 8.52 42.95 -12.53
CA HIS I 130 8.02 43.21 -11.19
C HIS I 130 9.01 42.80 -10.13
N ALA I 131 9.60 41.61 -10.29
CA ALA I 131 10.71 41.16 -9.47
C ALA I 131 11.80 40.65 -10.40
N SER I 132 13.03 41.09 -10.20
CA SER I 132 14.10 40.68 -11.10
C SER I 132 14.45 39.21 -10.93
N GLN I 133 14.00 38.60 -9.82
CA GLN I 133 14.14 37.16 -9.67
C GLN I 133 13.44 36.38 -10.78
N ILE I 134 12.48 37.01 -11.47
CA ILE I 134 11.81 36.34 -12.59
C ILE I 134 12.83 35.98 -13.66
N GLN I 135 13.94 36.72 -13.74
CA GLN I 135 15.00 36.34 -14.65
C GLN I 135 15.49 34.92 -14.40
N GLY I 136 15.55 34.52 -13.13
CA GLY I 136 15.96 33.17 -12.78
C GLY I 136 14.93 32.11 -13.10
N PHE I 137 13.69 32.51 -13.38
CA PHE I 137 12.68 31.54 -13.80
C PHE I 137 12.98 30.97 -15.17
N PHE I 138 13.87 31.61 -15.93
CA PHE I 138 14.23 31.14 -17.26
C PHE I 138 15.57 30.44 -17.24
N ASP I 139 15.79 29.60 -18.24
CA ASP I 139 17.13 29.13 -18.56
C ASP I 139 17.73 29.82 -19.77
N ILE I 140 16.91 30.47 -20.59
CA ILE I 140 17.37 31.28 -21.72
C ILE I 140 17.75 32.66 -21.20
N PRO I 141 18.59 33.42 -21.90
CA PRO I 141 18.91 34.78 -21.45
C PRO I 141 17.69 35.68 -21.44
N VAL I 142 17.61 36.55 -20.44
CA VAL I 142 16.55 37.53 -20.31
C VAL I 142 17.20 38.90 -20.14
N ASP I 143 16.88 39.83 -21.02
CA ASP I 143 17.32 41.22 -20.87
C ASP I 143 16.18 42.03 -20.29
N ASN I 144 16.34 42.45 -19.04
CA ASN I 144 15.34 43.26 -18.35
C ASN I 144 15.76 44.71 -18.45
N LEU I 145 15.14 45.44 -19.36
CA LEU I 145 15.46 46.85 -19.56
C LEU I 145 14.83 47.70 -18.46
N TYR I 146 15.30 48.93 -18.36
CA TYR I 146 14.82 49.86 -17.35
C TYR I 146 14.29 51.12 -18.01
N ALA I 147 13.13 51.56 -17.55
CA ALA I 147 12.58 52.83 -18.01
C ALA I 147 13.23 54.03 -17.32
N GLU I 148 14.10 53.79 -16.35
CA GLU I 148 14.67 54.87 -15.55
C GLU I 148 15.35 55.97 -16.35
N PRO I 149 16.16 55.68 -17.38
CA PRO I 149 16.72 56.79 -18.17
C PRO I 149 15.66 57.70 -18.78
N ALA I 150 14.61 57.10 -19.35
CA ALA I 150 13.52 57.90 -19.92
C ALA I 150 12.76 58.65 -18.84
N VAL I 151 12.61 58.05 -17.65
CA VAL I 151 11.93 58.73 -16.56
C VAL I 151 12.73 59.95 -16.11
N LEU I 152 14.04 59.78 -15.97
CA LEU I 152 14.91 60.90 -15.59
C LEU I 152 14.83 62.02 -16.61
N LYS I 153 14.85 61.65 -17.89
CA LYS I 153 14.71 62.65 -18.94
C LYS I 153 13.39 63.40 -18.80
N TRP I 154 12.29 62.67 -18.59
CA TRP I 154 10.99 63.32 -18.45
C TRP I 154 10.97 64.26 -17.25
N ILE I 155 11.53 63.80 -16.13
CA ILE I 155 11.52 64.60 -14.91
C ILE I 155 12.28 65.92 -15.14
N ARG I 156 13.45 65.83 -15.76
CA ARG I 156 14.22 67.04 -15.98
C ARG I 156 13.52 67.99 -16.94
N GLU I 157 12.91 67.47 -18.01
CA GLU I 157 12.31 68.37 -18.99
C GLU I 157 10.87 68.75 -18.67
N ASN I 158 10.26 68.23 -17.62
CA ASN I 158 8.86 68.55 -17.35
C ASN I 158 8.60 69.14 -15.97
N ILE I 159 9.46 68.88 -14.99
CA ILE I 159 9.27 69.39 -13.64
C ILE I 159 10.34 70.46 -13.43
N SER I 160 9.92 71.72 -13.38
CA SER I 160 10.87 72.82 -13.30
C SER I 160 11.62 72.81 -11.98
N GLU I 161 11.00 72.32 -10.91
CA GLU I 161 11.62 72.32 -9.59
C GLU I 161 12.30 71.00 -9.27
N TRP I 162 12.75 70.26 -10.30
CA TRP I 162 13.19 68.88 -10.07
C TRP I 162 14.42 68.80 -9.19
N ARG I 163 15.20 69.88 -9.11
CA ARG I 163 16.40 69.85 -8.27
C ARG I 163 16.05 69.92 -6.79
N ASN I 164 14.87 70.42 -6.45
CA ASN I 164 14.42 70.47 -5.06
C ASN I 164 13.31 69.49 -4.76
N CYS I 165 13.06 68.52 -5.63
CA CYS I 165 11.96 67.59 -5.44
C CYS I 165 12.36 66.45 -4.51
N THR I 166 11.37 65.70 -4.07
CA THR I 166 11.57 64.48 -3.30
C THR I 166 10.99 63.31 -4.05
N ILE I 167 11.80 62.29 -4.28
CA ILE I 167 11.34 61.05 -4.90
C ILE I 167 10.79 60.15 -3.80
N VAL I 168 9.57 59.67 -3.97
CA VAL I 168 8.84 58.97 -2.91
C VAL I 168 8.48 57.58 -3.39
N SER I 169 8.77 56.60 -2.55
CA SER I 169 8.29 55.26 -2.78
C SER I 169 6.89 55.11 -2.18
N PRO I 170 5.93 54.55 -2.91
CA PRO I 170 4.61 54.28 -2.32
C PRO I 170 4.64 53.24 -1.22
N ASP I 171 5.62 52.35 -1.20
CA ASP I 171 5.70 51.27 -0.23
C ASP I 171 7.16 50.97 0.05
N ALA I 172 7.40 50.09 1.02
CA ALA I 172 8.76 49.70 1.35
C ALA I 172 9.39 48.87 0.23
N GLY I 173 8.57 48.21 -0.58
CA GLY I 173 9.09 47.33 -1.61
C GLY I 173 9.83 48.06 -2.71
N GLY I 174 9.34 49.22 -3.12
CA GLY I 174 9.94 49.94 -4.22
C GLY I 174 11.06 50.89 -3.88
N ALA I 175 11.47 50.94 -2.61
CA ALA I 175 12.44 51.93 -2.15
C ALA I 175 13.70 51.91 -3.00
N LYS I 176 14.24 50.71 -3.26
CA LYS I 176 15.42 50.59 -4.10
C LYS I 176 15.29 51.45 -5.35
N ARG I 177 14.21 51.23 -6.10
CA ARG I 177 13.99 51.99 -7.32
C ARG I 177 14.10 53.49 -7.08
N VAL I 178 13.36 53.99 -6.08
CA VAL I 178 13.35 55.43 -5.89
C VAL I 178 14.74 55.91 -5.49
N THR I 179 15.45 55.12 -4.68
CA THR I 179 16.79 55.53 -4.30
C THR I 179 17.66 55.67 -5.53
N SER I 180 17.57 54.70 -6.45
CA SER I 180 18.31 54.82 -7.70
C SER I 180 18.02 56.16 -8.36
N ILE I 181 16.73 56.48 -8.51
CA ILE I 181 16.38 57.74 -9.15
C ILE I 181 16.91 58.90 -8.33
N ALA I 182 16.75 58.83 -7.01
CA ALA I 182 17.23 59.91 -6.16
C ALA I 182 18.73 60.08 -6.29
N ASP I 183 19.45 58.99 -6.54
CA ASP I 183 20.88 59.11 -6.73
C ASP I 183 21.21 59.79 -8.06
N ARG I 184 20.44 59.52 -9.10
CA ARG I 184 20.75 60.07 -10.41
C ARG I 184 20.34 61.52 -10.55
N LEU I 185 19.44 62.00 -9.70
CA LEU I 185 19.01 63.39 -9.73
C LEU I 185 19.62 64.25 -8.64
N ASN I 186 20.23 63.64 -7.62
CA ASN I 186 20.76 64.33 -6.45
C ASN I 186 19.65 65.11 -5.74
N VAL I 187 18.65 64.35 -5.29
CA VAL I 187 17.51 64.89 -4.56
C VAL I 187 17.22 63.97 -3.37
N ASP I 188 16.31 64.42 -2.52
CA ASP I 188 15.92 63.62 -1.37
C ASP I 188 14.99 62.49 -1.79
N PHE I 189 14.95 61.44 -0.99
CA PHE I 189 14.03 60.33 -1.21
C PHE I 189 13.30 60.02 0.08
N ALA I 190 12.00 59.81 -0.03
CA ALA I 190 11.10 59.53 1.08
C ALA I 190 10.45 58.17 0.89
N LEU I 191 10.08 57.56 2.00
CA LEU I 191 9.34 56.32 2.00
C LEU I 191 7.98 56.52 2.66
N ILE I 192 7.03 55.70 2.25
CA ILE I 192 5.67 55.71 2.82
C ILE I 192 5.27 54.26 3.03
N HIS I 193 4.79 53.92 4.22
CA HIS I 193 4.23 52.58 4.41
C HIS I 193 3.06 52.63 5.36
N LYS I 194 2.16 51.67 5.22
CA LYS I 194 0.95 51.62 6.03
C LYS I 194 1.20 50.83 7.31
N GLU I 195 0.58 51.28 8.39
CA GLU I 195 0.74 50.67 9.71
C GLU I 195 -0.21 49.51 9.90
N ASP I 203 -4.93 51.28 8.09
CA ASP I 203 -5.43 52.16 7.04
C ASP I 203 -4.67 53.48 7.01
N ARG I 204 -3.83 53.69 8.02
CA ARG I 204 -3.00 54.88 8.10
C ARG I 204 -1.65 54.63 7.45
N MET I 205 -1.07 55.70 6.91
CA MET I 205 0.26 55.65 6.29
C MET I 205 1.20 56.57 7.07
N VAL I 206 2.46 56.16 7.14
CA VAL I 206 3.51 56.93 7.78
C VAL I 206 4.56 57.26 6.73
N LEU I 207 4.99 58.51 6.73
CA LEU I 207 5.93 59.09 5.79
C LEU I 207 7.19 59.55 6.50
N VAL I 208 8.34 59.16 5.94
CA VAL I 208 9.63 59.60 6.47
C VAL I 208 10.29 60.47 5.40
N GLY I 209 10.75 61.65 5.80
CA GLY I 209 11.36 62.55 4.86
C GLY I 209 10.59 63.84 4.69
N ASP I 210 11.27 64.97 4.76
CA ASP I 210 10.61 66.26 4.60
C ASP I 210 10.10 66.43 3.18
N VAL I 211 8.82 66.77 3.05
CA VAL I 211 8.21 67.02 1.76
C VAL I 211 7.50 68.36 1.69
N LYS I 212 7.55 69.16 2.75
CA LYS I 212 6.84 70.43 2.77
C LYS I 212 7.46 71.42 1.79
N ASP I 213 6.62 72.13 1.06
CA ASP I 213 6.98 73.15 0.08
C ASP I 213 7.82 72.59 -1.06
N ARG I 214 7.88 71.28 -1.21
CA ARG I 214 8.67 70.62 -2.23
C ARG I 214 7.76 69.78 -3.12
N VAL I 215 8.14 69.65 -4.39
CA VAL I 215 7.41 68.78 -5.30
C VAL I 215 7.76 67.34 -4.96
N ALA I 216 6.75 66.49 -4.85
CA ALA I 216 6.96 65.07 -4.58
C ALA I 216 6.65 64.27 -5.83
N ILE I 217 7.45 63.24 -6.07
CA ILE I 217 7.31 62.38 -7.24
C ILE I 217 7.26 60.94 -6.76
N LEU I 218 6.05 60.37 -6.69
CA LEU I 218 5.92 58.95 -6.45
C LEU I 218 6.45 58.18 -7.65
N VAL I 219 7.20 57.12 -7.40
CA VAL I 219 7.74 56.31 -8.49
C VAL I 219 7.40 54.84 -8.27
N ASP I 220 7.00 54.15 -9.34
CA ASP I 220 6.63 52.75 -9.22
C ASP I 220 6.69 52.02 -10.56
N ASP I 221 6.71 50.69 -10.45
CA ASP I 221 6.75 49.85 -11.64
C ASP I 221 5.39 49.79 -12.32
N MET I 222 4.30 49.78 -11.55
CA MET I 222 3.01 49.63 -12.20
C MET I 222 1.92 50.26 -11.35
N ALA I 223 0.84 50.63 -12.03
CA ALA I 223 -0.39 51.09 -11.41
C ALA I 223 -1.54 50.26 -11.97
N ASP I 224 -2.06 49.35 -11.15
CA ASP I 224 -3.18 48.53 -11.59
C ASP I 224 -4.51 49.15 -11.20
N THR I 225 -4.80 49.21 -9.91
CA THR I 225 -6.02 49.81 -9.44
C THR I 225 -5.77 51.19 -8.85
N CYS I 226 -4.50 51.55 -8.65
CA CYS I 226 -4.05 52.86 -8.20
C CYS I 226 -4.49 53.18 -6.79
N GLY I 227 -4.91 52.20 -6.00
CA GLY I 227 -5.16 52.45 -4.60
C GLY I 227 -3.91 52.86 -3.86
N THR I 228 -2.81 52.17 -4.14
CA THR I 228 -1.55 52.47 -3.47
C THR I 228 -1.10 53.90 -3.73
N ILE I 229 -1.02 54.31 -5.00
CA ILE I 229 -0.52 55.63 -5.30
C ILE I 229 -1.51 56.71 -4.88
N CYS I 230 -2.81 56.44 -4.92
CA CYS I 230 -3.77 57.45 -4.49
C CYS I 230 -3.69 57.68 -2.99
N HIS I 231 -3.55 56.61 -2.21
CA HIS I 231 -3.37 56.76 -0.77
C HIS I 231 -2.07 57.50 -0.47
N ALA I 232 -1.00 57.13 -1.18
CA ALA I 232 0.28 57.81 -0.98
C ALA I 232 0.18 59.29 -1.32
N ALA I 233 -0.53 59.64 -2.39
CA ALA I 233 -0.67 61.04 -2.77
C ALA I 233 -1.49 61.82 -1.73
N ASP I 234 -2.55 61.20 -1.21
CA ASP I 234 -3.30 61.85 -0.14
C ASP I 234 -2.39 62.13 1.05
N LYS I 235 -1.57 61.16 1.44
CA LYS I 235 -0.65 61.38 2.55
C LYS I 235 0.36 62.47 2.24
N LEU I 236 0.86 62.51 1.01
CA LEU I 236 1.85 63.53 0.65
C LEU I 236 1.24 64.92 0.72
N LEU I 237 0.01 65.08 0.26
CA LEU I 237 -0.65 66.37 0.41
C LEU I 237 -0.92 66.70 1.87
N SER I 238 -1.20 65.68 2.69
CA SER I 238 -1.35 65.93 4.12
C SER I 238 -0.07 66.49 4.72
N ALA I 239 1.07 66.00 4.27
CA ALA I 239 2.37 66.42 4.80
C ALA I 239 2.93 67.67 4.14
N GLY I 240 2.08 68.50 3.53
CA GLY I 240 2.51 69.80 3.09
C GLY I 240 3.22 69.87 1.76
N ALA I 241 3.15 68.81 0.95
CA ALA I 241 3.76 68.83 -0.36
C ALA I 241 3.07 69.86 -1.26
N THR I 242 3.84 70.42 -2.19
CA THR I 242 3.27 71.44 -3.07
C THR I 242 2.49 70.81 -4.22
N ARG I 243 3.15 69.95 -5.00
CA ARG I 243 2.47 69.17 -6.03
C ARG I 243 2.96 67.74 -5.91
N VAL I 244 2.11 66.79 -6.29
CA VAL I 244 2.46 65.39 -6.27
C VAL I 244 2.31 64.84 -7.69
N TYR I 245 3.38 64.23 -8.18
CA TYR I 245 3.42 63.51 -9.44
C TYR I 245 3.47 62.01 -9.15
N ALA I 246 3.04 61.22 -10.12
CA ALA I 246 3.23 59.77 -10.06
C ALA I 246 3.83 59.34 -11.39
N ILE I 247 4.90 58.56 -11.33
CA ILE I 247 5.56 58.05 -12.53
C ILE I 247 5.67 56.54 -12.41
N LEU I 248 5.08 55.84 -13.36
CA LEU I 248 5.04 54.39 -13.37
C LEU I 248 5.48 53.89 -14.74
N THR I 249 6.22 52.78 -14.72
CA THR I 249 6.61 52.25 -16.02
C THR I 249 5.45 51.51 -16.71
N HIS I 250 4.57 50.86 -15.94
CA HIS I 250 3.46 50.11 -16.51
C HIS I 250 2.13 50.69 -16.06
N GLY I 251 1.40 51.32 -16.97
CA GLY I 251 0.08 51.84 -16.70
C GLY I 251 -1.05 50.89 -17.01
N ILE I 252 -1.29 49.90 -16.15
CA ILE I 252 -2.34 48.93 -16.42
C ILE I 252 -3.73 49.57 -16.28
N PHE I 253 -3.95 50.30 -15.18
CA PHE I 253 -5.16 51.11 -14.99
C PHE I 253 -6.44 50.29 -15.09
N SER I 254 -6.48 49.15 -14.41
CA SER I 254 -7.67 48.32 -14.47
C SER I 254 -8.62 48.68 -13.33
N GLY I 255 -9.86 48.21 -13.44
CA GLY I 255 -10.86 48.43 -12.42
C GLY I 255 -11.21 49.90 -12.24
N PRO I 256 -11.17 50.35 -10.99
CA PRO I 256 -11.54 51.74 -10.68
C PRO I 256 -10.40 52.74 -10.78
N ALA I 257 -9.29 52.39 -11.43
CA ALA I 257 -8.10 53.24 -11.40
C ALA I 257 -8.37 54.61 -12.00
N ILE I 258 -9.12 54.67 -13.10
CA ILE I 258 -9.33 55.95 -13.77
C ILE I 258 -10.16 56.88 -12.91
N SER I 259 -11.21 56.36 -12.27
CA SER I 259 -12.01 57.21 -11.39
C SER I 259 -11.19 57.71 -10.21
N ARG I 260 -10.39 56.82 -9.60
CA ARG I 260 -9.58 57.24 -8.45
C ARG I 260 -8.56 58.30 -8.85
N ILE I 261 -7.92 58.13 -10.00
CA ILE I 261 -6.96 59.12 -10.46
C ILE I 261 -7.66 60.44 -10.74
N ASN I 262 -8.83 60.39 -11.37
CA ASN I 262 -9.59 61.61 -11.62
C ASN I 262 -9.95 62.31 -10.31
N ASN I 263 -10.24 61.56 -9.26
CA ASN I 263 -10.55 62.16 -7.97
C ASN I 263 -9.32 62.43 -7.12
N ALA I 264 -8.13 62.08 -7.60
CA ALA I 264 -6.91 62.28 -6.83
C ALA I 264 -6.30 63.65 -7.12
N CYS I 265 -5.27 63.98 -6.36
CA CYS I 265 -4.65 65.30 -6.40
C CYS I 265 -3.43 65.34 -7.31
N PHE I 266 -3.15 64.29 -8.07
CA PHE I 266 -1.96 64.26 -8.91
C PHE I 266 -1.95 65.42 -9.88
N GLU I 267 -0.80 66.05 -10.02
CA GLU I 267 -0.61 66.98 -11.13
C GLU I 267 -0.58 66.23 -12.45
N ALA I 268 0.09 65.08 -12.48
CA ALA I 268 0.15 64.25 -13.67
C ALA I 268 0.41 62.81 -13.23
N VAL I 269 -0.03 61.88 -14.06
CA VAL I 269 0.28 60.46 -13.87
C VAL I 269 1.01 60.04 -15.14
N VAL I 270 2.32 59.97 -15.06
CA VAL I 270 3.16 59.64 -16.20
C VAL I 270 3.39 58.13 -16.20
N VAL I 271 3.16 57.49 -17.34
CA VAL I 271 3.41 56.07 -17.49
C VAL I 271 4.16 55.87 -18.79
N THR I 272 4.92 54.79 -18.87
CA THR I 272 5.51 54.51 -20.17
C THR I 272 4.47 53.86 -21.09
N ASN I 273 4.81 53.76 -22.38
CA ASN I 273 3.93 53.07 -23.30
C ASN I 273 4.30 51.61 -23.50
N THR I 274 4.57 50.88 -22.41
CA THR I 274 4.68 49.42 -22.52
C THR I 274 3.32 48.80 -22.72
N ILE I 275 2.26 49.53 -22.39
CA ILE I 275 0.88 49.11 -22.50
C ILE I 275 0.19 50.23 -23.27
N PRO I 276 -0.67 49.94 -24.24
CA PRO I 276 -1.35 51.03 -24.96
C PRO I 276 -2.21 51.86 -24.01
N GLN I 277 -2.21 53.17 -24.23
CA GLN I 277 -2.83 54.10 -23.29
C GLN I 277 -3.89 54.99 -23.91
N GLU I 278 -4.15 54.88 -25.20
CA GLU I 278 -5.02 55.86 -25.87
C GLU I 278 -6.42 55.88 -25.25
N ASP I 279 -6.98 54.71 -24.95
CA ASP I 279 -8.32 54.66 -24.38
C ASP I 279 -8.36 55.31 -23.00
N LYS I 280 -7.35 55.04 -22.17
CA LYS I 280 -7.32 55.63 -20.83
C LYS I 280 -7.13 57.14 -20.89
N MET I 281 -6.32 57.63 -21.82
CA MET I 281 -6.12 59.07 -21.96
C MET I 281 -7.42 59.79 -22.32
N LYS I 282 -8.33 59.10 -23.01
CA LYS I 282 -9.62 59.71 -23.34
C LYS I 282 -10.40 60.05 -22.08
N HIS I 283 -10.40 59.16 -21.10
CA HIS I 283 -11.19 59.35 -19.88
C HIS I 283 -10.39 59.91 -18.72
N CYS I 284 -9.10 60.18 -18.89
CA CYS I 284 -8.29 60.70 -17.79
C CYS I 284 -7.34 61.75 -18.36
N SER I 285 -7.56 63.01 -17.99
CA SER I 285 -6.80 64.11 -18.56
C SER I 285 -5.34 64.10 -18.11
N LYS I 286 -5.08 63.66 -16.88
CA LYS I 286 -3.77 63.84 -16.28
C LYS I 286 -2.82 62.68 -16.55
N ILE I 287 -3.22 61.69 -17.35
CA ILE I 287 -2.29 60.65 -17.78
C ILE I 287 -1.41 61.19 -18.89
N GLN I 288 -0.11 60.97 -18.78
CA GLN I 288 0.84 61.33 -19.82
C GLN I 288 1.71 60.12 -20.12
N VAL I 289 2.19 60.04 -21.36
CA VAL I 289 2.87 58.85 -21.85
C VAL I 289 4.30 59.19 -22.22
N ILE I 290 5.24 58.41 -21.69
CA ILE I 290 6.63 58.44 -22.13
C ILE I 290 6.81 57.35 -23.18
N ASP I 291 7.39 57.71 -24.32
CA ASP I 291 7.75 56.71 -25.31
C ASP I 291 9.00 55.99 -24.85
N ILE I 292 8.95 54.65 -24.81
CA ILE I 292 10.13 53.84 -24.58
C ILE I 292 10.46 52.97 -25.77
N SER I 293 9.84 53.24 -26.92
CA SER I 293 10.13 52.46 -28.12
C SER I 293 11.57 52.60 -28.57
N MET I 294 12.23 53.72 -28.26
CA MET I 294 13.64 53.84 -28.61
C MET I 294 14.49 52.86 -27.81
N ILE I 295 14.17 52.68 -26.52
CA ILE I 295 14.93 51.73 -25.70
C ILE I 295 14.74 50.33 -26.21
N LEU I 296 13.49 49.95 -26.53
CA LEU I 296 13.21 48.60 -27.03
C LEU I 296 13.88 48.37 -28.38
N ALA I 297 13.79 49.36 -29.28
CA ALA I 297 14.42 49.23 -30.59
C ALA I 297 15.93 49.10 -30.47
N GLU I 298 16.54 49.91 -29.60
CA GLU I 298 17.99 49.81 -29.41
C GLU I 298 18.37 48.48 -28.79
N ALA I 299 17.56 47.97 -27.87
CA ALA I 299 17.86 46.66 -27.30
C ALA I 299 17.77 45.56 -28.35
N ILE I 300 16.76 45.62 -29.22
CA ILE I 300 16.64 44.63 -30.28
C ILE I 300 17.86 44.71 -31.20
N ARG I 301 18.23 45.92 -31.58
CA ARG I 301 19.32 46.10 -32.52
C ARG I 301 20.66 45.69 -31.91
N ARG I 302 20.84 45.91 -30.62
CA ARG I 302 22.08 45.53 -29.95
C ARG I 302 22.16 44.03 -29.73
N THR I 303 21.04 43.37 -29.39
CA THR I 303 21.07 41.92 -29.31
C THR I 303 21.35 41.31 -30.67
N HIS I 304 20.79 41.89 -31.74
CA HIS I 304 21.05 41.37 -33.07
C HIS I 304 22.52 41.54 -33.46
N ASN I 305 23.09 42.70 -33.19
CA ASN I 305 24.45 42.98 -33.63
C ASN I 305 25.50 42.55 -32.63
N GLY I 306 25.12 41.96 -31.51
CA GLY I 306 26.08 41.58 -30.51
C GLY I 306 26.72 42.74 -29.78
N GLU I 307 26.09 43.89 -29.74
CA GLU I 307 26.59 44.99 -28.92
C GLU I 307 26.05 44.90 -27.50
N SER I 308 26.61 45.73 -26.63
CA SER I 308 26.21 45.71 -25.22
C SER I 308 24.80 46.24 -25.04
N VAL I 309 23.96 45.48 -24.36
CA VAL I 309 22.61 45.93 -24.04
C VAL I 309 22.62 46.74 -22.75
N SER I 310 23.46 46.35 -21.78
CA SER I 310 23.47 47.00 -20.48
C SER I 310 23.90 48.47 -20.58
N TYR I 311 24.49 48.85 -21.71
CA TYR I 311 24.79 50.23 -22.02
C TYR I 311 23.54 51.10 -21.89
N LEU I 312 22.37 50.50 -22.20
CA LEU I 312 21.10 51.19 -22.14
C LEU I 312 20.59 51.41 -20.72
N PHE I 313 21.17 50.74 -19.72
CA PHE I 313 20.68 50.93 -18.35
C PHE I 313 20.86 52.37 -17.89
N SER I 314 21.81 53.09 -18.47
CA SER I 314 22.12 54.45 -18.04
C SER I 314 22.12 55.48 -19.16
N HIS I 315 21.89 55.08 -20.41
CA HIS I 315 22.02 56.00 -21.54
C HIS I 315 20.73 56.00 -22.35
N VAL I 316 20.19 57.19 -22.58
CA VAL I 316 19.04 57.34 -23.49
C VAL I 316 19.54 57.38 -24.92
N PRO I 317 19.09 56.48 -25.79
CA PRO I 317 19.54 56.46 -27.19
C PRO I 317 18.72 57.38 -28.08
N PRO J 2 7.67 1.74 1.79
CA PRO J 2 8.72 2.77 1.77
C PRO J 2 8.86 3.44 3.12
N ASN J 3 10.04 3.30 3.72
CA ASN J 3 10.32 3.83 5.04
C ASN J 3 11.17 5.09 4.95
N ILE J 4 11.20 5.86 6.03
CA ILE J 4 12.04 7.04 6.11
C ILE J 4 13.48 6.63 6.39
N LYS J 5 14.39 7.15 5.59
CA LYS J 5 15.82 7.04 5.85
C LYS J 5 16.39 8.44 5.94
N ILE J 6 17.02 8.76 7.06
CA ILE J 6 17.62 10.07 7.28
C ILE J 6 19.13 9.91 7.15
N PHE J 7 19.74 10.69 6.29
CA PHE J 7 21.18 10.69 6.13
C PHE J 7 21.73 12.08 6.44
N SER J 8 22.88 12.12 7.08
CA SER J 8 23.51 13.37 7.47
C SER J 8 24.70 13.65 6.56
N GLY J 9 24.77 14.86 6.05
CA GLY J 9 26.02 15.36 5.54
C GLY J 9 26.91 15.80 6.68
N SER J 10 28.15 16.18 6.33
CA SER J 10 29.09 16.55 7.37
C SER J 10 28.87 17.96 7.90
N SER J 11 28.03 18.76 7.25
CA SER J 11 27.89 20.16 7.65
C SER J 11 27.29 20.30 9.05
N HIS J 12 26.15 19.66 9.30
CA HIS J 12 25.43 19.87 10.55
C HIS J 12 24.95 18.52 11.08
N GLN J 13 25.85 17.83 11.79
CA GLN J 13 25.52 16.48 12.24
C GLN J 13 24.64 16.49 13.48
N ASP J 14 24.80 17.51 14.34
CA ASP J 14 23.96 17.61 15.52
C ASP J 14 22.50 17.80 15.15
N LEU J 15 22.23 18.66 14.15
CA LEU J 15 20.85 18.86 13.71
C LEU J 15 20.27 17.58 13.13
N SER J 16 21.06 16.86 12.33
CA SER J 16 20.58 15.61 11.76
C SER J 16 20.25 14.60 12.86
N GLN J 17 21.10 14.53 13.89
CA GLN J 17 20.83 13.63 15.00
C GLN J 17 19.57 14.03 15.75
N LYS J 18 19.37 15.32 15.99
CA LYS J 18 18.15 15.76 16.66
C LYS J 18 16.91 15.40 15.87
N ILE J 19 16.97 15.60 14.54
CA ILE J 19 15.84 15.24 13.68
C ILE J 19 15.59 13.75 13.74
N ALA J 20 16.65 12.95 13.68
CA ALA J 20 16.51 11.50 13.71
C ALA J 20 15.90 11.03 15.02
N ASP J 21 16.31 11.59 16.15
CA ASP J 21 15.70 11.24 17.43
C ASP J 21 14.23 11.62 17.46
N ARG J 22 13.88 12.81 16.96
CA ARG J 22 12.47 13.18 16.96
C ARG J 22 11.65 12.27 16.05
N LEU J 23 12.26 11.73 15.01
CA LEU J 23 11.56 10.77 14.16
C LEU J 23 11.58 9.37 14.71
N GLY J 24 12.31 9.11 15.79
CA GLY J 24 12.44 7.76 16.31
C GLY J 24 13.29 6.86 15.46
N LEU J 25 14.25 7.41 14.72
CA LEU J 25 15.06 6.66 13.78
C LEU J 25 16.54 6.82 14.11
N GLU J 26 17.34 5.90 13.60
CA GLU J 26 18.78 6.07 13.62
C GLU J 26 19.24 6.66 12.29
N LEU J 27 20.30 7.45 12.33
CA LEU J 27 20.85 8.01 11.11
C LEU J 27 21.35 6.89 10.20
N GLY J 28 21.08 7.04 8.90
CA GLY J 28 21.51 6.02 7.96
C GLY J 28 23.01 5.93 7.89
N LYS J 29 23.50 4.72 7.65
CA LYS J 29 24.94 4.49 7.55
C LYS J 29 25.46 5.08 6.26
N VAL J 30 26.31 6.09 6.36
CA VAL J 30 26.95 6.69 5.21
C VAL J 30 28.37 7.12 5.62
N VAL J 31 29.31 6.92 4.72
CA VAL J 31 30.66 7.43 4.87
C VAL J 31 30.81 8.65 3.96
N THR J 32 31.18 9.78 4.56
CA THR J 32 31.35 11.04 3.83
C THR J 32 32.68 11.62 4.26
N LYS J 33 33.72 11.37 3.46
CA LYS J 33 35.06 11.83 3.78
C LYS J 33 35.64 12.48 2.54
N LYS J 34 36.95 12.74 2.57
CA LYS J 34 37.63 13.29 1.41
C LYS J 34 38.75 12.36 0.98
N PHE J 35 38.87 12.17 -0.33
CA PHE J 35 40.05 11.54 -0.89
C PHE J 35 41.27 12.43 -0.62
N SER J 36 42.45 11.88 -0.91
CA SER J 36 43.69 12.60 -0.65
C SER J 36 43.73 13.93 -1.42
N ASN J 37 43.30 13.92 -2.68
CA ASN J 37 43.28 15.13 -3.49
C ASN J 37 42.09 16.04 -3.18
N GLN J 38 41.38 15.79 -2.08
CA GLN J 38 40.29 16.60 -1.53
C GLN J 38 39.00 16.47 -2.31
N GLU J 39 38.84 15.46 -3.16
CA GLU J 39 37.55 15.18 -3.74
C GLU J 39 36.66 14.49 -2.72
N THR J 40 35.38 14.83 -2.73
CA THR J 40 34.44 14.20 -1.81
C THR J 40 34.32 12.71 -2.12
N CYS J 41 34.36 11.90 -1.07
CA CYS J 41 34.11 10.47 -1.14
C CYS J 41 32.84 10.15 -0.35
N VAL J 42 31.90 9.50 -1.01
CA VAL J 42 30.62 9.13 -0.40
C VAL J 42 30.39 7.66 -0.65
N GLU J 43 30.00 6.94 0.41
CA GLU J 43 29.61 5.54 0.30
C GLU J 43 28.37 5.31 1.15
N ILE J 44 27.27 4.91 0.53
CA ILE J 44 26.05 4.60 1.27
C ILE J 44 26.22 3.21 1.86
N GLY J 45 26.22 3.13 3.18
CA GLY J 45 26.50 1.92 3.92
C GLY J 45 25.34 0.99 4.13
N GLU J 46 24.17 1.30 3.55
CA GLU J 46 23.01 0.44 3.67
C GLU J 46 22.18 0.59 2.41
N SER J 47 21.36 -0.41 2.14
CA SER J 47 20.47 -0.34 0.99
C SER J 47 19.39 0.72 1.21
N VAL J 48 19.19 1.56 0.21
CA VAL J 48 18.11 2.54 0.21
C VAL J 48 17.08 2.23 -0.85
N ARG J 49 17.09 1.01 -1.37
CA ARG J 49 16.21 0.65 -2.48
C ARG J 49 14.74 0.71 -2.07
N GLY J 50 13.97 1.49 -2.79
CA GLY J 50 12.56 1.65 -2.47
C GLY J 50 12.26 2.44 -1.22
N GLU J 51 13.19 3.25 -0.75
CA GLU J 51 12.99 3.99 0.48
C GLU J 51 12.76 5.47 0.21
N ASP J 52 12.19 6.16 1.19
CA ASP J 52 12.01 7.60 1.16
C ASP J 52 13.20 8.22 1.89
N VAL J 53 14.14 8.75 1.12
CA VAL J 53 15.44 9.18 1.63
C VAL J 53 15.42 10.68 1.88
N TYR J 54 15.88 11.10 3.05
CA TYR J 54 16.03 12.51 3.39
C TYR J 54 17.48 12.76 3.75
N ILE J 55 18.12 13.69 3.03
CA ILE J 55 19.52 14.02 3.25
C ILE J 55 19.58 15.42 3.83
N VAL J 56 20.13 15.54 5.03
CA VAL J 56 20.18 16.81 5.75
C VAL J 56 21.56 17.42 5.55
N GLN J 57 21.59 18.63 5.00
CA GLN J 57 22.83 19.35 4.73
C GLN J 57 22.49 20.83 4.62
N SER J 58 23.14 21.65 5.43
CA SER J 58 22.89 23.08 5.38
C SER J 58 23.99 23.80 4.61
N GLY J 59 23.66 24.96 4.08
CA GLY J 59 24.61 25.80 3.39
C GLY J 59 25.43 26.64 4.36
N CYS J 60 26.37 25.99 5.03
CA CYS J 60 27.15 26.61 6.09
C CYS J 60 28.56 26.09 6.04
N GLY J 61 29.45 26.73 6.79
CA GLY J 61 30.83 26.30 6.85
C GLY J 61 31.47 26.40 5.49
N GLU J 62 32.16 25.32 5.09
CA GLU J 62 32.76 25.22 3.77
C GLU J 62 31.65 24.93 2.76
N ILE J 63 31.09 26.01 2.21
CA ILE J 63 29.82 25.93 1.52
C ILE J 63 29.92 25.08 0.26
N ASN J 64 30.97 25.29 -0.54
CA ASN J 64 31.08 24.53 -1.78
C ASN J 64 31.34 23.06 -1.54
N ASP J 65 32.15 22.74 -0.52
CA ASP J 65 32.36 21.35 -0.14
C ASP J 65 31.05 20.70 0.30
N ASN J 66 30.28 21.39 1.13
CA ASN J 66 29.02 20.82 1.63
C ASN J 66 28.02 20.65 0.49
N LEU J 67 27.96 21.62 -0.41
CA LEU J 67 27.04 21.53 -1.54
C LEU J 67 27.41 20.36 -2.44
N MET J 68 28.69 20.19 -2.73
CA MET J 68 29.12 19.05 -3.54
C MET J 68 28.84 17.73 -2.82
N GLU J 69 29.09 17.68 -1.52
CA GLU J 69 28.73 16.50 -0.74
C GLU J 69 27.25 16.18 -0.89
N LEU J 70 26.39 17.18 -0.77
CA LEU J 70 24.96 16.96 -0.89
C LEU J 70 24.59 16.43 -2.27
N LEU J 71 25.15 17.04 -3.32
CA LEU J 71 24.83 16.60 -4.67
C LEU J 71 25.30 15.16 -4.90
N ILE J 72 26.49 14.83 -4.43
CA ILE J 72 27.02 13.50 -4.59
C ILE J 72 26.18 12.48 -3.83
N MET J 73 25.76 12.81 -2.61
CA MET J 73 24.92 11.91 -1.84
C MET J 73 23.56 11.71 -2.51
N ILE J 74 22.97 12.78 -3.03
CA ILE J 74 21.71 12.65 -3.76
C ILE J 74 21.89 11.72 -4.95
N ASN J 75 22.98 11.91 -5.70
CA ASN J 75 23.20 11.07 -6.87
C ASN J 75 23.38 9.61 -6.47
N ALA J 76 24.14 9.37 -5.40
CA ALA J 76 24.37 8.01 -4.94
C ALA J 76 23.06 7.33 -4.54
N CYS J 77 22.21 8.05 -3.83
CA CYS J 77 20.93 7.47 -3.44
C CYS J 77 20.01 7.27 -4.63
N LYS J 78 20.05 8.17 -5.61
CA LYS J 78 19.17 8.05 -6.75
C LYS J 78 19.55 6.88 -7.64
N ILE J 79 20.85 6.70 -7.91
CA ILE J 79 21.23 5.54 -8.71
C ILE J 79 21.24 4.25 -7.90
N ALA J 80 21.07 4.34 -6.58
CA ALA J 80 20.85 3.16 -5.75
C ALA J 80 19.37 2.79 -5.65
N SER J 81 18.52 3.40 -6.48
CA SER J 81 17.13 3.02 -6.63
C SER J 81 16.29 3.37 -5.40
N ALA J 82 16.59 4.50 -4.78
CA ALA J 82 15.70 5.03 -3.76
C ALA J 82 14.38 5.46 -4.41
N SER J 83 13.27 5.19 -3.72
CA SER J 83 11.98 5.54 -4.30
C SER J 83 11.83 7.05 -4.43
N ARG J 84 12.33 7.80 -3.47
CA ARG J 84 12.23 9.25 -3.48
C ARG J 84 13.39 9.80 -2.68
N VAL J 85 13.98 10.90 -3.16
CA VAL J 85 15.10 11.55 -2.51
C VAL J 85 14.72 13.00 -2.22
N THR J 86 14.83 13.40 -0.97
CA THR J 86 14.51 14.75 -0.54
C THR J 86 15.75 15.40 0.05
N ALA J 87 16.02 16.63 -0.36
CA ALA J 87 17.11 17.41 0.22
C ALA J 87 16.54 18.31 1.31
N VAL J 88 17.01 18.12 2.53
CA VAL J 88 16.62 18.94 3.66
C VAL J 88 17.75 19.94 3.87
N ILE J 89 17.54 21.17 3.42
CA ILE J 89 18.60 22.18 3.40
C ILE J 89 18.17 23.34 4.29
N PRO J 90 18.45 23.28 5.59
CA PRO J 90 17.92 24.32 6.49
C PRO J 90 18.30 25.74 6.10
N CYS J 91 19.55 25.96 5.67
CA CYS J 91 19.98 27.24 5.15
C CYS J 91 20.42 27.04 3.70
N PHE J 92 19.70 27.66 2.78
CA PHE J 92 19.91 27.41 1.36
C PHE J 92 21.14 28.14 0.85
N PRO J 93 22.12 27.46 0.29
CA PRO J 93 23.33 28.15 -0.18
C PRO J 93 23.07 28.99 -1.41
N TYR J 94 23.83 30.08 -1.52
CA TYR J 94 23.75 31.04 -2.62
C TYR J 94 22.39 31.68 -2.73
N ALA J 95 21.59 31.67 -1.67
CA ALA J 95 20.25 32.24 -1.71
C ALA J 95 20.28 33.73 -1.98
N ARG J 96 21.32 34.42 -1.54
CA ARG J 96 21.41 35.87 -1.73
C ARG J 96 21.78 36.25 -3.16
N GLN J 97 22.24 35.32 -3.97
CA GLN J 97 22.46 35.55 -5.39
C GLN J 97 21.26 35.07 -6.20
N ASP J 98 20.13 35.71 -5.96
CA ASP J 98 18.86 35.33 -6.56
C ASP J 98 18.48 36.21 -7.74
N LYS J 99 19.35 37.12 -8.19
CA LYS J 99 19.05 38.02 -9.30
C LYS J 99 20.34 38.66 -9.79
N LYS J 100 20.25 39.27 -10.97
CA LYS J 100 21.40 39.94 -11.59
C LYS J 100 21.47 41.42 -11.24
N ASP J 101 20.39 42.16 -11.50
CA ASP J 101 20.27 43.57 -11.10
C ASP J 101 21.34 44.46 -11.68
N LYS J 102 21.35 44.65 -13.00
CA LYS J 102 22.24 45.59 -13.69
C LYS J 102 23.71 45.19 -13.55
N SER J 103 23.95 43.90 -13.39
CA SER J 103 25.31 43.41 -13.27
C SER J 103 25.45 42.17 -14.13
N ARG J 104 26.62 41.98 -14.72
CA ARG J 104 26.93 40.75 -15.46
C ARG J 104 27.34 39.67 -14.46
N ALA J 105 26.39 39.28 -13.67
CA ALA J 105 26.57 38.36 -12.56
C ALA J 105 25.80 37.07 -12.82
N PRO J 106 26.20 35.97 -12.18
CA PRO J 106 25.38 34.76 -12.25
C PRO J 106 24.15 34.90 -11.37
N ILE J 107 23.13 34.10 -11.67
CA ILE J 107 22.05 33.85 -10.70
C ILE J 107 22.41 32.50 -10.07
N SER J 108 23.23 32.58 -9.02
CA SER J 108 23.81 31.37 -8.45
C SER J 108 22.76 30.51 -7.78
N ALA J 109 21.73 31.12 -7.20
CA ALA J 109 20.66 30.35 -6.58
C ALA J 109 19.95 29.46 -7.61
N LYS J 110 19.71 30.00 -8.80
CA LYS J 110 19.11 29.22 -9.86
C LYS J 110 20.04 28.09 -10.30
N LEU J 111 21.34 28.35 -10.37
CA LEU J 111 22.29 27.31 -10.72
C LEU J 111 22.27 26.19 -9.69
N VAL J 112 22.21 26.55 -8.41
CA VAL J 112 22.16 25.54 -7.35
C VAL J 112 20.88 24.72 -7.46
N ALA J 113 19.76 25.40 -7.74
CA ALA J 113 18.49 24.68 -7.92
C ALA J 113 18.58 23.69 -9.08
N ASN J 114 19.15 24.13 -10.20
CA ASN J 114 19.32 23.26 -11.36
C ASN J 114 20.22 22.07 -11.03
N MET J 115 21.29 22.31 -10.29
CA MET J 115 22.20 21.23 -9.93
C MET J 115 21.52 20.22 -9.02
N LEU J 116 20.72 20.71 -8.06
CA LEU J 116 19.98 19.81 -7.19
C LEU J 116 18.98 18.97 -7.98
N SER J 117 18.31 19.58 -8.95
CA SER J 117 17.36 18.84 -9.77
C SER J 117 18.07 17.80 -10.62
N VAL J 118 19.22 18.15 -11.20
CA VAL J 118 19.90 17.23 -12.10
C VAL J 118 20.60 16.12 -11.32
N ALA J 119 20.93 16.37 -10.06
CA ALA J 119 21.48 15.30 -9.23
C ALA J 119 20.42 14.26 -8.91
N GLY J 120 19.16 14.65 -8.94
CA GLY J 120 18.08 13.69 -8.76
C GLY J 120 17.16 13.98 -7.59
N ALA J 121 17.22 15.18 -7.04
CA ALA J 121 16.32 15.52 -5.94
C ALA J 121 14.89 15.59 -6.45
N ASP J 122 13.98 14.96 -5.71
CA ASP J 122 12.56 15.00 -6.03
C ASP J 122 11.82 16.06 -5.23
N HIS J 123 12.42 16.55 -4.15
CA HIS J 123 11.73 17.40 -3.20
C HIS J 123 12.76 18.15 -2.39
N ILE J 124 12.44 19.39 -2.03
CA ILE J 124 13.31 20.23 -1.22
C ILE J 124 12.55 20.69 0.02
N ILE J 125 13.16 20.55 1.18
CA ILE J 125 12.69 21.14 2.42
C ILE J 125 13.74 22.12 2.90
N THR J 126 13.33 23.37 3.13
CA THR J 126 14.23 24.41 3.57
C THR J 126 13.49 25.32 4.54
N MET J 127 14.23 26.21 5.18
CA MET J 127 13.69 27.12 6.18
C MET J 127 14.06 28.56 5.85
N ASP J 128 13.05 29.43 5.79
CA ASP J 128 13.23 30.88 5.57
C ASP J 128 14.19 31.17 4.43
N LEU J 129 13.75 30.81 3.22
CA LEU J 129 14.48 31.20 2.03
C LEU J 129 14.67 32.72 2.00
N HIS J 130 15.87 33.15 1.59
CA HIS J 130 16.16 34.58 1.54
C HIS J 130 15.11 35.33 0.72
N ALA J 131 14.75 34.79 -0.43
CA ALA J 131 13.63 35.27 -1.22
C ALA J 131 12.77 34.07 -1.59
N SER J 132 11.45 34.18 -1.36
CA SER J 132 10.59 33.05 -1.64
C SER J 132 10.46 32.79 -3.13
N GLN J 133 10.85 33.75 -3.97
CA GLN J 133 10.93 33.51 -5.41
C GLN J 133 11.88 32.37 -5.75
N ILE J 134 12.80 32.02 -4.84
CA ILE J 134 13.69 30.89 -5.10
C ILE J 134 12.89 29.60 -5.27
N GLN J 135 11.69 29.54 -4.68
CA GLN J 135 10.82 28.40 -4.91
C GLN J 135 10.54 28.21 -6.39
N GLY J 136 10.39 29.31 -7.13
CA GLY J 136 10.17 29.23 -8.57
C GLY J 136 11.38 28.83 -9.37
N PHE J 137 12.57 28.86 -8.76
CA PHE J 137 13.76 28.37 -9.44
C PHE J 137 13.73 26.86 -9.64
N PHE J 138 12.84 26.17 -8.94
CA PHE J 138 12.73 24.72 -9.05
C PHE J 138 11.52 24.34 -9.89
N ASP J 139 11.56 23.13 -10.44
CA ASP J 139 10.36 22.51 -10.97
C ASP J 139 9.81 21.43 -10.05
N ILE J 140 10.61 20.94 -9.10
CA ILE J 140 10.16 20.00 -8.08
C ILE J 140 9.51 20.79 -6.94
N PRO J 141 8.64 20.17 -6.13
CA PRO J 141 8.06 20.90 -5.00
C PRO J 141 9.12 21.34 -4.00
N VAL J 142 8.93 22.53 -3.44
CA VAL J 142 9.80 23.06 -2.40
C VAL J 142 8.93 23.47 -1.23
N ASP J 143 9.20 22.93 -0.06
CA ASP J 143 8.53 23.35 1.17
C ASP J 143 9.45 24.30 1.92
N ASN J 144 9.08 25.57 1.96
CA ASN J 144 9.84 26.59 2.66
C ASN J 144 9.20 26.80 4.02
N LEU J 145 9.81 26.22 5.06
CA LEU J 145 9.29 26.34 6.41
C LEU J 145 9.65 27.70 6.99
N TYR J 146 8.98 28.04 8.08
CA TYR J 146 9.16 29.32 8.75
C TYR J 146 9.57 29.09 10.19
N ALA J 147 10.58 29.84 10.63
CA ALA J 147 10.98 29.80 12.03
C ALA J 147 10.07 30.65 12.90
N GLU J 148 9.13 31.39 12.31
CA GLU J 148 8.31 32.34 13.05
C GLU J 148 7.57 31.74 14.23
N PRO J 149 6.93 30.56 14.15
CA PRO J 149 6.31 30.01 15.35
C PRO J 149 7.28 29.82 16.51
N ALA J 150 8.47 29.29 16.24
CA ALA J 150 9.48 29.13 17.28
C ALA J 150 9.97 30.47 17.79
N VAL J 151 10.07 31.46 16.92
CA VAL J 151 10.50 32.80 17.34
C VAL J 151 9.47 33.41 18.28
N LEU J 152 8.18 33.28 17.93
CA LEU J 152 7.12 33.80 18.78
C LEU J 152 7.13 33.12 20.13
N LYS J 153 7.33 31.80 20.14
CA LYS J 153 7.45 31.08 21.40
C LYS J 153 8.60 31.61 22.23
N TRP J 154 9.76 31.80 21.61
CA TRP J 154 10.91 32.31 22.36
C TRP J 154 10.64 33.70 22.91
N ILE J 155 10.03 34.57 22.10
CA ILE J 155 9.76 35.93 22.54
C ILE J 155 8.84 35.92 23.76
N ARG J 156 7.78 35.12 23.71
CA ARG J 156 6.86 35.10 24.83
C ARG J 156 7.51 34.53 26.09
N GLU J 157 8.32 33.49 25.95
CA GLU J 157 8.88 32.88 27.15
C GLU J 157 10.20 33.50 27.62
N ASN J 158 10.75 34.48 26.90
CA ASN J 158 12.03 35.04 27.29
C ASN J 158 12.03 36.54 27.50
N ILE J 159 11.12 37.28 26.89
CA ILE J 159 11.06 38.72 27.02
C ILE J 159 9.81 39.03 27.85
N SER J 160 10.02 39.46 29.09
CA SER J 160 8.90 39.67 30.00
C SER J 160 8.00 40.81 29.55
N GLU J 161 8.56 41.80 28.87
CA GLU J 161 7.79 42.95 28.41
C GLU J 161 7.29 42.81 26.99
N TRP J 162 7.10 41.58 26.51
CA TRP J 162 6.86 41.37 25.08
C TRP J 162 5.56 42.00 24.61
N ARG J 163 4.61 42.21 25.53
CA ARG J 163 3.35 42.82 25.12
C ARG J 163 3.49 44.30 24.83
N ASN J 164 4.54 44.95 25.34
CA ASN J 164 4.80 46.36 25.06
C ASN J 164 6.00 46.57 24.18
N CYS J 165 6.51 45.53 23.53
CA CYS J 165 7.71 45.65 22.72
C CYS J 165 7.38 46.19 21.34
N THR J 166 8.43 46.58 20.62
CA THR J 166 8.33 46.97 19.21
C THR J 166 9.18 46.04 18.37
N ILE J 167 8.57 45.43 17.36
CA ILE J 167 9.29 44.60 16.41
C ILE J 167 9.84 45.51 15.31
N VAL J 168 11.15 45.42 15.06
CA VAL J 168 11.83 46.37 14.18
C VAL J 168 12.47 45.61 13.03
N SER J 169 12.23 46.11 11.84
CA SER J 169 12.95 45.63 10.67
C SER J 169 14.27 46.39 10.53
N PRO J 170 15.39 45.70 10.31
CA PRO J 170 16.65 46.42 10.06
C PRO J 170 16.66 47.19 8.76
N ASP J 171 15.83 46.81 7.79
CA ASP J 171 15.82 47.46 6.49
C ASP J 171 14.40 47.41 5.95
N ALA J 172 14.19 48.07 4.80
CA ALA J 172 12.87 48.07 4.18
C ALA J 172 12.52 46.69 3.62
N GLY J 173 13.54 45.89 3.32
CA GLY J 173 13.28 44.60 2.70
C GLY J 173 12.58 43.61 3.59
N GLY J 174 12.91 43.60 4.88
CA GLY J 174 12.35 42.63 5.80
C GLY J 174 11.05 43.02 6.47
N ALA J 175 10.50 44.19 6.12
CA ALA J 175 9.34 44.72 6.82
C ALA J 175 8.20 43.71 6.89
N LYS J 176 7.90 43.06 5.75
CA LYS J 176 6.86 42.04 5.72
C LYS J 176 7.02 41.09 6.89
N ARG J 177 8.19 40.49 7.04
CA ARG J 177 8.43 39.54 8.12
C ARG J 177 8.06 40.15 9.46
N VAL J 178 8.59 41.35 9.76
CA VAL J 178 8.34 41.89 11.09
C VAL J 178 6.86 42.18 11.26
N THR J 179 6.18 42.64 10.20
CA THR J 179 4.76 42.89 10.32
C THR J 179 4.03 41.61 10.69
N SER J 180 4.39 40.50 10.04
CA SER J 180 3.79 39.23 10.39
C SER J 180 3.95 38.99 11.89
N ILE J 181 5.17 39.12 12.40
CA ILE J 181 5.40 38.90 13.81
C ILE J 181 4.59 39.89 14.64
N ALA J 182 4.60 41.16 14.22
CA ALA J 182 3.86 42.17 14.96
C ALA J 182 2.38 41.84 14.98
N ASP J 183 1.87 41.22 13.91
CA ASP J 183 0.48 40.83 13.90
C ASP J 183 0.21 39.69 14.88
N ARG J 184 1.14 38.76 15.01
CA ARG J 184 0.90 37.60 15.85
C ARG J 184 1.08 37.89 17.33
N LEU J 185 1.79 38.97 17.66
CA LEU J 185 1.99 39.37 19.05
C LEU J 185 1.12 40.53 19.48
N ASN J 186 0.50 41.25 18.55
CA ASN J 186 -0.27 42.46 18.84
C ASN J 186 0.62 43.51 19.52
N VAL J 187 1.66 43.91 18.78
CA VAL J 187 2.59 44.92 19.23
C VAL J 187 2.88 45.85 18.06
N ASP J 188 3.59 46.94 18.37
CA ASP J 188 3.97 47.89 17.33
C ASP J 188 5.12 47.35 16.49
N PHE J 189 5.22 47.86 15.27
CA PHE J 189 6.32 47.50 14.39
C PHE J 189 6.94 48.77 13.82
N ALA J 190 8.26 48.82 13.81
CA ALA J 190 9.05 49.95 13.34
C ALA J 190 9.94 49.53 12.18
N LEU J 191 10.25 50.49 11.32
CA LEU J 191 11.18 50.29 10.24
C LEU J 191 12.39 51.20 10.42
N ILE J 192 13.51 50.74 9.86
CA ILE J 192 14.76 51.49 9.88
C ILE J 192 15.36 51.39 8.49
N HIS J 193 15.74 52.51 7.89
CA HIS J 193 16.47 52.44 6.63
C HIS J 193 17.50 53.56 6.55
N LYS J 194 18.56 53.32 5.78
CA LYS J 194 19.65 54.28 5.66
C LYS J 194 19.38 55.25 4.52
N GLU J 195 19.79 56.49 4.73
CA GLU J 195 19.56 57.57 3.77
C GLU J 195 20.67 57.62 2.73
N ASP J 203 25.22 57.08 5.49
CA ASP J 203 25.70 56.38 6.67
C ASP J 203 24.74 56.58 7.84
N ARG J 204 23.77 57.46 7.67
CA ARG J 204 22.76 57.71 8.68
C ARG J 204 21.55 56.81 8.46
N MET J 205 20.88 56.47 9.55
CA MET J 205 19.66 55.66 9.53
C MET J 205 18.49 56.47 10.07
N VAL J 206 17.31 56.25 9.50
CA VAL J 206 16.09 56.89 9.94
C VAL J 206 15.13 55.81 10.41
N LEU J 207 14.50 56.06 11.55
CA LEU J 207 13.61 55.16 12.26
C LEU J 207 12.21 55.75 12.35
N VAL J 208 11.23 54.94 11.99
CA VAL J 208 9.83 55.34 12.11
C VAL J 208 9.17 54.45 13.14
N GLY J 209 8.48 55.05 14.10
CA GLY J 209 7.85 54.29 15.15
C GLY J 209 8.43 54.57 16.52
N ASP J 210 7.57 54.83 17.49
CA ASP J 210 8.03 55.11 18.85
C ASP J 210 8.68 53.87 19.46
N VAL J 211 9.89 54.04 19.99
CA VAL J 211 10.62 52.97 20.65
C VAL J 211 11.10 53.37 22.03
N LYS J 212 10.78 54.57 22.50
CA LYS J 212 11.28 55.03 23.79
C LYS J 212 10.63 54.24 24.92
N ASP J 213 11.44 53.86 25.91
CA ASP J 213 11.04 53.13 27.11
C ASP J 213 10.44 51.78 26.78
N ARG J 214 10.61 51.28 25.56
CA ARG J 214 10.06 50.01 25.13
C ARG J 214 11.19 49.09 24.68
N VAL J 215 11.00 47.80 24.86
CA VAL J 215 11.97 46.82 24.37
C VAL J 215 11.81 46.72 22.86
N ALA J 216 12.91 46.77 22.14
CA ALA J 216 12.92 46.63 20.69
C ALA J 216 13.49 45.28 20.31
N ILE J 217 12.89 44.66 19.28
CA ILE J 217 13.31 43.34 18.81
C ILE J 217 13.53 43.46 17.31
N LEU J 218 14.80 43.56 16.89
CA LEU J 218 15.13 43.45 15.49
C LEU J 218 14.88 42.02 15.02
N VAL J 219 14.28 41.87 13.84
CA VAL J 219 14.01 40.53 13.32
C VAL J 219 14.55 40.43 11.90
N ASP J 220 15.19 39.30 11.58
CA ASP J 220 15.76 39.11 10.26
C ASP J 220 15.98 37.64 9.93
N ASP J 221 16.16 37.40 8.63
CA ASP J 221 16.40 36.05 8.14
C ASP J 221 17.82 35.60 8.44
N MET J 222 18.78 36.51 8.34
CA MET J 222 20.15 36.06 8.54
C MET J 222 21.02 37.20 9.03
N ALA J 223 22.10 36.81 9.71
CA ALA J 223 23.16 37.72 10.12
C ALA J 223 24.48 37.16 9.63
N ASP J 224 25.04 37.78 8.60
CA ASP J 224 26.33 37.34 8.07
C ASP J 224 27.48 38.08 8.71
N THR J 225 27.60 39.36 8.44
CA THR J 225 28.64 40.18 9.05
C THR J 225 28.10 41.05 10.17
N CYS J 226 26.78 41.12 10.30
CA CYS J 226 26.07 41.81 11.37
C CYS J 226 26.28 43.31 11.35
N GLY J 227 26.76 43.87 10.23
CA GLY J 227 26.80 45.32 10.12
C GLY J 227 25.42 45.93 10.17
N THR J 228 24.47 45.32 9.45
CA THR J 228 23.11 45.82 9.40
C THR J 228 22.49 45.87 10.78
N ILE J 229 22.50 44.75 11.50
CA ILE J 229 21.82 44.73 12.79
C ILE J 229 22.57 45.56 13.82
N CYS J 230 23.89 45.65 13.74
CA CYS J 230 24.63 46.48 14.69
C CYS J 230 24.33 47.95 14.48
N HIS J 231 24.27 48.40 13.23
CA HIS J 231 23.89 49.79 12.96
C HIS J 231 22.47 50.05 13.42
N ALA J 232 21.56 49.12 13.14
CA ALA J 232 20.17 49.26 13.58
C ALA J 232 20.08 49.35 15.10
N ALA J 233 20.85 48.53 15.81
CA ALA J 233 20.81 48.55 17.27
C ALA J 233 21.36 49.86 17.82
N ASP J 234 22.43 50.37 17.21
CA ASP J 234 22.93 51.68 17.63
C ASP J 234 21.86 52.74 17.46
N LYS J 235 21.15 52.73 16.33
CA LYS J 235 20.09 53.70 16.12
C LYS J 235 18.96 53.52 17.12
N LEU J 236 18.61 52.28 17.44
CA LEU J 236 17.53 52.03 18.39
C LEU J 236 17.89 52.55 19.79
N LEU J 237 19.14 52.35 20.20
CA LEU J 237 19.55 52.93 21.48
C LEU J 237 19.58 54.45 21.42
N SER J 238 19.92 55.02 20.26
CA SER J 238 19.86 56.47 20.11
C SER J 238 18.44 56.98 20.33
N ALA J 239 17.45 56.24 19.85
CA ALA J 239 16.06 56.65 19.95
C ALA J 239 15.39 56.25 21.25
N GLY J 240 16.16 56.01 22.31
CA GLY J 240 15.59 55.86 23.63
C GLY J 240 15.04 54.49 23.97
N ALA J 241 15.38 53.47 23.19
CA ALA J 241 14.93 52.11 23.51
C ALA J 241 15.55 51.63 24.81
N THR J 242 14.83 50.77 25.51
CA THR J 242 15.33 50.28 26.79
C THR J 242 16.33 49.15 26.60
N ARG J 243 15.92 48.08 25.93
CA ARG J 243 16.83 47.01 25.54
C ARG J 243 16.56 46.68 24.08
N VAL J 244 17.59 46.22 23.39
CA VAL J 244 17.48 45.81 21.99
C VAL J 244 17.87 44.35 21.88
N TYR J 245 16.98 43.56 21.31
CA TYR J 245 17.22 42.16 20.97
C TYR J 245 17.37 42.05 19.45
N ALA J 246 18.03 40.99 19.01
CA ALA J 246 18.07 40.64 17.59
C ALA J 246 17.71 39.17 17.47
N ILE J 247 16.79 38.85 16.58
CA ILE J 247 16.36 37.48 16.35
C ILE J 247 16.48 37.19 14.87
N LEU J 248 17.28 36.20 14.53
CA LEU J 248 17.56 35.82 13.16
C LEU J 248 17.36 34.32 12.99
N THR J 249 16.82 33.94 11.85
CA THR J 249 16.68 32.50 11.64
C THR J 249 18.01 31.85 11.27
N HIS J 250 18.88 32.55 10.55
CA HIS J 250 20.16 31.99 10.13
C HIS J 250 21.32 32.79 10.71
N GLY J 251 22.04 32.19 11.65
CA GLY J 251 23.22 32.79 12.24
C GLY J 251 24.52 32.43 11.56
N ILE J 252 24.80 33.03 10.40
CA ILE J 252 26.03 32.70 9.67
C ILE J 252 27.26 33.22 10.42
N PHE J 253 27.23 34.49 10.84
CA PHE J 253 28.26 35.07 11.70
C PHE J 253 29.67 34.97 11.10
N SER J 254 29.81 35.32 9.84
CA SER J 254 31.11 35.25 9.21
C SER J 254 31.84 36.59 9.36
N GLY J 255 33.14 36.56 9.08
CA GLY J 255 33.97 37.74 9.14
C GLY J 255 34.06 38.35 10.52
N PRO J 256 33.80 39.66 10.61
CA PRO J 256 33.89 40.36 11.89
C PRO J 256 32.63 40.33 12.73
N ALA J 257 31.67 39.45 12.44
CA ALA J 257 30.38 39.50 13.10
C ALA J 257 30.50 39.33 14.61
N ILE J 258 31.35 38.41 15.06
CA ILE J 258 31.44 38.12 16.48
C ILE J 258 31.99 39.33 17.24
N SER J 259 33.03 39.97 16.70
CA SER J 259 33.57 41.15 17.36
C SER J 259 32.54 42.28 17.41
N ARG J 260 31.83 42.50 16.31
CA ARG J 260 30.83 43.57 16.28
C ARG J 260 29.71 43.31 17.28
N ILE J 261 29.25 42.06 17.35
CA ILE J 261 28.20 41.73 18.31
C ILE J 261 28.71 41.91 19.74
N ASN J 262 29.95 41.48 20.00
CA ASN J 262 30.53 41.67 21.33
C ASN J 262 30.62 43.16 21.68
N ASN J 263 30.88 44.01 20.70
CA ASN J 263 30.94 45.44 20.96
C ASN J 263 29.58 46.13 20.83
N ALA J 264 28.53 45.39 20.49
CA ALA J 264 27.21 45.99 20.32
C ALA J 264 26.44 45.95 21.64
N CYS J 265 25.28 46.61 21.62
CA CYS J 265 24.46 46.79 22.81
C CYS J 265 23.36 45.75 22.96
N PHE J 266 23.35 44.72 22.12
CA PHE J 266 22.31 43.71 22.18
C PHE J 266 22.23 43.08 23.55
N GLU J 267 21.01 42.93 24.06
CA GLU J 267 20.81 42.08 25.22
C GLU J 267 21.07 40.63 24.87
N ALA J 268 20.59 40.19 23.70
CA ALA J 268 20.80 38.84 23.22
C ALA J 268 20.74 38.85 21.71
N VAL J 269 21.41 37.90 21.10
CA VAL J 269 21.31 37.66 19.66
C VAL J 269 20.82 36.22 19.52
N VAL J 270 19.53 36.07 19.27
CA VAL J 270 18.91 34.76 19.17
C VAL J 270 18.92 34.34 17.70
N VAL J 271 19.38 33.13 17.43
CA VAL J 271 19.38 32.58 16.09
C VAL J 271 18.84 31.17 16.17
N THR J 272 18.27 30.70 15.06
CA THR J 272 17.91 29.30 15.08
C THR J 272 19.13 28.42 14.84
N ASN J 273 18.96 27.11 15.06
CA ASN J 273 20.06 26.20 14.76
C ASN J 273 19.95 25.58 13.38
N THR J 274 19.67 26.38 12.35
CA THR J 274 19.81 25.89 10.99
C THR J 274 21.26 25.76 10.61
N ILE J 275 22.14 26.43 11.34
CA ILE J 275 23.59 26.43 11.14
C ILE J 275 24.17 26.10 12.51
N PRO J 276 25.18 25.23 12.60
CA PRO J 276 25.76 24.93 13.92
C PRO J 276 26.35 26.19 14.55
N GLN J 277 26.16 26.32 15.86
CA GLN J 277 26.51 27.55 16.56
C GLN J 277 27.47 27.36 17.71
N GLU J 278 27.91 26.13 17.99
CA GLU J 278 28.69 25.89 19.21
C GLU J 278 29.98 26.70 19.24
N ASP J 279 30.68 26.78 18.10
CA ASP J 279 31.93 27.52 18.05
C ASP J 279 31.70 29.01 18.30
N LYS J 280 30.66 29.57 17.70
CA LYS J 280 30.37 31.00 17.88
C LYS J 280 29.95 31.30 19.32
N MET J 281 29.19 30.40 19.95
CA MET J 281 28.79 30.61 21.34
C MET J 281 29.99 30.65 22.27
N LYS J 282 31.06 29.97 21.92
CA LYS J 282 32.27 30.01 22.74
C LYS J 282 32.83 31.43 22.82
N HIS J 283 32.86 32.14 21.70
CA HIS J 283 33.45 33.46 21.64
C HIS J 283 32.44 34.59 21.76
N CYS J 284 31.15 34.29 21.91
CA CYS J 284 30.15 35.34 22.00
C CYS J 284 29.11 34.91 23.05
N SER J 285 29.08 35.63 24.17
CA SER J 285 28.22 35.24 25.28
C SER J 285 26.75 35.45 24.98
N LYS J 286 26.42 36.46 24.19
CA LYS J 286 25.03 36.86 24.03
C LYS J 286 24.32 36.17 22.88
N ILE J 287 24.97 35.21 22.22
CA ILE J 287 24.27 34.39 21.23
C ILE J 287 23.46 33.32 21.94
N GLN J 288 22.20 33.17 21.54
CA GLN J 288 21.34 32.12 22.05
C GLN J 288 20.71 31.38 20.88
N VAL J 289 20.41 30.11 21.09
CA VAL J 289 20.00 29.22 20.00
C VAL J 289 18.59 28.74 20.26
N ILE J 290 17.73 28.89 19.26
CA ILE J 290 16.42 28.25 19.24
C ILE J 290 16.53 26.94 18.46
N ASP J 291 16.05 25.86 19.05
CA ASP J 291 15.97 24.60 18.32
C ASP J 291 14.81 24.65 17.35
N ILE J 292 15.07 24.35 16.09
CA ILE J 292 14.01 24.19 15.10
C ILE J 292 13.97 22.78 14.56
N SER J 293 14.67 21.85 15.20
CA SER J 293 14.66 20.45 14.76
C SER J 293 13.27 19.84 14.84
N MET J 294 12.42 20.31 15.75
CA MET J 294 11.06 19.78 15.78
C MET J 294 10.28 20.17 14.53
N ILE J 295 10.46 21.39 14.05
CA ILE J 295 9.78 21.81 12.83
C ILE J 295 10.26 20.99 11.64
N LEU J 296 11.57 20.80 11.52
CA LEU J 296 12.12 20.02 10.41
C LEU J 296 11.68 18.57 10.48
N ALA J 297 11.70 17.98 11.68
CA ALA J 297 11.27 16.59 11.84
C ALA J 297 9.80 16.44 11.50
N GLU J 298 8.97 17.37 11.95
CA GLU J 298 7.54 17.30 11.63
C GLU J 298 7.31 17.49 10.15
N ALA J 299 8.07 18.36 9.51
CA ALA J 299 7.91 18.52 8.06
C ALA J 299 8.29 17.25 7.32
N ILE J 300 9.39 16.61 7.73
CA ILE J 300 9.79 15.36 7.10
C ILE J 300 8.70 14.31 7.27
N ARG J 301 8.19 14.19 8.49
CA ARG J 301 7.20 13.16 8.80
C ARG J 301 5.88 13.43 8.08
N ARG J 302 5.51 14.71 7.91
CA ARG J 302 4.28 15.03 7.21
C ARG J 302 4.41 14.86 5.70
N THR J 303 5.56 15.19 5.13
CA THR J 303 5.77 14.89 3.71
C THR J 303 5.75 13.39 3.47
N HIS J 304 6.33 12.62 4.39
CA HIS J 304 6.32 11.16 4.22
C HIS J 304 4.91 10.60 4.32
N ASN J 305 4.13 11.06 5.29
CA ASN J 305 2.80 10.50 5.50
C ASN J 305 1.72 11.18 4.68
N GLY J 306 2.06 12.16 3.87
CA GLY J 306 1.05 12.86 3.11
C GLY J 306 0.15 13.75 3.93
N GLU J 307 0.58 14.20 5.11
CA GLU J 307 -0.18 15.16 5.86
C GLU J 307 0.19 16.58 5.46
N SER J 308 -0.59 17.54 5.94
CA SER J 308 -0.37 18.93 5.58
C SER J 308 0.90 19.47 6.22
N VAL J 309 1.76 20.05 5.39
CA VAL J 309 2.97 20.70 5.90
C VAL J 309 2.68 22.13 6.31
N SER J 310 1.80 22.81 5.57
CA SER J 310 1.52 24.22 5.84
C SER J 310 0.89 24.43 7.21
N TYR J 311 0.39 23.36 7.81
CA TYR J 311 -0.08 23.37 9.18
C TYR J 311 0.99 23.92 10.12
N LEU J 312 2.25 23.65 9.78
CA LEU J 312 3.39 24.09 10.57
C LEU J 312 3.68 25.58 10.46
N PHE J 313 3.09 26.28 9.47
CA PHE J 313 3.38 27.71 9.34
C PHE J 313 2.92 28.48 10.56
N SER J 314 1.95 27.96 11.29
CA SER J 314 1.38 28.67 12.43
C SER J 314 1.34 27.86 13.72
N HIS J 315 1.78 26.61 13.71
CA HIS J 315 1.66 25.74 14.88
C HIS J 315 3.02 25.17 15.27
N VAL J 316 3.38 25.35 16.53
CA VAL J 316 4.59 24.71 17.06
C VAL J 316 4.27 23.26 17.44
N PRO J 317 4.96 22.27 16.87
CA PRO J 317 4.69 20.87 17.19
C PRO J 317 5.45 20.37 18.40
N PRO K 2 31.75 36.67 -34.12
CA PRO K 2 32.04 36.03 -32.83
C PRO K 2 33.53 35.82 -32.61
N ASN K 3 34.06 36.47 -31.58
CA ASN K 3 35.48 36.44 -31.27
C ASN K 3 35.75 35.52 -30.10
N ILE K 4 37.02 35.12 -29.97
CA ILE K 4 37.44 34.31 -28.84
C ILE K 4 37.58 35.19 -27.60
N LYS K 5 36.98 34.75 -26.50
CA LYS K 5 37.19 35.35 -25.19
C LYS K 5 37.69 34.26 -24.27
N ILE K 6 38.85 34.46 -23.67
CA ILE K 6 39.45 33.49 -22.75
C ILE K 6 39.29 34.05 -21.34
N PHE K 7 38.68 33.28 -20.46
CA PHE K 7 38.53 33.65 -19.06
C PHE K 7 39.23 32.63 -18.19
N SER K 8 39.86 33.12 -17.13
CA SER K 8 40.60 32.27 -16.20
C SER K 8 39.82 32.11 -14.90
N GLY K 9 39.68 30.88 -14.46
CA GLY K 9 39.35 30.64 -13.08
C GLY K 9 40.56 30.82 -12.20
N SER K 10 40.34 30.75 -10.90
CA SER K 10 41.43 30.97 -9.97
C SER K 10 42.36 29.76 -9.83
N SER K 11 41.98 28.60 -10.36
CA SER K 11 42.77 27.40 -10.13
C SER K 11 44.15 27.48 -10.79
N HIS K 12 44.19 27.80 -12.08
CA HIS K 12 45.45 27.74 -12.82
C HIS K 12 45.56 28.99 -13.69
N GLN K 13 46.03 30.08 -13.10
CA GLN K 13 46.07 31.35 -13.82
C GLN K 13 47.27 31.43 -14.76
N ASP K 14 48.38 30.79 -14.40
CA ASP K 14 49.54 30.78 -15.28
C ASP K 14 49.24 30.07 -16.60
N LEU K 15 48.55 28.94 -16.53
CA LEU K 15 48.18 28.22 -17.74
C LEU K 15 47.25 29.06 -18.62
N SER K 16 46.27 29.72 -18.00
CA SER K 16 45.36 30.57 -18.75
C SER K 16 46.11 31.70 -19.44
N GLN K 17 47.08 32.29 -18.74
CA GLN K 17 47.87 33.36 -19.35
C GLN K 17 48.70 32.83 -20.51
N LYS K 18 49.32 31.66 -20.35
CA LYS K 18 50.09 31.09 -21.45
C LYS K 18 49.22 30.83 -22.67
N ILE K 19 48.02 30.29 -22.45
CA ILE K 19 47.10 30.05 -23.55
C ILE K 19 46.70 31.35 -24.22
N ALA K 20 46.41 32.38 -23.42
CA ALA K 20 46.02 33.67 -23.96
C ALA K 20 47.13 34.29 -24.79
N ASP K 21 48.37 34.21 -24.34
CA ASP K 21 49.49 34.71 -25.14
C ASP K 21 49.64 33.94 -26.43
N ARG K 22 49.50 32.62 -26.39
CA ARG K 22 49.60 31.86 -27.63
C ARG K 22 48.48 32.19 -28.59
N LEU K 23 47.32 32.59 -28.07
CA LEU K 23 46.23 33.01 -28.93
C LEU K 23 46.34 34.46 -29.36
N GLY K 24 47.30 35.20 -28.83
CA GLY K 24 47.41 36.62 -29.13
C GLY K 24 46.32 37.46 -28.50
N LEU K 25 45.78 37.04 -27.36
CA LEU K 25 44.67 37.70 -26.70
C LEU K 25 45.03 38.08 -25.28
N GLU K 26 44.26 39.01 -24.73
CA GLU K 26 44.33 39.28 -23.31
C GLU K 26 43.23 38.50 -22.58
N LEU K 27 43.52 38.10 -21.35
CA LEU K 27 42.51 37.41 -20.56
C LEU K 27 41.32 38.32 -20.32
N GLY K 28 40.12 37.75 -20.42
CA GLY K 28 38.92 38.53 -20.23
C GLY K 28 38.82 39.04 -18.80
N LYS K 29 38.25 40.23 -18.66
CA LYS K 29 38.08 40.83 -17.33
C LYS K 29 37.01 40.08 -16.56
N VAL K 30 37.41 39.43 -15.47
CA VAL K 30 36.49 38.76 -14.58
C VAL K 30 36.99 38.89 -13.16
N VAL K 31 36.08 39.09 -12.23
CA VAL K 31 36.38 39.07 -10.81
C VAL K 31 35.87 37.76 -10.25
N THR K 32 36.76 36.98 -9.63
CA THR K 32 36.44 35.68 -9.06
C THR K 32 37.01 35.66 -7.65
N LYS K 33 36.18 35.97 -6.66
CA LYS K 33 36.63 36.03 -5.28
C LYS K 33 35.64 35.27 -4.42
N LYS K 34 35.74 35.42 -3.12
CA LYS K 34 34.80 34.79 -2.20
C LYS K 34 34.12 35.84 -1.36
N PHE K 35 32.80 35.69 -1.19
CA PHE K 35 32.09 36.45 -0.18
C PHE K 35 32.61 36.08 1.21
N SER K 36 32.17 36.84 2.21
CA SER K 36 32.62 36.61 3.57
C SER K 36 32.27 35.20 4.05
N ASN K 37 31.07 34.73 3.74
CA ASN K 37 30.65 33.39 4.14
C ASN K 37 31.21 32.30 3.22
N GLN K 38 32.19 32.64 2.38
CA GLN K 38 32.94 31.73 1.53
C GLN K 38 32.17 31.23 0.31
N GLU K 39 31.06 31.89 -0.04
CA GLU K 39 30.42 31.59 -1.31
C GLU K 39 31.20 32.25 -2.44
N THR K 40 31.29 31.56 -3.57
CA THR K 40 31.98 32.12 -4.72
C THR K 40 31.25 33.36 -5.23
N CYS K 41 32.02 34.40 -5.51
CA CYS K 41 31.53 35.62 -6.14
C CYS K 41 32.18 35.76 -7.51
N VAL K 42 31.37 35.89 -8.54
CA VAL K 42 31.83 36.02 -9.91
C VAL K 42 31.17 37.24 -10.53
N GLU K 43 31.97 38.07 -11.19
CA GLU K 43 31.45 39.21 -11.95
C GLU K 43 32.20 39.29 -13.27
N ILE K 44 31.49 39.15 -14.38
CA ILE K 44 32.11 39.29 -15.69
C ILE K 44 32.27 40.77 -15.97
N GLY K 45 33.51 41.23 -16.11
CA GLY K 45 33.85 42.62 -16.25
C GLY K 45 33.77 43.19 -17.64
N GLU K 46 33.31 42.40 -18.62
CA GLU K 46 33.18 42.88 -19.98
C GLU K 46 32.01 42.14 -20.62
N SER K 47 31.47 42.73 -21.67
CA SER K 47 30.38 42.09 -22.40
C SER K 47 30.91 40.88 -23.15
N VAL K 48 30.20 39.76 -23.02
CA VAL K 48 30.49 38.55 -23.77
C VAL K 48 29.37 38.24 -24.76
N ARG K 49 28.51 39.20 -25.06
CA ARG K 49 27.35 38.96 -25.89
C ARG K 49 27.77 38.60 -27.31
N GLY K 50 27.30 37.45 -27.78
CA GLY K 50 27.65 36.99 -29.10
C GLY K 50 29.08 36.53 -29.27
N GLU K 51 29.77 36.18 -28.20
CA GLU K 51 31.17 35.80 -28.29
C GLU K 51 31.34 34.30 -28.06
N ASP K 52 32.48 33.79 -28.50
CA ASP K 52 32.87 32.41 -28.27
C ASP K 52 33.74 32.39 -27.02
N VAL K 53 33.17 31.97 -25.90
CA VAL K 53 33.79 32.10 -24.59
C VAL K 53 34.47 30.79 -24.21
N TYR K 54 35.71 30.87 -23.75
CA TYR K 54 36.44 29.72 -23.25
C TYR K 54 36.85 30.02 -21.81
N ILE K 55 36.44 29.16 -20.89
CA ILE K 55 36.75 29.32 -19.48
C ILE K 55 37.72 28.22 -19.08
N VAL K 56 38.90 28.61 -18.62
CA VAL K 56 39.96 27.67 -18.28
C VAL K 56 39.95 27.46 -16.77
N GLN K 57 39.78 26.21 -16.35
CA GLN K 57 39.74 25.83 -14.95
C GLN K 57 40.06 24.35 -14.84
N SER K 58 41.09 24.01 -14.07
CA SER K 58 41.45 22.62 -13.90
C SER K 58 40.93 22.08 -12.57
N GLY K 59 40.77 20.76 -12.52
CA GLY K 59 40.36 20.09 -11.32
C GLY K 59 41.52 19.83 -10.39
N CYS K 60 41.97 20.88 -9.72
CA CYS K 60 43.17 20.84 -8.90
C CYS K 60 42.97 21.73 -7.68
N GLY K 61 43.88 21.61 -6.74
CA GLY K 61 43.81 22.42 -5.52
C GLY K 61 42.53 22.15 -4.76
N GLU K 62 41.83 23.22 -4.38
CA GLU K 62 40.54 23.11 -3.73
C GLU K 62 39.49 22.77 -4.77
N ILE K 63 39.28 21.47 -4.96
CA ILE K 63 38.59 20.98 -6.14
C ILE K 63 37.14 21.43 -6.17
N ASN K 64 36.44 21.32 -5.04
CA ASN K 64 35.03 21.69 -5.04
C ASN K 64 34.83 23.19 -5.22
N ASP K 65 35.70 24.00 -4.63
CA ASP K 65 35.66 25.44 -4.86
C ASP K 65 35.90 25.77 -6.32
N ASN K 66 36.90 25.15 -6.94
CA ASN K 66 37.20 25.44 -8.34
C ASN K 66 36.06 24.98 -9.25
N LEU K 67 35.49 23.82 -8.96
CA LEU K 67 34.38 23.32 -9.77
C LEU K 67 33.17 24.24 -9.67
N MET K 68 32.85 24.70 -8.46
CA MET K 68 31.75 25.64 -8.30
C MET K 68 32.04 26.96 -9.00
N GLU K 69 33.27 27.46 -8.88
CA GLU K 69 33.67 28.65 -9.64
C GLU K 69 33.44 28.46 -11.12
N LEU K 70 33.84 27.32 -11.67
CA LEU K 70 33.67 27.07 -13.09
C LEU K 70 32.19 27.06 -13.47
N LEU K 71 31.36 26.37 -12.68
CA LEU K 71 29.93 26.31 -12.98
C LEU K 71 29.30 27.69 -12.92
N ILE K 72 29.66 28.48 -11.92
CA ILE K 72 29.10 29.81 -11.77
C ILE K 72 29.54 30.70 -12.92
N MET K 73 30.80 30.62 -13.34
CA MET K 73 31.27 31.41 -14.47
C MET K 73 30.57 31.02 -15.76
N ILE K 74 30.38 29.71 -15.97
CA ILE K 74 29.66 29.26 -17.16
C ILE K 74 28.24 29.82 -17.14
N ASN K 75 27.58 29.75 -15.99
CA ASN K 75 26.22 30.26 -15.90
C ASN K 75 26.17 31.76 -16.18
N ALA K 76 27.12 32.51 -15.62
CA ALA K 76 27.16 33.95 -15.81
C ALA K 76 27.34 34.29 -17.29
N CYS K 77 28.24 33.58 -17.97
CA CYS K 77 28.45 33.84 -19.39
C CYS K 77 27.24 33.43 -20.22
N LYS K 78 26.58 32.34 -19.84
CA LYS K 78 25.44 31.87 -20.61
C LYS K 78 24.25 32.80 -20.50
N ILE K 79 23.94 33.28 -19.29
CA ILE K 79 22.83 34.23 -19.17
C ILE K 79 23.23 35.63 -19.60
N ALA K 80 24.52 35.87 -19.85
CA ALA K 80 24.96 37.11 -20.46
C ALA K 80 24.95 37.04 -21.99
N SER K 81 24.34 36.01 -22.56
CA SER K 81 24.09 35.91 -24.00
C SER K 81 25.36 35.68 -24.80
N ALA K 82 26.29 34.91 -24.24
CA ALA K 82 27.42 34.44 -25.05
C ALA K 82 26.91 33.51 -26.13
N SER K 83 27.50 33.61 -27.31
CA SER K 83 27.05 32.74 -28.41
C SER K 83 27.36 31.28 -28.12
N ARG K 84 28.50 31.02 -27.50
CA ARG K 84 28.92 29.66 -27.20
C ARG K 84 29.85 29.71 -25.99
N VAL K 85 29.71 28.75 -25.09
CA VAL K 85 30.53 28.67 -23.89
C VAL K 85 31.22 27.32 -23.87
N THR K 86 32.53 27.33 -23.76
CA THR K 86 33.34 26.12 -23.73
C THR K 86 34.11 26.06 -22.42
N ALA K 87 34.07 24.90 -21.77
CA ALA K 87 34.85 24.67 -20.57
C ALA K 87 36.15 23.99 -20.95
N VAL K 88 37.27 24.64 -20.66
CA VAL K 88 38.59 24.08 -20.90
C VAL K 88 39.09 23.56 -19.56
N ILE K 89 39.02 22.25 -19.38
CA ILE K 89 39.29 21.64 -18.09
C ILE K 89 40.48 20.70 -18.25
N PRO K 90 41.71 21.19 -18.10
CA PRO K 90 42.88 20.34 -18.39
C PRO K 90 42.91 19.05 -17.60
N CYS K 91 42.58 19.09 -16.31
CA CYS K 91 42.45 17.90 -15.49
C CYS K 91 41.00 17.81 -15.01
N PHE K 92 40.30 16.77 -15.44
CA PHE K 92 38.87 16.68 -15.19
C PHE K 92 38.61 16.22 -13.76
N PRO K 93 37.86 16.98 -12.96
CA PRO K 93 37.62 16.57 -11.57
C PRO K 93 36.68 15.37 -11.48
N TYR K 94 36.90 14.57 -10.44
CA TYR K 94 36.13 13.36 -10.15
C TYR K 94 36.21 12.33 -11.26
N ALA K 95 37.23 12.42 -12.12
CA ALA K 95 37.35 11.50 -13.24
C ALA K 95 37.54 10.06 -12.78
N ARG K 96 38.17 9.86 -11.62
CA ARG K 96 38.40 8.51 -11.11
C ARG K 96 37.15 7.87 -10.53
N GLN K 97 36.09 8.63 -10.28
CA GLN K 97 34.81 8.08 -9.87
C GLN K 97 33.90 7.94 -11.10
N ASP K 98 34.32 7.09 -12.02
CA ASP K 98 33.62 6.90 -13.27
C ASP K 98 32.75 5.65 -13.29
N LYS K 99 32.60 4.96 -12.17
CA LYS K 99 31.80 3.74 -12.12
C LYS K 99 31.52 3.38 -10.66
N LYS K 100 30.57 2.46 -10.46
CA LYS K 100 30.17 2.02 -9.13
C LYS K 100 30.93 0.79 -8.68
N ASP K 101 30.90 -0.28 -9.48
CA ASP K 101 31.70 -1.48 -9.24
C ASP K 101 31.41 -2.15 -7.90
N LYS K 102 30.20 -2.69 -7.74
CA LYS K 102 29.82 -3.48 -6.56
C LYS K 102 29.84 -2.64 -5.28
N SER K 103 29.60 -1.36 -5.43
CA SER K 103 29.57 -0.47 -4.27
C SER K 103 28.39 0.48 -4.42
N ARG K 104 27.77 0.82 -3.29
CA ARG K 104 26.71 1.82 -3.28
C ARG K 104 27.35 3.20 -3.27
N ALA K 105 28.00 3.51 -4.37
CA ALA K 105 28.78 4.71 -4.56
C ALA K 105 28.16 5.60 -5.62
N PRO K 106 28.45 6.89 -5.61
CA PRO K 106 28.03 7.74 -6.72
C PRO K 106 28.90 7.51 -7.93
N ILE K 107 28.38 7.85 -9.10
CA ILE K 107 29.22 8.03 -10.29
C ILE K 107 29.45 9.54 -10.38
N SER K 108 30.46 10.00 -9.66
CA SER K 108 30.65 11.44 -9.50
C SER K 108 31.04 12.12 -10.81
N ALA K 109 31.78 11.42 -11.67
CA ALA K 109 32.14 11.98 -12.96
C ALA K 109 30.90 12.29 -13.78
N LYS K 110 29.92 11.39 -13.77
CA LYS K 110 28.68 11.64 -14.48
C LYS K 110 27.93 12.82 -13.87
N LEU K 111 27.94 12.93 -12.55
CA LEU K 111 27.29 14.07 -11.90
C LEU K 111 27.96 15.38 -12.32
N VAL K 112 29.29 15.39 -12.38
CA VAL K 112 30.00 16.60 -12.80
C VAL K 112 29.65 16.93 -14.25
N ALA K 113 29.58 15.91 -15.11
CA ALA K 113 29.19 16.14 -16.50
C ALA K 113 27.79 16.75 -16.59
N ASN K 114 26.86 16.20 -15.83
CA ASN K 114 25.49 16.73 -15.82
C ASN K 114 25.46 18.17 -15.32
N MET K 115 26.25 18.47 -14.28
CA MET K 115 26.27 19.83 -13.75
C MET K 115 26.85 20.81 -14.76
N LEU K 116 27.90 20.39 -15.48
CA LEU K 116 28.47 21.24 -16.51
C LEU K 116 27.47 21.50 -17.63
N SER K 117 26.73 20.47 -18.02
CA SER K 117 25.72 20.63 -19.06
C SER K 117 24.60 21.56 -18.60
N VAL K 118 24.15 21.40 -17.36
CA VAL K 118 23.01 22.20 -16.89
C VAL K 118 23.44 23.63 -16.59
N ALA K 119 24.73 23.86 -16.31
CA ALA K 119 25.20 25.22 -16.16
C ALA K 119 25.20 25.96 -17.48
N GLY K 120 25.29 25.23 -18.59
CA GLY K 120 25.18 25.83 -19.90
C GLY K 120 26.37 25.64 -20.81
N ALA K 121 27.26 24.71 -20.46
CA ALA K 121 28.41 24.44 -21.31
C ALA K 121 27.94 23.82 -22.63
N ASP K 122 28.45 24.34 -23.73
CA ASP K 122 28.17 23.79 -25.05
C ASP K 122 29.24 22.82 -25.53
N HIS K 123 30.41 22.85 -24.91
CA HIS K 123 31.57 22.14 -25.41
C HIS K 123 32.57 21.99 -24.28
N ILE K 124 33.28 20.86 -24.29
CA ILE K 124 34.31 20.58 -23.28
C ILE K 124 35.62 20.28 -23.99
N ILE K 125 36.69 20.92 -23.55
CA ILE K 125 38.05 20.58 -23.95
C ILE K 125 38.79 20.12 -22.70
N THR K 126 39.37 18.93 -22.76
CA THR K 126 40.11 18.36 -21.64
C THR K 126 41.29 17.58 -22.18
N MET K 127 42.18 17.17 -21.28
CA MET K 127 43.40 16.46 -21.63
C MET K 127 43.50 15.17 -20.84
N ASP K 128 43.69 14.05 -21.55
CA ASP K 128 43.92 12.72 -20.97
C ASP K 128 42.91 12.41 -19.86
N LEU K 129 41.65 12.27 -20.28
CA LEU K 129 40.62 11.79 -19.36
C LEU K 129 41.04 10.46 -18.76
N HIS K 130 40.78 10.30 -17.47
CA HIS K 130 41.14 9.07 -16.78
C HIS K 130 40.58 7.85 -17.50
N ALA K 131 39.32 7.91 -17.90
CA ALA K 131 38.71 6.92 -18.76
C ALA K 131 38.00 7.65 -19.89
N SER K 132 38.25 7.24 -21.13
CA SER K 132 37.66 7.94 -22.26
C SER K 132 36.16 7.72 -22.33
N GLN K 133 35.64 6.72 -21.61
CA GLN K 133 34.19 6.57 -21.48
C GLN K 133 33.53 7.80 -20.86
N ILE K 134 34.29 8.63 -20.15
CA ILE K 134 33.72 9.86 -19.60
C ILE K 134 33.19 10.75 -20.71
N GLN K 135 33.73 10.62 -21.91
CA GLN K 135 33.17 11.34 -23.05
C GLN K 135 31.69 11.02 -23.25
N GLY K 136 31.30 9.76 -23.02
CA GLY K 136 29.91 9.36 -23.14
C GLY K 136 29.03 9.87 -22.01
N PHE K 137 29.62 10.37 -20.93
CA PHE K 137 28.82 10.96 -19.87
C PHE K 137 28.20 12.27 -20.30
N PHE K 138 28.66 12.85 -21.40
CA PHE K 138 28.13 14.10 -21.90
C PHE K 138 27.21 13.86 -23.09
N ASP K 139 26.34 14.82 -23.34
CA ASP K 139 25.65 14.89 -24.62
C ASP K 139 26.21 15.98 -25.53
N ILE K 140 26.97 16.92 -24.99
CA ILE K 140 27.67 17.94 -25.76
C ILE K 140 28.99 17.34 -26.27
N PRO K 141 29.59 17.88 -27.33
CA PRO K 141 30.88 17.36 -27.78
C PRO K 141 31.96 17.55 -26.74
N VAL K 142 32.86 16.57 -26.64
CA VAL K 142 34.00 16.62 -25.74
C VAL K 142 35.24 16.32 -26.57
N ASP K 143 36.20 17.22 -26.55
CA ASP K 143 37.50 16.98 -27.18
C ASP K 143 38.49 16.60 -26.10
N ASN K 144 38.90 15.35 -26.11
CA ASN K 144 39.88 14.82 -25.16
C ASN K 144 41.24 14.83 -25.82
N LEU K 145 42.05 15.83 -25.49
CA LEU K 145 43.38 15.94 -26.07
C LEU K 145 44.34 14.97 -25.40
N TYR K 146 45.48 14.77 -26.04
CA TYR K 146 46.49 13.85 -25.56
C TYR K 146 47.81 14.57 -25.37
N ALA K 147 48.44 14.31 -24.23
CA ALA K 147 49.78 14.85 -23.98
C ALA K 147 50.85 14.05 -24.67
N GLU K 148 50.50 12.94 -25.32
CA GLU K 148 51.49 12.04 -25.91
C GLU K 148 52.45 12.69 -26.89
N PRO K 149 52.01 13.56 -27.82
CA PRO K 149 53.01 14.23 -28.67
C PRO K 149 54.06 15.00 -27.90
N ALA K 150 53.64 15.77 -26.88
CA ALA K 150 54.59 16.49 -26.06
C ALA K 150 55.48 15.56 -25.25
N VAL K 151 54.93 14.44 -24.79
CA VAL K 151 55.72 13.46 -24.05
C VAL K 151 56.80 12.86 -24.95
N LEU K 152 56.43 12.50 -26.18
CA LEU K 152 57.40 11.96 -27.13
C LEU K 152 58.50 12.96 -27.42
N LYS K 153 58.11 14.22 -27.61
CA LYS K 153 59.09 15.27 -27.81
C LYS K 153 60.06 15.36 -26.62
N TRP K 154 59.52 15.36 -25.41
CA TRP K 154 60.37 15.42 -24.23
C TRP K 154 61.32 14.24 -24.15
N ILE K 155 60.80 13.04 -24.42
CA ILE K 155 61.62 11.83 -24.33
C ILE K 155 62.78 11.92 -25.31
N ARG K 156 62.49 12.31 -26.55
CA ARG K 156 63.56 12.39 -27.53
C ARG K 156 64.60 13.45 -27.18
N GLU K 157 64.16 14.60 -26.68
CA GLU K 157 65.14 15.66 -26.43
C GLU K 157 65.76 15.61 -25.03
N ASN K 158 65.36 14.68 -24.17
CA ASN K 158 65.90 14.65 -22.81
C ASN K 158 66.54 13.34 -22.42
N ILE K 159 66.16 12.22 -23.03
CA ILE K 159 66.72 10.92 -22.70
C ILE K 159 67.59 10.51 -23.88
N SER K 160 68.92 10.52 -23.66
CA SER K 160 69.84 10.26 -24.75
C SER K 160 69.75 8.82 -25.25
N GLU K 161 69.38 7.89 -24.39
CA GLU K 161 69.29 6.49 -24.74
C GLU K 161 67.88 6.07 -25.15
N TRP K 162 67.07 7.00 -25.63
CA TRP K 162 65.64 6.73 -25.79
C TRP K 162 65.37 5.64 -26.82
N ARG K 163 66.31 5.41 -27.75
CA ARG K 163 66.10 4.38 -28.76
C ARG K 163 66.26 2.98 -28.17
N ASN K 164 66.94 2.84 -27.04
CA ASN K 164 67.09 1.55 -26.38
C ASN K 164 66.31 1.47 -25.08
N CYS K 165 65.36 2.38 -24.84
CA CYS K 165 64.64 2.40 -23.58
C CYS K 165 63.47 1.42 -23.62
N THR K 166 62.90 1.18 -22.46
CA THR K 166 61.67 0.39 -22.32
C THR K 166 60.59 1.25 -21.70
N ILE K 167 59.45 1.35 -22.36
CA ILE K 167 58.29 2.06 -21.82
C ILE K 167 57.51 1.09 -20.95
N VAL K 168 57.24 1.48 -19.70
CA VAL K 168 56.69 0.57 -18.70
C VAL K 168 55.36 1.12 -18.21
N SER K 169 54.37 0.25 -18.18
CA SER K 169 53.11 0.59 -17.53
C SER K 169 53.21 0.24 -16.05
N PRO K 170 52.79 1.13 -15.16
CA PRO K 170 52.76 0.78 -13.73
C PRO K 170 51.75 -0.28 -13.38
N ASP K 171 50.70 -0.46 -14.20
CA ASP K 171 49.65 -1.43 -13.93
C ASP K 171 49.11 -1.95 -15.25
N ALA K 172 48.22 -2.93 -15.16
CA ALA K 172 47.62 -3.49 -16.37
C ALA K 172 46.69 -2.50 -17.03
N GLY K 173 46.15 -1.55 -16.27
CA GLY K 173 45.19 -0.62 -16.81
C GLY K 173 45.76 0.34 -17.85
N GLY K 174 46.98 0.81 -17.64
CA GLY K 174 47.57 1.78 -18.53
C GLY K 174 48.33 1.23 -19.71
N ALA K 175 48.34 -0.09 -19.89
CA ALA K 175 49.17 -0.72 -20.91
C ALA K 175 48.92 -0.12 -22.29
N LYS K 176 47.66 0.07 -22.65
CA LYS K 176 47.32 0.69 -23.94
C LYS K 176 48.18 1.93 -24.16
N ARG K 177 48.13 2.87 -23.20
CA ARG K 177 48.88 4.10 -23.34
C ARG K 177 50.35 3.81 -23.63
N VAL K 178 50.98 2.96 -22.84
CA VAL K 178 52.41 2.76 -23.03
C VAL K 178 52.67 2.11 -24.38
N THR K 179 51.78 1.19 -24.80
CA THR K 179 51.98 0.58 -26.11
C THR K 179 51.95 1.64 -27.19
N SER K 180 51.00 2.58 -27.10
CA SER K 180 50.97 3.67 -28.06
C SER K 180 52.32 4.36 -28.11
N ILE K 181 52.86 4.73 -26.94
CA ILE K 181 54.15 5.40 -26.92
C ILE K 181 55.22 4.49 -27.47
N ALA K 182 55.20 3.21 -27.08
CA ALA K 182 56.20 2.28 -27.57
C ALA K 182 56.12 2.15 -29.08
N ASP K 183 54.92 2.27 -29.64
CA ASP K 183 54.80 2.21 -31.09
C ASP K 183 55.40 3.44 -31.75
N ARG K 184 55.24 4.62 -31.14
CA ARG K 184 55.71 5.84 -31.76
C ARG K 184 57.20 6.03 -31.63
N LEU K 185 57.84 5.36 -30.68
CA LEU K 185 59.28 5.44 -30.49
C LEU K 185 60.04 4.25 -31.04
N ASN K 186 59.35 3.14 -31.36
CA ASN K 186 59.98 1.89 -31.77
C ASN K 186 60.94 1.38 -30.69
N VAL K 187 60.36 1.11 -29.52
CA VAL K 187 61.08 0.59 -28.37
C VAL K 187 60.24 -0.51 -27.74
N ASP K 188 60.85 -1.20 -26.78
CA ASP K 188 60.14 -2.25 -26.06
C ASP K 188 59.18 -1.65 -25.04
N PHE K 189 58.16 -2.43 -24.70
CA PHE K 189 57.21 -2.04 -23.66
C PHE K 189 57.04 -3.17 -22.67
N ALA K 190 57.04 -2.83 -21.40
CA ALA K 190 56.93 -3.76 -20.28
C ALA K 190 55.69 -3.44 -19.46
N LEU K 191 55.16 -4.47 -18.82
CA LEU K 191 54.06 -4.32 -17.88
C LEU K 191 54.50 -4.74 -16.49
N ILE K 192 53.85 -4.16 -15.50
CA ILE K 192 54.07 -4.47 -14.09
C ILE K 192 52.71 -4.59 -13.42
N HIS K 193 52.48 -5.68 -12.69
CA HIS K 193 51.25 -5.75 -11.90
C HIS K 193 51.51 -6.49 -10.61
N LYS K 194 50.70 -6.18 -9.60
CA LYS K 194 50.86 -6.76 -8.28
C LYS K 194 50.06 -8.06 -8.17
N GLU K 195 50.62 -9.01 -7.44
CA GLU K 195 50.02 -10.32 -7.27
C GLU K 195 49.04 -10.34 -6.12
N ASP K 203 51.52 -7.74 -2.15
CA ASP K 203 52.45 -6.63 -1.99
C ASP K 203 53.62 -6.76 -2.95
N ARG K 204 53.71 -7.91 -3.62
CA ARG K 204 54.76 -8.14 -4.60
C ARG K 204 54.28 -7.73 -5.99
N MET K 205 55.23 -7.31 -6.82
CA MET K 205 54.97 -6.94 -8.21
C MET K 205 55.73 -7.88 -9.14
N VAL K 206 55.12 -8.18 -10.28
CA VAL K 206 55.72 -9.00 -11.32
C VAL K 206 55.85 -8.16 -12.58
N LEU K 207 57.01 -8.25 -13.21
CA LEU K 207 57.42 -7.48 -14.37
C LEU K 207 57.68 -8.42 -15.55
N VAL K 208 57.11 -8.06 -16.69
CA VAL K 208 57.33 -8.81 -17.93
C VAL K 208 58.06 -7.90 -18.89
N GLY K 209 59.15 -8.38 -19.46
CA GLY K 209 59.94 -7.58 -20.37
C GLY K 209 61.32 -7.28 -19.86
N ASP K 210 62.33 -7.49 -20.69
CA ASP K 210 63.71 -7.23 -20.29
C ASP K 210 63.93 -5.74 -20.08
N VAL K 211 64.48 -5.40 -18.91
CA VAL K 211 64.80 -4.02 -18.58
C VAL K 211 66.24 -3.85 -18.12
N LYS K 212 67.04 -4.91 -18.12
CA LYS K 212 68.41 -4.82 -17.63
C LYS K 212 69.26 -3.98 -18.57
N ASP K 213 70.10 -3.12 -17.99
CA ASP K 213 71.03 -2.23 -18.68
C ASP K 213 70.31 -1.25 -19.60
N ARG K 214 69.00 -1.10 -19.48
CA ARG K 214 68.22 -0.21 -20.32
C ARG K 214 67.53 0.82 -19.46
N VAL K 215 67.31 2.01 -20.02
CA VAL K 215 66.56 3.04 -19.33
C VAL K 215 65.07 2.67 -19.38
N ALA K 216 64.41 2.74 -18.24
CA ALA K 216 62.99 2.46 -18.16
C ALA K 216 62.22 3.75 -17.96
N ILE K 217 61.07 3.87 -18.61
CA ILE K 217 60.24 5.06 -18.54
C ILE K 217 58.83 4.61 -18.16
N LEU K 218 58.46 4.76 -16.89
CA LEU K 218 57.07 4.57 -16.48
C LEU K 218 56.21 5.66 -17.08
N VAL K 219 55.05 5.29 -17.59
CA VAL K 219 54.14 6.29 -18.18
C VAL K 219 52.76 6.15 -17.57
N ASP K 220 52.13 7.28 -17.25
CA ASP K 220 50.81 7.25 -16.65
C ASP K 220 50.06 8.56 -16.82
N ASP K 221 48.75 8.47 -16.61
CA ASP K 221 47.89 9.64 -16.71
C ASP K 221 48.04 10.55 -15.50
N MET K 222 48.21 9.98 -14.32
CA MET K 222 48.28 10.85 -13.15
C MET K 222 49.08 10.20 -12.04
N ALA K 223 49.62 11.05 -11.18
CA ALA K 223 50.28 10.65 -9.95
C ALA K 223 49.64 11.41 -8.79
N ASP K 224 48.84 10.72 -8.00
CA ASP K 224 48.20 11.35 -6.85
C ASP K 224 49.04 11.20 -5.59
N THR K 225 49.16 9.98 -5.09
CA THR K 225 49.97 9.71 -3.93
C THR K 225 51.29 9.07 -4.29
N CYS K 226 51.44 8.66 -5.54
CA CYS K 226 52.67 8.11 -6.12
C CYS K 226 53.09 6.80 -5.49
N GLY K 227 52.19 6.11 -4.79
CA GLY K 227 52.50 4.77 -4.34
C GLY K 227 52.72 3.83 -5.49
N THR K 228 51.86 3.91 -6.50
CA THR K 228 51.96 3.03 -7.66
C THR K 228 53.30 3.18 -8.36
N ILE K 229 53.66 4.42 -8.72
CA ILE K 229 54.88 4.60 -9.49
C ILE K 229 56.11 4.35 -8.63
N CYS K 230 56.06 4.63 -7.33
CA CYS K 230 57.21 4.36 -6.48
C CYS K 230 57.45 2.86 -6.34
N HIS K 231 56.38 2.09 -6.16
CA HIS K 231 56.53 0.63 -6.11
C HIS K 231 57.04 0.09 -7.44
N ALA K 232 56.51 0.61 -8.54
CA ALA K 232 56.97 0.20 -9.86
C ALA K 232 58.45 0.51 -10.06
N ALA K 233 58.88 1.69 -9.61
CA ALA K 233 60.28 2.07 -9.78
C ALA K 233 61.20 1.19 -8.93
N ASP K 234 60.76 0.86 -7.71
CA ASP K 234 61.54 -0.07 -6.91
C ASP K 234 61.70 -1.41 -7.62
N LYS K 235 60.61 -1.92 -8.19
CA LYS K 235 60.69 -3.17 -8.92
C LYS K 235 61.60 -3.06 -10.13
N LEU K 236 61.54 -1.94 -10.85
CA LEU K 236 62.38 -1.77 -12.03
C LEU K 236 63.85 -1.74 -11.67
N LEU K 237 64.20 -1.08 -10.56
CA LEU K 237 65.59 -1.13 -10.11
C LEU K 237 65.98 -2.53 -9.65
N SER K 238 65.04 -3.27 -9.07
CA SER K 238 65.32 -4.66 -8.71
C SER K 238 65.68 -5.48 -9.94
N ALA K 239 65.01 -5.23 -11.06
CA ALA K 239 65.21 -5.98 -12.28
C ALA K 239 66.35 -5.45 -13.14
N GLY K 240 67.28 -4.70 -12.57
CA GLY K 240 68.51 -4.36 -13.27
C GLY K 240 68.43 -3.18 -14.20
N ALA K 241 67.38 -2.37 -14.10
CA ALA K 241 67.28 -1.17 -14.93
C ALA K 241 68.39 -0.19 -14.59
N THR K 242 68.82 0.59 -15.58
CA THR K 242 69.90 1.54 -15.36
C THR K 242 69.38 2.81 -14.70
N ARG K 243 68.42 3.48 -15.33
CA ARG K 243 67.73 4.61 -14.74
C ARG K 243 66.25 4.44 -14.95
N VAL K 244 65.45 4.97 -14.03
CA VAL K 244 64.00 4.92 -14.13
C VAL K 244 63.46 6.34 -14.16
N TYR K 245 62.68 6.63 -15.19
CA TYR K 245 61.94 7.89 -15.32
C TYR K 245 60.47 7.61 -15.08
N ALA K 246 59.73 8.64 -14.70
CA ALA K 246 58.27 8.58 -14.64
C ALA K 246 57.73 9.79 -15.38
N ILE K 247 56.78 9.55 -16.28
CA ILE K 247 56.15 10.62 -17.06
C ILE K 247 54.65 10.51 -16.89
N LEU K 248 54.04 11.56 -16.36
CA LEU K 248 52.62 11.59 -16.10
C LEU K 248 52.02 12.87 -16.68
N THR K 249 50.82 12.73 -17.22
CA THR K 249 50.20 13.95 -17.73
C THR K 249 49.65 14.84 -16.61
N HIS K 250 49.17 14.24 -15.52
CA HIS K 250 48.60 15.01 -14.42
C HIS K 250 49.40 14.78 -13.14
N GLY K 251 50.11 15.81 -12.70
CA GLY K 251 50.86 15.77 -11.46
C GLY K 251 50.11 16.29 -10.24
N ILE K 252 49.17 15.50 -9.71
CA ILE K 252 48.38 15.96 -8.57
C ILE K 252 49.24 16.05 -7.32
N PHE K 253 50.01 15.01 -7.02
CA PHE K 253 51.01 15.01 -5.94
C PHE K 253 50.41 15.35 -4.58
N SER K 254 49.30 14.71 -4.24
CA SER K 254 48.69 14.98 -2.96
C SER K 254 49.21 14.02 -1.90
N GLY K 255 48.94 14.35 -0.64
CA GLY K 255 49.35 13.52 0.48
C GLY K 255 50.84 13.39 0.62
N PRO K 256 51.32 12.14 0.71
CA PRO K 256 52.75 11.88 0.90
C PRO K 256 53.55 11.78 -0.39
N ALA K 257 53.00 12.22 -1.52
CA ALA K 257 53.65 11.97 -2.80
C ALA K 257 55.04 12.58 -2.86
N ILE K 258 55.20 13.81 -2.34
CA ILE K 258 56.48 14.49 -2.47
C ILE K 258 57.56 13.77 -1.67
N SER K 259 57.24 13.34 -0.45
CA SER K 259 58.20 12.60 0.35
C SER K 259 58.58 11.28 -0.32
N ARG K 260 57.60 10.56 -0.86
CA ARG K 260 57.89 9.28 -1.50
C ARG K 260 58.75 9.48 -2.73
N ILE K 261 58.47 10.50 -3.54
CA ILE K 261 59.28 10.77 -4.72
C ILE K 261 60.70 11.14 -4.29
N ASN K 262 60.83 11.98 -3.26
CA ASN K 262 62.15 12.34 -2.76
C ASN K 262 62.93 11.11 -2.30
N ASN K 263 62.23 10.13 -1.72
CA ASN K 263 62.90 8.91 -1.28
C ASN K 263 62.98 7.86 -2.38
N ALA K 264 62.44 8.12 -3.56
CA ALA K 264 62.45 7.14 -4.63
C ALA K 264 63.70 7.31 -5.50
N CYS K 265 63.87 6.37 -6.42
CA CYS K 265 65.06 6.30 -7.25
C CYS K 265 64.90 6.97 -8.61
N PHE K 266 63.80 7.67 -8.84
CA PHE K 266 63.56 8.30 -10.13
C PHE K 266 64.69 9.24 -10.49
N GLU K 267 65.12 9.16 -11.75
CA GLU K 267 65.99 10.21 -12.27
C GLU K 267 65.22 11.52 -12.42
N ALA K 268 63.98 11.45 -12.88
CA ALA K 268 63.13 12.61 -13.02
C ALA K 268 61.68 12.16 -12.95
N VAL K 269 60.81 13.05 -12.52
CA VAL K 269 59.38 12.84 -12.56
C VAL K 269 58.81 13.97 -13.42
N VAL K 270 58.53 13.66 -14.67
CA VAL K 270 58.05 14.64 -15.62
C VAL K 270 56.53 14.62 -15.60
N VAL K 271 55.92 15.79 -15.47
CA VAL K 271 54.47 15.91 -15.51
C VAL K 271 54.13 17.06 -16.44
N THR K 272 52.94 17.02 -17.01
CA THR K 272 52.55 18.20 -17.76
C THR K 272 52.06 19.30 -16.82
N ASN K 273 51.88 20.50 -17.36
CA ASN K 273 51.33 21.58 -16.54
C ASN K 273 49.82 21.72 -16.71
N THR K 274 49.08 20.61 -16.66
CA THR K 274 47.63 20.72 -16.54
C THR K 274 47.23 21.17 -15.15
N ILE K 275 48.13 21.01 -14.19
CA ILE K 275 47.94 21.37 -12.79
C ILE K 275 49.15 22.24 -12.44
N PRO K 276 48.99 23.34 -11.73
CA PRO K 276 50.15 24.17 -11.37
C PRO K 276 51.13 23.37 -10.51
N GLN K 277 52.41 23.56 -10.77
CA GLN K 277 53.44 22.74 -10.15
C GLN K 277 54.49 23.51 -9.38
N GLU K 278 54.40 24.85 -9.32
CA GLU K 278 55.50 25.64 -8.76
C GLU K 278 55.76 25.28 -7.30
N ASP K 279 54.71 25.09 -6.52
CA ASP K 279 54.88 24.77 -5.11
C ASP K 279 55.55 23.41 -4.93
N LYS K 280 55.13 22.41 -5.72
CA LYS K 280 55.74 21.09 -5.61
C LYS K 280 57.18 21.09 -6.05
N MET K 281 57.53 21.86 -7.09
CA MET K 281 58.92 21.94 -7.54
C MET K 281 59.82 22.51 -6.45
N LYS K 282 59.28 23.36 -5.57
CA LYS K 282 60.08 23.90 -4.49
C LYS K 282 60.57 22.80 -3.56
N HIS K 283 59.71 21.85 -3.24
CA HIS K 283 60.04 20.79 -2.30
C HIS K 283 60.49 19.50 -2.96
N CYS K 284 60.55 19.43 -4.29
CA CYS K 284 60.95 18.20 -4.96
C CYS K 284 61.81 18.58 -6.16
N SER K 285 63.09 18.24 -6.08
CA SER K 285 64.04 18.65 -7.10
C SER K 285 63.82 17.94 -8.43
N LYS K 286 63.36 16.70 -8.39
CA LYS K 286 63.32 15.88 -9.60
C LYS K 286 62.02 15.99 -10.38
N ILE K 287 61.10 16.87 -9.97
CA ILE K 287 59.92 17.13 -10.77
C ILE K 287 60.28 18.07 -11.91
N GLN K 288 59.86 17.73 -13.12
CA GLN K 288 60.04 18.58 -14.28
C GLN K 288 58.70 18.74 -14.99
N VAL K 289 58.52 19.87 -15.66
CA VAL K 289 57.23 20.26 -16.20
C VAL K 289 57.34 20.36 -17.71
N ILE K 290 56.42 19.70 -18.40
CA ILE K 290 56.21 19.88 -19.84
C ILE K 290 55.09 20.90 -20.02
N ASP K 291 55.33 21.91 -20.84
CA ASP K 291 54.27 22.84 -21.20
C ASP K 291 53.35 22.17 -22.23
N ILE K 292 52.05 22.16 -21.94
CA ILE K 292 51.07 21.73 -22.91
C ILE K 292 50.13 22.86 -23.30
N SER K 293 50.48 24.09 -22.95
CA SER K 293 49.65 25.24 -23.31
C SER K 293 49.54 25.42 -24.81
N MET K 294 50.55 24.99 -25.58
CA MET K 294 50.43 25.08 -27.03
C MET K 294 49.34 24.16 -27.55
N ILE K 295 49.23 22.95 -26.99
CA ILE K 295 48.18 22.02 -27.43
C ILE K 295 46.81 22.58 -27.09
N LEU K 296 46.65 23.11 -25.88
CA LEU K 296 45.36 23.67 -25.48
C LEU K 296 44.99 24.89 -26.33
N ALA K 297 45.97 25.77 -26.56
CA ALA K 297 45.72 26.95 -27.38
C ALA K 297 45.34 26.58 -28.80
N GLU K 298 46.06 25.60 -29.38
CA GLU K 298 45.73 25.16 -30.73
C GLU K 298 44.36 24.51 -30.78
N ALA K 299 44.00 23.75 -29.74
CA ALA K 299 42.67 23.15 -29.72
C ALA K 299 41.59 24.22 -29.65
N ILE K 300 41.79 25.24 -28.83
CA ILE K 300 40.82 26.33 -28.74
C ILE K 300 40.69 27.01 -30.09
N ARG K 301 41.82 27.31 -30.72
CA ARG K 301 41.80 28.05 -31.97
C ARG K 301 41.19 27.21 -33.10
N ARG K 302 41.40 25.90 -33.08
CA ARG K 302 40.83 25.04 -34.10
C ARG K 302 39.34 24.81 -33.89
N THR K 303 38.88 24.69 -32.65
CA THR K 303 37.44 24.62 -32.42
C THR K 303 36.77 25.92 -32.83
N HIS K 304 37.42 27.06 -32.57
CA HIS K 304 36.84 28.33 -32.97
C HIS K 304 36.76 28.46 -34.49
N ASN K 305 37.83 28.08 -35.20
CA ASN K 305 37.87 28.27 -36.64
C ASN K 305 37.29 27.10 -37.42
N GLY K 306 36.79 26.07 -36.74
CA GLY K 306 36.28 24.93 -37.45
C GLY K 306 37.32 24.08 -38.12
N GLU K 307 38.57 24.13 -37.69
CA GLU K 307 39.58 23.23 -38.23
C GLU K 307 39.61 21.93 -37.43
N SER K 308 40.35 20.96 -37.94
CA SER K 308 40.41 19.65 -37.31
C SER K 308 41.18 19.72 -36.00
N VAL K 309 40.56 19.20 -34.94
CA VAL K 309 41.24 19.11 -33.65
C VAL K 309 42.05 17.82 -33.56
N SER K 310 41.55 16.74 -34.14
CA SER K 310 42.22 15.44 -34.04
C SER K 310 43.58 15.45 -34.70
N TYR K 311 43.85 16.45 -35.55
CA TYR K 311 45.16 16.69 -36.11
C TYR K 311 46.21 16.77 -35.00
N LEU K 312 45.82 17.29 -33.84
CA LEU K 312 46.70 17.45 -32.71
C LEU K 312 47.02 16.14 -32.00
N PHE K 313 46.29 15.05 -32.28
CA PHE K 313 46.57 13.79 -31.60
C PHE K 313 47.97 13.28 -31.92
N SER K 314 48.52 13.68 -33.06
CA SER K 314 49.81 13.18 -33.51
C SER K 314 50.82 14.27 -33.87
N HIS K 315 50.44 15.54 -33.80
CA HIS K 315 51.30 16.62 -34.27
C HIS K 315 51.51 17.65 -33.16
N VAL K 316 52.76 17.95 -32.88
CA VAL K 316 53.08 19.04 -31.94
C VAL K 316 53.02 20.37 -32.69
N PRO K 317 52.18 21.32 -32.26
CA PRO K 317 52.08 22.62 -32.93
C PRO K 317 53.10 23.64 -32.45
N PRO L 2 0.49 -3.13 -7.42
CA PRO L 2 1.34 -3.31 -8.60
C PRO L 2 2.00 -4.68 -8.63
N ASN L 3 1.68 -5.47 -9.64
CA ASN L 3 2.18 -6.82 -9.77
C ASN L 3 3.28 -6.89 -10.81
N ILE L 4 4.05 -7.99 -10.76
CA ILE L 4 5.08 -8.22 -11.77
C ILE L 4 4.44 -8.74 -13.05
N LYS L 5 4.81 -8.12 -14.16
CA LYS L 5 4.46 -8.63 -15.49
C LYS L 5 5.76 -8.84 -16.25
N ILE L 6 5.99 -10.05 -16.72
CA ILE L 6 7.19 -10.38 -17.47
C ILE L 6 6.78 -10.53 -18.92
N PHE L 7 7.43 -9.78 -19.81
CA PHE L 7 7.21 -9.89 -21.24
C PHE L 7 8.48 -10.32 -21.93
N SER L 8 8.35 -11.15 -22.94
CA SER L 8 9.48 -11.65 -23.70
C SER L 8 9.55 -10.98 -25.07
N GLY L 9 10.73 -10.49 -25.42
CA GLY L 9 11.01 -10.22 -26.80
C GLY L 9 11.33 -11.51 -27.54
N SER L 10 11.47 -11.38 -28.85
CA SER L 10 11.71 -12.57 -29.66
C SER L 10 13.14 -13.08 -29.57
N SER L 11 14.07 -12.31 -29.00
CA SER L 11 15.47 -12.69 -29.02
C SER L 11 15.73 -13.95 -28.22
N HIS L 12 15.29 -14.00 -26.96
CA HIS L 12 15.65 -15.10 -26.07
C HIS L 12 14.38 -15.53 -25.30
N GLN L 13 13.58 -16.36 -25.93
CA GLN L 13 12.30 -16.74 -25.31
C GLN L 13 12.48 -17.81 -24.25
N ASP L 14 13.47 -18.69 -24.42
CA ASP L 14 13.73 -19.71 -23.42
C ASP L 14 14.15 -19.09 -22.09
N LEU L 15 15.02 -18.08 -22.14
CA LEU L 15 15.43 -17.40 -20.91
C LEU L 15 14.26 -16.71 -20.24
N SER L 16 13.40 -16.05 -21.03
CA SER L 16 12.24 -15.40 -20.46
C SER L 16 11.33 -16.40 -19.79
N GLN L 17 11.13 -17.56 -20.42
CA GLN L 17 10.30 -18.59 -19.81
C GLN L 17 10.92 -19.11 -18.52
N LYS L 18 12.23 -19.34 -18.50
CA LYS L 18 12.87 -19.79 -17.27
C LYS L 18 12.69 -18.78 -16.15
N ILE L 19 12.87 -17.50 -16.47
CA ILE L 19 12.69 -16.45 -15.47
C ILE L 19 11.24 -16.43 -14.97
N ALA L 20 10.29 -16.55 -15.88
CA ALA L 20 8.89 -16.54 -15.50
C ALA L 20 8.53 -17.71 -14.59
N ASP L 21 9.04 -18.91 -14.90
CA ASP L 21 8.82 -20.05 -14.02
C ASP L 21 9.43 -19.83 -12.65
N ARG L 22 10.65 -19.29 -12.60
CA ARG L 22 11.25 -19.05 -11.29
C ARG L 22 10.48 -18.00 -10.49
N LEU L 23 9.81 -17.07 -11.19
CA LEU L 23 8.98 -16.10 -10.49
C LEU L 23 7.59 -16.64 -10.19
N GLY L 24 7.24 -17.82 -10.66
CA GLY L 24 5.90 -18.34 -10.49
C GLY L 24 4.85 -17.63 -11.31
N LEU L 25 5.23 -17.09 -12.46
CA LEU L 25 4.33 -16.30 -13.29
C LEU L 25 4.26 -16.88 -14.70
N GLU L 26 3.22 -16.51 -15.41
CA GLU L 26 3.16 -16.78 -16.84
C GLU L 26 3.63 -15.56 -17.61
N LEU L 27 4.24 -15.81 -18.76
CA LEU L 27 4.68 -14.71 -19.60
C LEU L 27 3.49 -13.88 -20.06
N GLY L 28 3.66 -12.56 -20.05
CA GLY L 28 2.58 -11.69 -20.47
C GLY L 28 2.23 -11.89 -21.93
N LYS L 29 0.95 -11.73 -22.24
CA LYS L 29 0.50 -11.87 -23.61
C LYS L 29 0.97 -10.69 -24.45
N VAL L 30 1.83 -10.96 -25.42
CA VAL L 30 2.30 -9.95 -26.35
C VAL L 30 2.49 -10.60 -27.71
N VAL L 31 2.14 -9.88 -28.76
CA VAL L 31 2.42 -10.27 -30.13
C VAL L 31 3.57 -9.43 -30.63
N THR L 32 4.64 -10.08 -31.07
CA THR L 32 5.85 -9.42 -31.56
C THR L 32 6.21 -10.07 -32.89
N LYS L 33 5.78 -9.48 -33.99
CA LYS L 33 6.02 -10.04 -35.30
C LYS L 33 6.55 -8.93 -36.21
N LYS L 34 6.60 -9.19 -37.50
CA LYS L 34 7.01 -8.18 -38.45
C LYS L 34 5.91 -7.94 -39.47
N PHE L 35 5.67 -6.66 -39.78
CA PHE L 35 4.86 -6.32 -40.93
C PHE L 35 5.53 -6.81 -42.21
N SER L 36 4.80 -6.72 -43.31
CA SER L 36 5.32 -7.19 -44.59
C SER L 36 6.60 -6.47 -44.98
N ASN L 37 6.65 -5.15 -44.78
CA ASN L 37 7.84 -4.37 -45.10
C ASN L 37 8.92 -4.47 -44.04
N GLN L 38 8.80 -5.43 -43.12
CA GLN L 38 9.79 -5.78 -42.11
C GLN L 38 9.87 -4.79 -40.95
N GLU L 39 8.87 -3.92 -40.79
CA GLU L 39 8.80 -3.11 -39.59
C GLU L 39 8.28 -3.96 -38.43
N THR L 40 8.83 -3.72 -37.25
CA THR L 40 8.38 -4.45 -36.07
C THR L 40 6.92 -4.11 -35.77
N CYS L 41 6.13 -5.14 -35.48
CA CYS L 41 4.76 -5.01 -35.02
C CYS L 41 4.67 -5.55 -33.61
N VAL L 42 4.16 -4.74 -32.70
CA VAL L 42 4.02 -5.10 -31.30
C VAL L 42 2.60 -4.80 -30.86
N GLU L 43 1.98 -5.76 -30.19
CA GLU L 43 0.65 -5.56 -29.60
C GLU L 43 0.63 -6.19 -28.22
N ILE L 44 0.42 -5.38 -27.20
CA ILE L 44 0.33 -5.89 -25.83
C ILE L 44 -1.07 -6.47 -25.66
N GLY L 45 -1.12 -7.78 -25.41
CA GLY L 45 -2.36 -8.53 -25.36
C GLY L 45 -3.08 -8.53 -24.03
N GLU L 46 -2.60 -7.77 -23.06
CA GLU L 46 -3.25 -7.66 -21.77
C GLU L 46 -2.99 -6.28 -21.22
N SER L 47 -3.85 -5.86 -20.29
CA SER L 47 -3.66 -4.57 -19.65
C SER L 47 -2.43 -4.61 -18.73
N VAL L 48 -1.58 -3.60 -18.86
CA VAL L 48 -0.44 -3.42 -17.96
C VAL L 48 -0.60 -2.19 -17.10
N ARG L 49 -1.81 -1.66 -16.99
CA ARG L 49 -2.04 -0.41 -16.28
C ARG L 49 -1.73 -0.57 -14.80
N GLY L 50 -0.84 0.28 -14.30
CA GLY L 50 -0.46 0.20 -12.90
C GLY L 50 0.39 -0.98 -12.52
N GLU L 51 1.05 -1.63 -13.47
CA GLU L 51 1.83 -2.81 -13.18
C GLU L 51 3.32 -2.52 -13.25
N ASP L 52 4.10 -3.39 -12.64
CA ASP L 52 5.56 -3.35 -12.70
C ASP L 52 5.98 -4.27 -13.83
N VAL L 53 6.35 -3.70 -14.96
CA VAL L 53 6.57 -4.45 -16.20
C VAL L 53 8.05 -4.69 -16.39
N TYR L 54 8.41 -5.94 -16.70
CA TYR L 54 9.78 -6.31 -17.02
C TYR L 54 9.80 -6.92 -18.40
N ILE L 55 10.60 -6.34 -19.29
CA ILE L 55 10.71 -6.80 -20.67
C ILE L 55 12.09 -7.40 -20.84
N VAL L 56 12.14 -8.69 -21.20
CA VAL L 56 13.38 -9.42 -21.33
C VAL L 56 13.76 -9.47 -22.80
N GLN L 57 14.94 -8.96 -23.12
CA GLN L 57 15.45 -8.92 -24.48
C GLN L 57 16.96 -8.76 -24.43
N SER L 58 17.68 -9.69 -25.04
CA SER L 58 19.14 -9.61 -25.04
C SER L 58 19.65 -9.07 -26.36
N GLY L 59 20.85 -8.49 -26.32
CA GLY L 59 21.51 -7.99 -27.50
C GLY L 59 22.21 -9.10 -28.26
N CYS L 60 21.43 -9.91 -28.97
CA CYS L 60 21.95 -11.10 -29.63
C CYS L 60 21.17 -11.30 -30.92
N GLY L 61 21.68 -12.21 -31.75
CA GLY L 61 21.04 -12.49 -33.02
C GLY L 61 21.01 -11.26 -33.90
N GLU L 62 19.82 -10.99 -34.46
CA GLU L 62 19.61 -9.78 -35.26
C GLU L 62 19.48 -8.60 -34.31
N ILE L 63 20.63 -7.97 -34.05
CA ILE L 63 20.75 -7.06 -32.91
C ILE L 63 19.87 -5.83 -33.10
N ASN L 64 19.89 -5.23 -34.29
CA ASN L 64 19.12 -4.02 -34.49
C ASN L 64 17.63 -4.28 -34.46
N ASP L 65 17.19 -5.42 -35.02
CA ASP L 65 15.79 -5.82 -34.92
C ASP L 65 15.37 -6.01 -33.47
N ASN L 66 16.19 -6.72 -32.68
CA ASN L 66 15.85 -6.96 -31.29
C ASN L 66 15.82 -5.67 -30.48
N LEU L 67 16.77 -4.78 -30.74
CA LEU L 67 16.81 -3.51 -30.04
C LEU L 67 15.58 -2.66 -30.35
N MET L 68 15.20 -2.61 -31.63
CA MET L 68 14.00 -1.87 -32.00
C MET L 68 12.75 -2.51 -31.39
N GLU L 69 12.68 -3.84 -31.39
CA GLU L 69 11.59 -4.53 -30.71
C GLU L 69 11.51 -4.12 -29.25
N LEU L 70 12.64 -4.10 -28.56
CA LEU L 70 12.65 -3.73 -27.15
C LEU L 70 12.17 -2.30 -26.96
N LEU L 71 12.66 -1.37 -27.77
CA LEU L 71 12.25 0.03 -27.64
C LEU L 71 10.76 0.19 -27.90
N ILE L 72 10.25 -0.49 -28.92
CA ILE L 72 8.84 -0.40 -29.25
C ILE L 72 7.98 -0.99 -28.14
N MET L 73 8.40 -2.12 -27.56
CA MET L 73 7.65 -2.72 -26.46
C MET L 73 7.67 -1.82 -25.23
N ILE L 74 8.81 -1.21 -24.92
CA ILE L 74 8.88 -0.28 -23.81
C ILE L 74 7.93 0.87 -24.03
N ASN L 75 7.92 1.42 -25.25
CA ASN L 75 7.03 2.54 -25.54
C ASN L 75 5.57 2.14 -25.41
N ALA L 76 5.23 0.95 -25.92
CA ALA L 76 3.84 0.48 -25.83
C ALA L 76 3.40 0.32 -24.39
N CYS L 77 4.27 -0.24 -23.55
CA CYS L 77 3.91 -0.39 -22.15
C CYS L 77 3.83 0.96 -21.43
N LYS L 78 4.71 1.89 -21.79
CA LYS L 78 4.71 3.18 -21.11
C LYS L 78 3.48 4.00 -21.45
N ILE L 79 3.08 4.04 -22.72
CA ILE L 79 1.87 4.77 -23.05
C ILE L 79 0.61 3.99 -22.71
N ALA L 80 0.74 2.72 -22.33
CA ALA L 80 -0.37 1.96 -21.77
C ALA L 80 -0.49 2.12 -20.27
N SER L 81 0.23 3.08 -19.69
CA SER L 81 0.08 3.48 -18.28
C SER L 81 0.58 2.42 -17.31
N ALA L 82 1.66 1.73 -17.68
CA ALA L 82 2.35 0.89 -16.72
C ALA L 82 2.97 1.75 -15.63
N SER L 83 2.90 1.27 -14.39
CA SER L 83 3.44 2.06 -13.29
C SER L 83 4.95 2.20 -13.41
N ARG L 84 5.63 1.15 -13.86
CA ARG L 84 7.07 1.16 -14.00
C ARG L 84 7.45 0.16 -15.08
N VAL L 85 8.42 0.52 -15.90
CA VAL L 85 8.90 -0.33 -16.99
C VAL L 85 10.38 -0.56 -16.81
N THR L 86 10.78 -1.82 -16.75
CA THR L 86 12.18 -2.21 -16.59
C THR L 86 12.63 -3.02 -17.80
N ALA L 87 13.79 -2.67 -18.33
CA ALA L 87 14.39 -3.44 -19.41
C ALA L 87 15.38 -4.42 -18.82
N VAL L 88 15.15 -5.71 -19.03
CA VAL L 88 16.04 -6.77 -18.58
C VAL L 88 16.84 -7.18 -19.81
N ILE L 89 18.08 -6.71 -19.89
CA ILE L 89 18.91 -6.89 -21.07
C ILE L 89 20.13 -7.70 -20.69
N PRO L 90 20.06 -9.04 -20.73
CA PRO L 90 21.19 -9.85 -20.23
C PRO L 90 22.51 -9.55 -20.90
N CYS L 91 22.52 -9.35 -22.21
CA CYS L 91 23.70 -8.92 -22.94
C CYS L 91 23.41 -7.57 -23.58
N PHE L 92 24.12 -6.55 -23.15
CA PHE L 92 23.81 -5.18 -23.55
C PHE L 92 24.33 -4.91 -24.96
N PRO L 93 23.49 -4.52 -25.91
CA PRO L 93 23.96 -4.28 -27.27
C PRO L 93 24.82 -3.03 -27.38
N TYR L 94 25.77 -3.07 -28.31
CA TYR L 94 26.71 -1.99 -28.58
C TYR L 94 27.56 -1.64 -27.38
N ALA L 95 27.70 -2.56 -26.42
CA ALA L 95 28.47 -2.28 -25.22
C ALA L 95 29.95 -2.04 -25.53
N ARG L 96 30.47 -2.67 -26.58
CA ARG L 96 31.87 -2.51 -26.94
C ARG L 96 32.16 -1.18 -27.62
N GLN L 97 31.15 -0.44 -28.05
CA GLN L 97 31.33 0.91 -28.56
C GLN L 97 31.03 1.92 -27.45
N ASP L 98 31.86 1.88 -26.41
CA ASP L 98 31.68 2.71 -25.24
C ASP L 98 32.60 3.92 -25.21
N LYS L 99 33.33 4.19 -26.28
CA LYS L 99 34.25 5.32 -26.33
C LYS L 99 34.67 5.57 -27.77
N LYS L 100 35.28 6.75 -28.00
CA LYS L 100 35.73 7.14 -29.33
C LYS L 100 37.19 6.77 -29.56
N ASP L 101 38.09 7.20 -28.69
CA ASP L 101 39.50 6.81 -28.73
C ASP L 101 40.20 7.17 -30.02
N LYS L 102 40.36 8.48 -30.28
CA LYS L 102 41.12 8.98 -31.43
C LYS L 102 40.51 8.59 -32.76
N SER L 103 39.19 8.41 -32.76
CA SER L 103 38.48 8.07 -33.98
C SER L 103 37.22 8.90 -34.06
N ARG L 104 36.83 9.28 -35.28
CA ARG L 104 35.56 9.97 -35.50
C ARG L 104 34.45 8.92 -35.55
N ALA L 105 34.23 8.32 -34.42
CA ALA L 105 33.32 7.21 -34.25
C ALA L 105 32.16 7.61 -33.34
N PRO L 106 31.02 6.93 -33.44
CA PRO L 106 29.97 7.15 -32.46
C PRO L 106 30.31 6.50 -31.14
N ILE L 107 29.69 6.99 -30.07
CA ILE L 107 29.62 6.24 -28.81
C ILE L 107 28.25 5.56 -28.83
N SER L 108 28.21 4.39 -29.45
CA SER L 108 26.93 3.74 -29.72
C SER L 108 26.26 3.27 -28.44
N ALA L 109 27.04 2.87 -27.44
CA ALA L 109 26.46 2.47 -26.16
C ALA L 109 25.70 3.61 -25.52
N LYS L 110 26.25 4.82 -25.58
CA LYS L 110 25.54 5.99 -25.04
C LYS L 110 24.27 6.26 -25.84
N LEU L 111 24.33 6.10 -27.16
CA LEU L 111 23.14 6.29 -27.97
C LEU L 111 22.05 5.30 -27.60
N VAL L 112 22.43 4.04 -27.38
CA VAL L 112 21.47 3.02 -26.97
C VAL L 112 20.87 3.37 -25.61
N ALA L 113 21.71 3.83 -24.68
CA ALA L 113 21.20 4.24 -23.37
C ALA L 113 20.20 5.38 -23.50
N ASN L 114 20.52 6.37 -24.32
CA ASN L 114 19.61 7.49 -24.54
C ASN L 114 18.30 7.03 -25.17
N MET L 115 18.38 6.10 -26.12
CA MET L 115 17.17 5.60 -26.76
C MET L 115 16.30 4.83 -25.78
N LEU L 116 16.92 4.03 -24.91
CA LEU L 116 16.18 3.31 -23.89
C LEU L 116 15.49 4.28 -22.93
N SER L 117 16.19 5.35 -22.54
CA SER L 117 15.60 6.33 -21.64
C SER L 117 14.43 7.05 -22.32
N VAL L 118 14.60 7.42 -23.59
CA VAL L 118 13.56 8.20 -24.26
C VAL L 118 12.37 7.32 -24.61
N ALA L 119 12.58 6.02 -24.76
CA ALA L 119 11.45 5.11 -24.97
C ALA L 119 10.60 5.00 -23.72
N GLY L 120 11.19 5.25 -22.56
CA GLY L 120 10.43 5.27 -21.33
C GLY L 120 10.87 4.29 -20.27
N ALA L 121 12.05 3.71 -20.44
CA ALA L 121 12.55 2.78 -19.42
C ALA L 121 12.84 3.54 -18.13
N ASP L 122 12.38 2.98 -17.02
CA ASP L 122 12.65 3.54 -15.70
C ASP L 122 13.82 2.87 -15.02
N HIS L 123 14.23 1.70 -15.49
CA HIS L 123 15.21 0.88 -14.80
C HIS L 123 15.79 -0.13 -15.78
N ILE L 124 17.07 -0.44 -15.60
CA ILE L 124 17.77 -1.40 -16.44
C ILE L 124 18.36 -2.48 -15.56
N ILE L 125 18.14 -3.74 -15.93
CA ILE L 125 18.83 -4.88 -15.34
C ILE L 125 19.63 -5.55 -16.44
N THR L 126 20.93 -5.71 -16.20
CA THR L 126 21.82 -6.33 -17.17
C THR L 126 22.85 -7.16 -16.43
N MET L 127 23.63 -7.93 -17.18
CA MET L 127 24.62 -8.83 -16.62
C MET L 127 25.98 -8.59 -17.28
N ASP L 128 27.00 -8.36 -16.46
CA ASP L 128 28.39 -8.20 -16.90
C ASP L 128 28.51 -7.25 -18.09
N LEU L 129 28.22 -5.97 -17.81
CA LEU L 129 28.46 -4.94 -18.79
C LEU L 129 29.92 -4.96 -19.23
N HIS L 130 30.15 -4.78 -20.53
CA HIS L 130 31.50 -4.79 -21.06
C HIS L 130 32.40 -3.81 -20.30
N ALA L 131 31.91 -2.60 -20.06
CA ALA L 131 32.56 -1.64 -19.20
C ALA L 131 31.51 -1.11 -18.23
N SER L 132 31.84 -1.10 -16.94
CA SER L 132 30.86 -0.66 -15.95
C SER L 132 30.59 0.83 -16.05
N GLN L 133 31.46 1.58 -16.74
CA GLN L 133 31.18 2.98 -17.02
C GLN L 133 29.91 3.16 -17.82
N ILE L 134 29.42 2.11 -18.50
CA ILE L 134 28.16 2.22 -19.23
C ILE L 134 27.02 2.54 -18.26
N GLN L 135 27.17 2.17 -16.99
CA GLN L 135 26.18 2.58 -16.00
C GLN L 135 26.01 4.09 -15.96
N GLY L 136 27.11 4.83 -16.11
CA GLY L 136 27.04 6.28 -16.13
C GLY L 136 26.43 6.85 -17.39
N PHE L 137 26.28 6.05 -18.44
CA PHE L 137 25.59 6.52 -19.64
C PHE L 137 24.11 6.74 -19.40
N PHE L 138 23.57 6.21 -18.31
CA PHE L 138 22.17 6.37 -17.97
C PHE L 138 21.97 7.41 -16.90
N ASP L 139 20.77 7.96 -16.83
CA ASP L 139 20.33 8.69 -15.65
C ASP L 139 19.38 7.89 -14.79
N ILE L 140 18.78 6.83 -15.32
CA ILE L 140 17.94 5.91 -14.55
C ILE L 140 18.84 4.90 -13.85
N PRO L 141 18.40 4.27 -12.76
CA PRO L 141 19.22 3.24 -12.12
C PRO L 141 19.50 2.06 -13.04
N VAL L 142 20.70 1.53 -12.95
CA VAL L 142 21.12 0.35 -13.70
C VAL L 142 21.69 -0.65 -12.71
N ASP L 143 21.12 -1.85 -12.68
CA ASP L 143 21.67 -2.94 -11.88
C ASP L 143 22.46 -3.86 -12.80
N ASN L 144 23.77 -3.85 -12.64
CA ASN L 144 24.68 -4.68 -13.42
C ASN L 144 25.01 -5.92 -12.60
N LEU L 145 24.35 -7.03 -12.92
CA LEU L 145 24.58 -8.27 -12.19
C LEU L 145 25.87 -8.93 -12.65
N TYR L 146 26.34 -9.89 -11.87
CA TYR L 146 27.57 -10.58 -12.14
C TYR L 146 27.31 -12.08 -12.24
N ALA L 147 27.88 -12.70 -13.27
CA ALA L 147 27.81 -14.15 -13.40
C ALA L 147 28.81 -14.86 -12.51
N GLU L 148 29.68 -14.12 -11.82
CA GLU L 148 30.76 -14.71 -11.05
C GLU L 148 30.31 -15.74 -10.02
N PRO L 149 29.25 -15.53 -9.24
CA PRO L 149 28.82 -16.60 -8.32
C PRO L 149 28.50 -17.91 -9.03
N ALA L 150 27.78 -17.84 -10.15
CA ALA L 150 27.47 -19.04 -10.92
C ALA L 150 28.73 -19.65 -11.53
N VAL L 151 29.67 -18.81 -11.95
CA VAL L 151 30.93 -19.32 -12.49
C VAL L 151 31.72 -20.07 -11.43
N LEU L 152 31.80 -19.50 -10.23
CA LEU L 152 32.49 -20.17 -9.13
C LEU L 152 31.84 -21.49 -8.79
N LYS L 153 30.51 -21.51 -8.77
CA LYS L 153 29.80 -22.76 -8.54
C LYS L 153 30.15 -23.79 -9.60
N TRP L 154 30.13 -23.39 -10.87
CA TRP L 154 30.47 -24.33 -11.94
C TRP L 154 31.89 -24.84 -11.80
N ILE L 155 32.84 -23.95 -11.49
CA ILE L 155 34.23 -24.35 -11.38
C ILE L 155 34.39 -25.39 -10.27
N ARG L 156 33.77 -25.14 -9.13
CA ARG L 156 33.91 -26.09 -8.03
C ARG L 156 33.27 -27.44 -8.34
N GLU L 157 32.10 -27.43 -8.98
CA GLU L 157 31.43 -28.71 -9.22
C GLU L 157 31.84 -29.40 -10.52
N ASN L 158 32.70 -28.80 -11.34
CA ASN L 158 33.05 -29.42 -12.61
C ASN L 158 34.54 -29.65 -12.81
N ILE L 159 35.40 -28.89 -12.15
CA ILE L 159 36.84 -29.03 -12.30
C ILE L 159 37.36 -29.63 -11.00
N SER L 160 37.77 -30.89 -11.05
CA SER L 160 38.17 -31.60 -9.85
C SER L 160 39.44 -31.01 -9.24
N GLU L 161 40.31 -30.44 -10.05
CA GLU L 161 41.57 -29.87 -9.59
C GLU L 161 41.49 -28.38 -9.32
N TRP L 162 40.30 -27.87 -9.02
CA TRP L 162 40.11 -26.42 -9.01
C TRP L 162 40.93 -25.73 -7.92
N ARG L 163 41.31 -26.46 -6.88
CA ARG L 163 42.11 -25.86 -5.82
C ARG L 163 43.55 -25.61 -6.26
N ASN L 164 44.02 -26.30 -7.28
CA ASN L 164 45.36 -26.10 -7.81
C ASN L 164 45.36 -25.44 -9.18
N CYS L 165 44.25 -24.87 -9.61
CA CYS L 165 44.15 -24.30 -10.94
C CYS L 165 44.72 -22.87 -10.95
N THR L 166 44.90 -22.36 -12.16
CA THR L 166 45.30 -20.97 -12.37
C THR L 166 44.23 -20.28 -13.19
N ILE L 167 43.70 -19.17 -12.68
CA ILE L 167 42.75 -18.35 -13.41
C ILE L 167 43.54 -17.38 -14.28
N VAL L 168 43.24 -17.35 -15.58
CA VAL L 168 44.04 -16.63 -16.56
C VAL L 168 43.18 -15.58 -17.25
N SER L 169 43.70 -14.38 -17.32
CA SER L 169 43.08 -13.36 -18.14
C SER L 169 43.61 -13.46 -19.56
N PRO L 170 42.75 -13.43 -20.58
CA PRO L 170 43.24 -13.42 -21.97
C PRO L 170 43.98 -12.15 -22.34
N ASP L 171 43.73 -11.04 -21.64
CA ASP L 171 44.35 -9.76 -21.96
C ASP L 171 44.53 -8.98 -20.67
N ALA L 172 45.19 -7.83 -20.77
CA ALA L 172 45.39 -6.98 -19.60
C ALA L 172 44.08 -6.35 -19.14
N GLY L 173 43.12 -6.22 -20.04
CA GLY L 173 41.87 -5.55 -19.70
C GLY L 173 41.03 -6.30 -18.69
N GLY L 174 40.99 -7.62 -18.79
CA GLY L 174 40.14 -8.41 -17.92
C GLY L 174 40.75 -8.85 -16.61
N ALA L 175 41.98 -8.43 -16.33
CA ALA L 175 42.70 -8.92 -15.16
C ALA L 175 41.89 -8.77 -13.88
N LYS L 176 41.29 -7.59 -13.68
CA LYS L 176 40.44 -7.37 -12.51
C LYS L 176 39.51 -8.54 -12.29
N ARG L 177 38.72 -8.87 -13.33
CA ARG L 177 37.78 -9.97 -13.21
C ARG L 177 38.46 -11.23 -12.71
N VAL L 178 39.55 -11.63 -13.36
CA VAL L 178 40.16 -12.91 -12.98
C VAL L 178 40.69 -12.82 -11.55
N THR L 179 41.23 -11.66 -11.17
CA THR L 179 41.71 -11.53 -9.79
C THR L 179 40.57 -11.75 -8.82
N SER L 180 39.41 -11.16 -9.10
CA SER L 180 38.25 -11.39 -8.25
C SER L 180 38.01 -12.88 -8.10
N ILE L 181 37.96 -13.61 -9.23
CA ILE L 181 37.72 -15.04 -9.15
C ILE L 181 38.84 -15.72 -8.40
N ALA L 182 40.09 -15.33 -8.68
CA ALA L 182 41.22 -15.94 -8.00
C ALA L 182 41.14 -15.69 -6.50
N ASP L 183 40.59 -14.54 -6.10
CA ASP L 183 40.43 -14.29 -4.68
C ASP L 183 39.36 -15.18 -4.06
N ARG L 184 38.29 -15.46 -4.78
CA ARG L 184 37.20 -16.23 -4.21
C ARG L 184 37.49 -17.71 -4.18
N LEU L 185 38.44 -18.19 -4.99
CA LEU L 185 38.82 -19.59 -5.01
C LEU L 185 40.12 -19.89 -4.27
N ASN L 186 40.91 -18.86 -3.95
CA ASN L 186 42.23 -19.02 -3.36
C ASN L 186 43.14 -19.87 -4.27
N VAL L 187 43.35 -19.33 -5.47
CA VAL L 187 44.20 -19.94 -6.47
C VAL L 187 45.06 -18.86 -7.11
N ASP L 188 46.02 -19.30 -7.92
CA ASP L 188 46.88 -18.36 -8.62
C ASP L 188 46.15 -17.73 -9.79
N PHE L 189 46.60 -16.55 -10.20
CA PHE L 189 46.07 -15.88 -11.37
C PHE L 189 47.21 -15.44 -12.26
N ALA L 190 47.04 -15.66 -13.55
CA ALA L 190 48.02 -15.35 -14.58
C ALA L 190 47.44 -14.36 -15.58
N LEU L 191 48.33 -13.59 -16.19
CA LEU L 191 47.97 -12.67 -17.26
C LEU L 191 48.66 -13.08 -18.55
N ILE L 192 48.02 -12.72 -19.65
CA ILE L 192 48.56 -12.96 -21.00
C ILE L 192 48.34 -11.70 -21.81
N HIS L 193 49.38 -11.20 -22.46
CA HIS L 193 49.16 -10.09 -23.39
C HIS L 193 50.10 -10.20 -24.57
N LYS L 194 49.68 -9.63 -25.69
CA LYS L 194 50.44 -9.70 -26.93
C LYS L 194 51.43 -8.55 -27.03
N GLU L 195 52.59 -8.85 -27.59
CA GLU L 195 53.67 -7.87 -27.71
C GLU L 195 53.52 -7.05 -28.98
N ASP L 203 52.30 -10.56 -32.82
CA ASP L 203 51.55 -11.80 -32.98
C ASP L 203 51.91 -12.78 -31.87
N ARG L 204 52.94 -12.45 -31.10
CA ARG L 204 53.37 -13.28 -29.98
C ARG L 204 52.68 -12.83 -28.70
N MET L 205 52.47 -13.79 -27.80
CA MET L 205 51.87 -13.53 -26.49
C MET L 205 52.87 -13.88 -25.40
N VAL L 206 52.83 -13.11 -24.32
CA VAL L 206 53.68 -13.32 -23.15
C VAL L 206 52.77 -13.61 -21.97
N LEU L 207 53.13 -14.63 -21.19
CA LEU L 207 52.39 -15.15 -20.06
C LEU L 207 53.21 -15.00 -18.79
N VAL L 208 52.57 -14.47 -17.75
CA VAL L 208 53.19 -14.34 -16.45
C VAL L 208 52.43 -15.23 -15.48
N GLY L 209 53.16 -16.06 -14.73
CA GLY L 209 52.53 -16.98 -13.81
C GLY L 209 52.73 -18.43 -14.18
N ASP L 210 53.14 -19.25 -13.21
CA ASP L 210 53.36 -20.66 -13.47
C ASP L 210 52.05 -21.36 -13.79
N VAL L 211 52.03 -22.08 -14.91
CA VAL L 211 50.87 -22.86 -15.31
C VAL L 211 51.20 -24.31 -15.61
N LYS L 212 52.45 -24.73 -15.42
CA LYS L 212 52.84 -26.10 -15.74
C LYS L 212 52.19 -27.08 -14.79
N ASP L 213 51.70 -28.19 -15.34
CA ASP L 213 51.06 -29.30 -14.62
C ASP L 213 49.81 -28.85 -13.87
N ARG L 214 49.28 -27.67 -14.17
CA ARG L 214 48.11 -27.13 -13.51
C ARG L 214 47.01 -26.88 -14.54
N VAL L 215 45.77 -27.01 -14.11
CA VAL L 215 44.64 -26.68 -14.97
C VAL L 215 44.53 -25.16 -15.06
N ALA L 216 44.40 -24.65 -16.28
CA ALA L 216 44.24 -23.23 -16.51
C ALA L 216 42.81 -22.92 -16.91
N ILE L 217 42.27 -21.81 -16.41
CA ILE L 217 40.91 -21.40 -16.68
C ILE L 217 40.94 -19.97 -17.19
N LEU L 218 40.84 -19.79 -18.51
CA LEU L 218 40.65 -18.45 -19.06
C LEU L 218 39.28 -17.93 -18.66
N VAL L 219 39.20 -16.66 -18.27
CA VAL L 219 37.93 -16.07 -17.88
C VAL L 219 37.71 -14.78 -18.63
N ASP L 220 36.48 -14.57 -19.12
CA ASP L 220 36.18 -13.36 -19.87
C ASP L 220 34.70 -13.05 -19.90
N ASP L 221 34.40 -11.80 -20.27
CA ASP L 221 33.03 -11.36 -20.37
C ASP L 221 32.35 -11.89 -21.63
N MET L 222 33.09 -11.97 -22.73
CA MET L 222 32.43 -12.40 -23.94
C MET L 222 33.42 -13.05 -24.89
N ALA L 223 32.88 -13.91 -25.76
CA ALA L 223 33.61 -14.52 -26.86
C ALA L 223 32.84 -14.25 -28.13
N ASP L 224 33.34 -13.34 -28.96
CA ASP L 224 32.67 -13.05 -30.22
C ASP L 224 33.24 -13.89 -31.37
N THR L 225 34.48 -13.66 -31.73
CA THR L 225 35.12 -14.45 -32.77
C THR L 225 36.08 -15.47 -32.20
N CYS L 226 36.38 -15.36 -30.90
CA CYS L 226 37.20 -16.30 -30.13
C CYS L 226 38.64 -16.34 -30.59
N GLY L 227 39.09 -15.33 -31.34
CA GLY L 227 40.51 -15.24 -31.63
C GLY L 227 41.34 -15.06 -30.38
N THR L 228 40.87 -14.18 -29.49
CA THR L 228 41.60 -13.89 -28.26
C THR L 228 41.77 -15.14 -27.42
N ILE L 229 40.68 -15.84 -27.12
CA ILE L 229 40.78 -16.99 -26.23
C ILE L 229 41.51 -18.15 -26.91
N CYS L 230 41.37 -18.30 -28.23
CA CYS L 230 42.08 -19.38 -28.90
C CYS L 230 43.59 -19.14 -28.89
N HIS L 231 44.02 -17.90 -29.13
CA HIS L 231 45.44 -17.59 -29.04
C HIS L 231 45.94 -17.79 -27.62
N ALA L 232 45.16 -17.34 -26.63
CA ALA L 232 45.55 -17.53 -25.23
C ALA L 232 45.66 -19.01 -24.89
N ALA L 233 44.74 -19.84 -25.38
CA ALA L 233 44.79 -21.27 -25.09
C ALA L 233 46.00 -21.92 -25.74
N ASP L 234 46.33 -21.52 -26.97
CA ASP L 234 47.53 -22.03 -27.59
C ASP L 234 48.77 -21.70 -26.75
N LYS L 235 48.84 -20.46 -26.27
CA LYS L 235 49.97 -20.07 -25.43
C LYS L 235 50.00 -20.86 -24.13
N LEU L 236 48.82 -21.09 -23.53
CA LEU L 236 48.78 -21.85 -22.28
C LEU L 236 49.25 -23.27 -22.47
N LEU L 237 48.87 -23.92 -23.57
CA LEU L 237 49.39 -25.25 -23.84
C LEU L 237 50.88 -25.21 -24.13
N SER L 238 51.37 -24.14 -24.75
CA SER L 238 52.81 -24.00 -24.95
C SER L 238 53.54 -23.97 -23.62
N ALA L 239 52.97 -23.31 -22.62
CA ALA L 239 53.61 -23.17 -21.31
C ALA L 239 53.33 -24.34 -20.38
N GLY L 240 52.99 -25.50 -20.90
CA GLY L 240 52.95 -26.70 -20.09
C GLY L 240 51.70 -26.93 -19.28
N ALA L 241 50.63 -26.20 -19.58
CA ALA L 241 49.37 -26.42 -18.86
C ALA L 241 48.81 -27.80 -19.16
N THR L 242 48.09 -28.36 -18.19
CA THR L 242 47.55 -29.70 -18.37
C THR L 242 46.26 -29.67 -19.20
N ARG L 243 45.27 -28.93 -18.74
CA ARG L 243 44.06 -28.69 -19.52
C ARG L 243 43.75 -27.21 -19.46
N VAL L 244 43.11 -26.70 -20.51
CA VAL L 244 42.71 -25.30 -20.57
C VAL L 244 41.20 -25.24 -20.74
N TYR L 245 40.55 -24.51 -19.84
CA TYR L 245 39.14 -24.20 -19.91
C TYR L 245 38.97 -22.73 -20.30
N ALA L 246 37.82 -22.40 -20.85
CA ALA L 246 37.44 -21.01 -21.08
C ALA L 246 36.05 -20.81 -20.52
N ILE L 247 35.87 -19.76 -19.72
CA ILE L 247 34.58 -19.44 -19.13
C ILE L 247 34.25 -18.00 -19.45
N LEU L 248 33.13 -17.80 -20.14
CA LEU L 248 32.69 -16.49 -20.57
C LEU L 248 31.25 -16.27 -20.17
N THR L 249 30.93 -15.05 -19.79
CA THR L 249 29.53 -14.81 -19.45
C THR L 249 28.67 -14.67 -20.71
N HIS L 250 29.21 -14.11 -21.79
CA HIS L 250 28.44 -13.92 -23.02
C HIS L 250 29.04 -14.71 -24.17
N GLY L 251 28.35 -15.76 -24.60
CA GLY L 251 28.77 -16.55 -25.74
C GLY L 251 28.20 -16.10 -27.07
N ILE L 252 28.72 -15.02 -27.65
CA ILE L 252 28.18 -14.51 -28.91
C ILE L 252 28.51 -15.47 -30.06
N PHE L 253 29.77 -15.89 -30.16
CA PHE L 253 30.19 -16.93 -31.11
C PHE L 253 29.85 -16.59 -32.56
N SER L 254 30.15 -15.37 -32.97
CA SER L 254 29.87 -14.98 -34.34
C SER L 254 31.07 -15.27 -35.24
N GLY L 255 30.82 -15.23 -36.55
CA GLY L 255 31.86 -15.44 -37.53
C GLY L 255 32.46 -16.83 -37.48
N PRO L 256 33.79 -16.89 -37.41
CA PRO L 256 34.49 -18.18 -37.40
C PRO L 256 34.68 -18.79 -36.02
N ALA L 257 33.97 -18.31 -35.00
CA ALA L 257 34.24 -18.73 -33.63
C ALA L 257 34.08 -20.24 -33.46
N ILE L 258 33.04 -20.82 -34.06
CA ILE L 258 32.77 -22.23 -33.84
C ILE L 258 33.87 -23.09 -34.44
N SER L 259 34.33 -22.76 -35.65
CA SER L 259 35.42 -23.50 -36.26
C SER L 259 36.70 -23.39 -35.43
N ARG L 260 37.02 -22.19 -34.97
CA ARG L 260 38.22 -22.00 -34.18
C ARG L 260 38.17 -22.77 -32.87
N ILE L 261 37.01 -22.75 -32.20
CA ILE L 261 36.87 -23.51 -30.96
C ILE L 261 37.00 -25.00 -31.24
N ASN L 262 36.38 -25.48 -32.33
CA ASN L 262 36.50 -26.88 -32.69
C ASN L 262 37.94 -27.27 -32.95
N ASN L 263 38.74 -26.36 -33.52
CA ASN L 263 40.14 -26.64 -33.76
C ASN L 263 41.03 -26.30 -32.58
N ALA L 264 40.47 -25.76 -31.50
CA ALA L 264 41.27 -25.37 -30.36
C ALA L 264 41.39 -26.53 -29.36
N CYS L 265 42.22 -26.31 -28.35
CA CYS L 265 42.56 -27.34 -27.38
C CYS L 265 41.71 -27.29 -26.12
N PHE L 266 40.67 -26.44 -26.09
CA PHE L 266 39.86 -26.30 -24.89
C PHE L 266 39.26 -27.64 -24.47
N GLU L 267 39.32 -27.91 -23.18
CA GLU L 267 38.53 -29.02 -22.64
C GLU L 267 37.05 -28.70 -22.71
N ALA L 268 36.69 -27.46 -22.38
CA ALA L 268 35.31 -27.01 -22.46
C ALA L 268 35.30 -25.50 -22.65
N VAL L 269 34.24 -25.00 -23.27
CA VAL L 269 33.99 -23.57 -23.37
C VAL L 269 32.66 -23.33 -22.70
N VAL L 270 32.72 -22.86 -21.46
CA VAL L 270 31.53 -22.62 -20.66
C VAL L 270 31.09 -21.18 -20.86
N VAL L 271 29.82 -20.99 -21.17
CA VAL L 271 29.25 -19.65 -21.31
C VAL L 271 27.95 -19.62 -20.53
N THR L 272 27.56 -18.42 -20.10
CA THR L 272 26.23 -18.36 -19.51
C THR L 272 25.15 -18.33 -20.60
N ASN L 273 23.91 -18.50 -20.19
CA ASN L 273 22.82 -18.38 -21.16
C ASN L 273 22.20 -16.99 -21.19
N THR L 274 23.03 -15.95 -21.23
CA THR L 274 22.50 -14.62 -21.52
C THR L 274 22.12 -14.50 -22.98
N ILE L 275 22.66 -15.38 -23.82
CA ILE L 275 22.42 -15.44 -25.25
C ILE L 275 22.02 -16.89 -25.53
N PRO L 276 21.01 -17.15 -26.35
CA PRO L 276 20.63 -18.54 -26.63
C PRO L 276 21.78 -19.28 -27.30
N GLN L 277 21.97 -20.54 -26.91
CA GLN L 277 23.13 -21.31 -27.32
C GLN L 277 22.81 -22.61 -28.03
N GLU L 278 21.54 -22.95 -28.21
CA GLU L 278 21.18 -24.28 -28.71
C GLU L 278 21.78 -24.54 -30.09
N ASP L 279 21.72 -23.56 -30.98
CA ASP L 279 22.25 -23.73 -32.32
C ASP L 279 23.76 -23.95 -32.30
N LYS L 280 24.47 -23.18 -31.47
CA LYS L 280 25.92 -23.34 -31.40
C LYS L 280 26.32 -24.67 -30.79
N MET L 281 25.57 -25.15 -29.79
CA MET L 281 25.86 -26.45 -29.19
C MET L 281 25.73 -27.58 -30.20
N LYS L 282 24.87 -27.41 -31.20
CA LYS L 282 24.73 -28.44 -32.24
C LYS L 282 26.02 -28.63 -32.99
N HIS L 283 26.71 -27.54 -33.33
CA HIS L 283 27.92 -27.60 -34.13
C HIS L 283 29.20 -27.57 -33.32
N CYS L 284 29.12 -27.48 -31.99
CA CYS L 284 30.32 -27.41 -31.17
C CYS L 284 30.09 -28.24 -29.91
N SER L 285 30.81 -29.36 -29.81
CA SER L 285 30.59 -30.29 -28.72
C SER L 285 31.02 -29.74 -27.37
N LYS L 286 32.07 -28.92 -27.35
CA LYS L 286 32.69 -28.52 -26.10
C LYS L 286 32.09 -27.26 -25.49
N ILE L 287 31.03 -26.70 -26.08
CA ILE L 287 30.33 -25.60 -25.45
C ILE L 287 29.41 -26.15 -24.36
N GLN L 288 29.46 -25.53 -23.19
CA GLN L 288 28.57 -25.86 -22.09
C GLN L 288 27.93 -24.59 -21.57
N VAL L 289 26.72 -24.72 -21.02
CA VAL L 289 25.90 -23.57 -20.68
C VAL L 289 25.66 -23.58 -19.18
N ILE L 290 25.92 -22.43 -18.54
CA ILE L 290 25.51 -22.18 -17.17
C ILE L 290 24.19 -21.42 -17.21
N ASP L 291 23.21 -21.90 -16.46
CA ASP L 291 21.97 -21.16 -16.30
C ASP L 291 22.20 -20.00 -15.35
N ILE L 292 21.83 -18.79 -15.78
CA ILE L 292 21.83 -17.63 -14.90
C ILE L 292 20.43 -17.07 -14.72
N SER L 293 19.41 -17.82 -15.14
CA SER L 293 18.04 -17.36 -14.98
C SER L 293 17.65 -17.20 -13.52
N MET L 294 18.27 -17.94 -12.60
CA MET L 294 17.97 -17.73 -11.20
C MET L 294 18.45 -16.36 -10.72
N ILE L 295 19.63 -15.94 -11.18
CA ILE L 295 20.13 -14.62 -10.80
C ILE L 295 19.22 -13.52 -11.34
N LEU L 296 18.82 -13.64 -12.60
CA LEU L 296 17.95 -12.63 -13.20
C LEU L 296 16.59 -12.60 -12.52
N ALA L 297 16.02 -13.77 -12.24
CA ALA L 297 14.73 -13.84 -11.57
C ALA L 297 14.81 -13.24 -10.17
N GLU L 298 15.86 -13.56 -9.44
CA GLU L 298 16.03 -13.00 -8.11
C GLU L 298 16.23 -11.50 -8.16
N ALA L 299 16.96 -11.01 -9.15
CA ALA L 299 17.12 -9.56 -9.29
C ALA L 299 15.79 -8.89 -9.58
N ILE L 300 14.98 -9.47 -10.47
CA ILE L 300 13.68 -8.90 -10.76
C ILE L 300 12.82 -8.86 -9.50
N ARG L 301 12.80 -9.98 -8.77
CA ARG L 301 11.96 -10.09 -7.59
C ARG L 301 12.42 -9.15 -6.49
N ARG L 302 13.73 -8.94 -6.36
CA ARG L 302 14.24 -8.04 -5.35
C ARG L 302 14.02 -6.57 -5.70
N THR L 303 14.16 -6.21 -6.99
CA THR L 303 13.81 -4.86 -7.38
C THR L 303 12.33 -4.59 -7.16
N HIS L 304 11.48 -5.59 -7.44
CA HIS L 304 10.06 -5.41 -7.22
C HIS L 304 9.72 -5.25 -5.74
N ASN L 305 10.33 -6.07 -4.89
CA ASN L 305 9.99 -6.04 -3.47
C ASN L 305 10.82 -5.06 -2.67
N GLY L 306 11.71 -4.33 -3.31
CA GLY L 306 12.57 -3.41 -2.57
C GLY L 306 13.61 -4.07 -1.70
N GLU L 307 13.98 -5.31 -1.99
CA GLU L 307 15.08 -5.93 -1.26
C GLU L 307 16.41 -5.61 -1.93
N SER L 308 17.50 -5.97 -1.24
CA SER L 308 18.82 -5.66 -1.74
C SER L 308 19.16 -6.52 -2.97
N VAL L 309 19.57 -5.87 -4.04
CA VAL L 309 20.03 -6.59 -5.23
C VAL L 309 21.49 -6.97 -5.11
N SER L 310 22.30 -6.10 -4.50
CA SER L 310 23.75 -6.32 -4.41
C SER L 310 24.07 -7.56 -3.58
N TYR L 311 23.11 -8.05 -2.81
CA TYR L 311 23.22 -9.31 -2.11
C TYR L 311 23.59 -10.43 -3.08
N LEU L 312 23.12 -10.32 -4.33
CA LEU L 312 23.38 -11.31 -5.36
C LEU L 312 24.80 -11.26 -5.91
N PHE L 313 25.57 -10.20 -5.63
CA PHE L 313 26.93 -10.13 -6.16
C PHE L 313 27.79 -11.26 -5.63
N SER L 314 27.45 -11.81 -4.47
CA SER L 314 28.25 -12.83 -3.82
C SER L 314 27.49 -14.09 -3.45
N HIS L 315 26.18 -14.15 -3.66
CA HIS L 315 25.36 -15.26 -3.19
C HIS L 315 24.59 -15.88 -4.34
N VAL L 316 24.73 -17.19 -4.52
CA VAL L 316 23.90 -17.91 -5.49
C VAL L 316 22.54 -18.20 -4.87
N PRO L 317 21.44 -17.75 -5.49
CA PRO L 317 20.10 -18.00 -4.94
C PRO L 317 19.51 -19.33 -5.39
#